data_7Y76
#
_entry.id   7Y76
#
_cell.length_a   1.00
_cell.length_b   1.00
_cell.length_c   1.00
_cell.angle_alpha   90.00
_cell.angle_beta   90.00
_cell.angle_gamma   90.00
#
_symmetry.space_group_name_H-M   'P 1'
#
loop_
_entity.id
_entity.type
_entity.pdbx_description
1 polymer SIT1
2 polymer 'Angiotensin-converting enzyme 2'
3 polymer 'Spike protein S1'
4 branched 2-acetamido-2-deoxy-beta-D-glucopyranose-(1-4)-2-acetamido-2-deoxy-beta-D-glucopyranose
5 non-polymer 2-acetamido-2-deoxy-beta-D-glucopyranose
6 non-polymer 1,2-DIACYL-GLYCEROL-3-SN-PHOSPHATE
7 non-polymer 'ZINC ION'
#
loop_
_entity_poly.entity_id
_entity_poly.type
_entity_poly.pdbx_seq_one_letter_code
_entity_poly.pdbx_strand_id
1 'polypeptide(L)'
;MADYKDDDDKSGPDEVDASGRMEKARPLWANSLQFVFACISYAVGLGNVWRFPYLCQMYGGGSFLVPYIIMLIVEGMPLL
YLELAVGQRMRQGSIGAWRTISPYLSGVGVASVVVSFFLSMYYNVINAWAFWYLFHSFQDPLPWSVCPLNGNHTGYDEEC
EKASSTQYFWYRKTLNISPSLQENGGVQWEPALCLLLAWLVVYLCILRGTESTGKVVYFTASLPYCVLIIYLIRGLTLHG
ATNGLMYMFTPKIEQLANPKAWINAATQIFFSLGLGFGSLIAFASYNEPSNNCQKHAIIVSLINSFTSIFASIVTFSIYG
FKATFNYENCLKKVSLLLTNTFDLEDGFLTASNLEQVKGYLASAYPSKYSEMFPQIKNCSLESELDTAVQGTGLAFIVYT
EAIKNMEVSQLWSVLYFFMLLMLGIGSMLGNTAAILTPLTDSKIISSHLPKEAISGLVCLVNCAIGMVFTMEAGNYWFDI
FNDYAATLSLLLIVLVETIAVCYVYGLRRFESDLKAMTGRAVSWYWKVMWAGVSPLLIVSLFVFYLSDYILTGTLKYQAW
DASQGQLVTKDYPAYALAVIGLLVASSTMCIPLAALGTFVQRRLKRGDADPVA
;
B,D
2 'polypeptide(L)'
;MRSSSSWLLLSLVAVTAAWSHPQFEKQSTIEEQAKTFLDKFNHEAEDLFYQSSLASWNYNTNITEENVQNMNNAGDKWSA
FLKEQSTLAQMYPLQEIQNLTVKLQLQALQQNGSSVLSEDKSKRLNTILNTMSTIYSTGKVCNPDNPQECLLLEPGLNEI
MANSLDYNERLWAWESWRSEVGKQLRPLYEEYVVLKNEMARANHYEDYGDYWRGDYEVNGVDGYDYSRGQLIEDVEHTFE
EIKPLYEHLHAYVRAKLMNAYPSYISPIGCLPAHLLGDMWGRFWTNLYSLTVPFGQKPNIDVTDAMVDQAWDAQRIFKEA
EKFFVSVGLPNMTQGFWENSMLTDPGNVQKAVCHPTAWDLGKGDFRILMCTKVTMDDFLTAHHEMGHIQYDMAYAAQPFL
LRNGANEGFHEAVGEIMSLSAATPKHLKSIGLLSPDFQEDNETEINFLLKQALTIVGTLPFTYMLEKWRWMVFKGEIPKD
QWMKKWWEMKREIVGVVEPVPHDETYCDPASLFHVSNDYSFIRYYTRTLYQFQFQEALCQAAKHEGPLHKCDISNSTEAG
QKLFNMLRLGKSEPWTLALENVVGAKNMNVRPLLNYFEPLFTWLKDQNKNSFVGWSTDWSPYADQSIKVRISLKSALGDK
AYEWNDNEMYLFRSSVAYAMRQYFLKVKNQMILFGEEDVRVANLKPRISFNFFVTAPKNVSDIIPRTEVEKAIRMSRSRI
NDAFRLNDNSLEFLGIQPTLGPPNQPPVSIWLIVFGVVMGVIVVGIVILIFTGIRDRKKKNKARSGENPYASIDISKGEN
NPGFQNTDDVQTSFLEHHHHHHHHHH
;
A,C
3 'polypeptide(L)'
;MGVKVLFALICIAVAEAGTRVQPTESIVRFPNITNLCPFDEVFNATRFASVYAWNRKRISNCVADYSVLYNFAPFFAFKC
YGVSPTKLNDLCFTNVYADSFVIRGNEVSQIAPGQTGNIADYNYKLPDDFTGCVIAWNSNKLDSKVGGNYNYRYRLFRKS
NLKPFERDISTEIYQAGNKPCNGVAGVNCYFPLQSYGFRPTYGVGHQPYRVVVLSFELLHAPATVCGPKKSTNLVKNKCV
NFLEHHHHHHHH
;
E,F
#
# COMPACT_ATOMS: atom_id res chain seq x y z
N SER A 32 -11.73 -80.72 -14.89
CA SER A 32 -11.52 -80.43 -16.31
C SER A 32 -12.45 -79.32 -16.78
N LEU A 33 -12.20 -78.10 -16.32
CA LEU A 33 -12.98 -76.93 -16.69
C LEU A 33 -12.63 -76.40 -18.07
N GLN A 34 -11.70 -77.04 -18.79
CA GLN A 34 -11.22 -76.49 -20.06
C GLN A 34 -12.32 -76.41 -21.10
N PHE A 35 -13.31 -77.32 -21.05
CA PHE A 35 -14.34 -77.32 -22.08
C PHE A 35 -15.15 -76.03 -22.05
N VAL A 36 -15.51 -75.56 -20.86
CA VAL A 36 -16.35 -74.37 -20.76
C VAL A 36 -15.57 -73.12 -21.19
N PHE A 37 -14.29 -73.07 -20.87
CA PHE A 37 -13.49 -71.91 -21.31
C PHE A 37 -13.27 -71.96 -22.81
N ALA A 38 -13.12 -73.15 -23.37
CA ALA A 38 -13.10 -73.28 -24.83
C ALA A 38 -14.42 -72.81 -25.43
N CYS A 39 -15.53 -73.11 -24.76
CA CYS A 39 -16.83 -72.66 -25.26
C CYS A 39 -16.92 -71.14 -25.25
N ILE A 40 -16.47 -70.51 -24.16
CA ILE A 40 -16.47 -69.05 -24.12
C ILE A 40 -15.58 -68.48 -25.22
N SER A 41 -14.42 -69.10 -25.46
CA SER A 41 -13.56 -68.70 -26.57
C SER A 41 -14.34 -68.75 -27.88
N TYR A 42 -15.04 -69.86 -28.14
CA TYR A 42 -15.92 -69.93 -29.31
C TYR A 42 -16.90 -68.77 -29.32
N ALA A 43 -17.36 -68.36 -28.14
CA ALA A 43 -18.49 -67.44 -28.04
C ALA A 43 -18.09 -66.00 -28.24
N VAL A 44 -17.23 -65.47 -27.37
CA VAL A 44 -17.01 -64.03 -27.29
C VAL A 44 -16.43 -63.50 -28.59
N GLY A 45 -17.08 -62.49 -29.15
CA GLY A 45 -16.59 -61.81 -30.32
C GLY A 45 -16.59 -60.31 -30.13
N LEU A 46 -16.73 -59.54 -31.22
CA LEU A 46 -16.73 -58.10 -31.13
C LEU A 46 -18.08 -57.46 -31.41
N GLY A 47 -19.00 -58.18 -32.06
CA GLY A 47 -20.37 -57.74 -32.06
C GLY A 47 -21.03 -57.79 -30.70
N ASN A 48 -20.36 -58.38 -29.71
CA ASN A 48 -20.88 -58.49 -28.36
C ASN A 48 -20.38 -57.38 -27.46
N VAL A 49 -19.18 -56.85 -27.71
CA VAL A 49 -18.57 -55.89 -26.80
C VAL A 49 -18.58 -54.50 -27.43
N TRP A 50 -18.53 -54.44 -28.75
CA TRP A 50 -18.48 -53.18 -29.47
C TRP A 50 -19.79 -52.83 -30.15
N ARG A 51 -20.36 -53.75 -30.91
CA ARG A 51 -21.57 -53.43 -31.66
C ARG A 51 -22.79 -53.34 -30.76
N PHE A 52 -22.87 -54.19 -29.74
CA PHE A 52 -24.04 -54.21 -28.87
C PHE A 52 -24.25 -52.91 -28.13
N PRO A 53 -23.25 -52.30 -27.50
CA PRO A 53 -23.51 -51.02 -26.81
C PRO A 53 -23.97 -49.93 -27.75
N TYR A 54 -23.33 -49.83 -28.92
CA TYR A 54 -23.73 -48.81 -29.89
C TYR A 54 -25.17 -49.03 -30.32
N LEU A 55 -25.52 -50.26 -30.68
CA LEU A 55 -26.87 -50.51 -31.15
C LEU A 55 -27.89 -50.32 -30.03
N CYS A 56 -27.50 -50.61 -28.79
CA CYS A 56 -28.39 -50.38 -27.66
C CYS A 56 -28.67 -48.90 -27.48
N GLN A 57 -27.61 -48.09 -27.46
CA GLN A 57 -27.79 -46.65 -27.32
C GLN A 57 -28.60 -46.07 -28.47
N MET A 58 -28.47 -46.65 -29.66
CA MET A 58 -29.13 -46.07 -30.83
C MET A 58 -30.64 -46.01 -30.70
N TYR A 59 -31.23 -46.82 -29.81
CA TYR A 59 -32.68 -46.93 -29.72
C TYR A 59 -33.14 -46.88 -28.27
N GLY A 60 -32.63 -45.90 -27.52
CA GLY A 60 -33.08 -45.65 -26.17
C GLY A 60 -32.54 -46.58 -25.11
N GLY A 61 -32.02 -47.74 -25.49
CA GLY A 61 -31.44 -48.65 -24.52
C GLY A 61 -32.47 -49.51 -23.82
N GLY A 62 -33.20 -48.92 -22.87
CA GLY A 62 -34.25 -49.67 -22.19
C GLY A 62 -35.32 -50.14 -23.15
N SER A 63 -35.66 -49.31 -24.14
CA SER A 63 -36.64 -49.67 -25.15
C SER A 63 -36.02 -50.47 -26.29
N PHE A 64 -34.82 -51.01 -26.09
CA PHE A 64 -34.19 -51.90 -27.04
C PHE A 64 -33.74 -53.16 -26.34
N LEU A 65 -33.53 -53.08 -25.03
CA LEU A 65 -33.03 -54.22 -24.27
C LEU A 65 -34.08 -55.33 -24.21
N VAL A 66 -35.31 -54.99 -23.83
CA VAL A 66 -36.36 -56.00 -23.72
C VAL A 66 -36.60 -56.73 -25.03
N PRO A 67 -36.74 -56.05 -26.18
CA PRO A 67 -36.84 -56.79 -27.44
C PRO A 67 -35.70 -57.77 -27.66
N TYR A 68 -34.49 -57.42 -27.24
CA TYR A 68 -33.37 -58.35 -27.38
C TYR A 68 -33.64 -59.65 -26.63
N ILE A 69 -34.03 -59.54 -25.35
CA ILE A 69 -34.32 -60.74 -24.57
C ILE A 69 -35.45 -61.54 -25.23
N ILE A 70 -36.47 -60.84 -25.73
CA ILE A 70 -37.60 -61.52 -26.35
C ILE A 70 -37.12 -62.36 -27.53
N MET A 71 -36.47 -61.71 -28.50
CA MET A 71 -36.06 -62.41 -29.70
C MET A 71 -35.04 -63.50 -29.38
N LEU A 72 -34.22 -63.31 -28.34
CA LEU A 72 -33.26 -64.34 -27.97
C LEU A 72 -33.96 -65.58 -27.43
N ILE A 73 -34.87 -65.38 -26.48
CA ILE A 73 -35.57 -66.53 -25.90
C ILE A 73 -36.39 -67.24 -26.96
N VAL A 74 -36.96 -66.51 -27.91
CA VAL A 74 -37.91 -67.13 -28.84
C VAL A 74 -37.27 -67.68 -30.12
N GLU A 75 -36.12 -67.16 -30.55
CA GLU A 75 -35.45 -67.76 -31.70
C GLU A 75 -33.93 -67.79 -31.58
N GLY A 76 -33.38 -67.55 -30.39
CA GLY A 76 -31.94 -67.62 -30.26
C GLY A 76 -31.45 -69.02 -29.99
N MET A 77 -32.07 -69.68 -29.03
CA MET A 77 -31.64 -71.00 -28.58
C MET A 77 -31.99 -72.10 -29.58
N PRO A 78 -33.25 -72.26 -29.98
CA PRO A 78 -33.59 -73.45 -30.78
C PRO A 78 -32.90 -73.50 -32.13
N LEU A 79 -32.62 -72.34 -32.73
CA LEU A 79 -31.93 -72.35 -34.02
C LEU A 79 -30.51 -72.84 -33.87
N LEU A 80 -29.83 -72.43 -32.79
CA LEU A 80 -28.50 -72.95 -32.52
C LEU A 80 -28.54 -74.42 -32.21
N TYR A 81 -29.56 -74.87 -31.47
CA TYR A 81 -29.72 -76.29 -31.21
C TYR A 81 -29.82 -77.08 -32.51
N LEU A 82 -30.72 -76.64 -33.40
CA LEU A 82 -30.91 -77.34 -34.67
C LEU A 82 -29.63 -77.34 -35.48
N GLU A 83 -28.90 -76.22 -35.51
CA GLU A 83 -27.70 -76.16 -36.33
C GLU A 83 -26.62 -77.09 -35.78
N LEU A 84 -26.38 -77.06 -34.47
CA LEU A 84 -25.40 -77.97 -33.90
C LEU A 84 -25.80 -79.42 -34.11
N ALA A 85 -27.09 -79.71 -34.01
CA ALA A 85 -27.56 -81.08 -34.22
C ALA A 85 -27.28 -81.55 -35.63
N VAL A 86 -27.63 -80.74 -36.63
CA VAL A 86 -27.41 -81.18 -38.01
C VAL A 86 -25.93 -81.21 -38.34
N GLY A 87 -25.12 -80.38 -37.67
CA GLY A 87 -23.69 -80.43 -37.87
C GLY A 87 -23.10 -81.72 -37.35
N GLN A 88 -23.52 -82.15 -36.16
CA GLN A 88 -23.09 -83.46 -35.67
C GLN A 88 -23.61 -84.58 -36.56
N ARG A 89 -24.82 -84.43 -37.08
CA ARG A 89 -25.41 -85.46 -37.93
C ARG A 89 -24.58 -85.66 -39.20
N MET A 90 -24.53 -84.65 -40.05
CA MET A 90 -23.94 -84.83 -41.37
C MET A 90 -22.43 -85.08 -41.29
N ARG A 91 -21.75 -84.43 -40.36
CA ARG A 91 -20.30 -84.52 -40.21
C ARG A 91 -19.61 -84.27 -41.55
N GLN A 92 -20.02 -83.20 -42.21
CA GLN A 92 -19.48 -82.85 -43.51
C GLN A 92 -19.39 -81.33 -43.60
N GLY A 93 -18.76 -80.86 -44.66
CA GLY A 93 -18.58 -79.44 -44.86
C GLY A 93 -19.90 -78.71 -45.03
N SER A 94 -19.80 -77.38 -44.97
CA SER A 94 -20.97 -76.52 -45.11
C SER A 94 -21.69 -76.80 -46.42
N ILE A 95 -20.96 -76.71 -47.53
CA ILE A 95 -21.57 -76.98 -48.83
C ILE A 95 -21.91 -78.45 -48.97
N GLY A 96 -21.05 -79.34 -48.47
CA GLY A 96 -21.30 -80.76 -48.61
C GLY A 96 -22.54 -81.22 -47.87
N ALA A 97 -22.76 -80.68 -46.66
CA ALA A 97 -23.94 -81.05 -45.90
C ALA A 97 -25.22 -80.72 -46.66
N TRP A 98 -25.37 -79.47 -47.08
CA TRP A 98 -26.58 -79.07 -47.81
C TRP A 98 -26.62 -79.65 -49.22
N ARG A 99 -25.49 -80.14 -49.72
CA ARG A 99 -25.52 -80.89 -50.97
C ARG A 99 -26.14 -82.27 -50.77
N THR A 100 -25.73 -82.97 -49.70
CA THR A 100 -26.29 -84.28 -49.39
C THR A 100 -27.72 -84.19 -48.88
N ILE A 101 -28.12 -83.06 -48.30
CA ILE A 101 -29.47 -82.95 -47.75
C ILE A 101 -30.51 -82.93 -48.87
N SER A 102 -30.32 -82.07 -49.86
CA SER A 102 -31.31 -81.86 -50.90
C SER A 102 -30.64 -81.21 -52.10
N PRO A 103 -31.19 -81.38 -53.31
CA PRO A 103 -30.63 -80.70 -54.49
C PRO A 103 -30.98 -79.23 -54.52
N TYR A 104 -32.13 -78.87 -53.97
CA TYR A 104 -32.54 -77.47 -53.90
C TYR A 104 -31.61 -76.63 -53.05
N LEU A 105 -30.65 -77.25 -52.37
CA LEU A 105 -29.87 -76.61 -51.31
C LEU A 105 -28.39 -76.53 -51.67
N SER A 106 -28.08 -76.13 -52.89
CA SER A 106 -26.68 -76.06 -53.31
C SER A 106 -26.06 -74.69 -53.07
N GLY A 107 -26.87 -73.63 -53.10
CA GLY A 107 -26.33 -72.28 -53.06
C GLY A 107 -26.22 -71.66 -51.68
N VAL A 108 -26.86 -72.29 -50.69
CA VAL A 108 -26.81 -71.73 -49.34
C VAL A 108 -25.38 -71.75 -48.80
N GLY A 109 -24.60 -72.77 -49.17
CA GLY A 109 -23.22 -72.82 -48.69
C GLY A 109 -22.38 -71.70 -49.26
N VAL A 110 -22.45 -71.50 -50.58
CA VAL A 110 -21.64 -70.46 -51.18
C VAL A 110 -22.11 -69.08 -50.74
N ALA A 111 -23.41 -68.91 -50.50
CA ALA A 111 -23.90 -67.65 -49.95
C ALA A 111 -23.32 -67.41 -48.57
N SER A 112 -23.32 -68.45 -47.73
CA SER A 112 -22.74 -68.33 -46.39
C SER A 112 -21.25 -68.01 -46.46
N VAL A 113 -20.55 -68.52 -47.48
CA VAL A 113 -19.13 -68.20 -47.61
C VAL A 113 -18.94 -66.74 -47.99
N VAL A 114 -19.64 -66.29 -49.04
CA VAL A 114 -19.44 -64.92 -49.50
C VAL A 114 -19.87 -63.92 -48.45
N VAL A 115 -20.80 -64.30 -47.57
CA VAL A 115 -21.21 -63.40 -46.50
C VAL A 115 -20.05 -63.08 -45.58
N SER A 116 -19.38 -64.12 -45.07
CA SER A 116 -18.24 -63.89 -44.19
C SER A 116 -17.08 -63.26 -44.93
N PHE A 117 -16.94 -63.59 -46.23
CA PHE A 117 -15.92 -62.94 -47.04
C PHE A 117 -16.11 -61.43 -47.05
N PHE A 118 -17.33 -60.98 -47.37
CA PHE A 118 -17.64 -59.55 -47.32
C PHE A 118 -17.48 -58.99 -45.92
N LEU A 119 -17.76 -59.81 -44.90
CA LEU A 119 -17.65 -59.35 -43.52
C LEU A 119 -16.23 -58.96 -43.18
N SER A 120 -15.26 -59.82 -43.52
CA SER A 120 -13.90 -59.67 -43.01
C SER A 120 -13.32 -58.29 -43.34
N MET A 121 -13.60 -57.78 -44.54
CA MET A 121 -13.03 -56.50 -44.99
C MET A 121 -13.35 -55.39 -44.00
N TYR A 122 -14.63 -55.05 -43.88
CA TYR A 122 -15.01 -53.97 -42.98
C TYR A 122 -14.89 -54.39 -41.53
N TYR A 123 -14.63 -55.67 -41.25
CA TYR A 123 -14.40 -56.08 -39.88
C TYR A 123 -12.99 -55.76 -39.41
N ASN A 124 -12.02 -55.72 -40.32
CA ASN A 124 -10.64 -55.53 -39.90
C ASN A 124 -10.30 -54.11 -39.48
N VAL A 125 -11.03 -53.11 -39.98
CA VAL A 125 -10.69 -51.73 -39.65
C VAL A 125 -10.86 -51.44 -38.17
N ILE A 126 -11.67 -52.24 -37.47
CA ILE A 126 -11.82 -52.05 -36.02
C ILE A 126 -10.52 -52.39 -35.31
N ASN A 127 -9.94 -53.54 -35.66
CA ASN A 127 -8.62 -53.86 -35.13
C ASN A 127 -7.62 -52.79 -35.51
N ALA A 128 -7.75 -52.25 -36.73
CA ALA A 128 -6.87 -51.17 -37.14
C ALA A 128 -6.94 -49.99 -36.17
N TRP A 129 -8.16 -49.54 -35.87
CA TRP A 129 -8.33 -48.40 -34.98
C TRP A 129 -7.83 -48.70 -33.59
N ALA A 130 -8.04 -49.93 -33.11
CA ALA A 130 -7.52 -50.29 -31.80
C ALA A 130 -6.00 -50.20 -31.78
N PHE A 131 -5.35 -50.72 -32.82
CA PHE A 131 -3.90 -50.57 -32.96
C PHE A 131 -3.50 -49.11 -32.90
N TRP A 132 -4.23 -48.25 -33.63
CA TRP A 132 -3.90 -46.84 -33.69
C TRP A 132 -3.96 -46.22 -32.30
N TYR A 133 -5.07 -46.41 -31.61
CA TYR A 133 -5.22 -45.84 -30.28
C TYR A 133 -4.18 -46.38 -29.32
N LEU A 134 -3.78 -47.64 -29.49
CA LEU A 134 -2.72 -48.18 -28.66
C LEU A 134 -1.41 -47.46 -28.91
N PHE A 135 -1.05 -47.31 -30.18
CA PHE A 135 0.20 -46.62 -30.51
C PHE A 135 0.19 -45.18 -30.01
N HIS A 136 -0.97 -44.54 -29.98
CA HIS A 136 -1.06 -43.16 -29.55
C HIS A 136 -1.22 -43.02 -28.04
N SER A 137 -0.82 -44.04 -27.29
CA SER A 137 -0.97 -44.00 -25.84
C SER A 137 0.32 -44.07 -25.03
N PHE A 138 1.47 -44.01 -25.71
CA PHE A 138 2.76 -44.07 -25.02
C PHE A 138 3.29 -42.68 -24.70
N GLN A 139 2.48 -41.83 -24.07
CA GLN A 139 2.86 -40.44 -23.92
C GLN A 139 2.37 -39.90 -22.58
N ASP A 140 2.62 -38.61 -22.37
CA ASP A 140 2.12 -37.84 -21.24
C ASP A 140 2.06 -36.37 -21.65
N PRO A 141 0.87 -35.78 -21.73
CA PRO A 141 -0.41 -36.48 -21.50
C PRO A 141 -0.91 -37.18 -22.74
N LEU A 142 -2.06 -37.83 -22.64
CA LEU A 142 -2.63 -38.50 -23.78
C LEU A 142 -3.20 -37.47 -24.76
N PRO A 143 -3.03 -37.69 -26.06
CA PRO A 143 -3.36 -36.65 -27.04
C PRO A 143 -4.81 -36.20 -27.01
N TRP A 144 -5.74 -37.09 -26.67
CA TRP A 144 -7.15 -36.73 -26.61
C TRP A 144 -7.52 -36.01 -25.33
N SER A 145 -6.59 -35.88 -24.39
CA SER A 145 -6.91 -35.35 -23.06
C SER A 145 -6.89 -33.84 -23.00
N VAL A 146 -6.26 -33.17 -23.96
CA VAL A 146 -6.13 -31.71 -23.95
C VAL A 146 -6.46 -31.18 -25.33
N CYS A 147 -7.14 -30.04 -25.37
CA CYS A 147 -7.49 -29.44 -26.64
C CYS A 147 -6.34 -28.64 -27.20
N PRO A 148 -6.29 -28.47 -28.52
CA PRO A 148 -5.23 -27.65 -29.11
C PRO A 148 -5.45 -26.17 -28.86
N LEU A 149 -4.53 -25.34 -29.36
CA LEU A 149 -4.61 -23.90 -29.21
C LEU A 149 -4.97 -23.27 -30.55
N ASN A 150 -5.42 -22.02 -30.48
CA ASN A 150 -5.70 -21.25 -31.68
C ASN A 150 -4.43 -20.51 -32.11
N GLY A 151 -4.53 -19.78 -33.23
CA GLY A 151 -3.41 -19.00 -33.68
C GLY A 151 -3.05 -17.87 -32.73
N ASN A 152 -4.05 -17.31 -32.05
CA ASN A 152 -3.82 -16.24 -31.09
C ASN A 152 -3.19 -16.72 -29.80
N HIS A 153 -3.19 -18.02 -29.53
CA HIS A 153 -2.63 -18.60 -28.32
C HIS A 153 -3.32 -18.10 -27.06
N THR A 154 -4.50 -17.53 -27.20
CA THR A 154 -5.23 -17.00 -26.06
C THR A 154 -6.19 -18.03 -25.47
N GLY A 155 -7.04 -18.62 -26.31
CA GLY A 155 -7.98 -19.63 -25.87
C GLY A 155 -7.83 -20.91 -26.67
N TYR A 156 -8.51 -21.95 -26.20
CA TYR A 156 -8.47 -23.23 -26.88
C TYR A 156 -9.18 -23.12 -28.22
N ASP A 157 -8.91 -24.10 -29.09
CA ASP A 157 -9.60 -24.14 -30.37
C ASP A 157 -11.07 -24.44 -30.15
N GLU A 158 -11.94 -23.53 -30.62
CA GLU A 158 -13.37 -23.68 -30.42
C GLU A 158 -13.90 -24.96 -31.05
N GLU A 159 -13.25 -25.43 -32.11
CA GLU A 159 -13.64 -26.71 -32.69
C GLU A 159 -13.52 -27.83 -31.67
N CYS A 160 -12.50 -27.76 -30.82
CA CYS A 160 -12.30 -28.73 -29.76
C CYS A 160 -13.14 -28.43 -28.53
N GLU A 161 -13.91 -27.34 -28.54
CA GLU A 161 -14.76 -27.01 -27.41
C GLU A 161 -16.22 -27.33 -27.66
N LYS A 162 -16.70 -27.06 -28.88
CA LYS A 162 -18.02 -27.54 -29.28
C LYS A 162 -18.13 -29.04 -29.01
N ALA A 163 -17.25 -29.81 -29.64
CA ALA A 163 -17.05 -31.20 -29.23
C ALA A 163 -16.16 -31.24 -27.99
N SER A 164 -16.15 -32.38 -27.32
CA SER A 164 -15.34 -32.52 -26.13
C SER A 164 -13.88 -32.72 -26.53
N SER A 165 -13.04 -32.99 -25.54
CA SER A 165 -11.62 -33.22 -25.79
C SER A 165 -11.37 -34.54 -26.52
N THR A 166 -12.36 -35.45 -26.48
CA THR A 166 -12.24 -36.74 -27.13
C THR A 166 -12.92 -36.77 -28.49
N GLN A 167 -14.17 -36.31 -28.57
CA GLN A 167 -14.88 -36.35 -29.84
C GLN A 167 -14.11 -35.66 -30.94
N TYR A 168 -13.44 -34.55 -30.61
CA TYR A 168 -12.63 -33.87 -31.60
C TYR A 168 -11.50 -34.76 -32.08
N PHE A 169 -10.81 -35.41 -31.14
CA PHE A 169 -9.72 -36.30 -31.51
C PHE A 169 -10.22 -37.47 -32.35
N TRP A 170 -11.47 -37.87 -32.16
CA TRP A 170 -11.98 -39.01 -32.90
C TRP A 170 -12.37 -38.63 -34.31
N TYR A 171 -13.11 -37.54 -34.47
CA TYR A 171 -13.61 -37.20 -35.79
C TYR A 171 -12.61 -36.40 -36.62
N ARG A 172 -11.54 -35.91 -36.03
CA ARG A 172 -10.57 -35.10 -36.76
C ARG A 172 -9.21 -35.76 -36.85
N LYS A 173 -8.61 -36.12 -35.72
CA LYS A 173 -7.25 -36.63 -35.73
C LYS A 173 -7.19 -37.99 -36.41
N THR A 174 -7.89 -38.97 -35.86
CA THR A 174 -7.84 -40.32 -36.41
C THR A 174 -8.81 -40.55 -37.55
N LEU A 175 -9.70 -39.61 -37.80
CA LEU A 175 -10.61 -39.83 -38.92
C LEU A 175 -10.57 -38.70 -39.94
N ASN A 176 -10.58 -37.45 -39.49
CA ASN A 176 -10.67 -36.30 -40.39
C ASN A 176 -11.79 -36.49 -41.40
N ILE A 177 -12.98 -36.82 -40.90
CA ILE A 177 -14.10 -37.09 -41.78
C ILE A 177 -14.60 -35.81 -42.42
N SER A 178 -15.22 -35.95 -43.58
CA SER A 178 -15.87 -34.87 -44.30
C SER A 178 -17.32 -34.74 -43.83
N PRO A 179 -17.84 -33.52 -43.74
CA PRO A 179 -19.22 -33.35 -43.24
C PRO A 179 -20.28 -33.96 -44.12
N SER A 180 -19.94 -34.32 -45.36
CA SER A 180 -20.91 -34.87 -46.29
C SER A 180 -20.35 -36.14 -46.91
N LEU A 181 -21.23 -36.89 -47.57
CA LEU A 181 -20.81 -38.07 -48.31
C LEU A 181 -20.33 -37.72 -49.71
N GLN A 182 -20.87 -36.64 -50.29
CA GLN A 182 -20.49 -36.25 -51.64
C GLN A 182 -19.01 -35.92 -51.75
N GLU A 183 -18.33 -35.67 -50.64
CA GLU A 183 -16.90 -35.37 -50.64
C GLU A 183 -16.13 -36.66 -50.43
N ASN A 184 -15.85 -37.35 -51.54
CA ASN A 184 -15.06 -38.56 -51.47
C ASN A 184 -13.65 -38.26 -50.96
N GLY A 185 -12.92 -37.41 -51.69
CA GLY A 185 -11.61 -37.01 -51.26
C GLY A 185 -10.55 -38.06 -51.52
N GLY A 186 -9.32 -37.72 -51.09
CA GLY A 186 -8.18 -38.57 -51.30
C GLY A 186 -7.94 -39.54 -50.15
N VAL A 187 -7.11 -40.54 -50.43
CA VAL A 187 -6.85 -41.58 -49.43
C VAL A 187 -5.99 -41.02 -48.32
N GLN A 188 -6.39 -41.26 -47.08
CA GLN A 188 -5.55 -40.96 -45.94
C GLN A 188 -4.65 -42.16 -45.65
N TRP A 189 -3.48 -41.89 -45.07
CA TRP A 189 -2.43 -42.87 -45.04
C TRP A 189 -2.05 -43.41 -43.66
N GLU A 190 -2.33 -42.69 -42.57
CA GLU A 190 -2.04 -43.25 -41.25
C GLU A 190 -2.98 -44.41 -40.92
N PRO A 191 -4.30 -44.28 -41.03
CA PRO A 191 -5.13 -45.47 -40.85
C PRO A 191 -4.88 -46.52 -41.90
N ALA A 192 -4.51 -46.13 -43.12
CA ALA A 192 -4.13 -47.10 -44.13
C ALA A 192 -2.98 -47.97 -43.65
N LEU A 193 -1.94 -47.33 -43.12
CA LEU A 193 -0.79 -48.06 -42.62
C LEU A 193 -1.15 -48.94 -41.43
N CYS A 194 -2.01 -48.43 -40.54
CA CYS A 194 -2.39 -49.24 -39.38
C CYS A 194 -3.20 -50.46 -39.80
N LEU A 195 -4.11 -50.29 -40.76
CA LEU A 195 -4.86 -51.42 -41.31
C LEU A 195 -3.94 -52.41 -41.99
N LEU A 196 -2.90 -51.91 -42.66
CA LEU A 196 -1.91 -52.81 -43.24
C LEU A 196 -1.27 -53.67 -42.17
N LEU A 197 -0.83 -53.07 -41.07
CA LEU A 197 -0.23 -53.86 -40.01
C LEU A 197 -1.22 -54.86 -39.43
N ALA A 198 -2.49 -54.45 -39.32
CA ALA A 198 -3.51 -55.38 -38.83
C ALA A 198 -3.63 -56.59 -39.75
N TRP A 199 -3.69 -56.36 -41.06
CA TRP A 199 -3.78 -57.49 -41.98
C TRP A 199 -2.54 -58.36 -41.91
N LEU A 200 -1.38 -57.75 -41.72
CA LEU A 200 -0.14 -58.53 -41.62
C LEU A 200 -0.17 -59.44 -40.39
N VAL A 201 -0.61 -58.91 -39.25
CA VAL A 201 -0.62 -59.77 -38.07
C VAL A 201 -1.72 -60.83 -38.20
N VAL A 202 -2.82 -60.52 -38.89
CA VAL A 202 -3.78 -61.56 -39.24
C VAL A 202 -3.10 -62.69 -40.01
N TYR A 203 -2.33 -62.31 -41.03
CA TYR A 203 -1.65 -63.29 -41.86
C TYR A 203 -0.69 -64.15 -41.04
N LEU A 204 0.00 -63.51 -40.09
CA LEU A 204 0.92 -64.27 -39.26
C LEU A 204 0.16 -65.26 -38.37
N CYS A 205 -0.92 -64.81 -37.74
CA CYS A 205 -1.65 -65.71 -36.85
C CYS A 205 -2.27 -66.87 -37.61
N ILE A 206 -2.73 -66.64 -38.84
CA ILE A 206 -3.30 -67.76 -39.58
C ILE A 206 -2.21 -68.69 -40.08
N LEU A 207 -1.05 -68.15 -40.46
CA LEU A 207 -0.02 -68.97 -41.08
C LEU A 207 0.65 -69.92 -40.09
N ARG A 208 0.64 -69.60 -38.81
CA ARG A 208 1.27 -70.46 -37.80
C ARG A 208 0.22 -71.40 -37.19
N GLY A 209 -0.30 -72.28 -38.03
CA GLY A 209 -1.22 -73.30 -37.57
C GLY A 209 -2.67 -72.87 -37.53
N THR A 210 -3.59 -73.84 -37.47
CA THR A 210 -5.03 -73.56 -37.43
C THR A 210 -5.55 -73.70 -35.99
N GLU A 211 -4.69 -73.35 -35.05
CA GLU A 211 -5.05 -73.42 -33.64
C GLU A 211 -4.24 -72.38 -32.87
N SER A 212 -4.87 -71.85 -31.81
CA SER A 212 -4.19 -70.92 -30.91
C SER A 212 -4.53 -71.19 -29.45
N THR A 213 -5.27 -72.26 -29.15
CA THR A 213 -5.74 -72.57 -27.82
C THR A 213 -5.15 -73.90 -27.35
N GLY A 214 -5.35 -74.18 -26.06
CA GLY A 214 -4.80 -75.37 -25.44
C GLY A 214 -3.84 -75.00 -24.33
N LYS A 215 -4.26 -75.23 -23.08
CA LYS A 215 -3.52 -74.83 -21.88
C LYS A 215 -3.30 -73.33 -21.82
N VAL A 216 -3.92 -72.55 -22.70
CA VAL A 216 -3.79 -71.11 -22.74
C VAL A 216 -5.17 -70.48 -22.76
N VAL A 217 -6.20 -71.33 -22.83
CA VAL A 217 -7.57 -70.84 -22.97
C VAL A 217 -7.97 -70.03 -21.74
N TYR A 218 -7.44 -70.40 -20.58
CA TYR A 218 -7.77 -69.67 -19.34
C TYR A 218 -7.43 -68.19 -19.47
N PHE A 219 -6.21 -67.91 -19.93
CA PHE A 219 -5.72 -66.53 -20.00
C PHE A 219 -6.56 -65.70 -20.98
N THR A 220 -6.70 -66.18 -22.21
CA THR A 220 -7.43 -65.44 -23.23
C THR A 220 -8.92 -65.35 -22.94
N ALA A 221 -9.45 -66.24 -22.10
CA ALA A 221 -10.86 -66.16 -21.76
C ALA A 221 -11.13 -65.36 -20.51
N SER A 222 -10.13 -65.20 -19.63
CA SER A 222 -10.32 -64.47 -18.40
C SER A 222 -9.91 -63.00 -18.50
N LEU A 223 -8.98 -62.66 -19.38
CA LEU A 223 -8.60 -61.26 -19.57
C LEU A 223 -9.79 -60.32 -19.76
N PRO A 224 -10.73 -60.57 -20.67
CA PRO A 224 -11.79 -59.58 -20.91
C PRO A 224 -12.64 -59.32 -19.67
N TYR A 225 -13.08 -60.38 -19.01
CA TYR A 225 -13.91 -60.26 -17.83
C TYR A 225 -13.19 -59.48 -16.73
N CYS A 226 -11.92 -59.79 -16.54
CA CYS A 226 -11.12 -59.11 -15.51
C CYS A 226 -11.07 -57.61 -15.77
N VAL A 227 -10.71 -57.22 -17.00
CA VAL A 227 -10.62 -55.79 -17.27
C VAL A 227 -12.00 -55.14 -17.21
N LEU A 228 -13.05 -55.88 -17.57
CA LEU A 228 -14.39 -55.34 -17.48
C LEU A 228 -14.80 -55.11 -16.03
N ILE A 229 -14.36 -56.00 -15.13
CA ILE A 229 -14.64 -55.80 -13.72
C ILE A 229 -13.90 -54.57 -13.20
N ILE A 230 -12.63 -54.43 -13.57
CA ILE A 230 -11.88 -53.25 -13.15
C ILE A 230 -12.56 -51.97 -13.62
N TYR A 231 -12.95 -51.94 -14.90
CA TYR A 231 -13.57 -50.75 -15.45
C TYR A 231 -14.96 -50.52 -14.88
N LEU A 232 -15.65 -51.58 -14.48
CA LEU A 232 -16.93 -51.40 -13.79
C LEU A 232 -16.72 -50.75 -12.43
N ILE A 233 -15.72 -51.23 -11.69
CA ILE A 233 -15.41 -50.62 -10.40
C ILE A 233 -15.06 -49.14 -10.59
N ARG A 234 -14.28 -48.84 -11.63
CA ARG A 234 -13.94 -47.45 -11.90
C ARG A 234 -15.19 -46.63 -12.22
N GLY A 235 -15.87 -46.98 -13.31
CA GLY A 235 -17.02 -46.24 -13.77
C GLY A 235 -18.21 -46.26 -12.85
N LEU A 236 -18.16 -47.03 -11.77
CA LEU A 236 -19.24 -47.03 -10.80
C LEU A 236 -18.98 -46.10 -9.61
N THR A 237 -17.73 -45.71 -9.38
CA THR A 237 -17.43 -44.70 -8.38
C THR A 237 -17.35 -43.31 -8.97
N LEU A 238 -17.96 -43.11 -10.14
CA LEU A 238 -18.00 -41.82 -10.80
C LEU A 238 -19.34 -41.16 -10.52
N HIS A 239 -19.29 -39.85 -10.23
CA HIS A 239 -20.49 -39.14 -9.85
C HIS A 239 -21.53 -39.17 -10.98
N GLY A 240 -22.80 -39.20 -10.58
CA GLY A 240 -23.86 -39.20 -11.56
C GLY A 240 -23.92 -40.43 -12.42
N ALA A 241 -23.29 -41.52 -12.00
CA ALA A 241 -23.30 -42.75 -12.79
C ALA A 241 -24.67 -43.41 -12.77
N THR A 242 -25.43 -43.22 -11.69
CA THR A 242 -26.73 -43.86 -11.57
C THR A 242 -27.65 -43.50 -12.72
N ASN A 243 -27.51 -42.29 -13.26
CA ASN A 243 -28.36 -41.86 -14.35
C ASN A 243 -28.19 -42.74 -15.57
N GLY A 244 -26.96 -43.18 -15.83
CA GLY A 244 -26.72 -44.05 -16.97
C GLY A 244 -27.49 -45.35 -16.89
N LEU A 245 -27.35 -46.06 -15.77
CA LEU A 245 -28.07 -47.31 -15.58
C LEU A 245 -29.57 -47.08 -15.58
N MET A 246 -30.02 -46.03 -14.89
CA MET A 246 -31.44 -45.71 -14.86
C MET A 246 -32.00 -45.53 -16.26
N TYR A 247 -31.26 -44.86 -17.13
CA TYR A 247 -31.72 -44.65 -18.49
C TYR A 247 -31.65 -45.92 -19.31
N MET A 248 -30.61 -46.73 -19.10
CA MET A 248 -30.47 -47.96 -19.87
C MET A 248 -31.54 -48.98 -19.51
N PHE A 249 -32.05 -48.95 -18.28
CA PHE A 249 -32.96 -50.00 -17.85
C PHE A 249 -34.43 -49.65 -18.05
N THR A 250 -34.81 -48.39 -17.90
CA THR A 250 -36.22 -48.04 -17.98
C THR A 250 -36.75 -48.30 -19.39
N PRO A 251 -37.83 -49.05 -19.54
CA PRO A 251 -38.44 -49.19 -20.87
C PRO A 251 -39.39 -48.02 -21.13
N LYS A 252 -39.14 -47.33 -22.23
CA LYS A 252 -39.95 -46.19 -22.64
C LYS A 252 -40.75 -46.62 -23.86
N ILE A 253 -42.05 -46.83 -23.69
CA ILE A 253 -42.85 -47.52 -24.71
C ILE A 253 -43.31 -46.47 -25.70
N GLU A 254 -42.39 -46.10 -26.58
CA GLU A 254 -42.69 -45.31 -27.78
C GLU A 254 -42.00 -45.82 -29.03
N GLN A 255 -40.86 -46.52 -28.90
CA GLN A 255 -40.17 -47.10 -30.04
C GLN A 255 -40.21 -48.62 -30.02
N LEU A 256 -40.68 -49.24 -28.95
CA LEU A 256 -41.02 -50.66 -29.01
C LEU A 256 -42.08 -50.91 -30.08
N ALA A 257 -42.87 -49.90 -30.40
CA ALA A 257 -43.80 -49.94 -31.53
C ALA A 257 -43.12 -49.60 -32.85
N ASN A 258 -41.80 -49.54 -32.87
CA ASN A 258 -41.06 -49.36 -34.11
C ASN A 258 -40.38 -50.67 -34.47
N PRO A 259 -40.73 -51.32 -35.58
CA PRO A 259 -40.12 -52.61 -35.91
C PRO A 259 -38.64 -52.53 -36.27
N LYS A 260 -38.11 -51.33 -36.52
CA LYS A 260 -36.69 -51.20 -36.80
C LYS A 260 -35.84 -51.68 -35.64
N ALA A 261 -36.16 -51.26 -34.42
CA ALA A 261 -35.48 -51.80 -33.26
C ALA A 261 -35.63 -53.31 -33.18
N TRP A 262 -36.79 -53.85 -33.56
CA TRP A 262 -37.00 -55.28 -33.50
C TRP A 262 -36.04 -56.03 -34.44
N ILE A 263 -36.03 -55.64 -35.71
CA ILE A 263 -35.15 -56.30 -36.67
C ILE A 263 -33.70 -56.11 -36.29
N ASN A 264 -33.35 -54.92 -35.79
CA ASN A 264 -31.97 -54.67 -35.40
C ASN A 264 -31.55 -55.57 -34.25
N ALA A 265 -32.41 -55.77 -33.26
CA ALA A 265 -32.07 -56.66 -32.16
C ALA A 265 -31.96 -58.11 -32.64
N ALA A 266 -32.92 -58.55 -33.46
CA ALA A 266 -32.84 -59.89 -34.01
C ALA A 266 -31.52 -60.12 -34.73
N THR A 267 -31.12 -59.14 -35.53
CA THR A 267 -29.89 -59.27 -36.29
C THR A 267 -28.67 -59.24 -35.39
N GLN A 268 -28.66 -58.38 -34.38
CA GLN A 268 -27.54 -58.36 -33.45
C GLN A 268 -27.37 -59.73 -32.80
N ILE A 269 -28.49 -60.37 -32.43
CA ILE A 269 -28.39 -61.70 -31.87
C ILE A 269 -27.85 -62.68 -32.91
N PHE A 270 -28.38 -62.64 -34.12
CA PHE A 270 -27.94 -63.59 -35.14
C PHE A 270 -26.46 -63.45 -35.43
N PHE A 271 -25.98 -62.21 -35.58
CA PHE A 271 -24.60 -61.94 -35.92
C PHE A 271 -23.66 -62.23 -34.75
N SER A 272 -24.13 -62.04 -33.52
CA SER A 272 -23.27 -62.29 -32.38
C SER A 272 -23.10 -63.78 -32.13
N LEU A 273 -24.05 -64.60 -32.56
CA LEU A 273 -24.01 -66.04 -32.32
C LEU A 273 -23.36 -66.81 -33.45
N GLY A 274 -22.81 -66.14 -34.45
CA GLY A 274 -22.05 -66.80 -35.48
C GLY A 274 -22.86 -67.70 -36.39
N LEU A 275 -24.18 -67.69 -36.22
CA LEU A 275 -25.02 -68.51 -37.08
C LEU A 275 -25.04 -67.96 -38.50
N GLY A 276 -25.43 -68.81 -39.44
CA GLY A 276 -25.52 -68.41 -40.83
C GLY A 276 -24.18 -68.37 -41.52
N PHE A 277 -23.12 -68.02 -40.78
CA PHE A 277 -21.79 -67.92 -41.38
C PHE A 277 -21.24 -69.28 -41.76
N GLY A 278 -21.75 -70.35 -41.16
CA GLY A 278 -21.26 -71.68 -41.46
C GLY A 278 -20.07 -72.12 -40.64
N SER A 279 -19.49 -71.22 -39.83
CA SER A 279 -18.40 -71.63 -38.96
C SER A 279 -18.85 -72.62 -37.90
N LEU A 280 -20.09 -72.49 -37.44
CA LEU A 280 -20.58 -73.39 -36.40
C LEU A 280 -21.04 -74.72 -36.98
N ILE A 281 -21.64 -74.70 -38.17
CA ILE A 281 -22.02 -75.95 -38.82
C ILE A 281 -20.79 -76.72 -39.24
N ALA A 282 -19.66 -76.05 -39.40
CA ALA A 282 -18.42 -76.72 -39.73
C ALA A 282 -17.60 -77.09 -38.50
N PHE A 283 -17.82 -76.40 -37.38
CA PHE A 283 -17.04 -76.69 -36.18
C PHE A 283 -17.39 -78.07 -35.62
N ALA A 284 -18.67 -78.39 -35.55
CA ALA A 284 -19.10 -79.70 -35.04
C ALA A 284 -19.26 -80.71 -36.17
N SER A 285 -18.22 -80.81 -37.02
CA SER A 285 -18.21 -81.76 -38.12
C SER A 285 -17.15 -82.83 -37.92
N TYR A 286 -15.89 -82.45 -37.78
CA TYR A 286 -14.85 -83.40 -37.38
C TYR A 286 -14.62 -83.38 -35.87
N ASN A 287 -15.71 -83.47 -35.13
CA ASN A 287 -15.66 -83.46 -33.67
C ASN A 287 -16.99 -84.00 -33.16
N GLU A 288 -17.06 -84.20 -31.84
CA GLU A 288 -18.29 -84.55 -31.16
C GLU A 288 -18.90 -85.85 -31.69
N PRO A 289 -18.30 -87.01 -31.37
CA PRO A 289 -18.86 -88.28 -31.85
C PRO A 289 -20.29 -88.53 -31.43
N SER A 290 -20.56 -88.54 -30.11
CA SER A 290 -21.93 -88.75 -29.64
C SER A 290 -22.23 -87.95 -28.38
N ASN A 291 -21.61 -86.79 -28.20
CA ASN A 291 -21.92 -85.97 -27.04
C ASN A 291 -23.19 -85.16 -27.30
N ASN A 292 -23.66 -84.48 -26.26
CA ASN A 292 -24.93 -83.77 -26.31
C ASN A 292 -24.73 -82.35 -26.83
N CYS A 293 -25.52 -81.97 -27.83
CA CYS A 293 -25.45 -80.63 -28.39
C CYS A 293 -26.37 -79.65 -27.68
N GLN A 294 -27.46 -80.14 -27.08
CA GLN A 294 -28.39 -79.25 -26.41
C GLN A 294 -27.72 -78.49 -25.28
N LYS A 295 -27.07 -79.21 -24.37
CA LYS A 295 -26.43 -78.57 -23.23
C LYS A 295 -25.36 -77.59 -23.69
N HIS A 296 -24.51 -78.02 -24.64
CA HIS A 296 -23.42 -77.17 -25.12
C HIS A 296 -23.95 -75.88 -25.72
N ALA A 297 -24.92 -75.99 -26.62
CA ALA A 297 -25.47 -74.81 -27.26
C ALA A 297 -26.16 -73.90 -26.24
N ILE A 298 -26.80 -74.50 -25.24
CA ILE A 298 -27.46 -73.69 -24.22
C ILE A 298 -26.43 -72.88 -23.44
N ILE A 299 -25.34 -73.53 -23.04
CA ILE A 299 -24.28 -72.82 -22.34
C ILE A 299 -23.76 -71.67 -23.19
N VAL A 300 -23.50 -71.94 -24.48
CA VAL A 300 -22.86 -70.91 -25.30
C VAL A 300 -23.80 -69.74 -25.51
N SER A 301 -25.09 -70.01 -25.72
CA SER A 301 -26.02 -68.90 -25.96
C SER A 301 -26.22 -68.09 -24.69
N LEU A 302 -26.37 -68.75 -23.55
CA LEU A 302 -26.50 -68.03 -22.29
C LEU A 302 -25.27 -67.17 -22.03
N ILE A 303 -24.07 -67.70 -22.34
CA ILE A 303 -22.86 -66.94 -22.09
C ILE A 303 -22.76 -65.75 -23.02
N ASN A 304 -23.19 -65.91 -24.28
CA ASN A 304 -23.23 -64.78 -25.19
C ASN A 304 -24.13 -63.68 -24.65
N SER A 305 -25.34 -64.05 -24.23
CA SER A 305 -26.28 -63.04 -23.74
C SER A 305 -25.76 -62.37 -22.49
N PHE A 306 -25.16 -63.15 -21.57
CA PHE A 306 -24.63 -62.57 -20.35
C PHE A 306 -23.48 -61.61 -20.65
N THR A 307 -22.58 -62.00 -21.55
CA THR A 307 -21.48 -61.12 -21.93
C THR A 307 -22.02 -59.81 -22.49
N SER A 308 -23.00 -59.89 -23.39
CA SER A 308 -23.57 -58.69 -23.96
C SER A 308 -24.17 -57.79 -22.89
N ILE A 309 -25.09 -58.33 -22.08
CA ILE A 309 -25.78 -57.52 -21.11
C ILE A 309 -24.85 -56.98 -20.04
N PHE A 310 -23.77 -57.69 -19.72
CA PHE A 310 -22.85 -57.17 -18.72
C PHE A 310 -21.96 -56.09 -19.31
N ALA A 311 -21.33 -56.37 -20.45
CA ALA A 311 -20.46 -55.36 -21.06
C ALA A 311 -21.24 -54.11 -21.44
N SER A 312 -22.56 -54.19 -21.57
CA SER A 312 -23.32 -52.99 -21.86
C SER A 312 -23.76 -52.23 -20.62
N ILE A 313 -23.16 -52.50 -19.45
CA ILE A 313 -23.50 -51.77 -18.23
C ILE A 313 -22.39 -50.82 -17.81
N VAL A 314 -21.13 -51.24 -17.99
CA VAL A 314 -20.02 -50.34 -17.66
C VAL A 314 -20.04 -49.14 -18.58
N THR A 315 -20.16 -49.39 -19.87
CA THR A 315 -20.20 -48.30 -20.84
C THR A 315 -21.33 -47.34 -20.53
N PHE A 316 -22.51 -47.85 -20.16
CA PHE A 316 -23.61 -46.92 -19.96
C PHE A 316 -23.56 -46.23 -18.61
N SER A 317 -22.96 -46.83 -17.59
CA SER A 317 -22.64 -46.07 -16.38
C SER A 317 -21.75 -44.89 -16.72
N ILE A 318 -20.68 -45.16 -17.46
CA ILE A 318 -19.75 -44.07 -17.81
C ILE A 318 -20.43 -43.05 -18.70
N TYR A 319 -21.35 -43.51 -19.56
CA TYR A 319 -22.02 -42.60 -20.47
C TYR A 319 -23.00 -41.71 -19.74
N GLY A 320 -23.69 -42.25 -18.74
CA GLY A 320 -24.49 -41.40 -17.87
C GLY A 320 -23.65 -40.40 -17.10
N PHE A 321 -22.45 -40.81 -16.68
CA PHE A 321 -21.54 -39.85 -16.07
C PHE A 321 -21.22 -38.70 -17.02
N LYS A 322 -20.84 -39.03 -18.25
CA LYS A 322 -20.52 -38.00 -19.24
C LYS A 322 -21.72 -37.10 -19.49
N ALA A 323 -22.91 -37.68 -19.58
CA ALA A 323 -24.11 -36.89 -19.82
C ALA A 323 -24.35 -35.91 -18.69
N THR A 324 -24.31 -36.39 -17.45
CA THR A 324 -24.61 -35.49 -16.34
C THR A 324 -23.52 -34.43 -16.18
N PHE A 325 -22.28 -34.75 -16.52
CA PHE A 325 -21.24 -33.74 -16.47
C PHE A 325 -21.50 -32.64 -17.49
N ASN A 326 -21.83 -33.03 -18.72
CA ASN A 326 -22.15 -32.06 -19.74
C ASN A 326 -23.32 -31.18 -19.32
N TYR A 327 -24.32 -31.78 -18.67
CA TYR A 327 -25.47 -31.02 -18.22
C TYR A 327 -25.09 -29.99 -17.17
N GLU A 328 -24.33 -30.42 -16.16
CA GLU A 328 -23.91 -29.49 -15.12
C GLU A 328 -23.07 -28.37 -15.70
N ASN A 329 -22.24 -28.68 -16.70
CA ASN A 329 -21.45 -27.64 -17.34
C ASN A 329 -22.34 -26.62 -18.04
N CYS A 330 -23.33 -27.09 -18.80
CA CYS A 330 -24.27 -26.16 -19.40
C CYS A 330 -24.93 -25.26 -18.37
N LEU A 331 -25.39 -25.85 -17.27
CA LEU A 331 -26.06 -25.08 -16.23
C LEU A 331 -25.13 -24.03 -15.64
N LYS A 332 -23.91 -24.41 -15.31
CA LYS A 332 -22.98 -23.47 -14.71
C LYS A 332 -22.62 -22.35 -15.66
N LYS A 333 -22.49 -22.66 -16.95
CA LYS A 333 -22.18 -21.62 -17.92
C LYS A 333 -23.29 -20.58 -17.99
N VAL A 334 -24.54 -21.03 -18.03
CA VAL A 334 -25.61 -20.04 -18.12
C VAL A 334 -25.73 -19.26 -16.81
N SER A 335 -25.46 -19.91 -15.68
CA SER A 335 -25.50 -19.19 -14.42
C SER A 335 -24.42 -18.12 -14.38
N LEU A 336 -23.25 -18.42 -14.92
CA LEU A 336 -22.18 -17.42 -14.97
C LEU A 336 -22.56 -16.26 -15.87
N LEU A 337 -23.10 -16.56 -17.06
CA LEU A 337 -23.54 -15.47 -17.93
C LEU A 337 -24.54 -14.57 -17.22
N LEU A 338 -25.49 -15.17 -16.51
CA LEU A 338 -26.48 -14.38 -15.79
C LEU A 338 -25.83 -13.51 -14.73
N THR A 339 -25.04 -14.11 -13.84
CA THR A 339 -24.42 -13.34 -12.78
C THR A 339 -23.43 -12.32 -13.29
N ASN A 340 -22.98 -12.45 -14.54
CA ASN A 340 -22.07 -11.45 -15.07
C ASN A 340 -22.83 -10.29 -15.68
N THR A 341 -23.91 -10.56 -16.40
CA THR A 341 -24.50 -9.51 -17.22
C THR A 341 -25.19 -8.45 -16.37
N PHE A 342 -26.04 -8.82 -15.42
CA PHE A 342 -26.66 -7.74 -14.67
C PHE A 342 -25.75 -7.27 -13.55
N ASP A 343 -25.78 -7.98 -12.43
CA ASP A 343 -24.75 -8.06 -11.40
C ASP A 343 -25.32 -8.90 -10.28
N LEU A 344 -24.52 -9.78 -9.69
CA LEU A 344 -25.00 -10.56 -8.56
C LEU A 344 -23.81 -11.11 -7.81
N GLU A 345 -23.92 -11.14 -6.48
CA GLU A 345 -22.89 -11.77 -5.68
C GLU A 345 -22.53 -13.12 -6.27
N ASP A 346 -21.23 -13.39 -6.38
CA ASP A 346 -20.84 -14.70 -6.89
C ASP A 346 -21.32 -15.81 -5.96
N GLY A 347 -21.57 -16.97 -6.54
CA GLY A 347 -22.11 -18.08 -5.80
C GLY A 347 -23.57 -17.95 -5.44
N PHE A 348 -24.30 -17.04 -6.08
CA PHE A 348 -25.70 -16.82 -5.74
C PHE A 348 -26.64 -17.68 -6.57
N LEU A 349 -26.21 -18.14 -7.74
CA LEU A 349 -27.04 -18.93 -8.65
C LEU A 349 -26.35 -20.27 -8.82
N THR A 350 -26.63 -21.22 -7.94
CA THR A 350 -25.82 -22.42 -7.97
C THR A 350 -26.44 -23.53 -8.81
N ALA A 351 -27.54 -24.11 -8.34
CA ALA A 351 -28.22 -25.14 -9.13
C ALA A 351 -29.73 -25.12 -9.02
N SER A 352 -30.32 -24.47 -8.03
CA SER A 352 -31.72 -24.66 -7.73
C SER A 352 -32.52 -23.38 -7.83
N ASN A 353 -32.08 -22.31 -7.18
CA ASN A 353 -32.88 -21.10 -7.14
C ASN A 353 -32.94 -20.37 -8.47
N LEU A 354 -32.20 -20.85 -9.47
CA LEU A 354 -32.11 -20.24 -10.77
C LEU A 354 -33.48 -19.84 -11.30
N GLU A 355 -34.39 -20.80 -11.38
CA GLU A 355 -35.74 -20.51 -11.85
C GLU A 355 -36.36 -19.36 -11.07
N GLN A 356 -36.34 -19.45 -9.74
CA GLN A 356 -36.80 -18.34 -8.92
C GLN A 356 -36.12 -17.05 -9.35
N VAL A 357 -34.80 -17.06 -9.41
CA VAL A 357 -34.07 -15.89 -9.88
C VAL A 357 -34.52 -15.54 -11.29
N LYS A 358 -34.66 -16.55 -12.15
CA LYS A 358 -35.12 -16.31 -13.51
C LYS A 358 -36.43 -15.54 -13.52
N GLY A 359 -37.29 -15.81 -12.54
CA GLY A 359 -38.51 -15.02 -12.43
C GLY A 359 -38.22 -13.63 -11.91
N TYR A 360 -37.48 -13.53 -10.82
CA TYR A 360 -37.27 -12.26 -10.15
C TYR A 360 -36.57 -11.25 -11.03
N LEU A 361 -35.81 -11.70 -12.04
CA LEU A 361 -35.13 -10.80 -12.95
C LEU A 361 -35.98 -10.41 -14.14
N ALA A 362 -37.19 -10.95 -14.23
CA ALA A 362 -38.10 -10.56 -15.29
C ALA A 362 -38.78 -9.23 -15.01
N SER A 363 -39.26 -9.04 -13.79
CA SER A 363 -39.83 -7.77 -13.37
C SER A 363 -38.76 -6.76 -12.99
N ALA A 364 -37.50 -7.18 -12.88
CA ALA A 364 -36.44 -6.27 -12.47
C ALA A 364 -36.25 -5.15 -13.49
N TYR A 365 -35.85 -5.52 -14.69
CA TYR A 365 -35.63 -4.55 -15.76
C TYR A 365 -35.70 -5.26 -17.10
N PRO A 366 -36.91 -5.58 -17.57
CA PRO A 366 -37.03 -6.34 -18.82
C PRO A 366 -36.42 -5.63 -20.02
N SER A 367 -36.21 -4.31 -19.95
CA SER A 367 -35.53 -3.60 -21.02
C SER A 367 -34.09 -4.07 -21.19
N LYS A 368 -33.58 -4.84 -20.24
CA LYS A 368 -32.29 -5.50 -20.38
C LYS A 368 -32.42 -7.02 -20.42
N TYR A 369 -33.51 -7.55 -19.89
CA TYR A 369 -33.68 -8.99 -19.77
C TYR A 369 -34.18 -9.59 -21.07
N SER A 370 -35.16 -8.95 -21.71
CA SER A 370 -35.64 -9.44 -22.98
C SER A 370 -34.57 -9.35 -24.06
N GLU A 371 -33.73 -8.32 -23.98
CA GLU A 371 -32.70 -8.08 -24.98
C GLU A 371 -31.55 -9.04 -24.87
N MET A 372 -31.53 -9.89 -23.85
CA MET A 372 -30.55 -10.94 -23.72
C MET A 372 -31.20 -12.32 -23.66
N PHE A 373 -32.51 -12.39 -23.48
CA PHE A 373 -33.19 -13.69 -23.42
C PHE A 373 -32.84 -14.63 -24.57
N PRO A 374 -32.74 -14.19 -25.83
CA PRO A 374 -32.37 -15.13 -26.89
C PRO A 374 -31.00 -15.77 -26.73
N GLN A 375 -30.20 -15.35 -25.74
CA GLN A 375 -28.92 -15.98 -25.49
C GLN A 375 -28.98 -16.98 -24.36
N ILE A 376 -30.02 -16.93 -23.53
CA ILE A 376 -30.17 -17.86 -22.41
C ILE A 376 -30.22 -19.27 -22.97
N LYS A 377 -29.26 -20.10 -22.58
CA LYS A 377 -29.27 -21.48 -23.03
C LYS A 377 -30.31 -22.26 -22.24
N ASN A 378 -31.03 -23.12 -22.94
CA ASN A 378 -32.15 -23.89 -22.42
C ASN A 378 -31.79 -25.36 -22.57
N CYS A 379 -31.24 -25.95 -21.51
CA CYS A 379 -30.74 -27.32 -21.60
C CYS A 379 -31.27 -28.14 -20.44
N SER A 380 -31.69 -29.37 -20.74
CA SER A 380 -32.25 -30.27 -19.75
C SER A 380 -31.52 -31.60 -19.78
N LEU A 381 -31.65 -32.34 -18.68
CA LEU A 381 -30.82 -33.52 -18.49
C LEU A 381 -31.18 -34.63 -19.45
N GLU A 382 -32.47 -34.96 -19.57
CA GLU A 382 -32.85 -36.11 -20.37
C GLU A 382 -32.64 -35.85 -21.86
N SER A 383 -32.91 -34.63 -22.31
CA SER A 383 -32.70 -34.31 -23.72
C SER A 383 -31.23 -34.43 -24.09
N GLU A 384 -30.35 -34.02 -23.18
CA GLU A 384 -28.92 -34.16 -23.41
C GLU A 384 -28.50 -35.62 -23.36
N LEU A 385 -28.94 -36.34 -22.33
CA LEU A 385 -28.61 -37.75 -22.17
C LEU A 385 -29.10 -38.59 -23.35
N ASP A 386 -30.13 -38.14 -24.05
CA ASP A 386 -30.59 -38.85 -25.24
C ASP A 386 -29.46 -38.95 -26.26
N THR A 387 -28.90 -37.82 -26.66
CA THR A 387 -27.85 -37.77 -27.68
C THR A 387 -26.65 -37.01 -27.13
N ALA A 388 -25.66 -37.75 -26.65
CA ALA A 388 -24.43 -37.15 -26.15
C ALA A 388 -23.19 -37.67 -26.84
N VAL A 389 -23.11 -38.97 -27.10
CA VAL A 389 -21.91 -39.56 -27.70
C VAL A 389 -22.32 -40.48 -28.84
N GLN A 390 -23.60 -40.47 -29.20
CA GLN A 390 -24.14 -41.47 -30.11
C GLN A 390 -23.35 -41.51 -31.41
N GLY A 391 -23.40 -42.65 -32.08
CA GLY A 391 -22.63 -42.86 -33.28
C GLY A 391 -21.93 -44.20 -33.26
N THR A 392 -21.35 -44.61 -34.40
CA THR A 392 -20.72 -45.91 -34.48
C THR A 392 -19.38 -45.97 -33.75
N GLY A 393 -18.83 -44.84 -33.33
CA GLY A 393 -17.59 -44.85 -32.60
C GLY A 393 -17.83 -44.70 -31.11
N LEU A 394 -19.03 -45.06 -30.67
CA LEU A 394 -19.44 -44.81 -29.30
C LEU A 394 -18.44 -45.37 -28.30
N ALA A 395 -18.10 -46.65 -28.43
CA ALA A 395 -17.22 -47.30 -27.46
C ALA A 395 -15.89 -46.56 -27.36
N PHE A 396 -15.34 -46.16 -28.50
CA PHE A 396 -14.06 -45.45 -28.48
C PHE A 396 -14.17 -44.16 -27.70
N ILE A 397 -15.15 -43.32 -28.03
CA ILE A 397 -15.25 -42.00 -27.43
C ILE A 397 -15.56 -42.08 -25.94
N VAL A 398 -16.32 -43.09 -25.52
CA VAL A 398 -16.62 -43.17 -24.09
C VAL A 398 -15.44 -43.74 -23.32
N TYR A 399 -14.79 -44.77 -23.86
CA TYR A 399 -13.68 -45.39 -23.12
C TYR A 399 -12.49 -44.45 -23.02
N THR A 400 -12.17 -43.75 -24.11
CA THR A 400 -11.07 -42.79 -24.01
C THR A 400 -11.39 -41.69 -23.04
N GLU A 401 -12.66 -41.31 -22.91
CA GLU A 401 -13.04 -40.31 -21.93
C GLU A 401 -12.92 -40.84 -20.52
N ALA A 402 -13.15 -42.14 -20.33
CA ALA A 402 -12.98 -42.75 -19.03
C ALA A 402 -11.52 -42.98 -18.66
N ILE A 403 -10.63 -43.13 -19.64
CA ILE A 403 -9.24 -43.40 -19.33
C ILE A 403 -8.53 -42.15 -18.86
N LYS A 404 -8.87 -40.99 -19.43
CA LYS A 404 -8.27 -39.75 -18.97
C LYS A 404 -8.61 -39.44 -17.52
N ASN A 405 -9.67 -40.05 -17.00
CA ASN A 405 -10.09 -39.85 -15.62
C ASN A 405 -9.44 -40.82 -14.65
N MET A 406 -8.57 -41.71 -15.12
CA MET A 406 -7.94 -42.68 -14.26
C MET A 406 -6.89 -41.98 -13.40
N GLU A 407 -6.16 -42.77 -12.59
CA GLU A 407 -5.03 -42.24 -11.84
C GLU A 407 -3.76 -42.26 -12.68
N VAL A 408 -3.35 -43.44 -13.13
CA VAL A 408 -2.35 -43.58 -14.18
C VAL A 408 -3.11 -43.77 -15.49
N SER A 409 -2.51 -43.31 -16.59
CA SER A 409 -3.25 -43.23 -17.85
C SER A 409 -2.73 -44.22 -18.89
N GLN A 410 -1.43 -44.18 -19.17
CA GLN A 410 -0.87 -45.06 -20.21
C GLN A 410 -1.13 -46.53 -19.88
N LEU A 411 -1.07 -46.89 -18.60
CA LEU A 411 -1.24 -48.28 -18.20
C LEU A 411 -2.63 -48.79 -18.56
N TRP A 412 -3.67 -48.16 -18.00
CA TRP A 412 -5.04 -48.59 -18.28
C TRP A 412 -5.35 -48.47 -19.76
N SER A 413 -4.83 -47.44 -20.42
CA SER A 413 -5.03 -47.28 -21.85
C SER A 413 -4.57 -48.51 -22.61
N VAL A 414 -3.28 -48.84 -22.48
CA VAL A 414 -2.73 -49.92 -23.28
C VAL A 414 -3.35 -51.25 -22.86
N LEU A 415 -3.69 -51.41 -21.57
CA LEU A 415 -4.32 -52.64 -21.13
C LEU A 415 -5.68 -52.83 -21.82
N TYR A 416 -6.53 -51.81 -21.76
CA TYR A 416 -7.85 -51.93 -22.34
C TYR A 416 -7.77 -52.13 -23.85
N PHE A 417 -6.89 -51.38 -24.51
CA PHE A 417 -6.80 -51.51 -25.96
C PHE A 417 -6.20 -52.84 -26.36
N PHE A 418 -5.30 -53.40 -25.55
CA PHE A 418 -4.79 -54.73 -25.83
C PHE A 418 -5.87 -55.78 -25.67
N MET A 419 -6.69 -55.66 -24.63
CA MET A 419 -7.84 -56.53 -24.49
C MET A 419 -8.71 -56.48 -25.75
N LEU A 420 -9.08 -55.26 -26.15
CA LEU A 420 -9.97 -55.11 -27.29
C LEU A 420 -9.34 -55.66 -28.56
N LEU A 421 -8.06 -55.40 -28.76
CA LEU A 421 -7.37 -55.88 -29.95
C LEU A 421 -7.27 -57.40 -29.95
N MET A 422 -7.06 -58.00 -28.78
CA MET A 422 -6.97 -59.46 -28.69
C MET A 422 -8.32 -60.10 -28.98
N LEU A 423 -9.39 -59.56 -28.41
CA LEU A 423 -10.72 -60.06 -28.74
C LEU A 423 -10.99 -59.92 -30.23
N GLY A 424 -10.61 -58.77 -30.80
CA GLY A 424 -10.82 -58.57 -32.22
C GLY A 424 -10.08 -59.58 -33.07
N ILE A 425 -8.81 -59.83 -32.75
CA ILE A 425 -8.02 -60.75 -33.57
C ILE A 425 -8.51 -62.18 -33.39
N GLY A 426 -9.02 -62.50 -32.20
CA GLY A 426 -9.60 -63.82 -31.99
C GLY A 426 -10.83 -64.03 -32.85
N SER A 427 -11.78 -63.10 -32.76
CA SER A 427 -12.94 -63.14 -33.65
C SER A 427 -12.51 -63.15 -35.10
N MET A 428 -11.40 -62.47 -35.41
CA MET A 428 -10.96 -62.37 -36.79
C MET A 428 -10.49 -63.71 -37.31
N LEU A 429 -9.62 -64.39 -36.55
CA LEU A 429 -9.15 -65.70 -36.99
C LEU A 429 -10.31 -66.70 -37.02
N GLY A 430 -11.24 -66.58 -36.07
CA GLY A 430 -12.43 -67.40 -36.12
C GLY A 430 -13.21 -67.21 -37.41
N ASN A 431 -13.37 -65.97 -37.84
CA ASN A 431 -14.06 -65.71 -39.10
C ASN A 431 -13.26 -66.25 -40.28
N THR A 432 -11.93 -66.11 -40.23
CA THR A 432 -11.12 -66.50 -41.37
C THR A 432 -11.06 -68.01 -41.54
N ALA A 433 -11.24 -68.76 -40.45
CA ALA A 433 -11.28 -70.21 -40.58
C ALA A 433 -12.42 -70.66 -41.49
N ALA A 434 -13.61 -70.08 -41.29
CA ALA A 434 -14.81 -70.46 -42.02
C ALA A 434 -14.72 -70.15 -43.51
N ILE A 435 -13.69 -69.45 -43.94
CA ILE A 435 -13.47 -69.22 -45.37
C ILE A 435 -12.20 -69.88 -45.88
N LEU A 436 -11.19 -70.09 -45.03
CA LEU A 436 -10.01 -70.83 -45.48
C LEU A 436 -10.34 -72.30 -45.69
N THR A 437 -11.22 -72.85 -44.84
CA THR A 437 -11.53 -74.28 -44.97
C THR A 437 -12.31 -74.61 -46.23
N PRO A 438 -13.48 -74.02 -46.51
CA PRO A 438 -14.33 -74.54 -47.59
C PRO A 438 -13.81 -74.25 -48.99
N LEU A 439 -12.74 -73.48 -49.14
CA LEU A 439 -12.18 -73.24 -50.47
C LEU A 439 -11.01 -74.16 -50.79
N THR A 440 -10.40 -74.77 -49.79
CA THR A 440 -9.22 -75.62 -49.98
C THR A 440 -9.56 -77.09 -50.22
N ASP A 441 -10.76 -77.52 -49.86
CA ASP A 441 -11.12 -78.92 -49.98
C ASP A 441 -11.43 -79.33 -51.42
N SER A 442 -11.97 -78.42 -52.23
CA SER A 442 -12.23 -78.73 -53.63
C SER A 442 -10.92 -79.06 -54.33
N LYS A 443 -10.90 -80.18 -55.05
CA LYS A 443 -9.68 -80.73 -55.61
C LYS A 443 -9.26 -80.04 -56.92
N ILE A 444 -10.10 -79.19 -57.49
CA ILE A 444 -9.76 -78.48 -58.72
C ILE A 444 -8.96 -77.22 -58.44
N ILE A 445 -9.34 -76.47 -57.41
CA ILE A 445 -8.69 -75.18 -57.16
C ILE A 445 -7.38 -75.38 -56.41
N SER A 446 -7.28 -76.40 -55.56
CA SER A 446 -6.08 -76.65 -54.77
C SER A 446 -5.13 -77.62 -55.45
N SER A 447 -5.11 -77.66 -56.78
CA SER A 447 -4.17 -78.49 -57.51
C SER A 447 -2.89 -77.73 -57.86
N HIS A 448 -3.00 -76.44 -58.16
CA HIS A 448 -1.82 -75.67 -58.53
C HIS A 448 -1.08 -75.14 -57.31
N LEU A 449 -1.77 -74.33 -56.49
CA LEU A 449 -1.19 -73.59 -55.38
C LEU A 449 -1.54 -74.23 -54.05
N PRO A 450 -0.60 -74.23 -53.10
CA PRO A 450 -0.93 -74.63 -51.73
C PRO A 450 -1.71 -73.57 -50.98
N LYS A 451 -1.93 -73.79 -49.68
CA LYS A 451 -2.81 -72.92 -48.91
C LYS A 451 -2.19 -71.56 -48.61
N GLU A 452 -0.87 -71.51 -48.39
CA GLU A 452 -0.23 -70.25 -48.06
C GLU A 452 -0.40 -69.25 -49.19
N ALA A 453 -0.33 -69.72 -50.43
CA ALA A 453 -0.46 -68.83 -51.59
C ALA A 453 -1.83 -68.18 -51.63
N ILE A 454 -2.89 -69.00 -51.62
CA ILE A 454 -4.23 -68.44 -51.72
C ILE A 454 -4.57 -67.60 -50.48
N SER A 455 -4.03 -67.97 -49.32
CA SER A 455 -4.22 -67.14 -48.13
C SER A 455 -3.62 -65.76 -48.32
N GLY A 456 -2.40 -65.70 -48.86
CA GLY A 456 -1.80 -64.42 -49.18
C GLY A 456 -2.63 -63.63 -50.18
N LEU A 457 -3.14 -64.31 -51.21
CA LEU A 457 -3.95 -63.61 -52.21
C LEU A 457 -5.21 -63.02 -51.60
N VAL A 458 -5.88 -63.77 -50.72
CA VAL A 458 -7.12 -63.28 -50.14
C VAL A 458 -6.86 -62.14 -49.17
N CYS A 459 -5.79 -62.25 -48.37
CA CYS A 459 -5.43 -61.13 -47.50
C CYS A 459 -5.10 -59.89 -48.31
N LEU A 460 -4.41 -60.10 -49.43
CA LEU A 460 -4.05 -59.01 -50.33
C LEU A 460 -5.27 -58.29 -50.91
N VAL A 461 -6.21 -59.05 -51.46
CA VAL A 461 -7.41 -58.44 -52.05
C VAL A 461 -8.27 -57.82 -50.96
N ASN A 462 -8.27 -58.41 -49.78
CA ASN A 462 -9.09 -57.89 -48.69
C ASN A 462 -8.58 -56.54 -48.22
N CYS A 463 -7.26 -56.42 -48.03
CA CYS A 463 -6.67 -55.13 -47.68
C CYS A 463 -6.92 -54.09 -48.78
N ALA A 464 -6.70 -54.49 -50.04
CA ALA A 464 -6.80 -53.55 -51.14
C ALA A 464 -8.23 -53.09 -51.38
N ILE A 465 -9.23 -53.86 -50.96
CA ILE A 465 -10.60 -53.35 -51.05
C ILE A 465 -10.99 -52.58 -49.80
N GLY A 466 -10.53 -52.99 -48.62
CA GLY A 466 -10.84 -52.27 -47.41
C GLY A 466 -10.15 -50.94 -47.27
N MET A 467 -9.15 -50.66 -48.13
CA MET A 467 -8.55 -49.34 -48.15
C MET A 467 -9.59 -48.23 -48.27
N VAL A 468 -10.77 -48.54 -48.83
CA VAL A 468 -11.77 -47.51 -49.10
C VAL A 468 -12.16 -46.79 -47.82
N PHE A 469 -12.30 -47.53 -46.71
CA PHE A 469 -12.67 -46.89 -45.46
C PHE A 469 -11.63 -45.91 -44.95
N THR A 470 -10.40 -46.04 -45.44
CA THR A 470 -9.34 -45.13 -45.08
C THR A 470 -9.58 -43.75 -45.72
N MET A 471 -10.42 -43.70 -46.75
CA MET A 471 -10.69 -42.44 -47.40
C MET A 471 -11.23 -41.44 -46.37
N GLU A 472 -11.29 -40.18 -46.80
CA GLU A 472 -11.76 -39.12 -45.90
C GLU A 472 -13.19 -39.37 -45.46
N ALA A 473 -14.09 -39.59 -46.41
CA ALA A 473 -15.47 -39.97 -46.08
C ALA A 473 -15.64 -41.48 -46.09
N GLY A 474 -14.77 -42.18 -45.37
CA GLY A 474 -14.80 -43.63 -45.33
C GLY A 474 -15.74 -44.19 -44.29
N ASN A 475 -15.88 -43.49 -43.16
CA ASN A 475 -16.81 -43.94 -42.14
C ASN A 475 -18.24 -44.01 -42.67
N TYR A 476 -18.56 -43.18 -43.65
CA TYR A 476 -19.86 -43.28 -44.29
C TYR A 476 -20.03 -44.63 -44.99
N TRP A 477 -19.02 -45.04 -45.75
CA TRP A 477 -19.04 -46.38 -46.33
C TRP A 477 -19.11 -47.44 -45.24
N PHE A 478 -18.44 -47.21 -44.12
CA PHE A 478 -18.42 -48.18 -43.03
C PHE A 478 -19.81 -48.41 -42.47
N ASP A 479 -20.50 -47.33 -42.10
CA ASP A 479 -21.83 -47.49 -41.56
C ASP A 479 -22.81 -47.95 -42.63
N ILE A 480 -22.52 -47.66 -43.90
CA ILE A 480 -23.33 -48.20 -44.98
C ILE A 480 -23.23 -49.72 -44.99
N PHE A 481 -22.01 -50.23 -44.92
CA PHE A 481 -21.79 -51.67 -45.02
C PHE A 481 -22.35 -52.41 -43.82
N ASN A 482 -22.05 -51.92 -42.62
CA ASN A 482 -22.18 -52.74 -41.42
C ASN A 482 -23.58 -53.32 -41.26
N ASP A 483 -24.57 -52.46 -41.02
CA ASP A 483 -25.91 -52.92 -40.65
C ASP A 483 -26.52 -53.79 -41.74
N TYR A 484 -26.45 -53.34 -42.99
CA TYR A 484 -27.17 -54.02 -44.06
C TYR A 484 -26.53 -55.35 -44.41
N ALA A 485 -25.20 -55.36 -44.62
CA ALA A 485 -24.53 -56.60 -44.96
C ALA A 485 -24.55 -57.58 -43.80
N ALA A 486 -24.69 -57.10 -42.55
CA ALA A 486 -24.84 -58.04 -41.45
C ALA A 486 -26.27 -58.48 -41.23
N THR A 487 -27.24 -57.77 -41.79
CA THR A 487 -28.65 -58.07 -41.52
C THR A 487 -29.32 -58.90 -42.61
N LEU A 488 -29.36 -58.37 -43.84
CA LEU A 488 -30.35 -58.88 -44.79
C LEU A 488 -29.98 -60.27 -45.29
N SER A 489 -28.75 -60.42 -45.78
CA SER A 489 -28.32 -61.71 -46.30
C SER A 489 -28.43 -62.81 -45.25
N LEU A 490 -27.95 -62.52 -44.04
CA LEU A 490 -28.01 -63.50 -42.96
C LEU A 490 -29.45 -63.88 -42.64
N LEU A 491 -30.34 -62.89 -42.59
CA LEU A 491 -31.74 -63.17 -42.28
C LEU A 491 -32.39 -64.03 -43.36
N LEU A 492 -32.01 -63.85 -44.62
CA LEU A 492 -32.56 -64.71 -45.65
C LEU A 492 -31.99 -66.13 -45.55
N ILE A 493 -30.68 -66.25 -45.38
CA ILE A 493 -30.06 -67.58 -45.35
C ILE A 493 -30.59 -68.40 -44.19
N VAL A 494 -30.81 -67.78 -43.04
CA VAL A 494 -31.28 -68.57 -41.89
C VAL A 494 -32.68 -69.10 -42.14
N LEU A 495 -33.57 -68.27 -42.70
CA LEU A 495 -34.93 -68.75 -42.95
C LEU A 495 -34.93 -69.86 -43.99
N VAL A 496 -34.10 -69.73 -45.04
CA VAL A 496 -34.00 -70.82 -46.00
C VAL A 496 -33.54 -72.10 -45.32
N GLU A 497 -32.50 -72.00 -44.49
CA GLU A 497 -31.98 -73.16 -43.78
C GLU A 497 -33.07 -73.84 -42.97
N THR A 498 -33.84 -73.07 -42.21
CA THR A 498 -34.86 -73.65 -41.35
C THR A 498 -35.97 -74.30 -42.15
N ILE A 499 -36.55 -73.58 -43.12
CA ILE A 499 -37.66 -74.14 -43.87
C ILE A 499 -37.21 -75.39 -44.62
N ALA A 500 -35.97 -75.39 -45.11
CA ALA A 500 -35.45 -76.57 -45.78
C ALA A 500 -35.34 -77.74 -44.80
N VAL A 501 -34.58 -77.58 -43.73
CA VAL A 501 -34.34 -78.71 -42.83
C VAL A 501 -35.65 -79.24 -42.28
N CYS A 502 -36.66 -78.40 -42.17
CA CYS A 502 -37.92 -78.88 -41.61
C CYS A 502 -38.80 -79.55 -42.66
N TYR A 503 -39.21 -78.81 -43.69
CA TYR A 503 -40.24 -79.29 -44.60
C TYR A 503 -39.68 -79.83 -45.90
N VAL A 504 -38.42 -80.24 -45.92
CA VAL A 504 -37.86 -80.89 -47.11
C VAL A 504 -37.25 -82.23 -46.69
N TYR A 505 -36.85 -82.34 -45.42
CA TYR A 505 -36.32 -83.59 -44.91
C TYR A 505 -37.30 -84.34 -44.03
N GLY A 506 -38.18 -83.64 -43.33
CA GLY A 506 -39.12 -84.30 -42.46
C GLY A 506 -38.69 -84.26 -41.01
N LEU A 507 -39.52 -83.66 -40.16
CA LEU A 507 -39.16 -83.51 -38.75
C LEU A 507 -39.04 -84.86 -38.05
N ARG A 508 -40.03 -85.74 -38.25
CA ARG A 508 -40.00 -87.04 -37.59
C ARG A 508 -38.80 -87.86 -38.03
N ARG A 509 -38.36 -87.70 -39.28
CA ARG A 509 -37.20 -88.44 -39.75
C ARG A 509 -35.95 -88.03 -38.99
N PHE A 510 -35.71 -86.73 -38.84
CA PHE A 510 -34.53 -86.29 -38.10
C PHE A 510 -34.66 -86.63 -36.61
N GLU A 511 -35.87 -86.52 -36.07
CA GLU A 511 -36.09 -86.91 -34.68
C GLU A 511 -35.67 -88.36 -34.48
N SER A 512 -36.08 -89.24 -35.38
CA SER A 512 -35.71 -90.65 -35.30
C SER A 512 -34.20 -90.82 -35.47
N ASP A 513 -33.60 -90.04 -36.38
CA ASP A 513 -32.15 -90.13 -36.58
C ASP A 513 -31.40 -89.78 -35.32
N LEU A 514 -31.84 -88.74 -34.61
CA LEU A 514 -31.18 -88.35 -33.36
C LEU A 514 -31.41 -89.39 -32.29
N LYS A 515 -32.64 -89.88 -32.16
CA LYS A 515 -32.93 -90.95 -31.21
C LYS A 515 -32.04 -92.16 -31.46
N ALA A 516 -31.70 -92.40 -32.73
CA ALA A 516 -30.85 -93.54 -33.06
C ALA A 516 -29.38 -93.24 -32.78
N MET A 517 -28.93 -92.01 -33.02
CA MET A 517 -27.51 -91.72 -32.91
C MET A 517 -27.08 -91.47 -31.46
N THR A 518 -27.94 -90.86 -30.65
CA THR A 518 -27.57 -90.47 -29.29
C THR A 518 -28.34 -91.18 -28.20
N GLY A 519 -29.47 -91.82 -28.53
CA GLY A 519 -30.28 -92.47 -27.51
C GLY A 519 -31.03 -91.51 -26.62
N ARG A 520 -31.60 -90.44 -27.19
CA ARG A 520 -32.45 -89.52 -26.45
C ARG A 520 -33.59 -89.06 -27.36
N ALA A 521 -34.72 -88.73 -26.75
CA ALA A 521 -35.88 -88.26 -27.49
C ALA A 521 -35.98 -86.75 -27.35
N VAL A 522 -36.07 -86.05 -28.48
CA VAL A 522 -36.21 -84.60 -28.44
C VAL A 522 -37.55 -84.24 -27.81
N SER A 523 -37.56 -83.14 -27.08
CA SER A 523 -38.81 -82.65 -26.54
C SER A 523 -39.62 -81.95 -27.63
N TRP A 524 -40.94 -81.95 -27.47
CA TRP A 524 -41.79 -81.19 -28.38
C TRP A 524 -41.46 -79.71 -28.35
N TYR A 525 -40.77 -79.26 -27.29
CA TYR A 525 -40.31 -77.87 -27.18
C TYR A 525 -39.60 -77.41 -28.45
N TRP A 526 -38.62 -78.20 -28.90
CA TRP A 526 -37.93 -77.88 -30.13
C TRP A 526 -38.72 -78.33 -31.35
N LYS A 527 -39.53 -79.38 -31.21
CA LYS A 527 -40.32 -79.86 -32.33
C LYS A 527 -41.21 -78.76 -32.89
N VAL A 528 -41.79 -77.95 -32.01
CA VAL A 528 -42.63 -76.85 -32.48
C VAL A 528 -41.79 -75.66 -32.92
N MET A 529 -40.72 -75.37 -32.19
CA MET A 529 -39.98 -74.14 -32.43
C MET A 529 -39.08 -74.21 -33.66
N TRP A 530 -38.91 -75.39 -34.26
CA TRP A 530 -38.05 -75.49 -35.43
C TRP A 530 -38.75 -75.11 -36.72
N ALA A 531 -40.08 -75.22 -36.76
CA ALA A 531 -40.85 -74.80 -37.94
C ALA A 531 -42.09 -74.00 -37.61
N GLY A 532 -42.55 -73.98 -36.36
CA GLY A 532 -43.83 -73.38 -36.04
C GLY A 532 -43.84 -71.87 -35.90
N VAL A 533 -43.08 -71.36 -34.94
CA VAL A 533 -43.16 -69.96 -34.54
C VAL A 533 -42.16 -69.10 -35.30
N SER A 534 -40.87 -69.41 -35.15
CA SER A 534 -39.81 -68.57 -35.72
C SER A 534 -39.97 -68.33 -37.22
N PRO A 535 -40.25 -69.33 -38.06
CA PRO A 535 -40.46 -69.03 -39.49
C PRO A 535 -41.55 -67.99 -39.72
N LEU A 536 -42.59 -67.97 -38.91
CA LEU A 536 -43.65 -66.97 -39.07
C LEU A 536 -43.20 -65.62 -38.55
N LEU A 537 -42.63 -65.58 -37.35
CA LEU A 537 -42.30 -64.32 -36.73
C LEU A 537 -41.26 -63.56 -37.52
N ILE A 538 -40.24 -64.25 -38.02
CA ILE A 538 -39.16 -63.57 -38.72
C ILE A 538 -39.66 -62.93 -40.02
N VAL A 539 -40.54 -63.63 -40.75
CA VAL A 539 -41.01 -63.06 -42.00
C VAL A 539 -42.06 -61.98 -41.74
N SER A 540 -42.84 -62.11 -40.66
CA SER A 540 -43.77 -61.04 -40.31
C SER A 540 -43.01 -59.76 -39.97
N LEU A 541 -41.94 -59.89 -39.19
CA LEU A 541 -41.11 -58.74 -38.86
C LEU A 541 -40.47 -58.16 -40.11
N PHE A 542 -39.99 -59.01 -41.01
CA PHE A 542 -39.38 -58.52 -42.24
C PHE A 542 -40.39 -57.76 -43.09
N VAL A 543 -41.61 -58.29 -43.20
CA VAL A 543 -42.63 -57.63 -44.00
C VAL A 543 -43.02 -56.29 -43.38
N PHE A 544 -43.17 -56.26 -42.05
CA PHE A 544 -43.50 -54.99 -41.41
C PHE A 544 -42.36 -53.99 -41.53
N TYR A 545 -41.12 -54.46 -41.54
CA TYR A 545 -39.98 -53.58 -41.75
C TYR A 545 -40.02 -52.97 -43.15
N LEU A 546 -40.21 -53.81 -44.16
CA LEU A 546 -40.27 -53.34 -45.54
C LEU A 546 -41.54 -52.56 -45.83
N SER A 547 -42.56 -52.67 -44.98
CA SER A 547 -43.78 -51.89 -45.14
C SER A 547 -43.68 -50.52 -44.48
N ASP A 548 -43.08 -50.45 -43.28
CA ASP A 548 -42.83 -49.14 -42.69
C ASP A 548 -41.73 -48.38 -43.41
N TYR A 549 -41.00 -49.04 -44.31
CA TYR A 549 -40.03 -48.33 -45.14
C TYR A 549 -40.72 -47.43 -46.15
N ILE A 550 -41.91 -47.81 -46.60
CA ILE A 550 -42.66 -47.03 -47.58
C ILE A 550 -43.64 -46.07 -46.93
N LEU A 551 -43.82 -46.14 -45.62
CA LEU A 551 -44.68 -45.20 -44.91
C LEU A 551 -43.98 -43.87 -44.67
N THR A 552 -42.68 -43.79 -44.86
CA THR A 552 -41.92 -42.56 -44.62
C THR A 552 -41.15 -42.09 -45.85
N GLY A 553 -40.59 -43.00 -46.66
CA GLY A 553 -39.83 -42.63 -47.83
C GLY A 553 -38.38 -43.09 -47.71
N THR A 554 -37.47 -42.24 -48.18
CA THR A 554 -36.05 -42.51 -48.09
C THR A 554 -35.51 -42.15 -46.70
N LEU A 555 -34.26 -42.50 -46.47
CA LEU A 555 -33.66 -42.40 -45.15
C LEU A 555 -32.52 -41.39 -45.12
N LYS A 556 -32.31 -40.81 -43.94
CA LYS A 556 -31.21 -39.90 -43.67
C LYS A 556 -30.29 -40.56 -42.66
N TYR A 557 -28.97 -40.52 -42.94
CA TYR A 557 -28.08 -41.37 -42.15
C TYR A 557 -27.48 -40.65 -40.95
N GLN A 558 -26.62 -39.66 -41.18
CA GLN A 558 -25.88 -38.94 -40.13
C GLN A 558 -25.03 -37.87 -40.82
N ALA A 559 -24.41 -37.02 -40.00
CA ALA A 559 -23.41 -36.06 -40.45
C ALA A 559 -22.81 -35.37 -39.23
N TRP A 560 -21.57 -34.91 -39.37
CA TRP A 560 -20.74 -34.50 -38.25
C TRP A 560 -20.85 -33.01 -37.92
N ASP A 561 -21.08 -32.14 -38.90
CA ASP A 561 -21.24 -30.71 -38.67
C ASP A 561 -20.15 -30.18 -37.73
N ALA A 562 -18.92 -30.22 -38.24
CA ALA A 562 -17.79 -29.74 -37.45
C ALA A 562 -17.99 -28.32 -36.96
N SER A 563 -18.68 -27.49 -37.74
CA SER A 563 -18.91 -26.11 -37.34
C SER A 563 -19.71 -26.00 -36.04
N GLN A 564 -20.56 -26.96 -35.75
CA GLN A 564 -21.36 -26.96 -34.54
C GLN A 564 -20.96 -28.04 -33.55
N GLY A 565 -20.58 -29.22 -34.02
CA GLY A 565 -20.10 -30.26 -33.14
C GLY A 565 -21.12 -31.28 -32.69
N GLN A 566 -22.24 -31.39 -33.39
CA GLN A 566 -23.28 -32.37 -33.07
C GLN A 566 -23.49 -33.27 -34.28
N LEU A 567 -24.50 -34.12 -34.21
CA LEU A 567 -24.77 -35.10 -35.25
C LEU A 567 -26.06 -34.70 -35.95
N VAL A 568 -25.92 -34.00 -37.08
CA VAL A 568 -27.05 -33.68 -37.95
C VAL A 568 -27.32 -34.88 -38.85
N THR A 569 -28.42 -34.85 -39.59
CA THR A 569 -29.00 -36.03 -40.22
C THR A 569 -29.14 -35.82 -41.72
N LYS A 570 -28.04 -35.46 -42.38
CA LYS A 570 -27.98 -35.35 -43.83
C LYS A 570 -28.60 -36.55 -44.54
N ASP A 571 -29.07 -36.35 -45.77
CA ASP A 571 -29.71 -37.40 -46.54
C ASP A 571 -28.67 -38.13 -47.41
N TYR A 572 -29.06 -39.33 -47.85
CA TYR A 572 -28.20 -40.13 -48.70
C TYR A 572 -28.05 -39.50 -50.08
N PRO A 573 -26.97 -39.80 -50.78
CA PRO A 573 -26.84 -39.38 -52.18
C PRO A 573 -27.59 -40.32 -53.10
N ALA A 574 -27.43 -40.10 -54.40
CA ALA A 574 -28.14 -40.88 -55.39
C ALA A 574 -27.66 -42.33 -55.41
N TYR A 575 -26.37 -42.53 -55.72
CA TYR A 575 -25.82 -43.87 -55.84
C TYR A 575 -25.86 -44.66 -54.53
N ALA A 576 -26.26 -44.03 -53.43
CA ALA A 576 -26.35 -44.75 -52.17
C ALA A 576 -27.29 -45.94 -52.28
N LEU A 577 -28.56 -45.68 -52.63
CA LEU A 577 -29.53 -46.76 -52.80
C LEU A 577 -29.02 -47.83 -53.75
N ALA A 578 -28.36 -47.41 -54.84
CA ALA A 578 -27.84 -48.38 -55.79
C ALA A 578 -26.80 -49.29 -55.17
N VAL A 579 -25.89 -48.73 -54.36
CA VAL A 579 -24.83 -49.55 -53.82
C VAL A 579 -25.38 -50.49 -52.74
N ILE A 580 -26.36 -50.04 -51.94
CA ILE A 580 -26.97 -51.00 -51.00
C ILE A 580 -27.72 -52.07 -51.77
N GLY A 581 -28.34 -51.71 -52.89
CA GLY A 581 -29.03 -52.70 -53.70
C GLY A 581 -28.10 -53.77 -54.20
N LEU A 582 -26.95 -53.36 -54.76
CA LEU A 582 -26.00 -54.37 -55.22
C LEU A 582 -25.41 -55.16 -54.05
N LEU A 583 -25.24 -54.53 -52.89
CA LEU A 583 -24.76 -55.26 -51.73
C LEU A 583 -25.71 -56.39 -51.35
N VAL A 584 -26.99 -56.06 -51.16
CA VAL A 584 -27.95 -57.08 -50.71
C VAL A 584 -28.16 -58.13 -51.79
N ALA A 585 -28.18 -57.71 -53.06
CA ALA A 585 -28.30 -58.67 -54.15
C ALA A 585 -27.13 -59.64 -54.14
N SER A 586 -25.91 -59.12 -54.32
CA SER A 586 -24.72 -59.96 -54.34
C SER A 586 -24.57 -60.78 -53.07
N SER A 587 -25.18 -60.37 -51.96
CA SER A 587 -25.03 -61.11 -50.72
C SER A 587 -26.04 -62.24 -50.57
N THR A 588 -27.28 -62.06 -51.03
CA THR A 588 -28.24 -63.13 -50.80
C THR A 588 -29.15 -63.43 -52.00
N MET A 589 -28.69 -63.21 -53.22
CA MET A 589 -29.40 -63.64 -54.41
C MET A 589 -28.77 -64.86 -55.07
N CYS A 590 -28.28 -65.80 -54.25
CA CYS A 590 -27.56 -66.97 -54.77
C CYS A 590 -28.32 -68.28 -54.58
N ILE A 591 -29.35 -68.29 -53.74
CA ILE A 591 -30.11 -69.53 -53.48
C ILE A 591 -31.05 -69.83 -54.65
N PRO A 592 -31.85 -68.87 -55.14
CA PRO A 592 -32.64 -69.14 -56.35
C PRO A 592 -31.77 -69.42 -57.58
N LEU A 593 -30.54 -68.92 -57.62
CA LEU A 593 -29.65 -69.25 -58.73
C LEU A 593 -29.24 -70.72 -58.70
N ALA A 594 -29.02 -71.28 -57.51
CA ALA A 594 -28.79 -72.72 -57.41
C ALA A 594 -30.05 -73.50 -57.71
N ALA A 595 -31.21 -72.99 -57.30
CA ALA A 595 -32.47 -73.62 -57.69
C ALA A 595 -32.65 -73.65 -59.20
N LEU A 596 -32.23 -72.61 -59.91
CA LEU A 596 -32.26 -72.58 -61.37
C LEU A 596 -31.22 -73.50 -61.99
N GLY A 597 -30.00 -73.51 -61.45
CA GLY A 597 -28.99 -74.42 -61.93
C GLY A 597 -29.41 -75.88 -61.82
N THR A 598 -30.13 -76.22 -60.75
CA THR A 598 -30.71 -77.55 -60.66
C THR A 598 -31.72 -77.80 -61.78
N PHE A 599 -32.52 -76.78 -62.11
CA PHE A 599 -33.48 -76.93 -63.19
C PHE A 599 -32.81 -77.19 -64.53
N VAL A 600 -31.74 -76.44 -64.84
CA VAL A 600 -31.08 -76.61 -66.14
C VAL A 600 -30.22 -77.87 -66.17
N GLN A 601 -29.67 -78.29 -65.03
CA GLN A 601 -28.88 -79.51 -65.02
C GLN A 601 -29.74 -80.76 -65.00
N ARG A 602 -31.06 -80.63 -65.09
CA ARG A 602 -31.95 -81.77 -65.25
C ARG A 602 -32.57 -81.83 -66.64
N ARG A 603 -32.02 -81.09 -67.60
CA ARG A 603 -32.53 -81.05 -68.97
C ARG A 603 -31.50 -81.42 -70.01
N LEU A 604 -30.23 -81.06 -69.81
CA LEU A 604 -29.13 -81.40 -70.72
C LEU A 604 -29.42 -80.94 -72.15
N SER B 28 -63.39 37.91 29.83
CA SER B 28 -62.08 37.88 30.48
C SER B 28 -61.54 36.47 30.49
N THR B 29 -62.17 35.59 29.70
CA THR B 29 -61.87 34.17 29.82
C THR B 29 -60.43 33.83 29.45
N ILE B 30 -60.07 33.89 28.17
CA ILE B 30 -58.69 33.62 27.80
C ILE B 30 -58.22 34.67 26.81
N GLU B 31 -59.15 35.26 26.08
CA GLU B 31 -58.77 36.05 24.91
C GLU B 31 -58.37 37.46 25.32
N GLU B 32 -59.11 38.06 26.23
CA GLU B 32 -58.82 39.41 26.67
C GLU B 32 -57.46 39.51 27.34
N GLN B 33 -57.11 38.52 28.17
CA GLN B 33 -55.79 38.50 28.77
C GLN B 33 -54.71 38.41 27.71
N ALA B 34 -54.94 37.55 26.69
CA ALA B 34 -53.98 37.45 25.60
C ALA B 34 -53.82 38.77 24.88
N LYS B 35 -54.93 39.47 24.63
CA LYS B 35 -54.86 40.73 23.92
C LYS B 35 -54.08 41.76 24.72
N THR B 36 -54.34 41.86 26.02
CA THR B 36 -53.60 42.81 26.84
C THR B 36 -52.13 42.47 26.88
N PHE B 37 -51.80 41.19 26.98
CA PHE B 37 -50.41 40.78 26.97
C PHE B 37 -49.75 41.18 25.66
N LEU B 38 -50.47 41.02 24.55
CA LEU B 38 -49.92 41.37 23.26
C LEU B 38 -49.70 42.86 23.15
N ASP B 39 -50.58 43.66 23.77
CA ASP B 39 -50.36 45.10 23.77
C ASP B 39 -49.10 45.47 24.53
N LYS B 40 -48.91 44.89 25.70
CA LYS B 40 -47.67 45.15 26.44
C LYS B 40 -46.46 44.76 25.60
N PHE B 41 -46.52 43.60 24.95
CA PHE B 41 -45.39 43.16 24.16
C PHE B 41 -45.13 44.11 23.00
N ASN B 42 -46.18 44.51 22.31
CA ASN B 42 -46.02 45.41 21.17
C ASN B 42 -45.39 46.72 21.59
N HIS B 43 -45.69 47.20 22.78
CA HIS B 43 -45.11 48.46 23.18
C HIS B 43 -43.73 48.33 23.79
N GLU B 44 -43.33 47.13 24.20
CA GLU B 44 -41.97 46.97 24.71
C GLU B 44 -40.99 46.62 23.60
N ALA B 45 -41.30 45.56 22.85
CA ALA B 45 -40.37 45.10 21.83
C ALA B 45 -40.12 46.16 20.78
N GLU B 46 -41.12 47.01 20.53
CA GLU B 46 -40.94 48.05 19.52
C GLU B 46 -39.78 48.96 19.86
N ASP B 47 -39.57 49.24 21.15
CA ASP B 47 -38.49 50.10 21.57
C ASP B 47 -37.18 49.32 21.65
N LEU B 48 -37.23 48.13 22.24
CA LEU B 48 -35.99 47.37 22.35
C LEU B 48 -35.39 47.08 20.98
N PHE B 49 -36.24 46.76 20.01
CA PHE B 49 -35.77 46.48 18.67
C PHE B 49 -35.15 47.71 18.05
N TYR B 50 -35.77 48.87 18.27
CA TYR B 50 -35.20 50.10 17.74
C TYR B 50 -33.80 50.30 18.25
N GLN B 51 -33.60 50.13 19.55
CA GLN B 51 -32.27 50.35 20.10
C GLN B 51 -31.27 49.36 19.51
N SER B 52 -31.65 48.08 19.44
CA SER B 52 -30.75 47.09 18.88
C SER B 52 -30.35 47.45 17.45
N SER B 53 -31.34 47.76 16.62
CA SER B 53 -31.07 48.00 15.21
C SER B 53 -30.27 49.29 15.03
N LEU B 54 -30.52 50.30 15.86
CA LEU B 54 -29.76 51.53 15.74
C LEU B 54 -28.30 51.30 16.07
N ALA B 55 -28.03 50.53 17.13
CA ALA B 55 -26.66 50.17 17.42
C ALA B 55 -26.02 49.42 16.26
N SER B 56 -26.74 48.45 15.68
CA SER B 56 -26.17 47.69 14.58
C SER B 56 -25.89 48.56 13.37
N TRP B 57 -26.78 49.52 13.08
CA TRP B 57 -26.54 50.41 11.96
C TRP B 57 -25.31 51.26 12.20
N ASN B 58 -25.20 51.84 13.39
CA ASN B 58 -24.04 52.68 13.69
C ASN B 58 -22.76 51.88 13.57
N TYR B 59 -22.78 50.62 13.98
CA TYR B 59 -21.58 49.80 13.80
C TYR B 59 -21.31 49.58 12.32
N ASN B 60 -22.33 49.23 11.55
CA ASN B 60 -22.11 48.90 10.15
C ASN B 60 -21.60 50.08 9.36
N THR B 61 -22.01 51.29 9.72
CA THR B 61 -21.63 52.45 8.93
C THR B 61 -20.36 53.12 9.41
N ASN B 62 -19.86 52.77 10.61
CA ASN B 62 -18.67 53.41 11.16
C ASN B 62 -17.97 52.38 12.06
N ILE B 63 -17.06 51.62 11.46
CA ILE B 63 -16.47 50.48 12.15
C ILE B 63 -15.43 50.98 13.15
N THR B 64 -15.75 50.85 14.43
CA THR B 64 -14.77 51.07 15.50
C THR B 64 -14.80 49.89 16.45
N GLU B 65 -14.15 50.02 17.60
CA GLU B 65 -14.18 48.92 18.56
C GLU B 65 -15.36 49.02 19.51
N GLU B 66 -15.48 50.15 20.21
CA GLU B 66 -16.58 50.30 21.16
C GLU B 66 -17.93 50.15 20.49
N ASN B 67 -18.02 50.45 19.20
CA ASN B 67 -19.26 50.21 18.46
C ASN B 67 -19.66 48.76 18.54
N VAL B 68 -18.70 47.84 18.40
CA VAL B 68 -19.00 46.42 18.53
C VAL B 68 -19.53 46.10 19.90
N GLN B 69 -19.00 46.75 20.93
CA GLN B 69 -19.47 46.49 22.28
C GLN B 69 -20.91 46.94 22.46
N ASN B 70 -21.22 48.17 22.02
CA ASN B 70 -22.59 48.64 22.10
C ASN B 70 -23.54 47.75 21.32
N MET B 71 -23.08 47.30 20.15
CA MET B 71 -23.91 46.43 19.31
C MET B 71 -24.22 45.13 20.04
N ASN B 72 -23.20 44.49 20.61
CA ASN B 72 -23.43 43.24 21.32
C ASN B 72 -24.30 43.45 22.55
N ASN B 73 -24.14 44.58 23.23
CA ASN B 73 -24.99 44.86 24.39
C ASN B 73 -26.45 44.97 23.98
N ALA B 74 -26.74 45.79 22.97
CA ALA B 74 -28.11 45.90 22.51
C ALA B 74 -28.63 44.56 22.00
N GLY B 75 -27.78 43.78 21.34
CA GLY B 75 -28.18 42.50 20.80
C GLY B 75 -28.62 41.52 21.87
N ASP B 76 -27.77 41.27 22.86
CA ASP B 76 -28.18 40.32 23.89
C ASP B 76 -29.30 40.89 24.74
N LYS B 77 -29.35 42.22 24.89
CA LYS B 77 -30.49 42.83 25.56
C LYS B 77 -31.79 42.44 24.88
N TRP B 78 -31.83 42.54 23.56
CA TRP B 78 -33.04 42.21 22.83
C TRP B 78 -33.32 40.71 22.88
N SER B 79 -32.27 39.90 22.73
CA SER B 79 -32.47 38.46 22.65
C SER B 79 -33.00 37.90 23.96
N ALA B 80 -32.46 38.35 25.09
CA ALA B 80 -32.94 37.86 26.37
C ALA B 80 -34.39 38.25 26.60
N PHE B 81 -34.75 39.49 26.24
CA PHE B 81 -36.13 39.91 26.35
C PHE B 81 -37.04 39.02 25.52
N LEU B 82 -36.64 38.71 24.30
CA LEU B 82 -37.45 37.84 23.46
C LEU B 82 -37.62 36.47 24.10
N LYS B 83 -36.53 35.92 24.63
CA LYS B 83 -36.62 34.59 25.23
C LYS B 83 -37.54 34.57 26.44
N GLU B 84 -37.40 35.56 27.32
CA GLU B 84 -38.24 35.55 28.51
C GLU B 84 -39.70 35.80 28.16
N GLN B 85 -39.95 36.64 27.16
CA GLN B 85 -41.34 36.82 26.71
C GLN B 85 -41.89 35.53 26.15
N SER B 86 -41.06 34.78 25.42
CA SER B 86 -41.48 33.47 24.93
C SER B 86 -41.92 32.59 26.07
N THR B 87 -41.04 32.40 27.06
CA THR B 87 -41.39 31.54 28.18
C THR B 87 -42.64 32.04 28.88
N LEU B 88 -42.84 33.35 28.94
CA LEU B 88 -44.00 33.88 29.61
C LEU B 88 -45.28 33.67 28.81
N ALA B 89 -45.19 33.58 27.49
CA ALA B 89 -46.38 33.47 26.67
C ALA B 89 -46.87 32.05 26.48
N GLN B 90 -46.15 31.06 27.00
CA GLN B 90 -46.57 29.68 26.83
C GLN B 90 -47.62 29.30 27.86
N MET B 91 -48.66 30.11 28.00
CA MET B 91 -49.76 29.79 28.89
C MET B 91 -51.12 30.05 28.31
N TYR B 92 -51.23 30.83 27.25
CA TYR B 92 -52.51 31.02 26.59
C TYR B 92 -52.67 29.91 25.57
N PRO B 93 -53.54 28.94 25.81
CA PRO B 93 -53.64 27.81 24.89
C PRO B 93 -54.17 28.26 23.54
N LEU B 94 -53.52 27.78 22.49
CA LEU B 94 -53.84 28.22 21.14
C LEU B 94 -55.22 27.76 20.69
N GLN B 95 -55.79 26.76 21.34
CA GLN B 95 -57.05 26.19 20.87
C GLN B 95 -58.26 27.03 21.24
N GLU B 96 -58.11 27.92 22.21
CA GLU B 96 -59.22 28.69 22.72
C GLU B 96 -59.31 30.07 22.09
N ILE B 97 -58.30 30.49 21.32
CA ILE B 97 -58.35 31.78 20.66
C ILE B 97 -59.18 31.67 19.40
N GLN B 98 -59.93 32.72 19.10
CA GLN B 98 -60.81 32.75 17.94
C GLN B 98 -60.39 33.76 16.89
N ASN B 99 -59.90 34.92 17.29
CA ASN B 99 -59.43 35.90 16.33
C ASN B 99 -58.22 35.37 15.60
N LEU B 100 -58.18 35.58 14.29
CA LEU B 100 -57.04 35.07 13.53
C LEU B 100 -55.79 35.89 13.77
N THR B 101 -55.93 37.20 13.95
CA THR B 101 -54.76 38.04 14.13
C THR B 101 -53.99 37.68 15.38
N VAL B 102 -54.68 37.68 16.53
CA VAL B 102 -54.00 37.39 17.77
C VAL B 102 -53.52 35.94 17.79
N LYS B 103 -54.24 35.05 17.13
CA LYS B 103 -53.76 33.68 17.03
C LYS B 103 -52.45 33.62 16.27
N LEU B 104 -52.35 34.36 15.16
CA LEU B 104 -51.12 34.41 14.40
C LEU B 104 -49.97 34.94 15.24
N GLN B 105 -50.22 36.05 15.94
CA GLN B 105 -49.15 36.63 16.76
C GLN B 105 -48.69 35.65 17.84
N LEU B 106 -49.65 35.06 18.56
CA LEU B 106 -49.29 34.17 19.65
C LEU B 106 -48.57 32.93 19.12
N GLN B 107 -48.95 32.47 17.93
CA GLN B 107 -48.28 31.31 17.39
C GLN B 107 -46.86 31.65 16.98
N ALA B 108 -46.66 32.84 16.41
CA ALA B 108 -45.30 33.26 16.09
C ALA B 108 -44.46 33.41 17.34
N LEU B 109 -45.07 33.79 18.45
CA LEU B 109 -44.34 34.04 19.69
C LEU B 109 -44.11 32.80 20.53
N GLN B 110 -44.98 31.80 20.41
CA GLN B 110 -44.94 30.66 21.32
C GLN B 110 -43.87 29.65 20.96
N GLN B 111 -43.38 29.66 19.74
CA GLN B 111 -42.56 28.56 19.27
C GLN B 111 -41.29 28.44 20.11
N ASN B 112 -41.04 27.23 20.58
CA ASN B 112 -39.84 26.98 21.39
C ASN B 112 -38.59 27.21 20.57
N GLY B 113 -38.60 26.81 19.32
CA GLY B 113 -37.38 26.88 18.52
C GLY B 113 -36.35 25.93 19.10
N SER B 114 -35.13 26.43 19.26
CA SER B 114 -34.12 25.67 19.97
C SER B 114 -34.39 25.81 21.47
N SER B 115 -33.42 25.45 22.29
CA SER B 115 -33.52 25.47 23.75
C SER B 115 -34.46 24.39 24.26
N VAL B 116 -35.14 23.66 23.38
CA VAL B 116 -35.87 22.47 23.81
C VAL B 116 -34.93 21.30 24.01
N LEU B 117 -33.65 21.45 23.69
CA LEU B 117 -32.67 20.40 23.91
C LEU B 117 -32.08 20.51 25.31
N SER B 118 -31.26 19.52 25.65
CA SER B 118 -30.47 19.59 26.86
C SER B 118 -29.38 20.64 26.71
N GLU B 119 -28.73 20.96 27.82
CA GLU B 119 -27.65 21.94 27.77
C GLU B 119 -26.39 21.40 27.13
N ASP B 120 -26.00 20.19 27.50
CA ASP B 120 -24.93 19.52 26.76
C ASP B 120 -25.21 19.56 25.27
N LYS B 121 -26.41 19.14 24.89
CA LYS B 121 -26.72 19.03 23.47
C LYS B 121 -26.73 20.39 22.80
N SER B 122 -27.33 21.39 23.46
CA SER B 122 -27.39 22.71 22.84
C SER B 122 -26.00 23.33 22.68
N LYS B 123 -25.14 23.18 23.67
CA LYS B 123 -23.77 23.67 23.50
C LYS B 123 -23.05 22.91 22.40
N ARG B 124 -23.24 21.60 22.34
CA ARG B 124 -22.61 20.82 21.28
C ARG B 124 -23.07 21.30 19.91
N LEU B 125 -24.33 21.69 19.79
CA LEU B 125 -24.84 22.16 18.51
C LEU B 125 -24.25 23.51 18.15
N ASN B 126 -24.30 24.45 19.10
CA ASN B 126 -23.75 25.77 18.83
C ASN B 126 -22.26 25.72 18.55
N THR B 127 -21.57 24.68 19.00
CA THR B 127 -20.16 24.59 18.66
C THR B 127 -19.93 24.16 17.21
N ILE B 128 -20.64 23.12 16.75
CA ILE B 128 -20.43 22.68 15.39
C ILE B 128 -20.92 23.69 14.38
N LEU B 129 -21.94 24.47 14.72
CA LEU B 129 -22.33 25.51 13.77
C LEU B 129 -21.19 26.49 13.52
N ASN B 130 -20.56 26.99 14.59
CA ASN B 130 -19.46 27.91 14.41
C ASN B 130 -18.26 27.25 13.77
N THR B 131 -18.00 25.99 14.10
CA THR B 131 -16.89 25.30 13.47
C THR B 131 -17.08 25.22 11.97
N MET B 132 -18.27 24.84 11.52
CA MET B 132 -18.52 24.75 10.09
C MET B 132 -18.40 26.11 9.42
N SER B 133 -19.01 27.12 10.01
CA SER B 133 -18.91 28.45 9.42
C SER B 133 -17.48 28.93 9.31
N THR B 134 -16.66 28.73 10.34
CA THR B 134 -15.27 29.15 10.30
C THR B 134 -14.46 28.37 9.28
N ILE B 135 -14.64 27.06 9.21
CA ILE B 135 -13.94 26.28 8.20
C ILE B 135 -14.24 26.81 6.83
N TYR B 136 -15.50 27.11 6.56
CA TYR B 136 -15.84 27.63 5.25
C TYR B 136 -15.22 29.00 5.02
N SER B 137 -15.19 29.82 6.05
CA SER B 137 -14.75 31.20 5.84
C SER B 137 -13.25 31.33 5.70
N THR B 138 -12.48 30.47 6.35
CA THR B 138 -11.02 30.65 6.36
C THR B 138 -10.27 29.46 5.79
N GLY B 139 -10.93 28.60 5.04
CA GLY B 139 -10.23 27.50 4.42
C GLY B 139 -9.32 27.97 3.31
N LYS B 140 -8.20 27.29 3.14
CA LYS B 140 -7.21 27.67 2.15
C LYS B 140 -6.73 26.46 1.40
N VAL B 141 -6.50 26.62 0.10
CA VAL B 141 -5.85 25.61 -0.71
C VAL B 141 -4.65 26.25 -1.39
N CYS B 142 -3.65 25.44 -1.69
CA CYS B 142 -2.47 25.99 -2.35
C CYS B 142 -1.84 25.01 -3.32
N ASN B 143 -1.16 25.61 -4.28
CA ASN B 143 -0.55 25.05 -5.47
C ASN B 143 0.18 23.76 -5.16
N PRO B 144 0.24 22.84 -6.11
CA PRO B 144 0.97 21.59 -5.86
C PRO B 144 2.47 21.73 -6.03
N ASP B 145 2.93 22.84 -6.59
CA ASP B 145 4.34 23.03 -6.90
C ASP B 145 5.02 24.09 -6.06
N ASN B 146 4.28 25.06 -5.53
CA ASN B 146 4.84 26.14 -4.70
C ASN B 146 3.99 26.26 -3.46
N PRO B 147 4.13 25.34 -2.54
CA PRO B 147 3.16 25.23 -1.44
C PRO B 147 3.14 26.41 -0.49
N GLN B 148 3.88 27.48 -0.80
CA GLN B 148 3.80 28.72 -0.05
C GLN B 148 2.92 29.76 -0.72
N GLU B 149 1.85 29.33 -1.38
CA GLU B 149 1.02 30.22 -2.20
C GLU B 149 -0.45 29.93 -1.96
N CYS B 150 -0.86 29.84 -0.70
CA CYS B 150 -2.18 29.35 -0.40
C CYS B 150 -3.24 30.42 -0.65
N LEU B 151 -4.31 30.03 -1.35
CA LEU B 151 -5.41 30.90 -1.75
C LEU B 151 -6.61 30.68 -0.86
N LEU B 152 -7.37 31.74 -0.63
CA LEU B 152 -8.65 31.60 0.03
C LEU B 152 -9.73 31.44 -1.03
N LEU B 153 -10.95 31.14 -0.58
CA LEU B 153 -12.02 31.01 -1.55
C LEU B 153 -12.43 32.37 -2.09
N GLU B 154 -12.70 33.32 -1.20
CA GLU B 154 -13.38 34.51 -1.65
C GLU B 154 -12.50 35.35 -2.58
N PRO B 155 -11.43 35.98 -2.11
CA PRO B 155 -10.65 36.73 -3.09
C PRO B 155 -9.57 35.87 -3.73
N GLY B 156 -9.94 35.05 -4.71
CA GLY B 156 -8.90 34.34 -5.42
C GLY B 156 -9.20 32.96 -5.94
N LEU B 157 -10.12 32.23 -5.33
CA LEU B 157 -10.51 30.97 -5.95
C LEU B 157 -11.68 31.17 -6.89
N ASN B 158 -12.76 31.78 -6.41
CA ASN B 158 -13.87 32.05 -7.29
C ASN B 158 -13.60 33.20 -8.23
N GLU B 159 -12.36 33.65 -8.28
CA GLU B 159 -11.89 34.47 -9.38
C GLU B 159 -11.23 33.63 -10.47
N ILE B 160 -10.42 32.64 -10.08
CA ILE B 160 -9.94 31.66 -11.04
C ILE B 160 -11.11 31.01 -11.75
N MET B 161 -12.10 30.56 -10.98
CA MET B 161 -13.22 29.85 -11.56
C MET B 161 -14.06 30.74 -12.45
N ALA B 162 -14.04 32.04 -12.24
CA ALA B 162 -14.90 32.94 -12.98
C ALA B 162 -14.22 33.54 -14.21
N ASN B 163 -12.90 33.64 -14.22
CA ASN B 163 -12.23 34.29 -15.33
C ASN B 163 -11.46 33.35 -16.25
N SER B 164 -10.93 32.26 -15.73
CA SER B 164 -9.97 31.48 -16.49
C SER B 164 -10.63 30.70 -17.61
N LEU B 165 -9.79 30.21 -18.52
CA LEU B 165 -10.24 29.35 -19.62
C LEU B 165 -9.32 28.14 -19.77
N ASP B 166 -8.43 27.90 -18.82
CA ASP B 166 -7.51 26.78 -18.87
C ASP B 166 -8.18 25.58 -18.22
N TYR B 167 -8.49 24.56 -19.00
CA TYR B 167 -9.15 23.38 -18.46
C TYR B 167 -8.44 22.87 -17.22
N ASN B 168 -7.12 22.76 -17.28
CA ASN B 168 -6.39 22.19 -16.15
C ASN B 168 -6.44 23.08 -14.93
N GLU B 169 -6.41 24.40 -15.10
CA GLU B 169 -6.44 25.27 -13.94
C GLU B 169 -7.80 25.21 -13.24
N ARG B 170 -8.87 25.29 -14.01
CA ARG B 170 -10.20 25.15 -13.44
C ARG B 170 -10.34 23.81 -12.74
N LEU B 171 -9.84 22.74 -13.36
CA LEU B 171 -9.98 21.45 -12.73
C LEU B 171 -9.21 21.38 -11.43
N TRP B 172 -7.99 21.92 -11.39
CA TRP B 172 -7.26 21.92 -10.14
C TRP B 172 -8.03 22.65 -9.06
N ALA B 173 -8.57 23.82 -9.38
CA ALA B 173 -9.29 24.58 -8.36
C ALA B 173 -10.52 23.84 -7.86
N TRP B 174 -11.36 23.39 -8.79
CA TRP B 174 -12.58 22.70 -8.43
C TRP B 174 -12.30 21.48 -7.58
N GLU B 175 -11.26 20.73 -7.91
CA GLU B 175 -11.01 19.50 -7.18
C GLU B 175 -10.41 19.79 -5.82
N SER B 176 -9.44 20.69 -5.75
CA SER B 176 -8.78 20.96 -4.48
C SER B 176 -9.72 21.60 -3.47
N TRP B 177 -10.62 22.49 -3.89
CA TRP B 177 -11.52 23.08 -2.92
C TRP B 177 -12.36 22.02 -2.24
N ARG B 178 -12.79 21.00 -2.97
CA ARG B 178 -13.61 19.97 -2.37
C ARG B 178 -12.80 18.94 -1.62
N SER B 179 -11.58 18.68 -2.06
CA SER B 179 -10.75 17.68 -1.44
C SER B 179 -10.04 18.18 -0.20
N GLU B 180 -9.95 19.49 0.00
CA GLU B 180 -9.24 20.00 1.15
C GLU B 180 -10.14 20.66 2.16
N VAL B 181 -11.32 21.12 1.78
CA VAL B 181 -12.27 21.71 2.70
C VAL B 181 -13.51 20.86 2.86
N GLY B 182 -14.02 20.31 1.77
CA GLY B 182 -15.17 19.44 1.87
C GLY B 182 -14.92 18.23 2.77
N LYS B 183 -13.67 17.78 2.84
CA LYS B 183 -13.38 16.61 3.65
C LYS B 183 -13.34 16.94 5.14
N GLN B 184 -13.32 18.20 5.52
CA GLN B 184 -13.39 18.53 6.93
C GLN B 184 -14.81 18.70 7.41
N LEU B 185 -15.74 19.00 6.52
CA LEU B 185 -17.11 19.25 6.90
C LEU B 185 -17.93 17.98 7.02
N ARG B 186 -17.45 16.85 6.52
CA ARG B 186 -18.27 15.65 6.54
C ARG B 186 -18.54 15.16 7.96
N PRO B 187 -17.53 14.91 8.79
CA PRO B 187 -17.83 14.45 10.15
C PRO B 187 -18.58 15.46 10.98
N LEU B 188 -18.59 16.73 10.58
CA LEU B 188 -19.40 17.71 11.27
C LEU B 188 -20.83 17.74 10.78
N TYR B 189 -21.03 17.55 9.48
CA TYR B 189 -22.39 17.54 8.97
C TYR B 189 -23.13 16.30 9.42
N GLU B 190 -22.45 15.17 9.47
CA GLU B 190 -23.11 13.95 9.95
C GLU B 190 -23.61 14.12 11.36
N GLU B 191 -22.90 14.89 12.18
CA GLU B 191 -23.30 15.12 13.56
C GLU B 191 -24.31 16.24 13.69
N TYR B 192 -24.31 17.18 12.76
CA TYR B 192 -25.28 18.27 12.78
C TYR B 192 -26.66 17.79 12.39
N VAL B 193 -26.73 16.85 11.45
CA VAL B 193 -28.03 16.32 11.02
C VAL B 193 -28.79 15.75 12.21
N VAL B 194 -28.10 14.98 13.06
CA VAL B 194 -28.77 14.30 14.16
C VAL B 194 -29.34 15.30 15.15
N LEU B 195 -28.52 16.25 15.58
CA LEU B 195 -28.98 17.23 16.54
C LEU B 195 -30.16 18.02 15.99
N LYS B 196 -30.07 18.43 14.73
CA LYS B 196 -31.18 19.19 14.18
C LYS B 196 -32.44 18.36 14.12
N ASN B 197 -32.32 17.08 13.80
CA ASN B 197 -33.51 16.25 13.73
C ASN B 197 -34.14 16.08 15.10
N GLU B 198 -33.31 15.94 16.14
CA GLU B 198 -33.86 15.85 17.49
C GLU B 198 -34.56 17.14 17.88
N MET B 199 -33.94 18.27 17.62
CA MET B 199 -34.56 19.55 17.95
C MET B 199 -35.86 19.73 17.21
N ALA B 200 -35.96 19.22 15.99
CA ALA B 200 -37.20 19.37 15.25
C ALA B 200 -38.27 18.39 15.70
N ARG B 201 -37.88 17.19 16.12
CA ARG B 201 -38.87 16.23 16.57
C ARG B 201 -39.42 16.60 17.93
N ALA B 202 -38.63 17.28 18.76
CA ALA B 202 -39.15 17.68 20.05
C ALA B 202 -40.24 18.73 19.94
N ASN B 203 -40.44 19.31 18.76
CA ASN B 203 -41.51 20.28 18.56
C ASN B 203 -42.62 19.74 17.67
N HIS B 204 -42.73 18.42 17.55
CA HIS B 204 -43.77 17.78 16.75
C HIS B 204 -43.69 18.22 15.29
N TYR B 205 -42.60 17.82 14.65
CA TYR B 205 -42.38 18.14 13.25
C TYR B 205 -41.90 16.98 12.40
N GLU B 206 -41.45 15.88 12.99
CA GLU B 206 -41.02 14.65 12.33
C GLU B 206 -39.67 14.72 11.63
N ASP B 207 -39.12 15.91 11.44
CA ASP B 207 -37.78 16.07 10.88
C ASP B 207 -37.50 17.55 10.76
N TYR B 208 -36.29 17.88 10.35
CA TYR B 208 -35.97 19.27 10.15
C TYR B 208 -36.61 19.80 8.87
N GLY B 209 -36.60 19.01 7.81
CA GLY B 209 -37.16 19.46 6.55
C GLY B 209 -38.59 19.94 6.70
N ASP B 210 -39.38 19.26 7.50
CA ASP B 210 -40.72 19.73 7.77
C ASP B 210 -40.70 21.03 8.55
N TYR B 211 -39.76 21.19 9.47
CA TYR B 211 -39.64 22.46 10.17
C TYR B 211 -39.38 23.59 9.22
N TRP B 212 -38.61 23.34 8.16
CA TRP B 212 -38.31 24.38 7.19
C TRP B 212 -39.51 24.68 6.32
N ARG B 213 -40.14 23.63 5.78
CA ARG B 213 -41.34 23.85 4.98
C ARG B 213 -42.46 24.47 5.80
N GLY B 214 -42.36 24.47 7.12
CA GLY B 214 -43.42 25.05 7.92
C GLY B 214 -43.62 26.54 7.77
N ASP B 215 -42.96 27.15 6.81
CA ASP B 215 -43.15 28.57 6.58
C ASP B 215 -44.26 28.87 5.58
N TYR B 216 -44.57 27.93 4.70
CA TYR B 216 -45.65 28.12 3.75
C TYR B 216 -46.98 27.59 4.27
N GLU B 217 -47.00 27.01 5.45
CA GLU B 217 -48.21 26.38 5.94
C GLU B 217 -49.26 27.41 6.32
N VAL B 218 -50.51 27.13 5.97
CA VAL B 218 -51.65 27.95 6.33
C VAL B 218 -52.73 27.03 6.86
N ASN B 219 -53.34 27.42 7.98
CA ASN B 219 -54.32 26.57 8.64
C ASN B 219 -55.58 27.36 8.98
N GLY B 220 -56.72 26.82 8.55
CA GLY B 220 -58.00 27.30 9.04
C GLY B 220 -58.46 28.63 8.48
N VAL B 221 -58.66 28.71 7.16
CA VAL B 221 -59.21 29.90 6.56
C VAL B 221 -60.33 29.47 5.62
N ASP B 222 -60.43 28.16 5.39
CA ASP B 222 -61.53 27.57 4.61
C ASP B 222 -61.54 28.11 3.19
N GLY B 223 -60.50 27.75 2.45
CA GLY B 223 -60.45 28.11 1.05
C GLY B 223 -59.05 28.50 0.63
N TYR B 224 -58.19 28.72 1.62
CA TYR B 224 -56.81 29.09 1.36
C TYR B 224 -55.83 28.23 2.15
N ASP B 225 -56.23 27.03 2.53
CA ASP B 225 -55.34 26.19 3.32
C ASP B 225 -54.15 25.75 2.49
N TYR B 226 -53.14 25.25 3.18
CA TYR B 226 -51.92 24.79 2.53
C TYR B 226 -51.20 23.87 3.50
N SER B 227 -51.09 22.61 3.16
CA SER B 227 -50.36 21.70 4.03
C SER B 227 -48.87 21.85 3.83
N ARG B 228 -48.10 21.35 4.79
CA ARG B 228 -46.66 21.39 4.64
C ARG B 228 -46.16 20.35 3.66
N GLY B 229 -46.92 19.29 3.44
CA GLY B 229 -46.53 18.32 2.45
C GLY B 229 -46.95 18.65 1.05
N GLN B 230 -47.87 19.61 0.89
CA GLN B 230 -48.31 19.98 -0.44
C GLN B 230 -47.24 20.76 -1.18
N LEU B 231 -46.35 21.42 -0.44
CA LEU B 231 -45.30 22.19 -1.08
C LEU B 231 -44.43 21.32 -1.96
N ILE B 232 -44.16 20.09 -1.52
CA ILE B 232 -43.33 19.21 -2.32
C ILE B 232 -44.00 18.92 -3.66
N GLU B 233 -45.30 18.65 -3.65
CA GLU B 233 -45.98 18.37 -4.91
C GLU B 233 -46.03 19.61 -5.79
N ASP B 234 -46.26 20.78 -5.19
CA ASP B 234 -46.25 22.00 -6.00
C ASP B 234 -44.90 22.21 -6.66
N VAL B 235 -43.82 22.01 -5.94
CA VAL B 235 -42.50 22.20 -6.52
C VAL B 235 -42.25 21.19 -7.62
N GLU B 236 -42.53 19.92 -7.36
CA GLU B 236 -42.27 18.91 -8.36
C GLU B 236 -43.15 19.06 -9.59
N HIS B 237 -44.32 19.67 -9.45
CA HIS B 237 -45.17 19.85 -10.62
C HIS B 237 -44.79 21.08 -11.41
N THR B 238 -44.39 22.15 -10.73
CA THR B 238 -43.95 23.33 -11.46
C THR B 238 -42.63 23.06 -12.15
N PHE B 239 -41.81 22.17 -11.62
CA PHE B 239 -40.56 21.89 -12.31
C PHE B 239 -40.77 21.04 -13.55
N GLU B 240 -41.90 20.36 -13.67
CA GLU B 240 -42.09 19.48 -14.80
C GLU B 240 -42.33 20.21 -16.10
N GLU B 241 -42.64 21.50 -16.06
CA GLU B 241 -42.88 22.28 -17.25
C GLU B 241 -41.70 23.12 -17.67
N ILE B 242 -40.63 23.13 -16.88
CA ILE B 242 -39.45 23.90 -17.24
C ILE B 242 -38.46 23.06 -18.02
N LYS B 243 -38.41 21.76 -17.77
CA LYS B 243 -37.49 20.89 -18.48
C LYS B 243 -37.52 21.06 -20.00
N PRO B 244 -38.66 21.25 -20.65
CA PRO B 244 -38.62 21.50 -22.09
C PRO B 244 -37.79 22.69 -22.49
N LEU B 245 -37.69 23.72 -21.65
CA LEU B 245 -36.87 24.87 -22.00
C LEU B 245 -35.45 24.73 -21.49
N TYR B 246 -35.28 24.17 -20.30
CA TYR B 246 -33.93 23.97 -19.79
C TYR B 246 -33.15 23.03 -20.69
N GLU B 247 -33.83 22.05 -21.30
CA GLU B 247 -33.11 21.13 -22.17
C GLU B 247 -32.57 21.83 -23.39
N HIS B 248 -33.37 22.70 -24.00
CA HIS B 248 -32.87 23.41 -25.16
C HIS B 248 -31.75 24.37 -24.78
N LEU B 249 -31.88 25.05 -23.65
CA LEU B 249 -30.81 25.93 -23.23
C LEU B 249 -29.53 25.16 -22.97
N HIS B 250 -29.65 24.02 -22.29
CA HIS B 250 -28.51 23.17 -22.02
C HIS B 250 -27.86 22.69 -23.30
N ALA B 251 -28.66 22.28 -24.29
CA ALA B 251 -28.09 21.83 -25.54
C ALA B 251 -27.36 22.95 -26.27
N TYR B 252 -27.95 24.13 -26.31
CA TYR B 252 -27.27 25.25 -26.96
C TYR B 252 -25.94 25.56 -26.28
N VAL B 253 -25.93 25.60 -24.96
CA VAL B 253 -24.69 25.91 -24.26
C VAL B 253 -23.66 24.82 -24.50
N ARG B 254 -24.07 23.57 -24.46
CA ARG B 254 -23.13 22.49 -24.71
C ARG B 254 -22.54 22.59 -26.10
N ALA B 255 -23.35 22.91 -27.10
CA ALA B 255 -22.80 23.07 -28.44
C ALA B 255 -21.86 24.26 -28.53
N LYS B 256 -22.12 25.32 -27.78
CA LYS B 256 -21.23 26.46 -27.81
C LYS B 256 -19.96 26.25 -26.99
N LEU B 257 -19.92 25.24 -26.13
CA LEU B 257 -18.71 24.96 -25.39
C LEU B 257 -17.77 24.03 -26.13
N MET B 258 -18.28 23.25 -27.07
CA MET B 258 -17.38 22.40 -27.81
C MET B 258 -16.49 23.15 -28.71
N ASN B 259 -16.48 24.48 -28.68
CA ASN B 259 -15.49 25.26 -29.42
C ASN B 259 -14.51 25.97 -28.52
N ALA B 260 -14.77 26.05 -27.22
CA ALA B 260 -13.81 26.63 -26.30
C ALA B 260 -13.00 25.57 -25.59
N TYR B 261 -13.52 24.35 -25.47
CA TYR B 261 -12.80 23.24 -24.88
C TYR B 261 -12.98 22.01 -25.75
N PRO B 262 -12.43 22.02 -26.95
CA PRO B 262 -12.62 20.88 -27.84
C PRO B 262 -11.96 19.65 -27.25
N SER B 263 -12.50 18.49 -27.61
CA SER B 263 -12.06 17.15 -27.19
C SER B 263 -12.41 16.83 -25.75
N TYR B 264 -13.00 17.74 -25.00
CA TYR B 264 -13.38 17.47 -23.62
C TYR B 264 -14.88 17.32 -23.42
N ILE B 265 -15.70 17.78 -24.36
CA ILE B 265 -17.14 17.75 -24.21
C ILE B 265 -17.71 16.72 -25.17
N SER B 266 -18.53 15.83 -24.65
CA SER B 266 -19.14 14.93 -25.62
C SER B 266 -20.41 15.54 -26.17
N PRO B 267 -20.69 15.40 -27.46
CA PRO B 267 -21.86 16.05 -28.05
C PRO B 267 -23.17 15.41 -27.68
N ILE B 268 -23.19 14.37 -26.85
CA ILE B 268 -24.42 13.78 -26.38
C ILE B 268 -24.44 13.59 -24.87
N GLY B 269 -23.34 13.82 -24.18
CA GLY B 269 -23.26 13.62 -22.76
C GLY B 269 -23.63 14.85 -21.98
N CYS B 270 -23.32 14.82 -20.68
CA CYS B 270 -23.60 15.93 -19.80
C CYS B 270 -22.51 16.98 -19.96
N LEU B 271 -22.49 17.95 -19.07
CA LEU B 271 -21.43 18.95 -19.06
C LEU B 271 -20.50 18.69 -17.89
N PRO B 272 -19.19 18.83 -18.03
CA PRO B 272 -18.32 18.63 -16.88
C PRO B 272 -18.54 19.75 -15.88
N ALA B 273 -18.52 19.38 -14.60
CA ALA B 273 -19.01 20.30 -13.58
C ALA B 273 -18.11 21.49 -13.35
N HIS B 274 -16.87 21.45 -13.82
CA HIS B 274 -15.95 22.53 -13.51
C HIS B 274 -15.91 23.60 -14.59
N LEU B 275 -16.71 23.49 -15.63
CA LEU B 275 -16.67 24.42 -16.74
C LEU B 275 -17.84 25.38 -16.74
N LEU B 276 -18.55 25.51 -15.63
CA LEU B 276 -19.84 26.17 -15.64
C LEU B 276 -19.81 27.61 -15.20
N GLY B 277 -18.68 28.12 -14.76
CA GLY B 277 -18.66 29.54 -14.50
C GLY B 277 -18.34 29.92 -13.07
N ASP B 278 -18.73 29.09 -12.11
CA ASP B 278 -18.35 29.34 -10.73
C ASP B 278 -18.15 28.01 -10.03
N MET B 279 -17.76 28.07 -8.77
CA MET B 279 -17.28 26.88 -8.10
C MET B 279 -18.35 25.81 -7.97
N TRP B 280 -19.62 26.15 -8.03
CA TRP B 280 -20.66 25.15 -7.85
C TRP B 280 -21.57 24.98 -9.04
N GLY B 281 -21.74 26.01 -9.85
CA GLY B 281 -22.71 25.95 -10.92
C GLY B 281 -24.04 26.55 -10.57
N ARG B 282 -24.09 27.42 -9.57
CA ARG B 282 -25.37 27.98 -9.16
C ARG B 282 -25.87 28.98 -10.18
N PHE B 283 -24.98 29.70 -10.83
CA PHE B 283 -25.33 30.64 -11.88
C PHE B 283 -24.48 30.37 -13.10
N TRP B 284 -25.09 30.40 -14.26
CA TRP B 284 -24.34 30.25 -15.49
C TRP B 284 -23.95 31.59 -16.10
N THR B 285 -24.09 32.67 -15.35
CA THR B 285 -23.99 33.97 -15.98
C THR B 285 -22.59 34.31 -16.44
N ASN B 286 -21.61 33.47 -16.19
CA ASN B 286 -20.26 33.74 -16.68
C ASN B 286 -19.98 33.09 -18.01
N LEU B 287 -20.81 32.16 -18.44
CA LEU B 287 -20.69 31.62 -19.78
C LEU B 287 -21.22 32.57 -20.82
N TYR B 288 -21.55 33.80 -20.45
CA TYR B 288 -22.13 34.70 -21.43
C TYR B 288 -21.09 35.08 -22.47
N SER B 289 -19.87 35.38 -22.04
CA SER B 289 -18.84 35.78 -22.97
C SER B 289 -18.62 34.72 -24.04
N LEU B 290 -18.70 33.45 -23.67
CA LEU B 290 -18.47 32.40 -24.63
C LEU B 290 -19.66 32.12 -25.52
N THR B 291 -20.87 32.47 -25.09
CA THR B 291 -22.06 32.02 -25.78
C THR B 291 -22.97 33.17 -26.20
N VAL B 292 -22.40 34.36 -26.41
CA VAL B 292 -23.25 35.47 -26.83
C VAL B 292 -23.73 35.21 -28.25
N PRO B 293 -25.03 35.35 -28.52
CA PRO B 293 -25.54 34.96 -29.85
C PRO B 293 -25.01 35.83 -30.98
N PHE B 294 -25.11 37.14 -30.86
CA PHE B 294 -24.64 38.07 -31.89
C PHE B 294 -23.62 38.98 -31.23
N GLY B 295 -22.37 38.54 -31.21
CA GLY B 295 -21.34 39.24 -30.46
C GLY B 295 -21.08 40.66 -30.94
N GLN B 296 -21.43 40.99 -32.17
CA GLN B 296 -21.10 42.29 -32.75
C GLN B 296 -22.17 43.33 -32.48
N LYS B 297 -23.13 43.05 -31.61
CA LYS B 297 -24.19 44.00 -31.27
C LYS B 297 -24.10 44.30 -29.78
N PRO B 298 -23.42 45.38 -29.39
CA PRO B 298 -23.27 45.67 -27.97
C PRO B 298 -24.61 46.03 -27.34
N ASN B 299 -24.94 45.34 -26.26
CA ASN B 299 -26.22 45.56 -25.60
C ASN B 299 -26.25 46.92 -24.92
N ILE B 300 -27.42 47.28 -24.41
CA ILE B 300 -27.63 48.63 -23.89
C ILE B 300 -26.74 48.86 -22.69
N ASP B 301 -26.10 50.02 -22.65
CA ASP B 301 -25.37 50.48 -21.49
C ASP B 301 -25.32 51.99 -21.53
N VAL B 302 -25.54 52.61 -20.37
CA VAL B 302 -25.57 54.05 -20.27
C VAL B 302 -24.56 54.57 -19.25
N THR B 303 -23.55 53.75 -18.93
CA THR B 303 -22.55 54.18 -17.97
C THR B 303 -21.86 55.46 -18.43
N ASP B 304 -21.64 55.59 -19.73
CA ASP B 304 -20.99 56.78 -20.25
C ASP B 304 -21.90 58.00 -20.14
N ALA B 305 -23.13 57.88 -20.65
CA ALA B 305 -24.02 59.03 -20.71
C ALA B 305 -24.40 59.55 -19.33
N MET B 306 -24.12 58.79 -18.28
CA MET B 306 -24.43 59.27 -16.93
C MET B 306 -23.33 60.21 -16.44
N VAL B 307 -22.07 59.79 -16.57
CA VAL B 307 -20.99 60.69 -16.18
C VAL B 307 -20.90 61.85 -17.15
N ASP B 308 -21.37 61.65 -18.39
CA ASP B 308 -21.33 62.73 -19.36
C ASP B 308 -22.32 63.82 -19.02
N GLN B 309 -23.52 63.45 -18.58
CA GLN B 309 -24.49 64.42 -18.11
C GLN B 309 -24.27 64.80 -16.66
N ALA B 310 -23.14 64.39 -16.07
CA ALA B 310 -22.76 64.77 -14.72
C ALA B 310 -23.82 64.36 -13.70
N TRP B 311 -23.99 63.06 -13.56
CA TRP B 311 -24.93 62.51 -12.60
C TRP B 311 -24.21 62.12 -11.32
N ASP B 312 -24.94 62.16 -10.22
CA ASP B 312 -24.42 61.85 -8.89
C ASP B 312 -25.41 60.95 -8.17
N ALA B 313 -25.01 60.50 -6.99
CA ALA B 313 -25.88 59.65 -6.19
C ALA B 313 -27.24 60.30 -5.98
N GLN B 314 -27.24 61.59 -5.66
CA GLN B 314 -28.50 62.28 -5.42
C GLN B 314 -29.40 62.23 -6.64
N ARG B 315 -28.83 62.43 -7.83
CA ARG B 315 -29.65 62.35 -9.04
C ARG B 315 -30.21 60.95 -9.23
N ILE B 316 -29.40 59.93 -8.99
CA ILE B 316 -29.87 58.55 -9.12
C ILE B 316 -31.07 58.32 -8.24
N PHE B 317 -30.94 58.63 -6.96
CA PHE B 317 -32.02 58.32 -6.05
C PHE B 317 -33.22 59.22 -6.26
N LYS B 318 -33.03 60.45 -6.72
CA LYS B 318 -34.18 61.26 -7.07
C LYS B 318 -34.93 60.65 -8.24
N GLU B 319 -34.21 60.10 -9.22
CA GLU B 319 -34.89 59.46 -10.33
C GLU B 319 -35.64 58.22 -9.88
N ALA B 320 -35.04 57.45 -8.98
CA ALA B 320 -35.73 56.27 -8.45
C ALA B 320 -37.02 56.68 -7.76
N GLU B 321 -36.94 57.67 -6.86
CA GLU B 321 -38.13 58.11 -6.17
C GLU B 321 -39.17 58.64 -7.15
N LYS B 322 -38.73 59.29 -8.22
CA LYS B 322 -39.68 59.78 -9.21
C LYS B 322 -40.38 58.62 -9.90
N PHE B 323 -39.63 57.60 -10.30
CA PHE B 323 -40.28 56.45 -10.92
C PHE B 323 -41.28 55.81 -9.97
N PHE B 324 -40.98 55.80 -8.68
CA PHE B 324 -41.89 55.13 -7.76
C PHE B 324 -43.14 55.96 -7.53
N VAL B 325 -43.01 57.27 -7.40
CA VAL B 325 -44.19 58.09 -7.20
C VAL B 325 -45.02 58.16 -8.47
N SER B 326 -44.40 57.87 -9.59
CA SER B 326 -45.09 57.88 -10.88
C SER B 326 -46.25 56.87 -10.93
N VAL B 327 -46.12 55.74 -10.25
CA VAL B 327 -47.17 54.74 -10.26
C VAL B 327 -48.19 54.94 -9.16
N GLY B 328 -47.91 55.78 -8.18
CA GLY B 328 -48.90 56.07 -7.17
C GLY B 328 -48.46 55.78 -5.74
N LEU B 329 -47.22 55.45 -5.56
CA LEU B 329 -46.73 55.18 -4.22
C LEU B 329 -46.18 56.45 -3.59
N PRO B 330 -46.14 56.53 -2.26
CA PRO B 330 -45.81 57.79 -1.61
C PRO B 330 -44.36 58.20 -1.84
N ASN B 331 -44.06 59.40 -1.38
CA ASN B 331 -42.71 59.95 -1.45
C ASN B 331 -41.80 59.24 -0.46
N MET B 332 -40.56 59.70 -0.39
CA MET B 332 -39.69 59.29 0.70
C MET B 332 -39.97 60.15 1.92
N THR B 333 -39.69 59.58 3.10
CA THR B 333 -40.14 60.18 4.34
C THR B 333 -39.40 61.45 4.72
N GLN B 334 -38.42 61.88 3.93
CA GLN B 334 -37.72 63.15 4.11
C GLN B 334 -36.80 63.11 5.32
N GLY B 335 -36.91 62.08 6.14
CA GLY B 335 -35.87 61.81 7.10
C GLY B 335 -34.92 60.86 6.42
N PHE B 336 -35.45 60.24 5.37
CA PHE B 336 -34.65 59.31 4.57
C PHE B 336 -33.50 60.02 3.90
N TRP B 337 -33.66 61.29 3.56
CA TRP B 337 -32.61 61.99 2.84
C TRP B 337 -31.46 62.39 3.74
N GLU B 338 -31.72 62.58 5.03
CA GLU B 338 -30.70 63.05 5.94
C GLU B 338 -29.89 61.92 6.55
N ASN B 339 -30.56 60.87 7.01
CA ASN B 339 -29.86 59.82 7.72
C ASN B 339 -29.18 58.81 6.79
N SER B 340 -29.70 58.66 5.58
CA SER B 340 -29.16 57.70 4.62
C SER B 340 -27.69 57.93 4.24
N MET B 341 -26.94 56.84 4.12
CA MET B 341 -25.53 56.92 3.74
C MET B 341 -25.44 56.54 2.27
N LEU B 342 -25.65 57.51 1.39
CA LEU B 342 -25.71 57.22 -0.02
C LEU B 342 -24.34 57.08 -0.65
N THR B 343 -23.38 57.91 -0.26
CA THR B 343 -22.06 57.90 -0.86
C THR B 343 -21.04 57.38 0.15
N ASP B 344 -19.97 56.83 -0.36
CA ASP B 344 -18.96 56.22 0.50
C ASP B 344 -18.22 57.29 1.31
N PRO B 345 -18.18 57.19 2.63
CA PRO B 345 -17.41 58.16 3.42
C PRO B 345 -15.92 58.00 3.14
N GLY B 346 -15.26 59.11 2.84
CA GLY B 346 -13.94 59.06 2.27
C GLY B 346 -12.78 58.64 3.16
N ASN B 347 -12.40 59.49 4.12
CA ASN B 347 -11.07 59.42 4.69
C ASN B 347 -10.78 58.11 5.43
N VAL B 348 -11.32 57.96 6.64
CA VAL B 348 -11.33 56.68 7.35
C VAL B 348 -12.66 56.58 8.07
N GLN B 349 -13.61 55.91 7.45
CA GLN B 349 -14.91 55.64 8.06
C GLN B 349 -15.35 54.24 7.68
N LYS B 350 -14.42 53.28 7.83
CA LYS B 350 -14.58 51.93 7.34
C LYS B 350 -16.00 51.42 7.53
N ALA B 351 -16.64 51.06 6.43
CA ALA B 351 -18.06 50.72 6.42
C ALA B 351 -18.23 49.48 5.56
N VAL B 352 -19.24 48.69 5.88
CA VAL B 352 -19.48 47.48 5.10
C VAL B 352 -20.27 47.85 3.86
N CYS B 353 -19.58 48.02 2.72
CA CYS B 353 -20.28 48.30 1.47
C CYS B 353 -20.93 47.03 0.96
N HIS B 354 -22.20 46.89 1.29
CA HIS B 354 -23.12 45.91 0.74
C HIS B 354 -24.49 46.55 0.78
N PRO B 355 -25.07 46.89 -0.37
CA PRO B 355 -26.29 47.72 -0.37
C PRO B 355 -27.44 47.02 0.33
N THR B 356 -27.96 47.65 1.37
CA THR B 356 -29.13 47.15 2.07
C THR B 356 -30.07 48.29 2.44
N ALA B 357 -31.29 47.91 2.80
CA ALA B 357 -32.29 48.84 3.29
C ALA B 357 -32.61 48.52 4.73
N TRP B 358 -32.70 49.55 5.56
CA TRP B 358 -32.87 49.40 7.00
C TRP B 358 -34.22 49.94 7.41
N ASP B 359 -34.87 49.18 8.28
CA ASP B 359 -36.21 49.47 8.77
C ASP B 359 -36.21 49.49 10.30
N LEU B 360 -35.31 50.29 10.87
CA LEU B 360 -35.20 50.43 12.32
C LEU B 360 -36.56 50.48 12.99
N GLY B 361 -37.49 51.24 12.43
CA GLY B 361 -38.84 51.27 12.94
C GLY B 361 -39.24 52.67 13.38
N LYS B 362 -40.46 52.77 13.88
CA LYS B 362 -41.02 54.00 14.38
C LYS B 362 -41.04 55.11 13.34
N GLY B 363 -40.89 54.78 12.07
CA GLY B 363 -40.86 55.77 11.02
C GLY B 363 -39.49 56.17 10.55
N ASP B 364 -38.49 55.30 10.68
CA ASP B 364 -37.12 55.63 10.32
C ASP B 364 -36.60 54.55 9.37
N PHE B 365 -36.62 54.85 8.08
CA PHE B 365 -36.12 53.96 7.05
C PHE B 365 -34.87 54.57 6.45
N ARG B 366 -33.85 53.75 6.22
CA ARG B 366 -32.60 54.26 5.70
C ARG B 366 -32.05 53.31 4.64
N ILE B 367 -31.03 53.77 3.95
CA ILE B 367 -30.37 52.97 2.93
C ILE B 367 -28.87 53.05 3.17
N LEU B 368 -28.20 51.91 3.07
CA LEU B 368 -26.76 51.84 3.22
C LEU B 368 -26.18 51.23 1.95
N MET B 369 -25.56 52.06 1.12
CA MET B 369 -24.89 51.55 -0.06
C MET B 369 -23.81 52.53 -0.49
N CYS B 370 -22.74 51.99 -1.07
CA CYS B 370 -21.63 52.80 -1.54
C CYS B 370 -21.77 52.95 -3.05
N THR B 371 -22.60 53.91 -3.44
CA THR B 371 -22.91 54.09 -4.85
C THR B 371 -21.72 54.56 -5.65
N LYS B 372 -21.76 54.24 -6.95
CA LYS B 372 -20.83 54.75 -7.93
C LYS B 372 -21.63 54.96 -9.21
N VAL B 373 -21.41 56.06 -9.91
CA VAL B 373 -22.18 56.30 -11.12
C VAL B 373 -21.87 55.20 -12.12
N THR B 374 -22.87 54.36 -12.38
CA THR B 374 -22.75 53.20 -13.25
C THR B 374 -24.15 52.85 -13.72
N MET B 375 -24.29 51.78 -14.48
CA MET B 375 -25.63 51.29 -14.77
C MET B 375 -26.10 50.31 -13.71
N ASP B 376 -25.19 49.51 -13.16
CA ASP B 376 -25.59 48.54 -12.15
C ASP B 376 -26.17 49.24 -10.92
N ASP B 377 -25.49 50.25 -10.42
CA ASP B 377 -26.01 50.97 -9.28
C ASP B 377 -27.33 51.65 -9.60
N PHE B 378 -27.55 52.01 -10.86
CA PHE B 378 -28.83 52.58 -11.22
C PHE B 378 -29.97 51.57 -11.06
N LEU B 379 -29.66 50.27 -11.10
CA LEU B 379 -30.70 49.27 -10.88
C LEU B 379 -30.75 48.85 -9.42
N THR B 380 -29.59 48.79 -8.76
CA THR B 380 -29.59 48.47 -7.35
C THR B 380 -30.32 49.54 -6.55
N ALA B 381 -30.29 50.78 -7.01
CA ALA B 381 -31.07 51.81 -6.35
C ALA B 381 -32.55 51.46 -6.40
N HIS B 382 -33.04 51.01 -7.54
CA HIS B 382 -34.44 50.65 -7.64
C HIS B 382 -34.77 49.43 -6.80
N HIS B 383 -33.88 48.45 -6.76
CA HIS B 383 -34.08 47.30 -5.88
C HIS B 383 -34.28 47.75 -4.43
N GLU B 384 -33.33 48.53 -3.92
CA GLU B 384 -33.39 48.95 -2.53
C GLU B 384 -34.62 49.79 -2.26
N MET B 385 -34.92 50.73 -3.13
CA MET B 385 -36.10 51.53 -2.89
C MET B 385 -37.37 50.72 -2.99
N GLY B 386 -37.37 49.61 -3.74
CA GLY B 386 -38.50 48.72 -3.70
C GLY B 386 -38.67 48.09 -2.34
N HIS B 387 -37.57 47.60 -1.77
CA HIS B 387 -37.65 47.09 -0.40
C HIS B 387 -38.24 48.14 0.53
N ILE B 388 -37.76 49.37 0.43
CA ILE B 388 -38.20 50.41 1.35
C ILE B 388 -39.68 50.69 1.16
N GLN B 389 -40.12 50.80 -0.09
CA GLN B 389 -41.54 51.02 -0.34
C GLN B 389 -42.40 49.88 0.17
N TYR B 390 -41.85 48.66 0.20
CA TYR B 390 -42.58 47.57 0.85
C TYR B 390 -42.68 47.83 2.34
N ASP B 391 -41.58 48.22 2.97
CA ASP B 391 -41.59 48.40 4.42
C ASP B 391 -42.47 49.58 4.84
N MET B 392 -42.51 50.63 4.02
CA MET B 392 -43.35 51.76 4.36
C MET B 392 -44.83 51.43 4.27
N ALA B 393 -45.20 50.29 3.70
CA ALA B 393 -46.60 49.98 3.51
C ALA B 393 -47.20 49.34 4.76
N TYR B 394 -46.62 48.24 5.23
CA TYR B 394 -47.19 47.54 6.35
C TYR B 394 -46.74 48.10 7.69
N ALA B 395 -46.25 49.33 7.72
CA ALA B 395 -45.78 49.88 8.97
C ALA B 395 -46.89 50.14 9.98
N ALA B 396 -48.14 49.96 9.59
CA ALA B 396 -49.26 50.14 10.51
C ALA B 396 -49.73 48.82 11.12
N GLN B 397 -48.93 47.80 11.08
CA GLN B 397 -49.31 46.49 11.59
C GLN B 397 -48.70 46.26 12.95
N PRO B 398 -49.22 45.30 13.71
CA PRO B 398 -48.56 44.91 14.95
C PRO B 398 -47.14 44.45 14.70
N PHE B 399 -46.28 44.65 15.70
CA PHE B 399 -44.84 44.46 15.49
C PHE B 399 -44.53 43.08 14.96
N LEU B 400 -45.26 42.07 15.42
CA LEU B 400 -44.94 40.71 15.00
C LEU B 400 -45.44 40.40 13.60
N LEU B 401 -46.22 41.28 12.99
CA LEU B 401 -46.75 41.06 11.65
C LEU B 401 -46.18 42.07 10.66
N ARG B 402 -44.90 42.36 10.79
CA ARG B 402 -44.21 43.24 9.86
C ARG B 402 -43.17 42.39 9.13
N ASN B 403 -43.59 41.85 7.99
CA ASN B 403 -42.75 41.01 7.15
C ASN B 403 -43.55 40.68 5.91
N GLY B 404 -42.86 40.20 4.88
CA GLY B 404 -43.56 39.73 3.70
C GLY B 404 -44.48 38.57 4.01
N ALA B 405 -45.43 38.34 3.12
CA ALA B 405 -46.40 37.28 3.35
C ALA B 405 -45.73 35.94 3.59
N ASN B 406 -44.61 35.69 2.93
CA ASN B 406 -43.74 34.59 3.31
C ASN B 406 -42.32 34.98 2.97
N GLU B 407 -41.41 34.01 2.99
CA GLU B 407 -40.01 34.34 2.81
C GLU B 407 -39.67 34.74 1.38
N GLY B 408 -40.55 34.53 0.43
CA GLY B 408 -40.20 34.80 -0.94
C GLY B 408 -40.76 36.09 -1.50
N PHE B 409 -41.66 36.74 -0.77
CA PHE B 409 -42.32 37.90 -1.35
C PHE B 409 -41.42 39.11 -1.41
N HIS B 410 -40.54 39.27 -0.43
CA HIS B 410 -39.82 40.52 -0.30
C HIS B 410 -38.90 40.75 -1.49
N GLU B 411 -38.04 39.77 -1.79
CA GLU B 411 -37.15 39.96 -2.91
C GLU B 411 -37.87 39.94 -4.24
N ALA B 412 -39.02 39.28 -4.33
CA ALA B 412 -39.77 39.34 -5.58
C ALA B 412 -40.29 40.74 -5.85
N VAL B 413 -40.90 41.36 -4.84
CA VAL B 413 -41.36 42.73 -5.00
C VAL B 413 -40.19 43.65 -5.29
N GLY B 414 -39.06 43.41 -4.64
CA GLY B 414 -37.89 44.22 -4.95
C GLY B 414 -37.39 44.02 -6.36
N GLU B 415 -37.54 42.81 -6.90
CA GLU B 415 -36.93 42.50 -8.17
C GLU B 415 -37.74 43.01 -9.34
N ILE B 416 -39.07 43.01 -9.23
CA ILE B 416 -39.83 43.46 -10.39
C ILE B 416 -39.55 44.93 -10.71
N MET B 417 -39.17 45.72 -9.71
CA MET B 417 -38.87 47.12 -9.97
C MET B 417 -37.66 47.28 -10.85
N SER B 418 -36.56 46.63 -10.49
CA SER B 418 -35.38 46.68 -11.35
C SER B 418 -35.63 46.01 -12.68
N LEU B 419 -36.53 45.02 -12.70
CA LEU B 419 -36.88 44.40 -13.97
C LEU B 419 -37.50 45.42 -14.91
N SER B 420 -38.42 46.22 -14.41
CA SER B 420 -39.09 47.18 -15.27
C SER B 420 -38.26 48.43 -15.53
N ALA B 421 -37.34 48.78 -14.65
CA ALA B 421 -36.59 50.01 -14.80
C ALA B 421 -35.32 49.84 -15.62
N ALA B 422 -35.20 48.77 -16.38
CA ALA B 422 -34.07 48.57 -17.27
C ALA B 422 -34.46 48.50 -18.72
N THR B 423 -35.71 48.70 -19.04
CA THR B 423 -36.13 48.63 -20.42
C THR B 423 -35.71 49.90 -21.15
N PRO B 424 -35.34 49.80 -22.43
CA PRO B 424 -35.02 51.01 -23.19
C PRO B 424 -36.17 51.99 -23.24
N LYS B 425 -37.41 51.49 -23.27
CA LYS B 425 -38.55 52.39 -23.27
C LYS B 425 -38.54 53.31 -22.06
N HIS B 426 -37.98 52.86 -20.95
CA HIS B 426 -37.89 53.70 -19.77
C HIS B 426 -36.66 54.57 -19.79
N LEU B 427 -35.54 54.04 -20.28
CA LEU B 427 -34.30 54.80 -20.27
C LEU B 427 -34.38 56.00 -21.20
N LYS B 428 -34.87 55.79 -22.42
CA LYS B 428 -35.00 56.92 -23.32
C LYS B 428 -36.01 57.93 -22.81
N SER B 429 -36.97 57.49 -21.99
CA SER B 429 -37.87 58.46 -21.38
C SER B 429 -37.17 59.26 -20.30
N ILE B 430 -36.25 58.64 -19.56
CA ILE B 430 -35.44 59.39 -18.62
C ILE B 430 -34.59 60.41 -19.36
N GLY B 431 -33.91 59.96 -20.41
CA GLY B 431 -33.04 60.84 -21.16
C GLY B 431 -31.66 60.26 -21.37
N LEU B 432 -31.40 59.11 -20.78
CA LEU B 432 -30.08 58.49 -20.90
C LEU B 432 -29.84 57.87 -22.25
N LEU B 433 -30.79 57.93 -23.18
CA LEU B 433 -30.62 57.36 -24.50
C LEU B 433 -30.88 58.41 -25.57
N SER B 434 -30.43 58.12 -26.77
CA SER B 434 -30.78 58.95 -27.91
C SER B 434 -32.30 58.93 -28.09
N PRO B 435 -32.90 60.06 -28.47
CA PRO B 435 -34.37 60.11 -28.54
C PRO B 435 -34.96 59.12 -29.54
N ASP B 436 -34.18 58.66 -30.52
CA ASP B 436 -34.69 57.67 -31.46
C ASP B 436 -34.29 56.27 -31.03
N PHE B 437 -32.98 55.98 -31.03
CA PHE B 437 -32.42 54.69 -30.67
C PHE B 437 -33.23 53.51 -31.21
N GLN B 438 -33.29 53.35 -32.52
CA GLN B 438 -34.01 52.23 -33.08
C GLN B 438 -33.43 50.91 -32.58
N GLU B 439 -34.29 50.10 -31.97
CA GLU B 439 -33.88 48.79 -31.47
C GLU B 439 -34.07 47.73 -32.56
N ASP B 440 -33.43 46.59 -32.36
CA ASP B 440 -33.46 45.51 -33.33
C ASP B 440 -33.72 44.19 -32.62
N ASN B 441 -34.23 43.23 -33.38
CA ASN B 441 -34.52 41.94 -32.79
C ASN B 441 -33.28 41.11 -32.53
N GLU B 442 -32.08 41.70 -32.64
CA GLU B 442 -30.88 41.00 -32.24
C GLU B 442 -30.45 41.35 -30.83
N THR B 443 -30.55 42.62 -30.46
CA THR B 443 -30.34 42.98 -29.06
C THR B 443 -31.39 42.34 -28.17
N GLU B 444 -32.59 42.12 -28.68
CA GLU B 444 -33.60 41.41 -27.91
C GLU B 444 -33.08 40.05 -27.48
N ILE B 445 -32.53 39.28 -28.42
CA ILE B 445 -32.03 37.96 -28.08
C ILE B 445 -30.80 38.07 -27.20
N ASN B 446 -29.93 39.02 -27.51
CA ASN B 446 -28.75 39.21 -26.67
C ASN B 446 -29.13 39.51 -25.24
N PHE B 447 -30.29 40.11 -25.02
CA PHE B 447 -30.72 40.43 -23.68
C PHE B 447 -31.42 39.24 -23.03
N LEU B 448 -32.32 38.60 -23.76
CA LEU B 448 -33.05 37.49 -23.19
C LEU B 448 -32.13 36.36 -22.81
N LEU B 449 -31.08 36.14 -23.59
CA LEU B 449 -30.17 35.06 -23.25
C LEU B 449 -29.41 35.37 -21.98
N LYS B 450 -28.86 36.57 -21.89
CA LYS B 450 -28.18 36.96 -20.65
C LYS B 450 -29.10 36.85 -19.46
N GLN B 451 -30.39 37.06 -19.65
CA GLN B 451 -31.32 36.84 -18.56
C GLN B 451 -31.48 35.37 -18.24
N ALA B 452 -31.61 34.53 -19.26
CA ALA B 452 -31.90 33.13 -19.03
C ALA B 452 -30.73 32.39 -18.40
N LEU B 453 -29.51 32.87 -18.58
CA LEU B 453 -28.40 32.21 -17.92
C LEU B 453 -28.42 32.42 -16.42
N THR B 454 -29.08 33.46 -15.94
CA THR B 454 -29.20 33.68 -14.52
C THR B 454 -30.49 33.11 -13.95
N ILE B 455 -31.61 33.38 -14.60
CA ILE B 455 -32.89 32.94 -14.08
C ILE B 455 -33.04 31.44 -14.25
N VAL B 456 -33.04 30.97 -15.48
CA VAL B 456 -33.36 29.57 -15.71
C VAL B 456 -32.22 28.66 -15.29
N GLY B 457 -30.98 29.03 -15.60
CA GLY B 457 -29.86 28.16 -15.27
C GLY B 457 -29.76 27.80 -13.81
N THR B 458 -30.43 28.54 -12.93
CA THR B 458 -30.36 28.29 -11.51
C THR B 458 -31.56 27.54 -10.97
N LEU B 459 -32.57 27.27 -11.78
CA LEU B 459 -33.73 26.60 -11.21
C LEU B 459 -33.48 25.12 -11.02
N PRO B 460 -32.88 24.41 -11.98
CA PRO B 460 -32.61 23.00 -11.72
C PRO B 460 -31.63 22.78 -10.60
N PHE B 461 -30.67 23.68 -10.41
CA PHE B 461 -29.75 23.52 -9.30
C PHE B 461 -30.48 23.62 -7.99
N THR B 462 -31.18 24.74 -7.77
CA THR B 462 -31.92 24.94 -6.53
C THR B 462 -32.81 23.75 -6.24
N TYR B 463 -33.76 23.47 -7.11
CA TYR B 463 -34.68 22.36 -6.89
C TYR B 463 -33.95 21.06 -6.62
N MET B 464 -32.77 20.89 -7.20
CA MET B 464 -32.06 19.65 -6.91
C MET B 464 -31.49 19.67 -5.50
N LEU B 465 -30.79 20.73 -5.14
CA LEU B 465 -30.15 20.77 -3.83
C LEU B 465 -31.16 20.60 -2.73
N GLU B 466 -32.22 21.40 -2.74
CA GLU B 466 -33.21 21.29 -1.69
C GLU B 466 -33.92 19.94 -1.71
N LYS B 467 -33.93 19.25 -2.83
CA LYS B 467 -34.51 17.91 -2.81
C LYS B 467 -33.59 16.93 -2.12
N TRP B 468 -32.28 17.15 -2.21
CA TRP B 468 -31.35 16.29 -1.51
C TRP B 468 -31.50 16.45 -0.01
N ARG B 469 -31.44 17.69 0.48
CA ARG B 469 -31.54 17.90 1.92
C ARG B 469 -32.83 17.36 2.49
N TRP B 470 -33.95 17.61 1.82
CA TRP B 470 -35.22 17.09 2.31
C TRP B 470 -35.16 15.58 2.46
N MET B 471 -34.42 14.91 1.57
CA MET B 471 -34.34 13.46 1.66
C MET B 471 -33.31 13.02 2.68
N VAL B 472 -32.34 13.87 3.01
CA VAL B 472 -31.33 13.48 3.98
C VAL B 472 -31.87 13.61 5.39
N PHE B 473 -32.56 14.70 5.67
CA PHE B 473 -33.16 14.87 6.99
C PHE B 473 -34.21 13.81 7.24
N LYS B 474 -34.99 13.49 6.22
CA LYS B 474 -36.08 12.52 6.38
C LYS B 474 -35.55 11.15 6.73
N GLY B 475 -34.41 10.76 6.19
CA GLY B 475 -33.86 9.45 6.41
C GLY B 475 -33.90 8.54 5.21
N GLU B 476 -34.39 9.01 4.07
CA GLU B 476 -34.46 8.16 2.89
C GLU B 476 -33.10 7.89 2.28
N ILE B 477 -32.04 8.51 2.77
CA ILE B 477 -30.70 8.23 2.27
C ILE B 477 -29.83 7.84 3.46
N PRO B 478 -29.44 6.58 3.58
CA PRO B 478 -28.54 6.19 4.66
C PRO B 478 -27.18 6.85 4.48
N LYS B 479 -26.55 7.16 5.58
CA LYS B 479 -25.38 8.03 5.47
C LYS B 479 -24.23 7.40 4.80
N ASP B 480 -24.32 6.19 4.26
CA ASP B 480 -23.25 5.66 3.43
C ASP B 480 -23.53 5.85 1.95
N GLN B 481 -24.56 6.62 1.61
CA GLN B 481 -24.92 6.83 0.22
C GLN B 481 -25.25 8.28 -0.06
N TRP B 482 -24.63 9.20 0.66
CA TRP B 482 -24.91 10.60 0.43
C TRP B 482 -24.32 11.06 -0.89
N MET B 483 -23.04 10.79 -1.11
CA MET B 483 -22.43 11.22 -2.36
C MET B 483 -22.98 10.47 -3.55
N LYS B 484 -23.32 9.20 -3.39
CA LYS B 484 -23.89 8.45 -4.50
C LYS B 484 -25.19 9.09 -4.97
N LYS B 485 -26.09 9.38 -4.05
CA LYS B 485 -27.33 10.04 -4.41
C LYS B 485 -27.08 11.44 -4.95
N TRP B 486 -26.13 12.16 -4.38
CA TRP B 486 -25.85 13.51 -4.86
C TRP B 486 -25.45 13.48 -6.33
N TRP B 487 -24.51 12.63 -6.69
CA TRP B 487 -24.06 12.62 -8.06
C TRP B 487 -24.96 11.82 -8.98
N GLU B 488 -25.94 11.10 -8.47
CA GLU B 488 -26.98 10.60 -9.35
C GLU B 488 -27.98 11.67 -9.70
N MET B 489 -28.44 12.41 -8.69
CA MET B 489 -29.38 13.49 -8.95
C MET B 489 -28.77 14.58 -9.79
N LYS B 490 -27.47 14.83 -9.65
CA LYS B 490 -26.87 15.84 -10.51
C LYS B 490 -26.95 15.43 -11.97
N ARG B 491 -26.62 14.18 -12.28
CA ARG B 491 -26.65 13.74 -13.67
C ARG B 491 -28.06 13.67 -14.20
N GLU B 492 -29.01 13.32 -13.35
CA GLU B 492 -30.38 13.15 -13.85
C GLU B 492 -31.11 14.47 -13.99
N ILE B 493 -31.12 15.29 -12.95
CA ILE B 493 -31.90 16.52 -12.97
C ILE B 493 -31.12 17.64 -13.65
N VAL B 494 -29.99 18.03 -13.08
CA VAL B 494 -29.28 19.20 -13.56
C VAL B 494 -28.61 18.94 -14.88
N GLY B 495 -28.04 17.76 -15.05
CA GLY B 495 -27.41 17.42 -16.30
C GLY B 495 -25.93 17.68 -16.37
N VAL B 496 -25.23 17.70 -15.24
CA VAL B 496 -23.79 17.87 -15.21
C VAL B 496 -23.18 16.66 -14.54
N VAL B 497 -21.91 16.42 -14.85
CA VAL B 497 -21.21 15.22 -14.42
C VAL B 497 -19.92 15.62 -13.72
N GLU B 498 -19.50 14.83 -12.84
CA GLU B 498 -18.30 15.25 -12.15
C GLU B 498 -17.07 14.78 -12.90
N PRO B 499 -15.96 15.52 -12.82
CA PRO B 499 -14.76 15.13 -13.57
C PRO B 499 -13.87 14.13 -12.86
N VAL B 500 -14.13 13.83 -11.59
CA VAL B 500 -13.28 12.91 -10.83
C VAL B 500 -14.17 12.21 -9.80
N PRO B 501 -14.05 10.90 -9.63
CA PRO B 501 -14.96 10.19 -8.72
C PRO B 501 -14.83 10.69 -7.29
N HIS B 502 -15.90 10.52 -6.53
CA HIS B 502 -15.94 11.00 -5.15
C HIS B 502 -16.57 9.92 -4.28
N ASP B 503 -15.77 9.34 -3.38
CA ASP B 503 -16.25 8.30 -2.49
C ASP B 503 -17.02 8.94 -1.33
N GLU B 504 -17.26 8.16 -0.28
CA GLU B 504 -18.03 8.62 0.86
C GLU B 504 -17.20 9.30 1.92
N THR B 505 -16.00 9.75 1.58
CA THR B 505 -15.23 10.57 2.50
C THR B 505 -15.38 12.05 2.21
N TYR B 506 -15.95 12.41 1.07
CA TYR B 506 -16.14 13.79 0.68
C TYR B 506 -17.49 14.29 1.18
N CYS B 507 -17.71 15.59 1.05
CA CYS B 507 -19.04 16.15 1.24
C CYS B 507 -19.14 17.39 0.34
N ASP B 508 -19.64 17.20 -0.85
CA ASP B 508 -19.69 18.29 -1.81
C ASP B 508 -20.79 19.30 -1.52
N PRO B 509 -21.96 18.91 -1.04
CA PRO B 509 -22.96 19.94 -0.72
C PRO B 509 -22.54 20.83 0.41
N ALA B 510 -21.82 20.30 1.40
CA ALA B 510 -21.40 21.12 2.53
C ALA B 510 -20.44 22.23 2.13
N SER B 511 -19.88 22.18 0.94
CA SER B 511 -18.95 23.20 0.48
C SER B 511 -19.65 24.37 -0.18
N LEU B 512 -20.90 24.61 0.20
CA LEU B 512 -21.68 25.72 -0.32
C LEU B 512 -22.12 26.57 0.86
N PHE B 513 -22.26 27.88 0.63
CA PHE B 513 -22.47 28.78 1.75
C PHE B 513 -23.72 28.42 2.53
N HIS B 514 -24.83 28.24 1.83
CA HIS B 514 -26.10 28.04 2.51
C HIS B 514 -26.16 26.70 3.22
N VAL B 515 -25.50 25.69 2.69
CA VAL B 515 -25.58 24.38 3.31
C VAL B 515 -24.83 24.37 4.63
N SER B 516 -23.61 24.87 4.62
CA SER B 516 -22.79 24.82 5.82
C SER B 516 -23.19 25.83 6.87
N ASN B 517 -23.92 26.88 6.50
CA ASN B 517 -24.33 27.88 7.45
C ASN B 517 -25.81 27.79 7.79
N ASP B 518 -26.48 26.72 7.38
CA ASP B 518 -27.83 26.43 7.82
C ASP B 518 -28.83 27.51 7.42
N TYR B 519 -29.00 27.67 6.12
CA TYR B 519 -30.01 28.57 5.58
C TYR B 519 -30.97 27.79 4.70
N SER B 520 -32.25 28.13 4.77
CA SER B 520 -33.20 27.52 3.88
C SER B 520 -32.92 27.96 2.46
N PHE B 521 -33.03 27.03 1.52
CA PHE B 521 -32.67 27.31 0.14
C PHE B 521 -33.85 27.34 -0.80
N ILE B 522 -35.05 27.00 -0.36
CA ILE B 522 -36.19 26.99 -1.26
C ILE B 522 -36.72 28.38 -1.53
N ARG B 523 -36.40 29.36 -0.69
CA ARG B 523 -36.87 30.70 -0.94
C ARG B 523 -36.33 31.27 -2.23
N TYR B 524 -35.34 30.64 -2.84
CA TYR B 524 -34.83 31.09 -4.12
C TYR B 524 -35.56 30.47 -5.28
N TYR B 525 -36.24 29.36 -5.07
CA TYR B 525 -37.07 28.80 -6.12
C TYR B 525 -38.35 29.58 -6.26
N THR B 526 -39.16 29.61 -5.22
CA THR B 526 -40.44 30.28 -5.29
C THR B 526 -40.30 31.75 -5.66
N ARG B 527 -39.28 32.41 -5.14
CA ARG B 527 -39.09 33.82 -5.47
C ARG B 527 -38.98 34.02 -6.97
N THR B 528 -38.35 33.08 -7.67
CA THR B 528 -38.22 33.22 -9.10
C THR B 528 -39.57 33.12 -9.78
N LEU B 529 -40.48 32.33 -9.24
CA LEU B 529 -41.78 32.19 -9.86
C LEU B 529 -42.63 33.43 -9.64
N TYR B 530 -42.90 33.79 -8.38
CA TYR B 530 -43.71 34.96 -8.10
C TYR B 530 -43.24 36.16 -8.89
N GLN B 531 -41.93 36.37 -8.95
CA GLN B 531 -41.38 37.56 -9.58
C GLN B 531 -41.95 37.78 -10.96
N PHE B 532 -42.34 36.72 -11.65
CA PHE B 532 -42.94 36.89 -12.97
C PHE B 532 -44.44 36.94 -12.95
N GLN B 533 -45.09 36.15 -12.10
CA GLN B 533 -46.53 36.25 -11.96
C GLN B 533 -46.95 37.70 -11.75
N PHE B 534 -46.41 38.33 -10.70
CA PHE B 534 -46.64 39.76 -10.51
C PHE B 534 -46.41 40.51 -11.81
N GLN B 535 -45.23 40.35 -12.40
CA GLN B 535 -44.88 41.15 -13.56
C GLN B 535 -45.90 40.96 -14.67
N GLU B 536 -46.51 39.80 -14.74
CA GLU B 536 -47.55 39.61 -15.74
C GLU B 536 -48.81 40.36 -15.38
N ALA B 537 -49.30 40.15 -14.15
CA ALA B 537 -50.58 40.76 -13.77
C ALA B 537 -50.53 42.26 -13.88
N LEU B 538 -49.52 42.90 -13.27
CA LEU B 538 -49.38 44.34 -13.42
C LEU B 538 -49.31 44.73 -14.88
N CYS B 539 -48.62 43.93 -15.70
CA CYS B 539 -48.50 44.27 -17.11
C CYS B 539 -49.87 44.41 -17.76
N GLN B 540 -50.84 43.62 -17.31
CA GLN B 540 -52.19 43.75 -17.87
C GLN B 540 -52.85 45.04 -17.40
N ALA B 541 -52.67 45.39 -16.13
CA ALA B 541 -53.31 46.59 -15.62
C ALA B 541 -52.79 47.84 -16.32
N ALA B 542 -51.58 47.80 -16.86
CA ALA B 542 -51.03 48.91 -17.61
C ALA B 542 -51.39 48.85 -19.08
N LYS B 543 -52.13 47.82 -19.50
CA LYS B 543 -52.56 47.66 -20.88
C LYS B 543 -51.36 47.65 -21.83
N HIS B 544 -50.53 46.63 -21.65
CA HIS B 544 -49.36 46.43 -22.49
C HIS B 544 -49.70 45.45 -23.61
N GLU B 545 -49.02 45.62 -24.74
CA GLU B 545 -49.39 44.95 -25.98
C GLU B 545 -48.34 43.96 -26.47
N GLY B 546 -47.11 44.42 -26.66
CA GLY B 546 -46.09 43.61 -27.28
C GLY B 546 -45.59 42.49 -26.39
N PRO B 547 -44.35 42.08 -26.58
CA PRO B 547 -43.80 40.99 -25.77
C PRO B 547 -43.78 41.39 -24.31
N LEU B 548 -43.70 40.38 -23.45
CA LEU B 548 -43.70 40.67 -22.02
C LEU B 548 -42.41 41.35 -21.61
N HIS B 549 -41.30 40.98 -22.20
CA HIS B 549 -40.03 41.52 -21.74
C HIS B 549 -39.85 42.94 -22.09
N LYS B 550 -40.84 43.62 -22.64
CA LYS B 550 -40.76 45.06 -22.85
C LYS B 550 -41.78 45.80 -22.01
N CYS B 551 -42.41 45.13 -21.06
CA CYS B 551 -43.40 45.77 -20.22
C CYS B 551 -42.78 46.90 -19.42
N ASP B 552 -43.60 47.86 -19.05
CA ASP B 552 -43.15 48.99 -18.25
C ASP B 552 -44.37 49.54 -17.52
N ILE B 553 -44.32 49.51 -16.20
CA ILE B 553 -45.49 49.85 -15.41
C ILE B 553 -45.56 51.33 -15.04
N SER B 554 -44.56 52.11 -15.43
CA SER B 554 -44.53 53.54 -15.10
C SER B 554 -45.71 54.33 -15.69
N ASN B 555 -46.15 55.35 -14.95
CA ASN B 555 -47.24 56.20 -15.37
C ASN B 555 -48.59 55.50 -15.34
N SER B 556 -48.66 54.34 -14.70
CA SER B 556 -49.90 53.56 -14.64
C SER B 556 -50.31 53.45 -13.18
N THR B 557 -51.40 54.12 -12.82
CA THR B 557 -51.83 54.15 -11.43
C THR B 557 -52.57 52.90 -11.00
N GLU B 558 -53.28 52.24 -11.92
CA GLU B 558 -53.98 51.02 -11.55
C GLU B 558 -53.00 49.93 -11.13
N ALA B 559 -51.84 49.89 -11.78
CA ALA B 559 -50.80 48.97 -11.35
C ALA B 559 -50.38 49.27 -9.92
N GLY B 560 -50.14 50.54 -9.63
CA GLY B 560 -49.82 50.92 -8.27
C GLY B 560 -50.87 50.51 -7.26
N GLN B 561 -52.14 50.63 -7.62
CA GLN B 561 -53.19 50.24 -6.71
C GLN B 561 -53.24 48.73 -6.49
N LYS B 562 -53.16 47.96 -7.58
CA LYS B 562 -53.15 46.51 -7.42
C LYS B 562 -51.97 46.07 -6.57
N LEU B 563 -50.84 46.76 -6.71
CA LEU B 563 -49.67 46.38 -5.92
C LEU B 563 -49.85 46.75 -4.46
N PHE B 564 -50.34 47.97 -4.22
CA PHE B 564 -50.49 48.44 -2.85
C PHE B 564 -51.47 47.58 -2.07
N ASN B 565 -52.56 47.14 -2.70
CA ASN B 565 -53.53 46.34 -1.98
C ASN B 565 -52.98 45.01 -1.51
N MET B 566 -51.79 44.62 -1.97
CA MET B 566 -51.11 43.46 -1.43
C MET B 566 -49.96 43.85 -0.52
N LEU B 567 -49.26 44.93 -0.86
CA LEU B 567 -48.15 45.38 -0.03
C LEU B 567 -48.61 45.67 1.37
N ARG B 568 -49.73 46.35 1.52
CA ARG B 568 -50.11 46.87 2.82
C ARG B 568 -50.68 45.83 3.76
N LEU B 569 -50.47 44.54 3.49
CA LEU B 569 -51.02 43.50 4.34
C LEU B 569 -50.03 42.97 5.36
N GLY B 570 -48.78 42.75 4.95
CA GLY B 570 -47.87 42.08 5.85
C GLY B 570 -48.28 40.62 5.99
N LYS B 571 -47.99 40.04 7.16
CA LYS B 571 -48.36 38.67 7.43
C LYS B 571 -49.77 38.54 7.98
N SER B 572 -50.58 39.60 7.89
CA SER B 572 -51.92 39.55 8.45
C SER B 572 -52.73 38.42 7.83
N GLU B 573 -52.69 38.29 6.52
CA GLU B 573 -53.46 37.30 5.81
C GLU B 573 -52.56 36.14 5.40
N PRO B 574 -53.14 34.97 5.17
CA PRO B 574 -52.35 33.88 4.60
C PRO B 574 -51.81 34.29 3.24
N TRP B 575 -50.62 33.81 2.92
CA TRP B 575 -49.98 34.28 1.71
C TRP B 575 -50.77 33.89 0.47
N THR B 576 -51.56 32.83 0.55
CA THR B 576 -52.39 32.44 -0.59
C THR B 576 -53.50 33.45 -0.85
N LEU B 577 -53.84 34.28 0.12
CA LEU B 577 -54.81 35.33 -0.14
C LEU B 577 -54.15 36.56 -0.72
N ALA B 578 -53.00 36.96 -0.18
CA ALA B 578 -52.29 38.09 -0.73
C ALA B 578 -51.89 37.83 -2.16
N LEU B 579 -51.44 36.61 -2.46
CA LEU B 579 -51.10 36.26 -3.83
C LEU B 579 -52.31 36.34 -4.74
N GLU B 580 -53.49 35.96 -4.23
CA GLU B 580 -54.68 36.04 -5.04
C GLU B 580 -55.12 37.48 -5.28
N ASN B 581 -54.84 38.36 -4.32
CA ASN B 581 -55.23 39.76 -4.45
C ASN B 581 -54.63 40.42 -5.69
N VAL B 582 -53.57 39.86 -6.25
CA VAL B 582 -52.88 40.43 -7.39
C VAL B 582 -53.05 39.56 -8.63
N VAL B 583 -52.58 38.33 -8.57
CA VAL B 583 -52.59 37.48 -9.75
C VAL B 583 -54.01 37.09 -10.13
N GLY B 584 -54.73 36.49 -9.20
CA GLY B 584 -56.03 35.92 -9.47
C GLY B 584 -56.11 34.44 -9.20
N ALA B 585 -55.00 33.79 -8.91
CA ALA B 585 -54.97 32.39 -8.54
C ALA B 585 -54.49 32.26 -7.10
N LYS B 586 -54.37 31.03 -6.63
CA LYS B 586 -53.92 30.78 -5.28
C LYS B 586 -52.67 29.90 -5.22
N ASN B 587 -52.04 29.63 -6.35
CA ASN B 587 -50.86 28.79 -6.36
C ASN B 587 -49.81 29.41 -7.26
N MET B 588 -48.56 29.02 -7.05
CA MET B 588 -47.49 29.55 -7.87
C MET B 588 -47.52 28.85 -9.21
N ASN B 589 -47.70 29.62 -10.27
CA ASN B 589 -47.86 29.09 -11.62
C ASN B 589 -46.61 29.37 -12.41
N VAL B 590 -46.26 28.44 -13.30
CA VAL B 590 -45.05 28.58 -14.09
C VAL B 590 -45.33 29.13 -15.49
N ARG B 591 -46.59 29.27 -15.87
CA ARG B 591 -46.89 29.73 -17.21
C ARG B 591 -46.37 31.13 -17.52
N PRO B 592 -46.47 32.11 -16.62
CA PRO B 592 -45.92 33.43 -16.95
C PRO B 592 -44.44 33.42 -17.22
N LEU B 593 -43.66 32.64 -16.48
CA LEU B 593 -42.23 32.59 -16.74
C LEU B 593 -41.95 32.08 -18.14
N LEU B 594 -42.66 31.04 -18.56
CA LEU B 594 -42.49 30.56 -19.92
C LEU B 594 -42.98 31.56 -20.94
N ASN B 595 -43.97 32.37 -20.60
CA ASN B 595 -44.39 33.41 -21.52
C ASN B 595 -43.32 34.48 -21.66
N TYR B 596 -42.56 34.72 -20.61
CA TYR B 596 -41.51 35.73 -20.68
C TYR B 596 -40.45 35.33 -21.68
N PHE B 597 -40.06 34.07 -21.71
CA PHE B 597 -38.99 33.60 -22.58
C PHE B 597 -39.51 33.02 -23.87
N GLU B 598 -40.59 33.55 -24.43
CA GLU B 598 -41.12 32.98 -25.67
C GLU B 598 -40.21 33.23 -26.86
N PRO B 599 -39.77 34.46 -27.14
CA PRO B 599 -38.91 34.65 -28.32
C PRO B 599 -37.63 33.84 -28.23
N LEU B 600 -37.02 33.79 -27.05
CA LEU B 600 -35.81 33.00 -26.90
C LEU B 600 -36.11 31.53 -27.11
N PHE B 601 -37.24 31.04 -26.62
CA PHE B 601 -37.56 29.63 -26.83
C PHE B 601 -37.70 29.33 -28.31
N THR B 602 -38.37 30.21 -29.04
CA THR B 602 -38.51 29.99 -30.48
C THR B 602 -37.15 29.95 -31.16
N TRP B 603 -36.33 30.98 -30.91
CA TRP B 603 -35.02 31.04 -31.54
C TRP B 603 -34.13 29.86 -31.17
N LEU B 604 -34.26 29.34 -29.95
CA LEU B 604 -33.47 28.18 -29.57
C LEU B 604 -33.95 26.93 -30.26
N LYS B 605 -35.27 26.70 -30.27
CA LYS B 605 -35.79 25.55 -30.97
C LYS B 605 -35.40 25.58 -32.43
N ASP B 606 -35.24 26.75 -33.01
CA ASP B 606 -34.74 26.84 -34.36
C ASP B 606 -33.24 26.58 -34.47
N GLN B 607 -32.45 27.05 -33.50
CA GLN B 607 -31.00 26.91 -33.59
C GLN B 607 -30.50 25.52 -33.23
N ASN B 608 -31.38 24.57 -32.92
CA ASN B 608 -30.98 23.24 -32.53
C ASN B 608 -31.60 22.17 -33.43
N LYS B 609 -31.64 22.44 -34.73
CA LYS B 609 -32.13 21.41 -35.64
C LYS B 609 -31.15 20.27 -35.77
N ASN B 610 -29.87 20.55 -35.63
CA ASN B 610 -28.84 19.54 -35.84
C ASN B 610 -28.18 19.06 -34.56
N SER B 611 -28.44 19.69 -33.43
CA SER B 611 -27.91 19.19 -32.17
C SER B 611 -28.79 18.06 -31.65
N PHE B 612 -28.43 17.53 -30.50
CA PHE B 612 -29.19 16.47 -29.85
C PHE B 612 -29.71 17.02 -28.54
N VAL B 613 -30.96 17.46 -28.53
CA VAL B 613 -31.56 18.01 -27.33
C VAL B 613 -31.73 16.91 -26.31
N GLY B 614 -30.99 16.99 -25.21
CA GLY B 614 -31.03 15.99 -24.17
C GLY B 614 -29.63 15.54 -23.80
N TRP B 615 -29.58 14.54 -22.94
CA TRP B 615 -28.29 14.02 -22.50
C TRP B 615 -28.47 12.60 -22.00
N SER B 616 -27.37 11.87 -22.00
CA SER B 616 -27.35 10.50 -21.49
C SER B 616 -26.46 10.44 -20.26
N THR B 617 -26.93 9.75 -19.23
CA THR B 617 -26.28 9.78 -17.93
C THR B 617 -25.26 8.67 -17.74
N ASP B 618 -24.61 8.23 -18.81
CA ASP B 618 -23.57 7.21 -18.70
C ASP B 618 -22.18 7.72 -19.05
N TRP B 619 -22.07 8.54 -20.09
CA TRP B 619 -20.78 9.09 -20.46
C TRP B 619 -20.20 9.90 -19.31
N SER B 620 -18.90 9.74 -19.08
CA SER B 620 -18.21 10.48 -18.04
C SER B 620 -16.82 10.83 -18.54
N PRO B 621 -16.28 11.97 -18.12
CA PRO B 621 -15.04 12.47 -18.73
C PRO B 621 -13.82 11.64 -18.40
N TYR B 622 -13.96 10.53 -17.68
CA TYR B 622 -12.85 9.66 -17.38
C TYR B 622 -13.13 8.22 -17.73
N ALA B 623 -14.21 7.93 -18.43
CA ALA B 623 -14.56 6.55 -18.75
C ALA B 623 -13.85 6.03 -19.97
N ASP B 624 -12.90 6.76 -20.52
CA ASP B 624 -12.14 6.28 -21.66
C ASP B 624 -10.79 5.69 -21.27
N GLN B 625 -10.20 6.16 -20.18
CA GLN B 625 -8.97 5.58 -19.67
C GLN B 625 -9.23 4.65 -18.50
N SER B 626 -10.48 4.32 -18.23
CA SER B 626 -10.75 3.44 -17.11
C SER B 626 -10.40 2.02 -17.47
N ILE B 627 -10.19 1.21 -16.45
CA ILE B 627 -9.99 -0.22 -16.62
C ILE B 627 -10.96 -0.93 -15.71
N LYS B 628 -11.67 -1.91 -16.24
CA LYS B 628 -12.67 -2.63 -15.47
C LYS B 628 -12.05 -3.86 -14.82
N VAL B 629 -12.57 -4.22 -13.66
CA VAL B 629 -12.01 -5.31 -12.87
C VAL B 629 -13.16 -6.13 -12.30
N ARG B 630 -13.07 -7.44 -12.44
CA ARG B 630 -14.04 -8.37 -11.86
C ARG B 630 -13.31 -9.35 -10.97
N ILE B 631 -13.93 -9.69 -9.84
CA ILE B 631 -13.31 -10.56 -8.84
C ILE B 631 -14.34 -11.56 -8.36
N SER B 632 -13.94 -12.81 -8.21
CA SER B 632 -14.84 -13.89 -7.82
C SER B 632 -14.20 -14.69 -6.70
N LEU B 633 -14.55 -14.36 -5.46
CA LEU B 633 -13.92 -15.01 -4.32
C LEU B 633 -14.48 -16.40 -4.10
N LYS B 634 -15.79 -16.57 -4.22
CA LYS B 634 -16.41 -17.86 -3.94
C LYS B 634 -15.89 -18.93 -4.88
N SER B 635 -15.70 -18.57 -6.15
CA SER B 635 -15.15 -19.52 -7.11
C SER B 635 -13.78 -20.00 -6.67
N ALA B 636 -12.87 -19.08 -6.40
CA ALA B 636 -11.49 -19.46 -6.16
C ALA B 636 -11.32 -20.12 -4.80
N LEU B 637 -11.66 -19.39 -3.73
CA LEU B 637 -11.32 -19.88 -2.41
C LEU B 637 -12.31 -20.88 -1.84
N GLY B 638 -13.41 -21.16 -2.55
CA GLY B 638 -14.36 -22.13 -2.05
C GLY B 638 -14.92 -21.71 -0.71
N ASP B 639 -15.00 -22.67 0.21
CA ASP B 639 -15.54 -22.39 1.54
C ASP B 639 -14.41 -21.95 2.48
N LYS B 640 -13.61 -21.02 2.00
CA LYS B 640 -12.53 -20.47 2.79
C LYS B 640 -12.34 -18.98 2.57
N ALA B 641 -13.19 -18.36 1.77
CA ALA B 641 -12.92 -17.03 1.28
C ALA B 641 -13.03 -16.00 2.40
N TYR B 642 -12.21 -14.97 2.29
CA TYR B 642 -12.36 -13.82 3.15
C TYR B 642 -13.44 -12.90 2.60
N GLU B 643 -14.01 -12.09 3.47
CA GLU B 643 -14.98 -11.10 3.05
C GLU B 643 -14.25 -9.89 2.51
N TRP B 644 -14.91 -9.14 1.65
CA TRP B 644 -14.28 -8.03 0.96
C TRP B 644 -14.81 -6.73 1.53
N ASN B 645 -14.14 -6.23 2.55
CA ASN B 645 -14.41 -4.90 3.07
C ASN B 645 -13.48 -3.90 2.39
N ASP B 646 -13.39 -2.70 2.94
CA ASP B 646 -12.63 -1.63 2.32
C ASP B 646 -11.14 -1.75 2.53
N ASN B 647 -10.68 -2.47 3.55
CA ASN B 647 -9.26 -2.73 3.65
C ASN B 647 -8.74 -3.53 2.46
N GLU B 648 -9.56 -4.40 1.90
CA GLU B 648 -9.14 -5.08 0.68
C GLU B 648 -9.01 -4.10 -0.47
N MET B 649 -9.88 -3.09 -0.53
CA MET B 649 -9.69 -2.07 -1.55
C MET B 649 -8.43 -1.27 -1.31
N TYR B 650 -8.09 -1.00 -0.05
CA TYR B 650 -6.84 -0.33 0.22
C TYR B 650 -5.66 -1.16 -0.28
N LEU B 651 -5.66 -2.44 0.04
CA LEU B 651 -4.57 -3.28 -0.42
C LEU B 651 -4.52 -3.37 -1.93
N PHE B 652 -5.67 -3.36 -2.58
CA PHE B 652 -5.66 -3.41 -4.04
C PHE B 652 -5.08 -2.15 -4.63
N ARG B 653 -5.46 -0.99 -4.10
CA ARG B 653 -4.87 0.25 -4.61
C ARG B 653 -3.38 0.28 -4.36
N SER B 654 -2.92 -0.22 -3.23
CA SER B 654 -1.49 -0.28 -2.98
C SER B 654 -0.78 -1.20 -3.96
N SER B 655 -1.36 -2.35 -4.26
CA SER B 655 -0.75 -3.25 -5.22
C SER B 655 -0.62 -2.59 -6.59
N VAL B 656 -1.67 -1.91 -7.03
CA VAL B 656 -1.59 -1.29 -8.34
C VAL B 656 -0.58 -0.16 -8.35
N ALA B 657 -0.47 0.59 -7.26
CA ALA B 657 0.54 1.63 -7.22
C ALA B 657 1.94 1.04 -7.31
N TYR B 658 2.18 -0.07 -6.62
CA TYR B 658 3.47 -0.74 -6.72
C TYR B 658 3.72 -1.20 -8.15
N ALA B 659 2.71 -1.76 -8.79
CA ALA B 659 2.87 -2.22 -10.17
C ALA B 659 3.22 -1.07 -11.10
N MET B 660 2.67 0.10 -10.85
CA MET B 660 3.03 1.25 -11.69
C MET B 660 4.44 1.73 -11.41
N ARG B 661 4.83 1.79 -10.15
CA ARG B 661 6.19 2.18 -9.80
C ARG B 661 7.20 1.31 -10.53
N GLN B 662 7.01 0.00 -10.46
CA GLN B 662 7.98 -0.90 -11.07
C GLN B 662 8.10 -0.66 -12.55
N TYR B 663 6.97 -0.51 -13.24
CA TYR B 663 7.03 -0.30 -14.68
C TYR B 663 7.75 0.98 -15.02
N PHE B 664 7.44 2.07 -14.33
CA PHE B 664 8.12 3.30 -14.66
C PHE B 664 9.59 3.28 -14.28
N LEU B 665 9.99 2.40 -13.39
CA LEU B 665 11.41 2.31 -13.08
C LEU B 665 12.18 1.46 -14.07
N LYS B 666 11.62 0.32 -14.47
CA LYS B 666 12.34 -0.63 -15.28
C LYS B 666 12.22 -0.40 -16.78
N VAL B 667 11.37 0.52 -17.21
CA VAL B 667 11.22 0.74 -18.64
C VAL B 667 11.47 2.20 -18.99
N LYS B 668 10.65 3.09 -18.46
CA LYS B 668 10.84 4.51 -18.70
C LYS B 668 12.09 5.07 -18.03
N ASN B 669 12.73 4.28 -17.18
CA ASN B 669 13.95 4.68 -16.46
C ASN B 669 13.76 5.90 -15.59
N GLN B 670 12.53 6.39 -15.44
CA GLN B 670 12.25 7.46 -14.51
C GLN B 670 12.08 6.88 -13.11
N MET B 671 11.57 7.70 -12.20
CA MET B 671 11.28 7.26 -10.85
C MET B 671 10.18 8.15 -10.30
N ILE B 672 8.95 7.65 -10.32
CA ILE B 672 7.78 8.42 -9.94
C ILE B 672 7.15 7.78 -8.73
N LEU B 673 6.71 8.60 -7.78
CA LEU B 673 6.25 8.11 -6.49
C LEU B 673 4.73 8.05 -6.48
N PHE B 674 4.19 7.06 -7.16
CA PHE B 674 2.76 6.80 -7.09
C PHE B 674 2.39 6.37 -5.67
N GLY B 675 1.18 6.74 -5.26
CA GLY B 675 0.65 6.38 -3.97
C GLY B 675 -0.69 5.68 -4.10
N GLU B 676 -1.21 5.25 -2.96
CA GLU B 676 -2.49 4.60 -3.00
C GLU B 676 -3.64 5.57 -3.22
N GLU B 677 -3.37 6.87 -3.26
CA GLU B 677 -4.40 7.86 -3.51
C GLU B 677 -4.30 8.46 -4.90
N ASP B 678 -3.51 7.84 -5.77
CA ASP B 678 -3.50 8.18 -7.18
C ASP B 678 -4.21 7.14 -8.02
N VAL B 679 -4.82 6.16 -7.37
CA VAL B 679 -5.62 5.14 -8.02
C VAL B 679 -7.06 5.45 -7.69
N ARG B 680 -7.79 5.99 -8.63
CA ARG B 680 -9.18 6.39 -8.42
C ARG B 680 -10.08 5.23 -8.81
N VAL B 681 -11.02 4.92 -7.94
CA VAL B 681 -11.92 3.77 -8.06
C VAL B 681 -13.34 4.27 -8.22
N ALA B 682 -14.12 3.61 -9.07
CA ALA B 682 -15.49 4.04 -9.32
C ALA B 682 -16.39 2.84 -9.54
N ASN B 683 -17.68 3.03 -9.25
CA ASN B 683 -18.72 2.06 -9.54
C ASN B 683 -18.54 0.76 -8.78
N LEU B 684 -18.27 0.84 -7.49
CA LEU B 684 -18.10 -0.37 -6.71
C LEU B 684 -19.42 -1.12 -6.61
N LYS B 685 -19.40 -2.40 -6.94
CA LYS B 685 -20.56 -3.28 -6.96
C LYS B 685 -20.37 -4.43 -5.98
N PRO B 686 -21.44 -5.16 -5.67
CA PRO B 686 -21.31 -6.36 -4.83
C PRO B 686 -20.82 -7.62 -5.53
N ARG B 687 -21.09 -7.75 -6.82
CA ARG B 687 -20.59 -8.91 -7.55
C ARG B 687 -19.07 -8.75 -7.71
N ILE B 688 -18.49 -7.81 -6.95
CA ILE B 688 -17.06 -7.53 -7.00
C ILE B 688 -16.75 -7.02 -8.41
N SER B 689 -16.59 -5.72 -8.57
CA SER B 689 -16.35 -5.23 -9.92
C SER B 689 -16.32 -3.72 -9.86
N PHE B 690 -15.34 -3.12 -10.51
CA PHE B 690 -15.24 -1.67 -10.46
C PHE B 690 -14.32 -1.20 -11.57
N ASN B 691 -14.34 0.10 -11.80
CA ASN B 691 -13.39 0.71 -12.70
C ASN B 691 -12.34 1.44 -11.91
N PHE B 692 -11.16 1.57 -12.48
CA PHE B 692 -10.16 2.39 -11.85
C PHE B 692 -9.31 3.06 -12.91
N PHE B 693 -8.62 4.12 -12.50
CA PHE B 693 -7.65 4.74 -13.38
C PHE B 693 -6.61 5.45 -12.52
N VAL B 694 -5.44 5.67 -13.10
CA VAL B 694 -4.29 6.15 -12.36
C VAL B 694 -3.93 7.53 -12.87
N THR B 695 -3.67 8.45 -11.95
CA THR B 695 -3.22 9.78 -12.30
C THR B 695 -1.78 9.99 -11.84
N ALA B 696 -1.18 11.06 -12.33
CA ALA B 696 0.14 11.44 -11.87
C ALA B 696 0.09 11.74 -10.38
N PRO B 697 1.25 11.79 -9.71
CA PRO B 697 1.24 11.88 -8.24
C PRO B 697 0.45 13.04 -7.67
N LYS B 698 0.70 14.26 -8.11
CA LYS B 698 -0.02 15.39 -7.56
C LYS B 698 -0.74 16.23 -8.58
N ASN B 699 -0.48 16.03 -9.86
CA ASN B 699 -1.14 16.76 -10.94
C ASN B 699 -2.42 16.01 -11.27
N VAL B 700 -3.51 16.38 -10.60
CA VAL B 700 -4.75 15.64 -10.72
C VAL B 700 -5.31 15.66 -12.13
N SER B 701 -4.97 16.66 -12.93
CA SER B 701 -5.49 16.70 -14.29
C SER B 701 -4.70 15.81 -15.24
N ASP B 702 -3.71 15.08 -14.75
CA ASP B 702 -2.82 14.28 -15.58
C ASP B 702 -3.13 12.81 -15.39
N ILE B 703 -3.52 12.14 -16.47
CA ILE B 703 -3.99 10.76 -16.41
C ILE B 703 -3.08 9.89 -17.25
N ILE B 704 -2.54 8.85 -16.63
CA ILE B 704 -1.70 7.90 -17.37
C ILE B 704 -2.55 7.19 -18.41
N PRO B 705 -2.13 7.12 -19.66
CA PRO B 705 -2.97 6.52 -20.70
C PRO B 705 -3.28 5.07 -20.39
N ARG B 706 -4.37 4.59 -20.98
CA ARG B 706 -4.82 3.23 -20.70
C ARG B 706 -3.80 2.20 -21.12
N THR B 707 -3.16 2.41 -22.27
CA THR B 707 -2.22 1.43 -22.80
C THR B 707 -1.08 1.18 -21.84
N GLU B 708 -0.51 2.24 -21.28
CA GLU B 708 0.60 2.06 -20.36
C GLU B 708 0.19 1.39 -19.06
N VAL B 709 -1.02 1.61 -18.59
CA VAL B 709 -1.46 0.88 -17.42
C VAL B 709 -1.62 -0.59 -17.75
N GLU B 710 -2.13 -0.92 -18.93
CA GLU B 710 -2.20 -2.32 -19.32
C GLU B 710 -0.82 -2.94 -19.37
N LYS B 711 0.14 -2.24 -19.96
CA LYS B 711 1.50 -2.75 -20.00
C LYS B 711 2.03 -3.00 -18.60
N ALA B 712 1.89 -2.03 -17.72
CA ALA B 712 2.38 -2.15 -16.35
C ALA B 712 1.70 -3.26 -15.59
N ILE B 713 0.48 -3.63 -15.94
CA ILE B 713 -0.22 -4.70 -15.25
C ILE B 713 0.17 -6.07 -15.80
N ARG B 714 0.38 -6.19 -17.10
CA ARG B 714 0.92 -7.43 -17.63
C ARG B 714 2.21 -7.81 -16.93
N MET B 715 3.02 -6.83 -16.58
CA MET B 715 4.35 -7.10 -16.05
C MET B 715 4.30 -7.68 -14.65
N SER B 716 3.34 -7.26 -13.82
CA SER B 716 3.33 -7.67 -12.43
C SER B 716 2.03 -8.39 -12.06
N ARG B 717 1.32 -8.94 -13.03
CA ARG B 717 0.05 -9.58 -12.73
C ARG B 717 0.23 -10.75 -11.79
N SER B 718 1.29 -11.52 -11.99
CA SER B 718 1.50 -12.71 -11.18
C SER B 718 1.75 -12.38 -9.72
N ARG B 719 2.03 -11.13 -9.42
CA ARG B 719 2.23 -10.71 -8.05
C ARG B 719 0.94 -10.22 -7.40
N ILE B 720 0.16 -9.44 -8.15
CA ILE B 720 -1.13 -9.01 -7.65
C ILE B 720 -2.03 -10.20 -7.41
N ASN B 721 -1.96 -11.22 -8.27
CA ASN B 721 -2.70 -12.44 -7.99
C ASN B 721 -2.31 -13.01 -6.64
N ASP B 722 -1.01 -13.17 -6.41
CA ASP B 722 -0.55 -13.83 -5.20
C ASP B 722 -0.91 -13.02 -3.96
N ALA B 723 -1.02 -11.71 -4.08
CA ALA B 723 -1.36 -10.91 -2.90
C ALA B 723 -2.74 -11.25 -2.38
N PHE B 724 -3.65 -11.71 -3.24
CA PHE B 724 -5.02 -12.00 -2.85
C PHE B 724 -5.37 -13.48 -2.92
N ARG B 725 -4.44 -14.33 -3.35
CA ARG B 725 -4.68 -15.76 -3.49
C ARG B 725 -5.67 -16.05 -4.62
N LEU B 726 -5.57 -15.32 -5.71
CA LEU B 726 -6.41 -15.55 -6.86
C LEU B 726 -5.57 -16.07 -8.01
N ASN B 727 -6.24 -16.65 -8.99
CA ASN B 727 -5.52 -17.43 -9.99
C ASN B 727 -5.95 -17.04 -11.39
N ASP B 728 -5.99 -15.73 -11.67
CA ASP B 728 -6.01 -15.27 -13.06
C ASP B 728 -7.31 -15.64 -13.77
N ASN B 729 -8.17 -16.40 -13.11
CA ASN B 729 -9.52 -16.60 -13.59
C ASN B 729 -10.56 -16.06 -12.63
N SER B 730 -10.17 -15.83 -11.39
CA SER B 730 -11.01 -15.15 -10.43
C SER B 730 -10.63 -13.70 -10.28
N LEU B 731 -9.72 -13.19 -11.11
CA LEU B 731 -9.33 -11.79 -11.09
C LEU B 731 -9.12 -11.38 -12.54
N GLU B 732 -10.16 -10.81 -13.13
CA GLU B 732 -10.13 -10.45 -14.53
C GLU B 732 -9.98 -8.94 -14.69
N PHE B 733 -8.94 -8.53 -15.39
CA PHE B 733 -8.82 -7.16 -15.86
C PHE B 733 -9.37 -7.16 -17.28
N LEU B 734 -10.63 -6.76 -17.42
CA LEU B 734 -11.29 -6.85 -18.71
C LEU B 734 -10.53 -6.04 -19.74
N GLY B 735 -10.13 -6.70 -20.83
CA GLY B 735 -9.31 -6.10 -21.85
C GLY B 735 -7.87 -6.56 -21.83
N ILE B 736 -7.48 -7.35 -20.85
CA ILE B 736 -6.13 -7.88 -20.73
C ILE B 736 -6.25 -9.39 -20.63
N GLN B 737 -5.61 -10.10 -21.54
CA GLN B 737 -5.72 -11.55 -21.50
C GLN B 737 -4.34 -12.19 -21.40
N PRO B 738 -4.21 -13.25 -20.61
CA PRO B 738 -2.93 -13.95 -20.52
C PRO B 738 -2.77 -14.98 -21.63
N THR B 739 -1.59 -15.01 -22.24
CA THR B 739 -1.36 -15.82 -23.42
C THR B 739 0.01 -16.50 -23.39
N LEU B 740 0.46 -16.92 -22.22
CA LEU B 740 1.72 -17.67 -22.12
C LEU B 740 1.41 -19.04 -21.55
N GLY B 741 1.00 -19.96 -22.42
CA GLY B 741 0.72 -21.32 -22.02
C GLY B 741 1.10 -22.42 -23.01
N PRO B 742 2.16 -22.24 -23.79
CA PRO B 742 2.36 -23.12 -24.96
C PRO B 742 3.04 -24.43 -24.59
N PRO B 743 2.33 -25.56 -24.68
CA PRO B 743 2.98 -26.85 -24.45
C PRO B 743 3.46 -27.49 -25.75
N ASN B 744 4.69 -27.97 -25.79
CA ASN B 744 5.16 -28.71 -26.98
C ASN B 744 6.42 -29.48 -26.62
N GLN B 745 6.34 -30.81 -26.59
CA GLN B 745 7.57 -31.60 -26.58
C GLN B 745 7.44 -32.96 -27.26
N PRO B 746 6.95 -33.05 -28.50
CA PRO B 746 7.14 -34.29 -29.25
C PRO B 746 8.44 -34.25 -30.03
N PRO B 747 9.39 -35.15 -29.71
CA PRO B 747 10.66 -35.14 -30.45
C PRO B 747 10.52 -35.73 -31.85
N VAL B 748 9.87 -36.89 -31.95
CA VAL B 748 9.74 -37.61 -33.22
C VAL B 748 8.33 -38.11 -33.48
N SER B 749 7.34 -37.74 -32.67
CA SER B 749 6.03 -38.38 -32.67
C SER B 749 6.18 -39.87 -32.37
N ILE B 750 6.60 -40.13 -31.13
CA ILE B 750 7.18 -41.41 -30.72
C ILE B 750 6.26 -42.61 -30.96
N TRP B 751 4.98 -42.39 -31.24
CA TRP B 751 4.13 -43.50 -31.60
C TRP B 751 4.67 -44.23 -32.84
N LEU B 752 5.25 -43.47 -33.77
CA LEU B 752 5.68 -44.04 -35.04
C LEU B 752 6.82 -45.03 -34.85
N ILE B 753 7.72 -44.77 -33.90
CA ILE B 753 8.85 -45.68 -33.72
C ILE B 753 8.38 -47.00 -33.10
N VAL B 754 7.38 -46.93 -32.22
CA VAL B 754 6.82 -48.17 -31.66
C VAL B 754 6.10 -48.96 -32.75
N PHE B 755 5.32 -48.27 -33.58
CA PHE B 755 4.72 -48.96 -34.73
C PHE B 755 5.79 -49.60 -35.59
N GLY B 756 6.90 -48.90 -35.82
CA GLY B 756 7.93 -49.43 -36.69
C GLY B 756 8.61 -50.66 -36.13
N VAL B 757 8.92 -50.66 -34.84
CA VAL B 757 9.55 -51.83 -34.24
C VAL B 757 8.59 -53.01 -34.23
N VAL B 758 7.30 -52.75 -34.02
CA VAL B 758 6.33 -53.84 -34.06
C VAL B 758 6.19 -54.39 -35.47
N MET B 759 6.16 -53.52 -36.48
CA MET B 759 6.12 -53.99 -37.86
C MET B 759 7.37 -54.79 -38.20
N GLY B 760 8.52 -54.39 -37.66
CA GLY B 760 9.74 -55.12 -37.92
C GLY B 760 9.73 -56.51 -37.34
N VAL B 761 9.32 -56.65 -36.08
CA VAL B 761 9.24 -58.01 -35.51
C VAL B 761 8.19 -58.81 -36.26
N ILE B 762 7.13 -58.16 -36.75
CA ILE B 762 6.12 -58.87 -37.54
C ILE B 762 6.75 -59.46 -38.79
N VAL B 763 7.47 -58.64 -39.56
CA VAL B 763 8.00 -59.15 -40.82
C VAL B 763 9.09 -60.18 -40.58
N VAL B 764 9.85 -60.06 -39.49
CA VAL B 764 10.90 -61.05 -39.25
C VAL B 764 10.28 -62.39 -38.84
N GLY B 765 9.20 -62.36 -38.06
CA GLY B 765 8.48 -63.59 -37.79
C GLY B 765 7.89 -64.20 -39.04
N ILE B 766 7.34 -63.35 -39.92
CA ILE B 766 6.74 -63.83 -41.16
C ILE B 766 7.78 -64.53 -42.03
N VAL B 767 8.96 -63.91 -42.16
CA VAL B 767 9.97 -64.50 -43.04
C VAL B 767 10.52 -65.79 -42.43
N ILE B 768 10.72 -65.82 -41.11
CA ILE B 768 11.18 -67.05 -40.48
C ILE B 768 10.15 -68.16 -40.68
N LEU B 769 8.86 -67.81 -40.64
CA LEU B 769 7.84 -68.85 -40.75
C LEU B 769 7.70 -69.36 -42.17
N ILE B 770 7.76 -68.48 -43.17
CA ILE B 770 7.71 -68.97 -44.55
C ILE B 770 8.97 -69.76 -44.88
N PHE B 771 10.11 -69.36 -44.32
CA PHE B 771 11.33 -70.15 -44.40
C PHE B 771 11.07 -71.58 -43.94
N THR B 772 10.67 -71.72 -42.66
CA THR B 772 10.47 -73.05 -42.09
C THR B 772 9.38 -73.83 -42.81
N GLY B 773 8.40 -73.14 -43.39
CA GLY B 773 7.33 -73.85 -44.08
C GLY B 773 7.74 -74.38 -45.43
N ILE B 774 8.27 -73.50 -46.29
CA ILE B 774 8.64 -73.94 -47.63
C ILE B 774 9.80 -74.93 -47.58
N ARG B 775 10.71 -74.77 -46.61
CA ARG B 775 11.84 -75.68 -46.52
C ARG B 775 11.38 -77.10 -46.22
N ASP B 776 10.61 -77.28 -45.15
CA ASP B 776 10.23 -78.61 -44.68
C ASP B 776 9.13 -79.26 -45.51
N ARG B 777 8.83 -78.74 -46.70
CA ARG B 777 7.86 -79.38 -47.57
C ARG B 777 8.52 -80.48 -48.40
N THR C 34 -54.56 97.58 29.38
CA THR C 34 -55.48 96.52 29.74
C THR C 34 -54.75 95.28 30.21
N ASN C 35 -55.45 94.39 30.91
CA ASN C 35 -54.89 93.13 31.36
C ASN C 35 -55.14 92.07 30.30
N LEU C 36 -54.08 91.51 29.73
CA LEU C 36 -54.20 90.53 28.67
C LEU C 36 -54.17 89.11 29.24
N CYS C 37 -54.81 88.20 28.53
CA CYS C 37 -54.71 86.79 28.84
C CYS C 37 -53.24 86.39 28.92
N PRO C 38 -52.85 85.54 29.86
CA PRO C 38 -51.48 85.05 29.95
C PRO C 38 -51.17 83.99 28.89
N PHE C 39 -51.50 84.29 27.64
CA PHE C 39 -51.33 83.33 26.55
C PHE C 39 -49.88 82.88 26.42
N ASP C 40 -48.95 83.83 26.35
CA ASP C 40 -47.55 83.48 26.18
C ASP C 40 -47.00 82.73 27.38
N GLU C 41 -47.66 82.81 28.52
CA GLU C 41 -47.22 82.05 29.69
C GLU C 41 -47.74 80.63 29.68
N VAL C 42 -48.80 80.35 28.93
CA VAL C 42 -49.33 79.00 28.77
C VAL C 42 -48.98 78.41 27.41
N PHE C 43 -48.71 79.25 26.41
CA PHE C 43 -48.32 78.80 25.09
C PHE C 43 -46.82 78.69 24.92
N ASN C 44 -46.05 78.99 25.95
CA ASN C 44 -44.60 78.92 25.84
C ASN C 44 -43.96 78.34 27.09
N ALA C 45 -44.71 77.61 27.92
CA ALA C 45 -44.13 76.94 29.07
C ALA C 45 -42.98 76.05 28.63
N THR C 46 -41.83 76.19 29.31
CA THR C 46 -40.64 75.47 28.90
C THR C 46 -40.83 73.96 29.04
N ARG C 47 -41.56 73.51 30.05
CA ARG C 47 -41.81 72.10 30.27
C ARG C 47 -43.31 71.86 30.35
N PHE C 48 -43.83 71.04 29.45
CA PHE C 48 -45.25 70.73 29.42
C PHE C 48 -45.55 69.50 30.27
N ALA C 49 -46.84 69.26 30.49
CA ALA C 49 -47.28 68.13 31.28
C ALA C 49 -47.48 66.91 30.40
N SER C 50 -47.36 65.74 31.01
CA SER C 50 -47.71 64.51 30.31
C SER C 50 -49.22 64.45 30.12
N VAL C 51 -49.66 63.53 29.28
CA VAL C 51 -51.04 63.57 28.80
C VAL C 51 -52.01 63.08 29.87
N TYR C 52 -51.64 62.02 30.59
CA TYR C 52 -52.58 61.47 31.57
C TYR C 52 -52.80 62.42 32.73
N ALA C 53 -51.72 63.05 33.21
CA ALA C 53 -51.82 64.13 34.18
C ALA C 53 -51.60 65.42 33.41
N TRP C 54 -52.67 65.91 32.79
CA TRP C 54 -52.58 67.05 31.90
C TRP C 54 -52.73 68.34 32.69
N ASN C 55 -52.17 69.42 32.15
CA ASN C 55 -52.27 70.69 32.85
C ASN C 55 -53.54 71.42 32.44
N ARG C 56 -54.19 72.05 33.41
CA ARG C 56 -55.38 72.86 33.16
C ARG C 56 -55.18 74.20 33.84
N LYS C 57 -55.22 75.27 33.06
CA LYS C 57 -55.12 76.63 33.59
C LYS C 57 -56.33 77.43 33.15
N ARG C 58 -57.04 78.02 34.10
CA ARG C 58 -58.24 78.79 33.82
C ARG C 58 -57.87 80.27 33.68
N ILE C 59 -58.42 80.91 32.65
CA ILE C 59 -58.20 82.33 32.42
C ILE C 59 -59.44 83.10 32.85
N SER C 60 -59.24 84.12 33.67
CA SER C 60 -60.33 84.87 34.27
C SER C 60 -60.69 86.09 33.41
N ASN C 61 -61.49 86.99 33.96
CA ASN C 61 -61.96 88.16 33.24
C ASN C 61 -60.80 89.06 32.86
N CYS C 62 -60.60 89.25 31.57
CA CYS C 62 -59.62 90.18 31.01
C CYS C 62 -59.96 90.38 29.55
N VAL C 63 -59.05 90.99 28.80
CA VAL C 63 -59.23 91.15 27.36
C VAL C 63 -58.71 89.89 26.67
N ALA C 64 -59.41 89.46 25.63
CA ALA C 64 -59.08 88.23 24.91
C ALA C 64 -58.59 88.61 23.52
N ASP C 65 -57.28 88.80 23.40
CA ASP C 65 -56.65 89.03 22.10
C ASP C 65 -56.35 87.70 21.41
N TYR C 66 -57.22 87.35 20.48
CA TYR C 66 -57.08 86.07 19.78
C TYR C 66 -55.99 86.15 18.71
N SER C 67 -56.10 87.13 17.81
CA SER C 67 -55.20 87.16 16.66
C SER C 67 -53.83 87.72 17.04
N VAL C 68 -53.20 87.13 18.07
CA VAL C 68 -51.84 87.47 18.43
C VAL C 68 -51.08 86.17 18.63
N LEU C 69 -51.82 85.06 18.75
CA LEU C 69 -51.21 83.75 18.90
C LEU C 69 -50.48 83.31 17.64
N TYR C 70 -50.59 84.06 16.56
CA TYR C 70 -49.94 83.70 15.30
C TYR C 70 -48.50 84.20 15.29
N ASN C 71 -47.94 84.47 16.47
CA ASN C 71 -46.57 84.98 16.56
C ASN C 71 -45.58 84.01 15.97
N PHE C 72 -45.45 82.82 16.57
CA PHE C 72 -44.59 81.78 16.01
C PHE C 72 -45.28 81.07 14.86
N ALA C 73 -46.39 80.42 15.15
CA ALA C 73 -47.21 79.76 14.13
C ALA C 73 -46.64 78.56 13.40
N PRO C 74 -45.78 77.73 14.11
CA PRO C 74 -45.31 76.55 13.34
C PRO C 74 -46.56 75.73 13.05
N PHE C 75 -47.36 75.56 14.09
CA PHE C 75 -48.64 74.84 14.08
C PHE C 75 -48.73 73.52 13.34
N PHE C 76 -49.89 72.89 13.48
CA PHE C 76 -50.17 71.60 12.84
C PHE C 76 -51.65 71.49 12.57
N ALA C 77 -52.49 72.00 13.48
CA ALA C 77 -53.92 71.94 13.23
C ALA C 77 -54.68 73.01 14.00
N PHE C 78 -55.15 74.05 13.31
CA PHE C 78 -56.04 75.04 13.92
C PHE C 78 -57.48 74.77 13.47
N LYS C 79 -58.06 73.73 14.03
CA LYS C 79 -59.46 73.46 13.76
C LYS C 79 -60.29 73.85 14.96
N CYS C 80 -61.52 74.29 14.71
CA CYS C 80 -62.40 74.70 15.79
C CYS C 80 -63.81 74.22 15.53
N TYR C 81 -64.42 73.68 16.58
CA TYR C 81 -65.72 73.01 16.51
C TYR C 81 -66.85 73.94 16.92
N GLY C 82 -66.79 74.47 18.13
CA GLY C 82 -67.87 75.30 18.65
C GLY C 82 -67.99 76.60 17.90
N VAL C 83 -66.97 77.46 18.01
CA VAL C 83 -66.94 78.75 17.33
C VAL C 83 -66.13 78.56 16.05
N SER C 84 -66.75 78.87 14.92
CA SER C 84 -66.03 78.80 13.66
C SER C 84 -65.14 80.04 13.51
N PRO C 85 -64.12 79.99 12.65
CA PRO C 85 -63.22 81.13 12.53
C PRO C 85 -63.87 82.35 11.89
N THR C 86 -64.96 82.82 12.50
CA THR C 86 -65.57 84.10 12.15
C THR C 86 -65.96 84.93 13.36
N LYS C 87 -65.93 84.36 14.56
CA LYS C 87 -66.27 85.09 15.77
C LYS C 87 -65.08 85.11 16.72
N LEU C 88 -63.90 85.42 16.17
CA LEU C 88 -62.66 85.29 16.92
C LEU C 88 -62.67 86.14 18.19
N ASN C 89 -63.19 87.36 18.13
CA ASN C 89 -63.11 88.27 19.27
C ASN C 89 -64.43 88.93 19.66
N ASP C 90 -65.43 88.97 18.77
CA ASP C 90 -66.66 89.67 19.10
C ASP C 90 -67.50 88.93 20.14
N LEU C 91 -67.36 87.61 20.24
CA LEU C 91 -68.14 86.82 21.18
C LEU C 91 -67.39 86.67 22.50
N CYS C 92 -68.15 86.45 23.57
CA CYS C 92 -67.60 86.40 24.91
C CYS C 92 -68.04 85.12 25.61
N PHE C 93 -67.25 84.73 26.61
CA PHE C 93 -67.53 83.55 27.42
C PHE C 93 -67.15 83.84 28.86
N THR C 94 -67.90 83.23 29.79
CA THR C 94 -67.68 83.49 31.21
C THR C 94 -66.24 83.20 31.61
N ASN C 95 -65.71 82.06 31.17
CA ASN C 95 -64.34 81.70 31.49
C ASN C 95 -63.86 80.68 30.47
N VAL C 96 -62.54 80.60 30.30
CA VAL C 96 -61.93 79.68 29.36
C VAL C 96 -60.89 78.84 30.08
N TYR C 97 -60.77 77.58 29.65
CA TYR C 97 -59.78 76.65 30.19
C TYR C 97 -58.78 76.31 29.11
N ALA C 98 -57.49 76.42 29.45
CA ALA C 98 -56.40 76.05 28.57
C ALA C 98 -55.79 74.76 29.11
N ASP C 99 -55.98 73.67 28.38
CA ASP C 99 -55.40 72.38 28.73
C ASP C 99 -54.16 72.14 27.90
N SER C 100 -53.07 71.80 28.56
CA SER C 100 -51.78 71.65 27.89
C SER C 100 -51.20 70.28 28.18
N PHE C 101 -50.68 69.64 27.14
CA PHE C 101 -49.93 68.40 27.32
C PHE C 101 -49.12 68.13 26.06
N VAL C 102 -48.51 66.95 26.01
CA VAL C 102 -47.62 66.55 24.94
C VAL C 102 -47.92 65.10 24.58
N ILE C 103 -48.13 64.85 23.29
CA ILE C 103 -48.47 63.52 22.81
C ILE C 103 -47.55 63.16 21.64
N ARG C 104 -47.81 62.02 21.04
CA ARG C 104 -47.14 61.62 19.81
C ARG C 104 -47.90 62.23 18.63
N GLY C 105 -47.30 62.14 17.44
CA GLY C 105 -47.86 62.79 16.28
C GLY C 105 -49.21 62.25 15.85
N ASN C 106 -49.23 61.03 15.33
CA ASN C 106 -50.40 60.51 14.64
C ASN C 106 -51.57 60.26 15.56
N GLU C 107 -51.50 60.73 16.81
CA GLU C 107 -52.61 60.64 17.73
C GLU C 107 -53.39 61.95 17.86
N VAL C 108 -52.91 63.02 17.23
CA VAL C 108 -53.65 64.28 17.28
C VAL C 108 -55.06 64.11 16.73
N SER C 109 -55.23 63.20 15.78
CA SER C 109 -56.57 62.95 15.24
C SER C 109 -57.53 62.47 16.31
N GLN C 110 -57.03 61.73 17.30
CA GLN C 110 -57.89 61.25 18.37
C GLN C 110 -58.45 62.36 19.23
N ILE C 111 -57.90 63.57 19.15
CA ILE C 111 -58.35 64.68 20.01
C ILE C 111 -59.55 65.29 19.29
N ALA C 112 -60.71 64.69 19.49
CA ALA C 112 -61.93 65.16 18.87
C ALA C 112 -63.13 64.48 19.51
N PRO C 113 -64.25 65.19 19.66
CA PRO C 113 -65.43 64.57 20.27
C PRO C 113 -65.95 63.44 19.41
N GLY C 114 -65.99 62.24 19.98
CA GLY C 114 -66.42 61.07 19.26
C GLY C 114 -65.32 60.25 18.65
N GLN C 115 -64.12 60.27 19.24
CA GLN C 115 -63.01 59.47 18.76
C GLN C 115 -62.79 58.29 19.69
N THR C 116 -62.14 57.26 19.16
CA THR C 116 -61.80 56.08 19.93
C THR C 116 -60.30 55.86 19.85
N GLY C 117 -59.75 55.25 20.90
CA GLY C 117 -58.32 55.01 20.97
C GLY C 117 -57.82 55.21 22.37
N ASN C 118 -56.56 54.82 22.58
CA ASN C 118 -55.97 54.89 23.91
C ASN C 118 -56.04 56.29 24.46
N ILE C 119 -55.63 57.28 23.69
CA ILE C 119 -55.67 58.66 24.17
C ILE C 119 -57.09 59.14 24.37
N ALA C 120 -58.02 58.67 23.55
CA ALA C 120 -59.41 59.10 23.64
C ALA C 120 -60.18 58.39 24.74
N ASP C 121 -59.57 57.46 25.44
CA ASP C 121 -60.31 56.74 26.47
C ASP C 121 -59.61 56.75 27.82
N TYR C 122 -58.29 56.69 27.85
CA TYR C 122 -57.56 56.56 29.09
C TYR C 122 -56.69 57.75 29.42
N ASN C 123 -56.65 58.75 28.57
CA ASN C 123 -55.80 59.89 28.84
C ASN C 123 -56.52 61.22 28.69
N TYR C 124 -57.50 61.31 27.80
CA TYR C 124 -58.28 62.54 27.64
C TYR C 124 -59.55 62.21 26.88
N LYS C 125 -60.65 62.81 27.31
CA LYS C 125 -61.93 62.66 26.64
C LYS C 125 -62.51 64.03 26.34
N LEU C 126 -63.16 64.15 25.19
CA LEU C 126 -63.75 65.41 24.77
C LEU C 126 -65.26 65.24 24.63
N PRO C 127 -66.05 66.15 25.19
CA PRO C 127 -67.51 66.03 25.08
C PRO C 127 -67.99 66.36 23.69
N ASP C 128 -69.07 65.68 23.29
CA ASP C 128 -69.63 65.88 21.96
C ASP C 128 -70.14 67.30 21.75
N ASP C 129 -70.41 68.03 22.82
CA ASP C 129 -70.87 69.42 22.75
C ASP C 129 -69.74 70.41 22.89
N PHE C 130 -68.55 70.06 22.43
CA PHE C 130 -67.38 70.89 22.64
C PHE C 130 -67.55 72.24 21.95
N THR C 131 -67.28 73.31 22.70
CA THR C 131 -67.44 74.66 22.20
C THR C 131 -66.12 75.40 21.98
N GLY C 132 -65.05 74.99 22.65
CA GLY C 132 -63.72 75.54 22.39
C GLY C 132 -63.12 74.90 21.17
N CYS C 133 -61.79 74.84 21.13
CA CYS C 133 -61.11 74.11 20.07
C CYS C 133 -59.65 73.86 20.39
N VAL C 134 -59.04 72.97 19.62
CA VAL C 134 -57.74 72.41 19.92
C VAL C 134 -56.69 72.97 18.96
N ILE C 135 -55.45 73.00 19.43
CA ILE C 135 -54.34 73.55 18.68
C ILE C 135 -53.13 72.66 18.96
N ALA C 136 -52.32 72.41 17.94
CA ALA C 136 -51.18 71.54 18.12
C ALA C 136 -50.01 72.07 17.31
N TRP C 137 -48.80 71.69 17.73
CA TRP C 137 -47.63 71.99 16.91
C TRP C 137 -46.50 71.04 17.27
N ASN C 138 -45.67 70.77 16.27
CA ASN C 138 -44.49 69.95 16.45
C ASN C 138 -43.51 70.65 17.38
N SER C 139 -42.83 69.86 18.19
CA SER C 139 -41.82 70.37 19.11
C SER C 139 -40.64 69.41 19.17
N ASN C 140 -40.25 68.87 18.02
CA ASN C 140 -39.23 67.83 18.02
C ASN C 140 -37.92 68.32 18.61
N LYS C 141 -37.51 69.54 18.24
CA LYS C 141 -36.20 70.05 18.62
C LYS C 141 -36.06 70.24 20.12
N LEU C 142 -37.15 70.30 20.87
CA LEU C 142 -37.11 70.58 22.30
C LEU C 142 -37.27 69.33 23.13
N ASP C 143 -38.36 68.59 22.92
CA ASP C 143 -38.75 67.52 23.81
C ASP C 143 -38.19 66.17 23.40
N SER C 144 -37.27 66.14 22.45
CA SER C 144 -36.64 64.91 22.01
C SER C 144 -35.14 64.99 22.27
N LYS C 145 -34.61 63.98 22.95
CA LYS C 145 -33.21 63.96 23.34
C LYS C 145 -32.57 62.67 22.89
N VAL C 146 -31.39 62.77 22.28
CA VAL C 146 -30.65 61.58 21.86
C VAL C 146 -30.42 60.69 23.07
N GLY C 147 -30.98 59.49 23.03
CA GLY C 147 -30.92 58.57 24.14
C GLY C 147 -32.25 58.32 24.80
N GLY C 148 -33.28 59.05 24.43
CA GLY C 148 -34.60 58.79 24.97
C GLY C 148 -34.99 59.81 26.02
N ASN C 149 -36.23 60.27 25.95
CA ASN C 149 -36.78 61.24 26.89
C ASN C 149 -37.99 60.60 27.56
N TYR C 150 -37.72 59.84 28.63
CA TYR C 150 -38.74 59.00 29.25
C TYR C 150 -39.58 59.74 30.27
N ASN C 151 -39.51 61.06 30.29
CA ASN C 151 -40.26 61.83 31.28
C ASN C 151 -41.74 61.87 30.98
N TYR C 152 -42.14 61.70 29.71
CA TYR C 152 -43.55 61.74 29.32
C TYR C 152 -44.09 60.33 29.34
N ARG C 153 -45.26 60.15 29.94
CA ARG C 153 -45.89 58.84 30.01
C ARG C 153 -47.36 58.97 29.62
N TYR C 154 -48.02 57.83 29.57
CA TYR C 154 -49.42 57.77 29.19
C TYR C 154 -49.99 56.44 29.65
N ARG C 155 -51.29 56.43 29.90
CA ARG C 155 -51.95 55.24 30.42
C ARG C 155 -52.52 54.42 29.27
N LEU C 156 -52.21 53.13 29.25
CA LEU C 156 -52.74 52.23 28.25
C LEU C 156 -53.60 51.12 28.82
N PHE C 157 -53.87 51.14 30.12
CA PHE C 157 -54.68 50.12 30.76
C PHE C 157 -55.63 50.78 31.75
N ARG C 158 -56.89 50.39 31.70
CA ARG C 158 -57.88 50.93 32.62
C ARG C 158 -59.10 50.03 32.58
N LYS C 159 -59.87 50.06 33.67
CA LYS C 159 -61.04 49.20 33.76
C LYS C 159 -62.19 49.71 32.91
N SER C 160 -62.25 51.00 32.64
CA SER C 160 -63.32 51.56 31.82
C SER C 160 -62.90 52.93 31.31
N ASN C 161 -63.67 53.43 30.35
CA ASN C 161 -63.30 54.66 29.67
C ASN C 161 -63.49 55.86 30.58
N LEU C 162 -62.65 56.88 30.36
CA LEU C 162 -62.76 58.10 31.13
C LEU C 162 -64.05 58.84 30.79
N LYS C 163 -64.32 59.86 31.57
CA LYS C 163 -65.42 60.77 31.34
C LYS C 163 -64.89 62.10 30.82
N PRO C 164 -65.72 62.86 30.11
CA PRO C 164 -65.25 64.13 29.55
C PRO C 164 -64.65 65.03 30.63
N PHE C 165 -63.44 65.51 30.37
CA PHE C 165 -62.71 66.41 31.26
C PHE C 165 -62.41 65.75 32.61
N GLU C 166 -62.34 64.43 32.63
CA GLU C 166 -61.93 63.72 33.82
C GLU C 166 -60.41 63.59 33.84
N ARG C 167 -59.87 63.36 35.03
CA ARG C 167 -58.43 63.24 35.23
C ARG C 167 -58.13 62.15 36.24
N ASP C 168 -57.23 61.24 35.90
CA ASP C 168 -56.87 60.14 36.75
C ASP C 168 -55.35 60.05 36.87
N ILE C 169 -54.86 59.87 38.09
CA ILE C 169 -53.43 59.85 38.35
C ILE C 169 -53.00 58.61 39.14
N SER C 170 -53.95 57.77 39.55
CA SER C 170 -53.60 56.61 40.35
C SER C 170 -52.69 55.67 39.56
N THR C 171 -51.84 54.95 40.29
CA THR C 171 -50.89 54.03 39.69
C THR C 171 -51.09 52.62 40.22
N GLU C 172 -52.32 52.26 40.52
CA GLU C 172 -52.62 50.91 40.99
C GLU C 172 -52.29 49.90 39.90
N ILE C 173 -51.74 48.76 40.32
CA ILE C 173 -51.36 47.71 39.38
C ILE C 173 -52.60 47.16 38.69
N TYR C 174 -52.72 47.40 37.39
CA TYR C 174 -53.87 46.90 36.65
C TYR C 174 -53.92 45.37 36.71
N GLN C 175 -55.09 44.84 37.01
CA GLN C 175 -55.30 43.41 37.08
C GLN C 175 -55.93 42.94 35.78
N ALA C 176 -55.32 41.96 35.14
CA ALA C 176 -55.88 41.40 33.92
C ALA C 176 -56.61 40.09 34.18
N GLY C 177 -55.94 39.16 34.86
CA GLY C 177 -56.51 37.86 35.14
C GLY C 177 -57.48 37.90 36.31
N ASN C 178 -57.91 36.70 36.68
CA ASN C 178 -58.84 36.55 37.80
C ASN C 178 -58.14 36.37 39.13
N LYS C 179 -56.83 36.17 39.14
CA LYS C 179 -56.10 36.03 40.38
C LYS C 179 -55.62 37.39 40.85
N PRO C 180 -56.03 37.85 42.02
CA PRO C 180 -55.51 39.12 42.53
C PRO C 180 -54.02 39.01 42.75
N CYS C 181 -53.32 40.10 42.42
CA CYS C 181 -51.87 40.16 42.49
C CYS C 181 -51.35 40.92 43.69
N ASN C 182 -52.23 41.33 44.61
CA ASN C 182 -51.88 42.13 45.77
C ASN C 182 -50.77 43.13 45.51
N GLY C 183 -50.87 43.89 44.42
CA GLY C 183 -49.92 44.95 44.15
C GLY C 183 -48.49 44.53 43.88
N VAL C 184 -48.27 43.66 42.89
CA VAL C 184 -46.93 43.35 42.43
C VAL C 184 -46.99 42.94 40.97
N ALA C 185 -46.10 43.51 40.16
CA ALA C 185 -46.10 43.24 38.73
C ALA C 185 -45.83 41.76 38.47
N GLY C 186 -46.48 41.24 37.44
CA GLY C 186 -46.29 39.84 37.10
C GLY C 186 -47.40 39.36 36.17
N VAL C 187 -47.69 38.06 36.29
CA VAL C 187 -48.62 37.43 35.37
C VAL C 187 -49.98 38.08 35.48
N ASN C 188 -50.59 38.36 34.34
CA ASN C 188 -51.95 38.87 34.27
C ASN C 188 -52.16 40.12 35.11
N CYS C 189 -51.10 40.89 35.37
CA CYS C 189 -51.27 42.14 36.08
C CYS C 189 -50.04 43.00 35.79
N TYR C 190 -50.26 44.16 35.17
CA TYR C 190 -49.19 45.03 34.70
C TYR C 190 -49.32 46.43 35.30
N PHE C 191 -48.21 47.14 35.28
CA PHE C 191 -48.13 48.54 35.64
C PHE C 191 -48.79 49.36 34.54
N PRO C 192 -49.93 49.96 34.79
CA PRO C 192 -50.69 50.60 33.70
C PRO C 192 -50.11 51.93 33.26
N LEU C 193 -48.82 51.97 32.94
CA LEU C 193 -48.21 53.18 32.42
C LEU C 193 -47.06 52.82 31.50
N GLN C 194 -46.84 53.64 30.47
CA GLN C 194 -45.67 53.48 29.62
C GLN C 194 -45.30 54.85 29.09
N SER C 195 -44.10 54.93 28.51
CA SER C 195 -43.47 56.20 28.20
C SER C 195 -43.04 56.25 26.74
N TYR C 196 -43.17 57.43 26.15
CA TYR C 196 -42.64 57.65 24.81
C TYR C 196 -41.12 57.78 24.88
N GLY C 197 -40.42 57.05 24.03
CA GLY C 197 -38.98 57.18 23.96
C GLY C 197 -38.56 58.19 22.91
N PHE C 198 -39.05 59.43 23.03
CA PHE C 198 -38.84 60.43 21.99
C PHE C 198 -37.36 60.58 21.66
N ARG C 199 -37.07 60.64 20.37
CA ARG C 199 -35.72 60.79 19.86
C ARG C 199 -35.79 61.68 18.62
N PRO C 200 -34.68 62.29 18.22
CA PRO C 200 -34.74 63.14 17.02
C PRO C 200 -34.88 62.35 15.74
N THR C 201 -34.39 61.11 15.71
CA THR C 201 -34.40 60.30 14.50
C THR C 201 -35.68 59.49 14.36
N TYR C 202 -36.82 60.15 14.48
CA TYR C 202 -38.12 59.51 14.34
C TYR C 202 -38.88 60.17 13.22
N GLY C 203 -39.74 59.39 12.57
CA GLY C 203 -40.59 59.95 11.57
C GLY C 203 -41.75 60.72 12.16
N VAL C 204 -42.34 61.59 11.35
CA VAL C 204 -43.53 62.30 11.78
C VAL C 204 -44.60 61.27 12.13
N GLY C 205 -45.42 61.60 13.13
CA GLY C 205 -46.32 60.64 13.71
C GLY C 205 -45.71 59.85 14.84
N HIS C 206 -44.39 59.90 14.98
CA HIS C 206 -43.70 59.36 16.13
C HIS C 206 -42.85 60.41 16.82
N GLN C 207 -43.17 61.68 16.63
CA GLN C 207 -42.44 62.78 17.21
C GLN C 207 -43.31 63.51 18.22
N PRO C 208 -42.70 64.18 19.20
CA PRO C 208 -43.49 64.89 20.20
C PRO C 208 -44.29 66.03 19.57
N TYR C 209 -45.45 66.27 20.14
CA TYR C 209 -46.36 67.30 19.64
C TYR C 209 -47.04 67.95 20.85
N ARG C 210 -46.90 69.26 20.97
CA ARG C 210 -47.52 69.98 22.06
C ARG C 210 -48.94 70.37 21.69
N VAL C 211 -49.89 70.11 22.59
CA VAL C 211 -51.30 70.28 22.34
C VAL C 211 -51.91 71.16 23.42
N VAL C 212 -52.79 72.06 22.98
CA VAL C 212 -53.49 73.00 23.85
C VAL C 212 -54.96 73.02 23.45
N VAL C 213 -55.84 72.85 24.43
CA VAL C 213 -57.28 72.84 24.20
C VAL C 213 -57.86 74.05 24.91
N LEU C 214 -58.54 74.90 24.15
CA LEU C 214 -59.19 76.08 24.70
C LEU C 214 -60.69 75.83 24.76
N SER C 215 -61.18 75.46 25.94
CA SER C 215 -62.60 75.19 26.13
C SER C 215 -63.27 76.43 26.71
N PHE C 216 -64.35 76.83 26.05
CA PHE C 216 -65.11 78.01 26.43
C PHE C 216 -66.25 77.62 27.37
N GLU C 217 -66.88 78.64 27.95
CA GLU C 217 -67.88 78.41 28.98
C GLU C 217 -68.77 79.65 29.09
N LEU C 218 -70.08 79.46 28.89
CA LEU C 218 -71.07 80.53 29.06
C LEU C 218 -72.20 80.02 29.94
N LEU C 219 -72.02 80.11 31.26
CA LEU C 219 -73.09 79.66 32.15
C LEU C 219 -74.14 80.74 32.38
N HIS C 220 -73.77 81.81 33.08
CA HIS C 220 -74.73 82.89 33.33
C HIS C 220 -74.11 84.28 33.39
N ALA C 221 -72.82 84.45 33.16
CA ALA C 221 -72.17 85.72 33.47
C ALA C 221 -72.60 86.79 32.48
N PRO C 222 -73.04 87.97 32.97
CA PRO C 222 -73.36 89.05 32.03
C PRO C 222 -72.13 89.70 31.42
N ALA C 223 -71.10 89.95 32.23
CA ALA C 223 -69.85 90.55 31.75
C ALA C 223 -68.71 89.62 32.08
N THR C 224 -67.83 89.39 31.11
CA THR C 224 -66.74 88.44 31.27
C THR C 224 -65.63 88.77 30.27
N VAL C 225 -64.70 87.82 30.12
CA VAL C 225 -63.53 88.00 29.29
C VAL C 225 -63.88 87.77 27.83
N CYS C 226 -63.55 88.74 26.97
CA CYS C 226 -63.59 88.57 25.53
C CYS C 226 -62.77 89.66 24.85
N GLY C 227 -62.90 89.71 23.53
CA GLY C 227 -62.01 90.47 22.69
C GLY C 227 -62.13 91.97 22.85
N PRO C 228 -61.09 92.69 22.43
CA PRO C 228 -61.12 94.15 22.49
C PRO C 228 -61.84 94.72 21.29
N LYS C 229 -62.34 95.93 21.46
CA LYS C 229 -63.03 96.65 20.40
C LYS C 229 -62.12 97.74 19.85
N LYS C 230 -62.32 98.04 18.57
CA LYS C 230 -61.40 98.91 17.83
C LYS C 230 -61.77 100.37 18.07
N SER C 231 -60.83 101.12 18.64
CA SER C 231 -61.06 102.53 18.93
C SER C 231 -60.10 103.42 18.15
N SER D 32 19.80 -79.45 -13.07
CA SER D 32 19.59 -79.68 -11.66
C SER D 32 20.40 -78.71 -10.82
N LEU D 33 20.02 -77.43 -10.86
CA LEU D 33 20.70 -76.39 -10.09
C LEU D 33 20.30 -76.39 -8.62
N GLN D 34 19.45 -77.32 -8.19
CA GLN D 34 18.93 -77.28 -6.82
C GLN D 34 20.02 -77.45 -5.78
N PHE D 35 21.09 -78.18 -6.11
CA PHE D 35 22.13 -78.44 -5.12
C PHE D 35 22.82 -77.15 -4.69
N VAL D 36 23.11 -76.27 -5.64
CA VAL D 36 23.83 -75.04 -5.31
C VAL D 36 22.95 -74.09 -4.51
N PHE D 37 21.65 -74.04 -4.83
CA PHE D 37 20.75 -73.20 -4.05
C PHE D 37 20.55 -73.76 -2.65
N ALA D 38 20.52 -75.08 -2.52
CA ALA D 38 20.52 -75.70 -1.20
C ALA D 38 21.79 -75.32 -0.44
N CYS D 39 22.93 -75.28 -1.14
CA CYS D 39 24.18 -74.90 -0.50
C CYS D 39 24.12 -73.47 0.01
N ILE D 40 23.61 -72.55 -0.81
CA ILE D 40 23.45 -71.17 -0.36
C ILE D 40 22.52 -71.08 0.84
N SER D 41 21.43 -71.87 0.83
CA SER D 41 20.57 -71.94 1.99
C SER D 41 21.34 -72.35 3.23
N TYR D 42 22.16 -73.41 3.11
CA TYR D 42 23.04 -73.79 4.21
C TYR D 42 23.91 -72.61 4.64
N ALA D 43 24.31 -71.78 3.67
CA ALA D 43 25.35 -70.80 3.91
C ALA D 43 24.81 -69.54 4.59
N VAL D 44 23.89 -68.84 3.91
CA VAL D 44 23.53 -67.48 4.31
C VAL D 44 22.92 -67.49 5.70
N GLY D 45 23.47 -66.66 6.58
CA GLY D 45 22.92 -66.46 7.91
C GLY D 45 22.78 -64.99 8.23
N LEU D 46 22.85 -64.63 9.51
CA LEU D 46 22.71 -63.25 9.92
C LEU D 46 24.00 -62.62 10.43
N GLY D 47 24.98 -63.42 10.83
CA GLY D 47 26.31 -62.87 11.00
C GLY D 47 26.94 -62.39 9.72
N ASN D 48 26.33 -62.69 8.58
CA ASN D 48 26.84 -62.28 7.28
C ASN D 48 26.23 -60.99 6.79
N VAL D 49 24.99 -60.69 7.18
CA VAL D 49 24.28 -59.54 6.63
C VAL D 49 24.16 -58.45 7.68
N TRP D 50 24.11 -58.85 8.95
CA TRP D 50 23.94 -57.91 10.05
C TRP D 50 25.22 -57.68 10.84
N ARG D 51 25.89 -58.76 11.26
CA ARG D 51 27.06 -58.58 12.10
C ARG D 51 28.27 -58.09 11.32
N PHE D 52 28.41 -58.53 10.06
CA PHE D 52 29.58 -58.15 9.28
C PHE D 52 29.65 -56.65 9.02
N PRO D 53 28.58 -55.96 8.60
CA PRO D 53 28.72 -54.51 8.39
C PRO D 53 29.08 -53.76 9.66
N TYR D 54 28.44 -54.11 10.78
CA TYR D 54 28.75 -53.45 12.03
C TYR D 54 30.21 -53.66 12.41
N LEU D 55 30.67 -54.90 12.34
CA LEU D 55 32.05 -55.17 12.72
C LEU D 55 33.04 -54.52 11.76
N CYS D 56 32.66 -54.41 10.49
CA CYS D 56 33.52 -53.73 9.52
C CYS D 56 33.65 -52.25 9.86
N GLN D 57 32.52 -51.58 10.09
CA GLN D 57 32.55 -50.17 10.44
C GLN D 57 33.31 -49.94 11.74
N MET D 58 33.24 -50.90 12.67
CA MET D 58 33.86 -50.69 13.98
C MET D 58 35.35 -50.45 13.90
N TYR D 59 36.01 -50.84 12.82
CA TYR D 59 37.47 -50.77 12.73
C TYR D 59 37.90 -50.20 11.39
N GLY D 60 37.29 -49.08 11.00
CA GLY D 60 37.71 -48.35 9.82
C GLY D 60 37.25 -48.92 8.50
N GLY D 61 36.85 -50.18 8.45
CA GLY D 61 36.36 -50.76 7.23
C GLY D 61 37.46 -51.23 6.30
N GLY D 62 38.12 -50.28 5.62
CA GLY D 62 39.22 -50.66 4.77
C GLY D 62 40.34 -51.32 5.53
N SER D 63 40.61 -50.84 6.74
CA SER D 63 41.62 -51.43 7.60
C SER D 63 41.11 -52.62 8.39
N PHE D 64 39.96 -53.16 7.99
CA PHE D 64 39.44 -54.39 8.58
C PHE D 64 39.11 -55.38 7.48
N LEU D 65 38.87 -54.88 6.27
CA LEU D 65 38.48 -55.75 5.16
C LEU D 65 39.63 -56.66 4.75
N VAL D 66 40.82 -56.10 4.54
CA VAL D 66 41.96 -56.90 4.11
C VAL D 66 42.29 -58.00 5.12
N PRO D 67 42.37 -57.74 6.44
CA PRO D 67 42.55 -58.85 7.38
C PRO D 67 41.52 -59.95 7.22
N TYR D 68 40.28 -59.60 6.91
CA TYR D 68 39.25 -60.62 6.70
C TYR D 68 39.65 -61.56 5.57
N ILE D 69 40.01 -60.99 4.42
CA ILE D 69 40.41 -61.82 3.29
C ILE D 69 41.62 -62.68 3.66
N ILE D 70 42.57 -62.09 4.39
CA ILE D 70 43.76 -62.83 4.78
C ILE D 70 43.38 -64.06 5.60
N MET D 71 42.68 -63.84 6.71
CA MET D 71 42.35 -64.96 7.59
C MET D 71 41.44 -65.96 6.90
N LEU D 72 40.61 -65.51 5.97
CA LEU D 72 39.74 -66.45 5.25
C LEU D 72 40.56 -67.36 4.34
N ILE D 73 41.44 -66.76 3.53
CA ILE D 73 42.24 -67.57 2.62
C ILE D 73 43.13 -68.53 3.41
N VAL D 74 43.65 -68.10 4.56
CA VAL D 74 44.64 -68.90 5.24
C VAL D 74 44.08 -69.91 6.24
N GLU D 75 42.88 -69.67 6.81
CA GLU D 75 42.29 -70.70 7.67
C GLU D 75 40.78 -70.83 7.50
N GLY D 76 40.19 -70.25 6.46
CA GLY D 76 38.77 -70.41 6.28
C GLY D 76 38.41 -71.67 5.53
N MET D 77 39.09 -71.92 4.42
CA MET D 77 38.79 -73.04 3.55
C MET D 77 39.25 -74.37 4.12
N PRO D 78 40.53 -74.55 4.48
CA PRO D 78 40.99 -75.90 4.84
C PRO D 78 40.32 -76.46 6.08
N LEU D 79 39.93 -75.61 7.03
CA LEU D 79 39.26 -76.10 8.22
C LEU D 79 37.89 -76.66 7.87
N LEU D 80 37.16 -75.98 7.00
CA LEU D 80 35.89 -76.49 6.53
C LEU D 80 36.07 -77.78 5.75
N TYR D 81 37.12 -77.84 4.92
CA TYR D 81 37.42 -79.08 4.20
C TYR D 81 37.61 -80.23 5.17
N LEU D 82 38.47 -80.04 6.17
CA LEU D 82 38.75 -81.09 7.14
C LEU D 82 37.47 -81.50 7.87
N GLU D 83 36.64 -80.53 8.25
CA GLU D 83 35.45 -80.86 9.02
C GLU D 83 34.47 -81.65 8.17
N LEU D 84 34.21 -81.20 6.93
CA LEU D 84 33.31 -81.96 6.07
C LEU D 84 33.85 -83.35 5.79
N ALA D 85 35.17 -83.47 5.63
CA ALA D 85 35.78 -84.77 5.37
C ALA D 85 35.55 -85.71 6.54
N VAL D 86 35.84 -85.26 7.77
CA VAL D 86 35.67 -86.16 8.90
C VAL D 86 34.20 -86.44 9.16
N GLY D 87 33.32 -85.51 8.80
CA GLY D 87 31.89 -85.76 8.93
C GLY D 87 31.43 -86.85 7.99
N GLN D 88 31.88 -86.83 6.74
CA GLN D 88 31.57 -87.92 5.83
C GLN D 88 32.21 -89.22 6.31
N ARG D 89 33.41 -89.13 6.88
CA ARG D 89 34.10 -90.33 7.35
C ARG D 89 33.31 -91.03 8.45
N MET D 90 33.16 -90.37 9.59
CA MET D 90 32.61 -91.05 10.76
C MET D 90 31.14 -91.39 10.57
N ARG D 91 30.38 -90.53 9.89
CA ARG D 91 28.95 -90.71 9.69
C ARG D 91 28.24 -91.00 11.01
N GLN D 92 28.55 -90.18 12.01
CA GLN D 92 28.00 -90.33 13.33
C GLN D 92 27.76 -88.95 13.92
N GLY D 93 27.09 -88.92 15.07
CA GLY D 93 26.78 -87.67 15.73
C GLY D 93 28.02 -86.92 16.17
N SER D 94 27.79 -85.66 16.55
CA SER D 94 28.88 -84.80 17.00
C SER D 94 29.63 -85.43 18.16
N ILE D 95 28.91 -85.80 19.22
CA ILE D 95 29.54 -86.42 20.37
C ILE D 95 30.03 -87.82 20.01
N GLY D 96 29.26 -88.56 19.22
CA GLY D 96 29.65 -89.92 18.88
C GLY D 96 30.92 -89.97 18.05
N ALA D 97 31.07 -89.05 17.12
CA ALA D 97 32.28 -89.01 16.30
C ALA D 97 33.53 -88.85 17.16
N TRP D 98 33.57 -87.81 17.98
CA TRP D 98 34.72 -87.55 18.82
C TRP D 98 34.84 -88.56 19.95
N ARG D 99 33.77 -89.32 20.23
CA ARG D 99 33.89 -90.44 21.16
C ARG D 99 34.63 -91.60 20.52
N THR D 100 34.28 -91.92 19.28
CA THR D 100 34.96 -92.99 18.55
C THR D 100 36.38 -92.61 18.13
N ILE D 101 36.66 -91.31 17.99
CA ILE D 101 37.98 -90.90 17.54
C ILE D 101 39.03 -91.16 18.62
N SER D 102 38.77 -90.69 19.84
CA SER D 102 39.74 -90.75 20.91
C SER D 102 39.02 -90.61 22.24
N PRO D 103 39.60 -91.13 23.33
CA PRO D 103 38.98 -90.94 24.66
C PRO D 103 39.18 -89.55 25.20
N TYR D 104 40.30 -88.91 24.82
CA TYR D 104 40.57 -87.54 25.24
C TYR D 104 39.54 -86.55 24.70
N LEU D 105 38.64 -87.00 23.84
CA LEU D 105 37.79 -86.12 23.03
C LEU D 105 36.32 -86.31 23.35
N SER D 106 35.98 -86.37 24.64
CA SER D 106 34.58 -86.58 25.01
C SER D 106 33.84 -85.28 25.24
N GLY D 107 34.52 -84.21 25.63
CA GLY D 107 33.86 -82.99 26.05
C GLY D 107 33.68 -81.95 24.95
N VAL D 108 34.36 -82.15 23.81
CA VAL D 108 34.25 -81.17 22.73
C VAL D 108 32.83 -81.16 22.19
N GLY D 109 32.14 -82.31 22.17
CA GLY D 109 30.79 -82.33 21.67
C GLY D 109 29.83 -81.54 22.56
N VAL D 110 29.90 -81.80 23.87
CA VAL D 110 28.99 -81.10 24.77
C VAL D 110 29.33 -79.61 24.83
N ALA D 111 30.61 -79.25 24.70
CA ALA D 111 30.96 -77.84 24.61
C ALA D 111 30.35 -77.20 23.37
N SER D 112 30.44 -77.89 22.23
CA SER D 112 29.83 -77.39 21.01
C SER D 112 28.32 -77.25 21.14
N VAL D 113 27.69 -78.14 21.90
CA VAL D 113 26.24 -78.03 22.10
C VAL D 113 25.92 -76.80 22.94
N VAL D 114 26.58 -76.67 24.10
CA VAL D 114 26.24 -75.56 25.00
C VAL D 114 26.57 -74.22 24.35
N VAL D 115 27.52 -74.20 23.42
CA VAL D 115 27.84 -72.94 22.72
C VAL D 115 26.63 -72.46 21.94
N SER D 116 26.07 -73.32 21.08
CA SER D 116 24.91 -72.92 20.31
C SER D 116 23.70 -72.69 21.20
N PHE D 117 23.60 -73.44 22.30
CA PHE D 117 22.53 -73.21 23.25
C PHE D 117 22.57 -71.78 23.78
N PHE D 118 23.75 -71.35 24.26
CA PHE D 118 23.91 -69.97 24.70
C PHE D 118 23.68 -68.99 23.56
N LEU D 119 24.03 -69.39 22.33
CA LEU D 119 23.87 -68.49 21.18
C LEU D 119 22.40 -68.15 20.96
N SER D 120 21.53 -69.16 20.97
CA SER D 120 20.16 -68.98 20.52
C SER D 120 19.45 -67.86 21.28
N MET D 121 19.70 -67.76 22.59
CA MET D 121 19.00 -66.77 23.40
C MET D 121 19.20 -65.37 22.86
N TYR D 122 20.43 -64.88 22.91
CA TYR D 122 20.70 -63.53 22.42
C TYR D 122 20.61 -63.45 20.91
N TYR D 123 20.47 -64.58 20.22
CA TYR D 123 20.27 -64.51 18.78
C TYR D 123 18.83 -64.20 18.42
N ASN D 124 17.88 -64.56 19.26
CA ASN D 124 16.47 -64.38 18.89
C ASN D 124 16.00 -62.93 18.97
N VAL D 125 16.63 -62.09 19.79
CA VAL D 125 16.16 -60.72 19.94
C VAL D 125 16.28 -59.94 18.64
N ILE D 126 17.16 -60.36 17.74
CA ILE D 126 17.27 -59.69 16.44
C ILE D 126 16.01 -59.91 15.61
N ASN D 127 15.54 -61.15 15.55
CA ASN D 127 14.25 -61.41 14.92
C ASN D 127 13.16 -60.62 15.60
N ALA D 128 13.25 -60.51 16.94
CA ALA D 128 12.26 -59.72 17.66
C ALA D 128 12.21 -58.28 17.16
N TRP D 129 13.38 -57.65 17.05
CA TRP D 129 13.43 -56.26 16.60
C TRP D 129 12.94 -56.12 15.17
N ALA D 130 13.27 -57.10 14.32
CA ALA D 130 12.78 -57.04 12.95
C ALA D 130 11.26 -57.09 12.92
N PHE D 131 10.67 -57.99 13.72
CA PHE D 131 9.22 -58.04 13.85
C PHE D 131 8.67 -56.68 14.28
N TRP D 132 9.32 -56.07 15.27
CA TRP D 132 8.85 -54.79 15.80
C TRP D 132 8.83 -53.73 14.70
N TYR D 133 9.96 -53.58 14.01
CA TYR D 133 10.04 -52.58 12.95
C TYR D 133 9.05 -52.86 11.85
N LEU D 134 8.78 -54.14 11.57
CA LEU D 134 7.76 -54.47 10.58
C LEU D 134 6.39 -54.00 11.03
N PHE D 135 6.02 -54.32 12.27
CA PHE D 135 4.73 -53.90 12.78
C PHE D 135 4.58 -52.40 12.80
N HIS D 136 5.68 -51.67 13.01
CA HIS D 136 5.63 -50.22 13.07
C HIS D 136 5.75 -49.57 11.70
N SER D 137 5.45 -50.31 10.64
CA SER D 137 5.58 -49.76 9.28
C SER D 137 4.30 -49.68 8.47
N PHE D 138 3.16 -49.96 9.10
CA PHE D 138 1.87 -49.91 8.41
C PHE D 138 1.21 -48.56 8.56
N GLN D 139 1.92 -47.47 8.27
CA GLN D 139 1.40 -46.15 8.58
C GLN D 139 1.83 -45.15 7.51
N ASP D 140 1.44 -43.90 7.74
CA ASP D 140 1.86 -42.74 6.95
C ASP D 140 1.78 -41.50 7.84
N PRO D 141 2.92 -40.87 8.14
CA PRO D 141 4.24 -41.31 7.71
C PRO D 141 4.83 -42.34 8.66
N LEU D 142 6.03 -42.79 8.38
CA LEU D 142 6.68 -43.76 9.24
C LEU D 142 7.15 -43.08 10.52
N PRO D 143 7.02 -43.73 11.67
CA PRO D 143 7.25 -43.05 12.94
C PRO D 143 8.65 -42.49 13.10
N TRP D 144 9.66 -43.12 12.51
CA TRP D 144 11.02 -42.62 12.61
C TRP D 144 11.31 -41.48 11.65
N SER D 145 10.36 -41.14 10.78
CA SER D 145 10.63 -40.17 9.73
C SER D 145 10.46 -38.72 10.17
N VAL D 146 9.77 -38.48 11.28
CA VAL D 146 9.49 -37.13 11.75
C VAL D 146 9.78 -37.06 13.24
N CYS D 147 10.35 -35.94 13.68
CA CYS D 147 10.65 -35.77 15.08
C CYS D 147 9.42 -35.32 15.86
N PRO D 148 9.38 -35.61 17.15
CA PRO D 148 8.25 -35.15 17.96
C PRO D 148 8.32 -33.65 18.23
N LEU D 149 7.32 -33.14 18.94
CA LEU D 149 7.26 -31.73 19.30
C LEU D 149 7.57 -31.54 20.78
N ASN D 150 7.90 -30.31 21.14
CA ASN D 150 8.11 -29.96 22.54
C ASN D 150 6.78 -29.54 23.16
N GLY D 151 6.81 -29.22 24.46
CA GLY D 151 5.61 -28.75 25.12
C GLY D 151 5.14 -27.41 24.59
N ASN D 152 6.07 -26.56 24.17
CA ASN D 152 5.73 -25.25 23.63
C ASN D 152 5.14 -25.32 22.23
N HIS D 153 5.28 -26.46 21.54
CA HIS D 153 4.76 -26.65 20.19
C HIS D 153 5.39 -25.69 19.19
N THR D 154 6.51 -25.08 19.53
CA THR D 154 7.18 -24.13 18.66
C THR D 154 8.23 -24.81 17.79
N GLY D 155 9.14 -25.57 18.40
CA GLY D 155 10.16 -26.27 17.66
C GLY D 155 10.15 -27.76 17.99
N TYR D 156 10.92 -28.51 17.20
CA TYR D 156 11.01 -29.93 17.43
C TYR D 156 11.72 -30.23 18.74
N ASP D 157 11.56 -31.45 19.22
CA ASP D 157 12.26 -31.86 20.43
C ASP D 157 13.76 -31.92 20.15
N GLU D 158 14.53 -31.15 20.93
CA GLU D 158 15.96 -31.08 20.72
C GLU D 158 16.63 -32.44 20.91
N GLU D 159 16.04 -33.32 21.73
CA GLU D 159 16.56 -34.67 21.86
C GLU D 159 16.54 -35.38 20.51
N CYS D 160 15.51 -35.13 19.72
CA CYS D 160 15.39 -35.69 18.38
C CYS D 160 16.19 -34.92 17.34
N GLU D 161 16.84 -33.83 17.74
CA GLU D 161 17.65 -33.05 16.81
C GLU D 161 19.14 -33.30 16.97
N LYS D 162 19.60 -33.41 18.22
CA LYS D 162 20.97 -33.87 18.45
C LYS D 162 21.22 -35.17 17.71
N ALA D 163 20.42 -36.19 18.01
CA ALA D 163 20.35 -37.37 17.17
C ALA D 163 19.47 -37.07 15.97
N SER D 164 19.57 -37.93 14.95
CA SER D 164 18.76 -37.73 13.76
C SER D 164 17.33 -38.20 14.05
N SER D 165 16.51 -38.20 13.00
CA SER D 165 15.12 -38.63 13.12
C SER D 165 15.01 -40.14 13.36
N THR D 166 16.08 -40.88 13.04
CA THR D 166 16.10 -42.32 13.21
C THR D 166 16.79 -42.73 14.50
N GLN D 167 17.99 -42.22 14.76
CA GLN D 167 18.72 -42.62 15.96
C GLN D 167 17.88 -42.41 17.21
N TYR D 168 17.12 -41.33 17.26
CA TYR D 168 16.25 -41.10 18.40
C TYR D 168 15.22 -42.21 18.52
N PHE D 169 14.58 -42.56 17.40
CA PHE D 169 13.59 -43.63 17.42
C PHE D 169 14.21 -44.95 17.84
N TRP D 170 15.49 -45.14 17.56
CA TRP D 170 16.12 -46.41 17.87
C TRP D 170 16.49 -46.50 19.35
N TYR D 171 17.11 -45.45 19.88
CA TYR D 171 17.59 -45.54 21.25
C TYR D 171 16.53 -45.17 22.27
N ARG D 172 15.40 -44.59 21.86
CA ARG D 172 14.37 -44.19 22.79
C ARG D 172 13.07 -44.96 22.62
N LYS D 173 12.51 -44.96 21.42
CA LYS D 173 11.21 -45.59 21.23
C LYS D 173 11.28 -47.10 21.40
N THR D 174 12.08 -47.77 20.58
CA THR D 174 12.16 -49.22 20.64
C THR D 174 13.17 -49.71 21.66
N LEU D 175 13.96 -48.85 22.24
CA LEU D 175 14.89 -49.33 23.23
C LEU D 175 14.75 -48.62 24.58
N ASN D 176 14.63 -47.30 24.58
CA ASN D 176 14.62 -46.52 25.81
C ASN D 176 15.76 -46.93 26.73
N ILE D 177 16.97 -46.95 26.17
CA ILE D 177 18.12 -47.40 26.94
C ILE D 177 18.50 -46.37 27.98
N SER D 178 19.14 -46.84 29.04
CA SER D 178 19.69 -45.99 30.09
C SER D 178 21.11 -45.58 29.73
N PRO D 179 21.52 -44.35 30.06
CA PRO D 179 22.86 -43.89 29.69
C PRO D 179 23.98 -44.66 30.34
N SER D 180 23.70 -45.45 31.37
CA SER D 180 24.72 -46.18 32.10
C SER D 180 24.29 -47.63 32.24
N LEU D 181 25.25 -48.47 32.62
CA LEU D 181 24.96 -49.87 32.92
C LEU D 181 24.46 -50.05 34.34
N GLN D 182 24.89 -49.19 35.26
CA GLN D 182 24.49 -49.32 36.66
C GLN D 182 22.98 -49.18 36.84
N GLU D 183 22.27 -48.64 35.86
CA GLU D 183 20.82 -48.50 35.92
C GLU D 183 20.19 -49.72 35.27
N ASN D 184 19.99 -50.75 36.08
CA ASN D 184 19.32 -51.95 35.60
C ASN D 184 17.88 -51.63 35.19
N GLY D 185 17.08 -51.14 36.12
CA GLY D 185 15.72 -50.75 35.83
C GLY D 185 14.77 -51.92 35.69
N GLY D 186 13.52 -51.58 35.37
CA GLY D 186 12.47 -52.56 35.26
C GLY D 186 12.32 -53.10 33.85
N VAL D 187 11.60 -54.21 33.74
CA VAL D 187 11.42 -54.88 32.46
C VAL D 187 10.50 -54.05 31.57
N GLN D 188 10.91 -53.84 30.34
CA GLN D 188 10.03 -53.25 29.34
C GLN D 188 9.25 -54.35 28.65
N TRP D 189 8.06 -54.02 28.17
CA TRP D 189 7.10 -55.03 27.78
C TRP D 189 6.78 -55.11 26.29
N GLU D 190 6.97 -54.04 25.52
CA GLU D 190 6.73 -54.14 24.08
C GLU D 190 7.76 -55.03 23.40
N PRO D 191 9.07 -54.81 23.58
CA PRO D 191 10.02 -55.79 23.03
C PRO D 191 9.88 -57.16 23.66
N ALA D 192 9.48 -57.23 24.93
CA ALA D 192 9.22 -58.52 25.55
C ALA D 192 8.15 -59.28 24.78
N LEU D 193 7.05 -58.61 24.47
CA LEU D 193 5.97 -59.23 23.72
C LEU D 193 6.41 -59.62 22.32
N CYS D 194 7.20 -58.77 21.67
CA CYS D 194 7.64 -59.09 20.32
C CYS D 194 8.57 -60.31 20.33
N LEU D 195 9.47 -60.38 21.30
CA LEU D 195 10.33 -61.54 21.45
C LEU D 195 9.53 -62.79 21.75
N LEU D 196 8.44 -62.65 22.52
CA LEU D 196 7.55 -63.78 22.75
C LEU D 196 7.00 -64.30 21.43
N LEU D 197 6.49 -63.40 20.59
CA LEU D 197 5.95 -63.85 19.30
C LEU D 197 7.03 -64.49 18.46
N ALA D 198 8.26 -63.95 18.51
CA ALA D 198 9.36 -64.56 17.77
C ALA D 198 9.60 -65.99 18.22
N TRP D 199 9.65 -66.21 19.54
CA TRP D 199 9.87 -67.57 20.02
C TRP D 199 8.72 -68.48 19.63
N LEU D 200 7.49 -67.96 19.64
CA LEU D 200 6.34 -68.76 19.25
C LEU D 200 6.46 -69.20 17.79
N VAL D 201 6.82 -68.28 16.90
CA VAL D 201 6.91 -68.69 15.50
C VAL D 201 8.10 -69.62 15.29
N VAL D 202 9.17 -69.45 16.07
CA VAL D 202 10.24 -70.46 16.07
C VAL D 202 9.67 -71.84 16.41
N TYR D 203 8.87 -71.90 17.47
CA TYR D 203 8.31 -73.16 17.91
C TYR D 203 7.43 -73.78 16.83
N LEU D 204 6.67 -72.94 16.13
CA LEU D 204 5.83 -73.45 15.07
C LEU D 204 6.66 -74.00 13.92
N CYS D 205 7.70 -73.27 13.51
CA CYS D 205 8.51 -73.74 12.39
C CYS D 205 9.23 -75.04 12.72
N ILE D 206 9.69 -75.18 13.96
CA ILE D 206 10.38 -76.42 14.30
C ILE D 206 9.38 -77.57 14.44
N LEU D 207 8.18 -77.30 14.95
CA LEU D 207 7.24 -78.38 15.23
C LEU D 207 6.67 -79.00 13.97
N ARG D 208 6.62 -78.26 12.86
CA ARG D 208 6.08 -78.79 11.61
C ARG D 208 7.20 -79.36 10.74
N GLY D 209 7.82 -80.43 11.26
CA GLY D 209 8.84 -81.13 10.50
C GLY D 209 10.23 -80.58 10.64
N THR D 210 11.24 -81.38 10.28
CA THR D 210 12.65 -80.97 10.38
C THR D 210 13.16 -80.57 8.99
N GLU D 211 12.26 -80.00 8.20
CA GLU D 211 12.61 -79.56 6.85
C GLU D 211 11.71 -78.41 6.46
N SER D 212 12.26 -77.50 5.66
CA SER D 212 11.48 -76.39 5.10
C SER D 212 11.84 -76.12 3.65
N THR D 213 12.68 -76.95 3.03
CA THR D 213 13.16 -76.74 1.67
C THR D 213 12.71 -77.88 0.77
N GLY D 214 12.91 -77.70 -0.53
CA GLY D 214 12.48 -78.65 -1.53
C GLY D 214 11.48 -78.02 -2.46
N LYS D 215 11.90 -77.77 -3.71
CA LYS D 215 11.12 -77.08 -4.72
C LYS D 215 10.74 -75.66 -4.29
N VAL D 216 11.31 -75.18 -3.19
CA VAL D 216 11.02 -73.84 -2.67
C VAL D 216 12.34 -73.14 -2.40
N VAL D 217 13.45 -73.86 -2.59
CA VAL D 217 14.77 -73.31 -2.27
C VAL D 217 15.07 -72.10 -3.14
N TYR D 218 14.57 -72.10 -4.38
CA TYR D 218 14.81 -70.98 -5.29
C TYR D 218 14.32 -69.67 -4.68
N PHE D 219 13.10 -69.67 -4.17
CA PHE D 219 12.47 -68.46 -3.65
C PHE D 219 13.24 -67.92 -2.44
N THR D 220 13.44 -68.77 -1.43
CA THR D 220 14.10 -68.36 -0.21
C THR D 220 15.57 -68.04 -0.42
N ALA D 221 16.18 -68.53 -1.50
CA ALA D 221 17.57 -68.21 -1.75
C ALA D 221 17.75 -67.00 -2.66
N SER D 222 16.73 -66.66 -3.45
CA SER D 222 16.84 -65.54 -4.37
C SER D 222 16.29 -64.24 -3.79
N LEU D 223 15.34 -64.31 -2.86
CA LEU D 223 14.83 -63.10 -2.22
C LEU D 223 15.91 -62.16 -1.70
N PRO D 224 16.88 -62.62 -0.90
CA PRO D 224 17.84 -61.66 -0.33
C PRO D 224 18.64 -60.92 -1.38
N TYR D 225 19.17 -61.66 -2.34
CA TYR D 225 19.99 -61.07 -3.40
C TYR D 225 19.19 -60.04 -4.19
N CYS D 226 17.95 -60.38 -4.50
CA CYS D 226 17.09 -59.48 -5.26
C CYS D 226 16.87 -58.17 -4.51
N VAL D 227 16.49 -58.25 -3.24
CA VAL D 227 16.27 -57.00 -2.50
C VAL D 227 17.58 -56.25 -2.31
N LEU D 228 18.69 -56.97 -2.19
CA LEU D 228 19.98 -56.28 -2.06
C LEU D 228 20.35 -55.56 -3.34
N ILE D 229 19.99 -56.12 -4.49
CA ILE D 229 20.23 -55.43 -5.76
C ILE D 229 19.37 -54.19 -5.86
N ILE D 230 18.09 -54.29 -5.48
CA ILE D 230 17.22 -53.12 -5.50
C ILE D 230 17.79 -52.02 -4.61
N TYR D 231 18.18 -52.38 -3.39
CA TYR D 231 18.69 -51.39 -2.45
C TYR D 231 20.04 -50.85 -2.89
N LEU D 232 20.84 -51.64 -3.60
CA LEU D 232 22.08 -51.12 -4.16
C LEU D 232 21.80 -50.07 -5.22
N ILE D 233 20.84 -50.36 -6.11
CA ILE D 233 20.46 -49.38 -7.11
C ILE D 233 19.96 -48.11 -6.46
N ARG D 234 19.17 -48.24 -5.40
CA ARG D 234 18.69 -47.06 -4.69
C ARG D 234 19.87 -46.28 -4.07
N GLY D 235 20.59 -46.92 -3.16
CA GLY D 235 21.67 -46.27 -2.44
C GLY D 235 22.84 -45.87 -3.29
N LEU D 236 22.85 -46.22 -4.57
CA LEU D 236 23.93 -45.79 -5.45
C LEU D 236 23.56 -44.56 -6.26
N THR D 237 22.28 -44.22 -6.38
CA THR D 237 21.87 -42.97 -6.99
C THR D 237 21.66 -41.87 -5.96
N LEU D 238 22.25 -42.03 -4.79
CA LEU D 238 22.17 -41.03 -3.73
C LEU D 238 23.44 -40.19 -3.73
N HIS D 239 23.26 -38.87 -3.57
CA HIS D 239 24.38 -37.96 -3.66
C HIS D 239 25.42 -38.27 -2.59
N GLY D 240 26.69 -38.05 -2.94
CA GLY D 240 27.76 -38.27 -1.99
C GLY D 240 27.95 -39.72 -1.59
N ALA D 241 27.42 -40.65 -2.37
CA ALA D 241 27.56 -42.07 -2.04
C ALA D 241 28.99 -42.55 -2.24
N THR D 242 29.71 -41.93 -3.18
CA THR D 242 31.07 -42.37 -3.47
C THR D 242 31.97 -42.32 -2.25
N ASN D 243 31.70 -41.38 -1.35
CA ASN D 243 32.53 -41.26 -0.15
C ASN D 243 32.45 -42.52 0.69
N GLY D 244 31.27 -43.15 0.76
CA GLY D 244 31.13 -44.36 1.54
C GLY D 244 32.02 -45.48 1.04
N LEU D 245 31.94 -45.78 -0.25
CA LEU D 245 32.78 -46.82 -0.83
C LEU D 245 34.25 -46.46 -0.71
N MET D 246 34.58 -45.20 -1.00
CA MET D 246 35.98 -44.75 -0.89
C MET D 246 36.52 -45.00 0.50
N TYR D 247 35.73 -44.74 1.53
CA TYR D 247 36.18 -44.95 2.89
C TYR D 247 36.24 -46.43 3.24
N MET D 248 35.29 -47.21 2.74
CA MET D 248 35.28 -48.64 3.05
C MET D 248 36.44 -49.37 2.39
N PHE D 249 36.93 -48.87 1.27
CA PHE D 249 37.93 -49.64 0.52
C PHE D 249 39.36 -49.24 0.88
N THR D 250 39.61 -47.97 1.17
CA THR D 250 40.98 -47.53 1.38
C THR D 250 41.55 -48.19 2.63
N PRO D 251 42.70 -48.84 2.56
CA PRO D 251 43.33 -49.36 3.77
C PRO D 251 44.16 -48.27 4.43
N LYS D 252 43.86 -48.02 5.69
CA LYS D 252 44.56 -47.01 6.48
C LYS D 252 45.41 -47.75 7.51
N ILE D 253 46.72 -47.76 7.30
CA ILE D 253 47.59 -48.68 8.05
C ILE D 253 47.95 -47.97 9.36
N GLU D 254 47.01 -48.01 10.29
CA GLU D 254 47.26 -47.66 11.68
C GLU D 254 46.63 -48.62 12.67
N GLN D 255 45.56 -49.33 12.30
CA GLN D 255 44.94 -50.33 13.15
C GLN D 255 45.12 -51.74 12.63
N LEU D 256 45.65 -51.92 11.41
CA LEU D 256 46.13 -53.23 11.01
C LEU D 256 47.22 -53.72 11.95
N ALA D 257 47.91 -52.81 12.62
CA ALA D 257 48.85 -53.14 13.68
C ALA D 257 48.15 -53.34 15.02
N ASN D 258 46.83 -53.41 15.04
CA ASN D 258 46.08 -53.73 16.25
C ASN D 258 45.53 -55.14 16.13
N PRO D 259 45.96 -56.09 16.97
CA PRO D 259 45.49 -57.47 16.83
C PRO D 259 44.01 -57.65 17.15
N LYS D 260 43.36 -56.66 17.79
CA LYS D 260 41.93 -56.77 18.07
C LYS D 260 41.13 -56.92 16.78
N ALA D 261 41.40 -56.09 15.78
CA ALA D 261 40.76 -56.26 14.49
C ALA D 261 41.06 -57.64 13.91
N TRP D 262 42.27 -58.15 14.12
CA TRP D 262 42.63 -59.46 13.59
C TRP D 262 41.75 -60.57 14.20
N ILE D 263 41.71 -60.63 15.52
CA ILE D 263 40.91 -61.66 16.18
C ILE D 263 39.44 -61.48 15.86
N ASN D 264 38.98 -60.23 15.77
CA ASN D 264 37.58 -60.01 15.46
C ASN D 264 37.24 -60.51 14.07
N ALA D 265 38.10 -60.27 13.09
CA ALA D 265 37.84 -60.77 11.74
C ALA D 265 37.88 -62.30 11.71
N ALA D 266 38.88 -62.90 12.36
CA ALA D 266 38.95 -64.35 12.42
C ALA D 266 37.66 -64.92 13.00
N THR D 267 37.17 -64.32 14.07
CA THR D 267 35.96 -64.82 14.71
C THR D 267 34.74 -64.61 13.84
N GLN D 268 34.64 -63.46 13.16
CA GLN D 268 33.51 -63.25 12.27
C GLN D 268 33.47 -64.31 11.20
N ILE D 269 34.64 -64.68 10.67
CA ILE D 269 34.67 -65.76 9.68
C ILE D 269 34.23 -67.07 10.32
N PHE D 270 34.77 -67.39 11.49
CA PHE D 270 34.44 -68.66 12.13
C PHE D 270 32.95 -68.78 12.41
N PHE D 271 32.36 -67.71 12.96
CA PHE D 271 30.97 -67.70 13.33
C PHE D 271 30.05 -67.67 12.12
N SER D 272 30.49 -67.03 11.02
CA SER D 272 29.64 -66.97 9.85
C SER D 272 29.62 -68.29 9.10
N LEU D 273 30.64 -69.12 9.26
CA LEU D 273 30.74 -70.38 8.55
C LEU D 273 30.18 -71.55 9.34
N GLY D 274 29.58 -71.30 10.49
CA GLY D 274 28.89 -72.35 11.22
C GLY D 274 29.80 -73.42 11.80
N LEU D 275 31.11 -73.24 11.67
CA LEU D 275 32.04 -74.21 12.22
C LEU D 275 32.02 -74.16 13.75
N GLY D 276 32.50 -75.24 14.36
CA GLY D 276 32.55 -75.33 15.81
C GLY D 276 31.22 -75.65 16.44
N PHE D 277 30.13 -75.17 15.83
CA PHE D 277 28.81 -75.41 16.40
C PHE D 277 28.39 -76.87 16.29
N GLY D 278 29.00 -77.62 15.38
CA GLY D 278 28.65 -79.01 15.19
C GLY D 278 27.50 -79.26 14.25
N SER D 279 26.82 -78.20 13.77
CA SER D 279 25.77 -78.40 12.79
C SER D 279 26.31 -78.94 11.47
N LEU D 280 27.53 -78.53 11.11
CA LEU D 280 28.09 -78.97 9.84
C LEU D 280 28.68 -80.37 9.95
N ILE D 281 29.29 -80.69 11.09
CA ILE D 281 29.80 -82.04 11.29
C ILE D 281 28.65 -83.03 11.40
N ALA D 282 27.46 -82.57 11.76
CA ALA D 282 26.30 -83.42 11.80
C ALA D 282 25.52 -83.43 10.51
N PHE D 283 25.65 -82.40 9.69
CA PHE D 283 24.89 -82.34 8.44
C PHE D 283 25.36 -83.40 7.46
N ALA D 284 26.67 -83.56 7.31
CA ALA D 284 27.23 -84.57 6.42
C ALA D 284 27.49 -85.89 7.15
N SER D 285 26.49 -86.36 7.88
CA SER D 285 26.57 -87.63 8.59
C SER D 285 25.62 -88.66 8.02
N TYR D 286 24.32 -88.37 7.99
CA TYR D 286 23.37 -89.22 7.27
C TYR D 286 23.14 -88.72 5.85
N ASN D 287 24.23 -88.46 5.14
CA ASN D 287 24.17 -87.97 3.77
C ASN D 287 25.53 -88.16 3.14
N GLU D 288 25.60 -87.91 1.83
CA GLU D 288 26.87 -87.88 1.11
C GLU D 288 27.59 -89.22 1.18
N PRO D 289 27.12 -90.25 0.48
CA PRO D 289 27.79 -91.56 0.51
C PRO D 289 29.24 -91.51 0.06
N SER D 290 29.50 -91.05 -1.16
CA SER D 290 30.88 -90.95 -1.65
C SER D 290 31.09 -89.76 -2.56
N ASN D 291 30.36 -88.67 -2.35
CA ASN D 291 30.58 -87.48 -3.17
C ASN D 291 31.76 -86.69 -2.62
N ASN D 292 32.16 -85.65 -3.36
CA ASN D 292 33.35 -84.88 -3.03
C ASN D 292 33.01 -83.74 -2.08
N CYS D 293 33.77 -83.66 -0.99
CA CYS D 293 33.57 -82.60 -0.01
C CYS D 293 34.39 -81.35 -0.33
N GLN D 294 35.51 -81.50 -1.03
CA GLN D 294 36.35 -80.35 -1.34
C GLN D 294 35.59 -79.33 -2.17
N LYS D 295 35.01 -79.76 -3.29
CA LYS D 295 34.30 -78.83 -4.15
C LYS D 295 33.13 -78.18 -3.41
N HIS D 296 32.34 -78.98 -2.69
CA HIS D 296 31.18 -78.45 -1.99
C HIS D 296 31.59 -77.39 -0.98
N ALA D 297 32.58 -77.71 -0.14
CA ALA D 297 33.01 -76.75 0.88
C ALA D 297 33.60 -75.51 0.24
N ILE D 298 34.29 -75.65 -0.89
CA ILE D 298 34.85 -74.49 -1.56
C ILE D 298 33.75 -73.58 -2.05
N ILE D 299 32.72 -74.16 -2.67
CA ILE D 299 31.58 -73.36 -3.11
C ILE D 299 30.96 -72.62 -1.94
N VAL D 300 30.74 -73.33 -0.83
CA VAL D 300 30.01 -72.69 0.27
C VAL D 300 30.83 -71.57 0.89
N SER D 301 32.15 -71.77 1.03
CA SER D 301 32.97 -70.73 1.65
C SER D 301 33.07 -69.52 0.75
N LEU D 302 33.27 -69.75 -0.56
CA LEU D 302 33.32 -68.64 -1.50
C LEU D 302 32.00 -67.87 -1.49
N ILE D 303 30.88 -68.58 -1.40
CA ILE D 303 29.59 -67.89 -1.42
C ILE D 303 29.39 -67.10 -0.13
N ASN D 304 29.84 -67.64 1.00
CA ASN D 304 29.78 -66.88 2.24
C ASN D 304 30.56 -65.59 2.12
N SER D 305 31.80 -65.68 1.64
CA SER D 305 32.62 -64.47 1.53
C SER D 305 32.02 -63.47 0.57
N PHE D 306 31.50 -63.95 -0.57
CA PHE D 306 30.90 -63.04 -1.54
C PHE D 306 29.66 -62.37 -0.98
N THR D 307 28.82 -63.12 -0.27
CA THR D 307 27.64 -62.52 0.36
C THR D 307 28.05 -61.43 1.34
N SER D 308 29.05 -61.72 2.17
CA SER D 308 29.50 -60.73 3.14
C SER D 308 30.00 -59.46 2.44
N ILE D 309 30.96 -59.62 1.53
CA ILE D 309 31.57 -58.46 0.89
C ILE D 309 30.57 -57.69 0.05
N PHE D 310 29.56 -58.35 -0.51
CA PHE D 310 28.59 -57.61 -1.30
C PHE D 310 27.60 -56.88 -0.41
N ALA D 311 27.01 -57.59 0.55
CA ALA D 311 26.06 -56.94 1.44
C ALA D 311 26.71 -55.81 2.24
N SER D 312 28.03 -55.81 2.36
CA SER D 312 28.67 -54.71 3.07
C SER D 312 29.02 -53.54 2.16
N ILE D 313 28.45 -53.45 0.96
CA ILE D 313 28.70 -52.33 0.05
C ILE D 313 27.49 -51.41 -0.05
N VAL D 314 26.28 -51.97 -0.05
CA VAL D 314 25.09 -51.13 -0.09
C VAL D 314 24.99 -50.31 1.18
N THR D 315 25.16 -50.98 2.32
CA THR D 315 25.11 -50.28 3.61
C THR D 315 26.13 -49.16 3.66
N PHE D 316 27.34 -49.40 3.17
CA PHE D 316 28.34 -48.36 3.31
C PHE D 316 28.22 -47.26 2.27
N SER D 317 27.67 -47.54 1.10
CA SER D 317 27.27 -46.45 0.21
C SER D 317 26.26 -45.54 0.90
N ILE D 318 25.23 -46.14 1.49
CA ILE D 318 24.20 -45.33 2.15
C ILE D 318 24.80 -44.61 3.35
N TYR D 319 25.76 -45.24 4.03
CA TYR D 319 26.34 -44.64 5.21
C TYR D 319 27.23 -43.46 4.85
N GLY D 320 27.96 -43.56 3.73
CA GLY D 320 28.66 -42.39 3.22
C GLY D 320 27.72 -41.28 2.82
N PHE D 321 26.56 -41.64 2.25
CA PHE D 321 25.54 -40.62 1.98
C PHE D 321 25.13 -39.90 3.25
N LYS D 322 24.81 -40.66 4.29
CA LYS D 322 24.39 -40.05 5.56
C LYS D 322 25.49 -39.17 6.13
N ALA D 323 26.74 -39.64 6.04
CA ALA D 323 27.85 -38.87 6.57
C ALA D 323 27.98 -37.54 5.84
N THR D 324 27.99 -37.58 4.51
CA THR D 324 28.17 -36.33 3.78
C THR D 324 26.99 -35.39 3.96
N PHE D 325 25.78 -35.92 4.13
CA PHE D 325 24.65 -35.06 4.40
C PHE D 325 24.82 -34.35 5.74
N ASN D 326 25.20 -35.10 6.77
CA ASN D 326 25.43 -34.49 8.07
C ASN D 326 26.51 -33.42 8.00
N TYR D 327 27.55 -33.67 7.20
CA TYR D 327 28.62 -32.69 7.06
C TYR D 327 28.13 -31.42 6.40
N GLU D 328 27.40 -31.55 5.29
CA GLU D 328 26.88 -30.36 4.62
C GLU D 328 25.94 -29.59 5.53
N ASN D 329 25.16 -30.30 6.34
CA ASN D 329 24.27 -29.62 7.27
C ASN D 329 25.06 -28.82 8.29
N CYS D 330 26.11 -29.42 8.87
CA CYS D 330 26.96 -28.66 9.78
C CYS D 330 27.51 -27.41 9.11
N LEU D 331 28.01 -27.55 7.90
CA LEU D 331 28.59 -26.41 7.19
C LEU D 331 27.57 -25.31 6.98
N LYS D 332 26.38 -25.68 6.50
CA LYS D 332 25.36 -24.68 6.22
C LYS D 332 24.90 -23.99 7.50
N LYS D 333 24.82 -24.73 8.60
CA LYS D 333 24.41 -24.11 9.86
C LYS D 333 25.41 -23.05 10.29
N VAL D 334 26.71 -23.36 10.22
CA VAL D 334 27.67 -22.36 10.66
C VAL D 334 27.70 -21.19 9.69
N SER D 335 27.48 -21.44 8.40
CA SER D 335 27.44 -20.33 7.45
C SER D 335 26.26 -19.42 7.76
N LEU D 336 25.13 -20.00 8.14
CA LEU D 336 23.97 -19.18 8.49
C LEU D 336 24.24 -18.36 9.74
N LEU D 337 24.82 -18.98 10.76
CA LEU D 337 25.15 -18.21 11.97
C LEU D 337 26.06 -17.04 11.63
N LEU D 338 27.05 -17.27 10.77
CA LEU D 338 27.96 -16.19 10.39
C LEU D 338 27.21 -15.09 9.66
N THR D 339 26.48 -15.43 8.61
CA THR D 339 25.78 -14.41 7.85
C THR D 339 24.70 -13.72 8.65
N ASN D 340 24.27 -14.29 9.77
CA ASN D 340 23.28 -13.62 10.58
C ASN D 340 23.92 -12.67 11.57
N THR D 341 25.03 -13.06 12.19
CA THR D 341 25.53 -12.30 13.31
C THR D 341 26.10 -10.95 12.90
N PHE D 342 26.97 -10.90 11.89
CA PHE D 342 27.48 -9.58 11.57
C PHE D 342 26.52 -8.85 10.65
N ASP D 343 26.60 -9.14 9.35
CA ASP D 343 25.57 -8.96 8.34
C ASP D 343 26.21 -9.32 7.01
N LEU D 344 25.50 -10.02 6.13
CA LEU D 344 26.05 -10.33 4.82
C LEU D 344 24.91 -10.69 3.90
N GLU D 345 25.01 -10.28 2.65
CA GLU D 345 24.03 -10.69 1.65
C GLU D 345 23.81 -12.19 1.74
N ASP D 346 22.56 -12.61 1.73
CA ASP D 346 22.29 -14.04 1.76
C ASP D 346 22.88 -14.72 0.52
N GLY D 347 23.23 -15.98 0.69
CA GLY D 347 23.88 -16.72 -0.37
C GLY D 347 25.32 -16.34 -0.62
N PHE D 348 25.96 -15.62 0.30
CA PHE D 348 27.33 -15.17 0.09
C PHE D 348 28.36 -16.16 0.60
N LEU D 349 27.99 -17.03 1.54
CA LEU D 349 28.90 -17.99 2.15
C LEU D 349 28.33 -19.37 1.85
N THR D 350 28.70 -19.94 0.70
CA THR D 350 28.02 -21.16 0.31
C THR D 350 28.75 -22.42 0.73
N ALA D 351 29.90 -22.69 0.13
CA ALA D 351 30.69 -23.86 0.54
C ALA D 351 32.18 -23.67 0.49
N SER D 352 32.69 -22.67 -0.22
CA SER D 352 34.12 -22.60 -0.53
C SER D 352 34.78 -21.36 0.01
N ASN D 353 34.23 -20.18 -0.25
CA ASN D 353 34.91 -18.96 0.14
C ASN D 353 34.91 -18.73 1.63
N LEU D 354 34.22 -19.59 2.39
CA LEU D 354 34.09 -19.45 3.84
C LEU D 354 35.42 -19.12 4.50
N GLU D 355 36.42 -19.97 4.26
CA GLU D 355 37.74 -19.73 4.84
C GLU D 355 38.23 -18.33 4.51
N GLN D 356 38.21 -17.96 3.23
CA GLN D 356 38.56 -16.60 2.84
C GLN D 356 37.77 -15.60 3.66
N VAL D 357 36.44 -15.76 3.68
CA VAL D 357 35.60 -14.90 4.50
C VAL D 357 36.04 -14.99 5.96
N LYS D 358 36.27 -16.22 6.44
CA LYS D 358 36.73 -16.41 7.80
C LYS D 358 37.95 -15.57 8.10
N GLY D 359 38.83 -15.40 7.10
CA GLY D 359 39.96 -14.52 7.30
C GLY D 359 39.54 -13.06 7.28
N TYR D 360 38.77 -12.67 6.25
CA TYR D 360 38.45 -11.27 6.05
C TYR D 360 37.64 -10.69 7.21
N LEU D 361 36.94 -11.53 7.98
CA LEU D 361 36.18 -11.06 9.12
C LEU D 361 37.01 -11.01 10.40
N ALA D 362 38.27 -11.44 10.33
CA ALA D 362 39.14 -11.33 11.48
C ALA D 362 39.68 -9.93 11.68
N SER D 363 40.13 -9.29 10.60
CA SER D 363 40.56 -7.91 10.66
C SER D 363 39.40 -6.93 10.61
N ALA D 364 38.19 -7.42 10.34
CA ALA D 364 37.04 -6.52 10.22
C ALA D 364 36.75 -5.84 11.55
N TYR D 365 36.41 -6.63 12.56
CA TYR D 365 36.09 -6.10 13.88
C TYR D 365 36.26 -7.20 14.91
N PRO D 366 37.48 -7.55 15.27
CA PRO D 366 37.69 -8.66 16.21
C PRO D 366 37.03 -8.46 17.55
N SER D 367 36.69 -7.22 17.91
CA SER D 367 35.95 -6.98 19.16
C SER D 367 34.57 -7.63 19.11
N LYS D 368 34.12 -8.06 17.95
CA LYS D 368 32.91 -8.87 17.83
C LYS D 368 33.19 -10.28 17.36
N TYR D 369 34.32 -10.50 16.70
CA TYR D 369 34.64 -11.78 16.11
C TYR D 369 35.21 -12.75 17.15
N SER D 370 36.12 -12.27 17.99
CA SER D 370 36.67 -13.12 19.04
C SER D 370 35.59 -13.48 20.06
N GLU D 371 34.66 -12.58 20.31
CA GLU D 371 33.62 -12.79 21.31
C GLU D 371 32.56 -13.76 20.85
N MET D 372 32.64 -14.22 19.61
CA MET D 372 31.74 -15.26 19.11
C MET D 372 32.52 -16.46 18.61
N PHE D 373 33.85 -16.34 18.44
CA PHE D 373 34.64 -17.46 17.98
C PHE D 373 34.39 -18.77 18.73
N PRO D 374 34.26 -18.80 20.05
CA PRO D 374 34.00 -20.07 20.74
C PRO D 374 32.70 -20.74 20.33
N GLN D 375 31.86 -20.09 19.52
CA GLN D 375 30.64 -20.72 19.05
C GLN D 375 30.78 -21.28 17.64
N ILE D 376 31.81 -20.86 16.90
CA ILE D 376 32.04 -21.33 15.55
C ILE D 376 32.23 -22.83 15.59
N LYS D 377 31.35 -23.56 14.94
CA LYS D 377 31.50 -25.01 14.89
C LYS D 377 32.61 -25.37 13.91
N ASN D 378 33.40 -26.36 14.30
CA ASN D 378 34.60 -26.78 13.57
C ASN D 378 34.38 -28.25 13.21
N CYS D 379 33.89 -28.51 12.01
CA CYS D 379 33.52 -29.86 11.63
C CYS D 379 34.12 -30.19 10.26
N SER D 380 34.67 -31.41 10.15
CA SER D 380 35.31 -31.85 8.92
C SER D 380 34.70 -33.18 8.49
N LEU D 381 34.90 -33.49 7.20
CA LEU D 381 34.18 -34.61 6.60
C LEU D 381 34.66 -35.95 7.14
N GLU D 382 35.97 -36.17 7.18
CA GLU D 382 36.48 -37.48 7.56
C GLU D 382 36.26 -37.76 9.04
N SER D 383 36.41 -36.74 9.89
CA SER D 383 36.19 -36.93 11.31
C SER D 383 34.74 -37.31 11.59
N GLU D 384 33.81 -36.71 10.85
CA GLU D 384 32.41 -37.05 10.98
C GLU D 384 32.13 -38.44 10.44
N LEU D 385 32.63 -38.73 9.24
CA LEU D 385 32.44 -40.03 8.61
C LEU D 385 33.01 -41.16 9.44
N ASP D 386 34.00 -40.87 10.27
CA ASP D 386 34.53 -41.89 11.16
C ASP D 386 33.45 -42.45 12.07
N THR D 387 32.77 -41.58 12.81
CA THR D 387 31.75 -41.98 13.77
C THR D 387 30.47 -41.20 13.47
N ALA D 388 29.55 -41.81 12.74
CA ALA D 388 28.26 -41.20 12.44
C ALA D 388 27.08 -42.05 12.89
N VAL D 389 27.13 -43.36 12.70
CA VAL D 389 26.01 -44.22 13.04
C VAL D 389 26.51 -45.44 13.81
N GLN D 390 27.79 -45.43 14.18
CA GLN D 390 28.43 -46.61 14.73
C GLN D 390 27.66 -47.16 15.91
N GLY D 391 27.83 -48.46 16.16
CA GLY D 391 27.09 -49.13 17.21
C GLY D 391 26.53 -50.45 16.72
N THR D 392 26.01 -51.25 17.64
CA THR D 392 25.50 -52.57 17.26
C THR D 392 24.17 -52.51 16.53
N GLY D 393 23.52 -51.36 16.49
CA GLY D 393 22.27 -51.25 15.76
C GLY D 393 22.47 -50.59 14.42
N LEU D 394 23.71 -50.65 13.92
CA LEU D 394 24.07 -49.92 12.72
C LEU D 394 23.12 -50.20 11.57
N ALA D 395 22.92 -51.48 11.25
CA ALA D 395 22.09 -51.85 10.11
C ALA D 395 20.70 -51.24 10.22
N PHE D 396 20.12 -51.31 11.42
CA PHE D 396 18.78 -50.76 11.61
C PHE D 396 18.75 -49.27 11.30
N ILE D 397 19.66 -48.51 11.92
CA ILE D 397 19.62 -47.06 11.81
C ILE D 397 19.91 -46.61 10.38
N VAL D 398 20.77 -47.33 9.66
CA VAL D 398 21.06 -46.90 8.30
C VAL D 398 19.93 -47.30 7.36
N TYR D 399 19.39 -48.50 7.50
CA TYR D 399 18.35 -48.94 6.57
C TYR D 399 17.07 -48.14 6.76
N THR D 400 16.69 -47.88 8.02
CA THR D 400 15.50 -47.06 8.22
C THR D 400 15.70 -45.65 7.68
N GLU D 401 16.93 -45.14 7.72
CA GLU D 401 17.20 -43.83 7.14
C GLU D 401 17.11 -43.87 5.63
N ALA D 402 17.46 -45.00 5.03
CA ALA D 402 17.35 -45.15 3.59
C ALA D 402 15.92 -45.38 3.12
N ILE D 403 15.06 -45.93 3.97
CA ILE D 403 13.69 -46.24 3.56
C ILE D 403 12.86 -44.96 3.51
N LYS D 404 13.09 -44.03 4.45
CA LYS D 404 12.36 -42.77 4.42
C LYS D 404 12.66 -41.97 3.17
N ASN D 405 13.76 -42.27 2.49
CA ASN D 405 14.16 -41.57 1.28
C ASN D 405 13.59 -42.21 0.02
N MET D 406 12.83 -43.29 0.15
CA MET D 406 12.28 -43.97 -1.00
C MET D 406 11.16 -43.12 -1.61
N GLU D 407 10.51 -43.66 -2.65
CA GLU D 407 9.33 -43.02 -3.21
C GLU D 407 8.07 -43.44 -2.45
N VAL D 408 7.78 -44.74 -2.43
CA VAL D 408 6.81 -45.32 -1.52
C VAL D 408 7.59 -45.86 -0.33
N SER D 409 6.97 -45.87 0.85
CA SER D 409 7.70 -46.14 2.07
C SER D 409 7.28 -47.47 2.71
N GLN D 410 5.99 -47.66 2.97
CA GLN D 410 5.54 -48.88 3.63
C GLN D 410 5.94 -50.11 2.83
N LEU D 411 5.89 -50.03 1.50
CA LEU D 411 6.21 -51.19 0.66
C LEU D 411 7.64 -51.65 0.86
N TRP D 412 8.61 -50.77 0.57
CA TRP D 412 10.01 -51.14 0.73
C TRP D 412 10.32 -51.50 2.18
N SER D 413 9.71 -50.79 3.12
CA SER D 413 9.92 -51.11 4.53
C SER D 413 9.58 -52.56 4.82
N VAL D 414 8.32 -52.95 4.55
CA VAL D 414 7.90 -54.28 4.92
C VAL D 414 8.64 -55.32 4.10
N LEU D 415 8.98 -55.01 2.85
CA LEU D 415 9.73 -55.96 2.04
C LEU D 415 11.10 -56.24 2.65
N TYR D 416 11.85 -55.19 2.95
CA TYR D 416 13.18 -55.36 3.51
C TYR D 416 13.14 -56.06 4.85
N PHE D 417 12.19 -55.67 5.70
CA PHE D 417 12.13 -56.29 7.02
C PHE D 417 11.66 -57.73 6.94
N PHE D 418 10.82 -58.06 5.96
CA PHE D 418 10.43 -59.45 5.77
C PHE D 418 11.62 -60.27 5.29
N MET D 419 12.42 -59.72 4.38
CA MET D 419 13.65 -60.39 3.98
C MET D 419 14.52 -60.68 5.20
N LEU D 420 14.76 -59.65 6.00
CA LEU D 420 15.66 -59.80 7.15
C LEU D 420 15.09 -60.81 8.14
N LEU D 421 13.79 -60.75 8.38
CA LEU D 421 13.16 -61.67 9.32
C LEU D 421 13.22 -63.10 8.82
N MET D 422 13.05 -63.29 7.51
CA MET D 422 13.11 -64.63 6.93
C MET D 422 14.51 -65.20 7.02
N LEU D 423 15.52 -64.40 6.69
CA LEU D 423 16.89 -64.85 6.87
C LEU D 423 17.16 -65.20 8.32
N GLY D 424 16.68 -64.35 9.24
CA GLY D 424 16.88 -64.62 10.64
C GLY D 424 16.26 -65.93 11.09
N ILE D 425 15.01 -66.17 10.68
CA ILE D 425 14.33 -67.38 11.12
C ILE D 425 14.95 -68.61 10.47
N GLY D 426 15.48 -68.46 9.26
CA GLY D 426 16.18 -69.58 8.64
C GLY D 426 17.43 -69.94 9.40
N SER D 427 18.29 -68.95 9.65
CA SER D 427 19.45 -69.18 10.50
C SER D 427 19.04 -69.71 11.86
N MET D 428 17.88 -69.30 12.35
CA MET D 428 17.43 -69.70 13.67
C MET D 428 17.10 -71.18 13.71
N LEU D 429 16.31 -71.65 12.74
CA LEU D 429 15.97 -73.06 12.70
C LEU D 429 17.22 -73.90 12.42
N GLY D 430 18.13 -73.37 11.60
CA GLY D 430 19.39 -74.05 11.39
C GLY D 430 20.16 -74.23 12.68
N ASN D 431 20.20 -73.19 13.52
CA ASN D 431 20.88 -73.31 14.81
C ASN D 431 20.14 -74.28 15.72
N THR D 432 18.80 -74.26 15.68
CA THR D 432 18.04 -75.10 16.60
C THR D 432 18.15 -76.57 16.26
N ALA D 433 18.38 -76.90 14.99
CA ALA D 433 18.57 -78.30 14.62
C ALA D 433 19.76 -78.90 15.35
N ALA D 434 20.88 -78.18 15.39
CA ALA D 434 22.12 -78.68 15.98
C ALA D 434 22.01 -78.90 17.48
N ILE D 435 20.92 -78.48 18.10
CA ILE D 435 20.69 -78.77 19.51
C ILE D 435 19.49 -79.68 19.73
N LEU D 436 18.50 -79.69 18.85
CA LEU D 436 17.41 -80.64 19.00
C LEU D 436 17.88 -82.06 18.70
N THR D 437 18.81 -82.21 17.75
CA THR D 437 19.25 -83.55 17.40
C THR D 437 20.08 -84.22 18.49
N PRO D 438 21.19 -83.64 18.97
CA PRO D 438 22.09 -84.42 19.84
C PRO D 438 21.56 -84.67 21.24
N LEU D 439 20.42 -84.10 21.62
CA LEU D 439 19.85 -84.38 22.93
C LEU D 439 18.78 -85.46 22.91
N THR D 440 18.22 -85.75 21.74
CA THR D 440 17.14 -86.72 21.61
C THR D 440 17.62 -88.13 21.34
N ASP D 441 18.86 -88.31 20.89
CA ASP D 441 19.36 -89.63 20.55
C ASP D 441 19.71 -90.47 21.77
N SER D 442 20.16 -89.83 22.85
CA SER D 442 20.46 -90.57 24.07
C SER D 442 19.20 -91.24 24.59
N LYS D 443 19.31 -92.54 24.90
CA LYS D 443 18.15 -93.35 25.21
C LYS D 443 17.67 -93.19 26.65
N ILE D 444 18.43 -92.50 27.50
CA ILE D 444 18.03 -92.29 28.89
C ILE D 444 17.12 -91.09 29.03
N ILE D 445 17.42 -90.01 28.32
CA ILE D 445 16.64 -88.78 28.50
C ILE D 445 15.34 -88.84 27.70
N SER D 446 15.34 -89.51 26.55
CA SER D 446 14.16 -89.59 25.70
C SER D 446 13.31 -90.82 25.98
N SER D 447 13.32 -91.31 27.22
CA SER D 447 12.46 -92.43 27.61
C SER D 447 11.12 -91.95 28.16
N HIS D 448 11.11 -90.84 28.88
CA HIS D 448 9.86 -90.35 29.46
C HIS D 448 9.06 -89.52 28.47
N LEU D 449 9.66 -88.43 27.99
CA LEU D 449 9.00 -87.41 27.18
C LEU D 449 9.40 -87.53 25.71
N PRO D 450 8.46 -87.28 24.80
CA PRO D 450 8.81 -87.18 23.38
C PRO D 450 9.48 -85.86 23.05
N LYS D 451 9.70 -85.60 21.76
CA LYS D 451 10.48 -84.44 21.34
C LYS D 451 9.73 -83.14 21.51
N GLU D 452 8.40 -83.13 21.28
CA GLU D 452 7.64 -81.90 21.38
C GLU D 452 7.72 -81.33 22.79
N ALA D 453 7.71 -82.20 23.80
CA ALA D 453 7.76 -81.73 25.19
C ALA D 453 9.07 -81.01 25.48
N ILE D 454 10.20 -81.67 25.21
CA ILE D 454 11.49 -81.06 25.52
C ILE D 454 11.72 -79.83 24.66
N SER D 455 11.21 -79.83 23.42
CA SER D 455 11.31 -78.64 22.59
C SER D 455 10.58 -77.46 23.23
N GLY D 456 9.36 -77.71 23.72
CA GLY D 456 8.64 -76.67 24.43
C GLY D 456 9.39 -76.19 25.66
N LEU D 457 9.98 -77.12 26.41
CA LEU D 457 10.73 -76.73 27.61
C LEU D 457 11.93 -75.85 27.26
N VAL D 458 12.65 -76.19 26.20
CA VAL D 458 13.83 -75.42 25.85
C VAL D 458 13.45 -74.05 25.30
N CYS D 459 12.39 -73.98 24.49
CA CYS D 459 11.92 -72.68 24.03
C CYS D 459 11.47 -71.82 25.22
N LEU D 460 10.82 -72.46 26.18
CA LEU D 460 10.35 -71.77 27.38
C LEU D 460 11.51 -71.18 28.20
N VAL D 461 12.52 -71.98 28.49
CA VAL D 461 13.66 -71.49 29.28
C VAL D 461 14.44 -70.46 28.49
N ASN D 462 14.49 -70.61 27.16
CA ASN D 462 15.25 -69.69 26.33
C ASN D 462 14.60 -68.31 26.33
N CYS D 463 13.28 -68.27 26.17
CA CYS D 463 12.57 -66.98 26.26
C CYS D 463 12.71 -66.37 27.65
N ALA D 464 12.54 -67.19 28.69
CA ALA D 464 12.57 -66.67 30.05
C ALA D 464 13.95 -66.18 30.47
N ILE D 465 15.01 -66.66 29.84
CA ILE D 465 16.33 -66.10 30.12
C ILE D 465 16.62 -64.90 29.22
N GLY D 466 16.20 -64.94 27.95
CA GLY D 466 16.43 -63.82 27.06
C GLY D 466 15.60 -62.61 27.37
N MET D 467 14.59 -62.72 28.23
CA MET D 467 13.86 -61.54 28.68
C MET D 467 14.79 -60.46 29.20
N VAL D 468 16.00 -60.82 29.65
CA VAL D 468 16.89 -59.85 30.28
C VAL D 468 17.21 -58.71 29.32
N PHE D 469 17.40 -59.02 28.04
CA PHE D 469 17.71 -57.96 27.07
C PHE D 469 16.56 -56.97 26.91
N THR D 470 15.36 -57.37 27.30
CA THR D 470 14.20 -56.49 27.23
C THR D 470 14.32 -55.40 28.30
N MET D 471 15.16 -55.62 29.31
CA MET D 471 15.32 -54.62 30.36
C MET D 471 15.73 -53.30 29.74
N GLU D 472 15.69 -52.24 30.55
CA GLU D 472 16.02 -50.91 30.07
C GLU D 472 17.48 -50.86 29.61
N ALA D 473 18.41 -51.30 30.45
CA ALA D 473 19.81 -51.41 30.05
C ALA D 473 20.12 -52.82 29.57
N GLY D 474 19.33 -53.31 28.63
CA GLY D 474 19.49 -54.65 28.10
C GLY D 474 20.48 -54.74 26.96
N ASN D 475 20.54 -53.69 26.13
CA ASN D 475 21.50 -53.67 25.04
C ASN D 475 22.93 -53.78 25.55
N TYR D 476 23.18 -53.31 26.77
CA TYR D 476 24.49 -53.49 27.37
C TYR D 476 24.80 -54.96 27.57
N TRP D 477 23.84 -55.71 28.12
CA TRP D 477 23.99 -57.16 28.22
C TRP D 477 24.15 -57.79 26.84
N PHE D 478 23.46 -57.24 25.84
CA PHE D 478 23.52 -57.80 24.50
C PHE D 478 24.92 -57.69 23.92
N ASP D 479 25.50 -56.49 23.96
CA ASP D 479 26.85 -56.33 23.43
C ASP D 479 27.87 -57.02 24.30
N ILE D 480 27.56 -57.19 25.59
CA ILE D 480 28.43 -58.00 26.45
C ILE D 480 28.48 -59.44 25.94
N PHE D 481 27.31 -60.01 25.67
CA PHE D 481 27.23 -61.41 25.28
C PHE D 481 27.87 -61.64 23.92
N ASN D 482 27.50 -60.81 22.94
CA ASN D 482 27.71 -61.16 21.54
C ASN D 482 29.15 -61.52 21.22
N ASP D 483 30.04 -60.54 21.33
CA ASP D 483 31.41 -60.72 20.85
C ASP D 483 32.11 -61.84 21.59
N TYR D 484 32.02 -61.84 22.92
CA TYR D 484 32.82 -62.77 23.71
C TYR D 484 32.30 -64.20 23.59
N ALA D 485 31.00 -64.40 23.75
CA ALA D 485 30.45 -65.74 23.63
C ALA D 485 30.55 -66.27 22.21
N ALA D 486 30.64 -65.39 21.21
CA ALA D 486 30.86 -65.88 19.86
C ALA D 486 32.33 -66.08 19.53
N THR D 487 33.24 -65.52 20.33
CA THR D 487 34.66 -65.56 20.01
C THR D 487 35.41 -66.64 20.77
N LEU D 488 35.42 -66.57 22.09
CA LEU D 488 36.47 -67.27 22.85
C LEU D 488 36.24 -68.77 22.85
N SER D 489 35.04 -69.20 23.22
CA SER D 489 34.74 -70.63 23.27
C SER D 489 34.94 -71.28 21.91
N LEU D 490 34.42 -70.65 20.86
CA LEU D 490 34.57 -71.21 19.52
C LEU D 490 36.04 -71.32 19.13
N LEU D 491 36.83 -70.28 19.43
CA LEU D 491 38.25 -70.30 19.08
C LEU D 491 38.99 -71.41 19.82
N LEU D 492 38.60 -71.71 21.06
CA LEU D 492 39.24 -72.81 21.76
C LEU D 492 38.82 -74.16 21.18
N ILE D 493 37.52 -74.34 20.93
CA ILE D 493 37.04 -75.63 20.46
C ILE D 493 37.64 -75.97 19.10
N VAL D 494 37.79 -74.97 18.23
CA VAL D 494 38.31 -75.28 16.90
C VAL D 494 39.77 -75.73 16.98
N LEU D 495 40.57 -75.06 17.81
CA LEU D 495 41.97 -75.45 17.92
C LEU D 495 42.10 -76.84 18.52
N VAL D 496 41.27 -77.15 19.52
CA VAL D 496 41.29 -78.51 20.08
C VAL D 496 40.94 -79.52 18.99
N GLU D 497 39.90 -79.25 18.22
CA GLU D 497 39.49 -80.15 17.14
C GLU D 497 40.64 -80.41 16.18
N THR D 498 41.31 -79.36 15.74
CA THR D 498 42.38 -79.51 14.76
C THR D 498 43.55 -80.30 15.33
N ILE D 499 44.07 -79.88 16.49
CA ILE D 499 45.24 -80.55 17.04
C ILE D 499 44.91 -82.01 17.32
N ALA D 500 43.69 -82.30 17.74
CA ALA D 500 43.29 -83.69 17.96
C ALA D 500 43.29 -84.47 16.65
N VAL D 501 42.50 -84.02 15.67
CA VAL D 501 42.37 -84.80 14.45
C VAL D 501 43.72 -84.99 13.78
N CYS D 502 44.65 -84.07 13.98
CA CYS D 502 45.94 -84.20 13.33
C CYS D 502 46.89 -85.10 14.11
N TYR D 503 47.23 -84.71 15.35
CA TYR D 503 48.32 -85.38 16.05
C TYR D 503 47.82 -86.38 17.09
N VAL D 504 46.60 -86.89 16.94
CA VAL D 504 46.12 -87.94 17.83
C VAL D 504 45.65 -89.12 16.97
N TYR D 505 45.25 -88.83 15.73
CA TYR D 505 44.83 -89.88 14.81
C TYR D 505 45.87 -90.19 13.75
N GLY D 506 46.68 -89.22 13.35
CA GLY D 506 47.67 -89.45 12.33
C GLY D 506 47.23 -88.98 10.97
N LEU D 507 47.99 -88.05 10.38
CA LEU D 507 47.60 -87.46 9.10
C LEU D 507 47.60 -88.50 7.99
N ARG D 508 48.67 -89.30 7.91
CA ARG D 508 48.78 -90.30 6.86
C ARG D 508 47.66 -91.33 6.95
N ARG D 509 47.23 -91.65 8.18
CA ARG D 509 46.14 -92.60 8.36
C ARG D 509 44.84 -92.09 7.73
N PHE D 510 44.48 -90.84 8.03
CA PHE D 510 43.26 -90.29 7.44
C PHE D 510 43.40 -90.10 5.94
N GLU D 511 44.59 -89.69 5.49
CA GLU D 511 44.83 -89.58 4.06
C GLU D 511 44.56 -90.91 3.36
N SER D 512 45.08 -92.00 3.93
CA SER D 512 44.83 -93.32 3.38
C SER D 512 43.35 -93.68 3.45
N ASP D 513 42.69 -93.31 4.55
CA ASP D 513 41.26 -93.61 4.67
C ASP D 513 40.45 -92.92 3.58
N LEU D 514 40.79 -91.66 3.28
CA LEU D 514 40.08 -90.95 2.22
C LEU D 514 40.41 -91.54 0.85
N LYS D 515 41.69 -91.83 0.60
CA LYS D 515 42.06 -92.49 -0.64
C LYS D 515 41.30 -93.80 -0.83
N ALA D 516 40.98 -94.47 0.28
CA ALA D 516 40.25 -95.73 0.18
C ALA D 516 38.76 -95.51 -0.03
N MET D 517 38.20 -94.48 0.61
CA MET D 517 36.75 -94.31 0.57
C MET D 517 36.29 -93.63 -0.72
N THR D 518 37.08 -92.69 -1.26
CA THR D 518 36.66 -91.92 -2.42
C THR D 518 37.50 -92.14 -3.66
N GLY D 519 38.68 -92.73 -3.54
CA GLY D 519 39.53 -92.92 -4.70
C GLY D 519 40.19 -91.65 -5.20
N ARG D 520 40.66 -90.80 -4.29
CA ARG D 520 41.40 -89.60 -4.65
C ARG D 520 42.49 -89.37 -3.62
N ALA D 521 43.58 -88.75 -4.05
CA ALA D 521 44.70 -88.44 -3.17
C ALA D 521 44.65 -86.97 -2.79
N VAL D 522 44.67 -86.68 -1.48
CA VAL D 522 44.67 -85.30 -1.03
C VAL D 522 45.96 -84.62 -1.48
N SER D 523 45.86 -83.34 -1.79
CA SER D 523 47.07 -82.58 -2.11
C SER D 523 47.80 -82.21 -0.83
N TRP D 524 49.11 -82.03 -0.96
CA TRP D 524 49.89 -81.55 0.17
C TRP D 524 49.42 -80.18 0.64
N TYR D 525 48.68 -79.47 -0.21
CA TYR D 525 48.07 -78.18 0.13
C TYR D 525 47.33 -78.24 1.46
N TRP D 526 46.45 -79.23 1.60
CA TRP D 526 45.74 -79.41 2.85
C TRP D 526 46.58 -80.16 3.87
N LYS D 527 47.49 -81.01 3.40
CA LYS D 527 48.33 -81.77 4.32
C LYS D 527 49.12 -80.84 5.23
N VAL D 528 49.61 -79.73 4.69
CA VAL D 528 50.34 -78.78 5.52
C VAL D 528 49.39 -77.90 6.32
N MET D 529 48.29 -77.48 5.70
CA MET D 529 47.43 -76.48 6.32
C MET D 529 46.56 -77.05 7.44
N TRP D 530 46.51 -78.37 7.60
CA TRP D 530 45.66 -78.94 8.65
C TRP D 530 46.34 -78.96 10.00
N ALA D 531 47.67 -78.95 10.04
CA ALA D 531 48.41 -78.88 11.30
C ALA D 531 49.57 -77.89 11.29
N GLY D 532 50.01 -77.41 10.14
CA GLY D 532 51.22 -76.62 10.07
C GLY D 532 51.08 -75.16 10.44
N VAL D 533 50.27 -74.43 9.70
CA VAL D 533 50.21 -72.98 9.79
C VAL D 533 49.13 -72.52 10.76
N SER D 534 47.88 -72.88 10.48
CA SER D 534 46.75 -72.38 11.29
C SER D 534 46.90 -72.65 12.78
N PRO D 535 47.28 -73.85 13.25
CA PRO D 535 47.48 -74.02 14.70
C PRO D 535 48.46 -73.03 15.29
N LEU D 536 49.49 -72.63 14.55
CA LEU D 536 50.44 -71.65 15.07
C LEU D 536 49.86 -70.25 15.03
N LEU D 537 49.27 -69.86 13.89
CA LEU D 537 48.82 -68.49 13.72
C LEU D 537 47.72 -68.15 14.70
N ILE D 538 46.78 -69.08 14.91
CA ILE D 538 45.64 -68.78 15.77
C ILE D 538 46.09 -68.56 17.22
N VAL D 539 47.03 -69.38 17.70
CA VAL D 539 47.46 -69.22 19.07
C VAL D 539 48.40 -68.02 19.22
N SER D 540 49.18 -67.71 18.18
CA SER D 540 49.99 -66.50 18.23
C SER D 540 49.11 -65.26 18.33
N LEU D 541 48.04 -65.22 17.51
CA LEU D 541 47.11 -64.11 17.57
C LEU D 541 46.42 -64.05 18.93
N PHE D 542 46.04 -65.20 19.48
CA PHE D 542 45.40 -65.20 20.79
C PHE D 542 46.32 -64.68 21.87
N VAL D 543 47.60 -65.09 21.82
CA VAL D 543 48.56 -64.65 22.83
C VAL D 543 48.82 -63.16 22.69
N PHE D 544 48.94 -62.65 21.47
CA PHE D 544 49.14 -61.22 21.29
C PHE D 544 47.90 -60.43 21.72
N TYR D 545 46.72 -61.01 21.53
CA TYR D 545 45.50 -60.36 22.00
C TYR D 545 45.48 -60.25 23.52
N LEU D 546 45.77 -61.37 24.20
CA LEU D 546 45.81 -61.38 25.65
C LEU D 546 47.00 -60.62 26.22
N SER D 547 48.01 -60.34 25.41
CA SER D 547 49.15 -59.54 25.84
C SER D 547 48.90 -58.05 25.68
N ASP D 548 48.28 -57.64 24.57
CA ASP D 548 47.91 -56.23 24.45
C ASP D 548 46.75 -55.87 25.35
N TYR D 549 46.09 -56.86 25.96
CA TYR D 549 45.06 -56.58 26.96
C TYR D 549 45.67 -56.01 28.23
N ILE D 550 46.91 -56.40 28.55
CA ILE D 550 47.57 -55.92 29.76
C ILE D 550 48.45 -54.71 29.48
N LEU D 551 48.63 -54.32 28.23
CA LEU D 551 49.38 -53.11 27.90
C LEU D 551 48.55 -51.85 28.11
N THR D 552 47.24 -51.97 28.28
CA THR D 552 46.37 -50.82 28.46
C THR D 552 45.57 -50.86 29.75
N GLY D 553 45.12 -52.04 30.18
CA GLY D 553 44.33 -52.15 31.39
C GLY D 553 42.93 -52.69 31.09
N THR D 554 41.95 -52.13 31.80
CA THR D 554 40.56 -52.50 31.59
C THR D 554 39.98 -51.74 30.40
N LEU D 555 38.75 -52.11 30.02
CA LEU D 555 38.13 -51.64 28.80
C LEU D 555 36.91 -50.78 29.09
N LYS D 556 36.63 -49.86 28.16
CA LYS D 556 35.44 -49.02 28.19
C LYS D 556 34.57 -49.40 27.00
N TYR D 557 33.27 -49.58 27.23
CA TYR D 557 32.45 -50.20 26.19
C TYR D 557 31.78 -49.18 25.28
N GLN D 558 30.83 -48.40 25.81
CA GLN D 558 30.02 -47.45 25.05
C GLN D 558 29.06 -46.76 26.03
N ALA D 559 28.36 -45.74 25.53
CA ALA D 559 27.27 -45.10 26.25
C ALA D 559 26.60 -44.10 25.32
N TRP D 560 25.32 -43.84 25.59
CA TRP D 560 24.44 -43.14 24.64
C TRP D 560 24.40 -41.63 24.83
N ASP D 561 24.55 -41.13 26.06
CA ASP D 561 24.57 -39.69 26.32
C ASP D 561 23.43 -38.98 25.60
N ALA D 562 22.21 -39.31 26.02
CA ALA D 562 21.02 -38.71 25.42
C ALA D 562 21.08 -37.19 25.43
N SER D 563 21.69 -36.61 26.47
CA SER D 563 21.78 -35.15 26.56
C SER D 563 22.55 -34.54 25.39
N GLN D 564 23.49 -35.27 24.81
CA GLN D 564 24.28 -34.77 23.70
C GLN D 564 23.98 -35.49 22.39
N GLY D 565 23.72 -36.80 22.43
CA GLY D 565 23.33 -37.52 21.24
C GLY D 565 24.45 -38.21 20.50
N GLN D 566 25.58 -38.46 21.14
CA GLN D 566 26.70 -39.16 20.55
C GLN D 566 27.02 -40.39 21.39
N LEU D 567 28.11 -41.06 21.06
CA LEU D 567 28.49 -42.31 21.71
C LEU D 567 29.73 -42.05 22.54
N VAL D 568 29.54 -41.79 23.83
CA VAL D 568 30.64 -41.68 24.78
C VAL D 568 31.02 -43.08 25.24
N THR D 569 32.12 -43.18 25.97
CA THR D 569 32.83 -44.44 26.18
C THR D 569 32.97 -44.75 27.67
N LYS D 570 31.84 -44.73 28.38
CA LYS D 570 31.79 -45.12 29.79
C LYS D 570 32.52 -46.43 30.07
N ASP D 571 32.98 -46.61 31.30
CA ASP D 571 33.72 -47.80 31.69
C ASP D 571 32.78 -48.87 32.24
N TYR D 572 33.29 -50.10 32.27
CA TYR D 572 32.52 -51.23 32.77
C TYR D 572 32.32 -51.10 34.28
N PRO D 573 31.29 -51.74 34.81
CA PRO D 573 31.12 -51.81 36.27
C PRO D 573 31.97 -52.94 36.84
N ALA D 574 31.80 -53.17 38.14
CA ALA D 574 32.60 -54.19 38.82
C ALA D 574 32.26 -55.59 38.34
N TYR D 575 31.00 -56.01 38.53
CA TYR D 575 30.58 -57.36 38.19
C TYR D 575 30.69 -57.65 36.70
N ALA D 576 31.02 -56.65 35.88
CA ALA D 576 31.17 -56.89 34.44
C ALA D 576 32.22 -57.96 34.17
N LEU D 577 33.46 -57.71 34.61
CA LEU D 577 34.53 -58.68 34.43
C LEU D 577 34.14 -60.05 34.96
N ALA D 578 33.45 -60.10 36.10
CA ALA D 578 33.04 -61.37 36.68
C ALA D 578 32.08 -62.11 35.75
N VAL D 579 31.13 -61.40 35.17
CA VAL D 579 30.15 -62.10 34.35
C VAL D 579 30.77 -62.55 33.03
N ILE D 580 31.69 -61.78 32.46
CA ILE D 580 32.38 -62.30 31.26
C ILE D 580 33.24 -63.49 31.64
N GLY D 581 33.83 -63.46 32.84
CA GLY D 581 34.63 -64.59 33.27
C GLY D 581 33.80 -65.86 33.37
N LEU D 582 32.63 -65.78 34.00
CA LEU D 582 31.79 -66.97 34.07
C LEU D 582 31.28 -67.36 32.70
N LEU D 583 31.04 -66.40 31.82
CA LEU D 583 30.61 -66.74 30.46
C LEU D 583 31.66 -67.58 29.76
N VAL D 584 32.90 -67.09 29.71
CA VAL D 584 33.95 -67.80 28.97
C VAL D 584 34.28 -69.12 29.64
N ALA D 585 34.27 -69.16 30.98
CA ALA D 585 34.49 -70.41 31.68
C ALA D 585 33.43 -71.44 31.33
N SER D 586 32.16 -71.13 31.64
CA SER D 586 31.07 -72.04 31.34
C SER D 586 30.97 -72.38 29.86
N SER D 587 31.54 -71.56 28.98
CA SER D 587 31.44 -71.86 27.56
C SER D 587 32.56 -72.77 27.07
N THR D 588 33.79 -72.64 27.58
CA THR D 588 34.85 -73.47 27.03
C THR D 588 35.79 -74.06 28.08
N MET D 589 35.31 -74.31 29.30
CA MET D 589 36.08 -75.06 30.29
C MET D 589 35.58 -76.48 30.47
N CYS D 590 35.17 -77.13 29.39
CA CYS D 590 34.59 -78.47 29.47
C CYS D 590 35.47 -79.56 28.87
N ILE D 591 36.48 -79.20 28.09
CA ILE D 591 37.36 -80.18 27.46
C ILE D 591 38.34 -80.77 28.47
N PRO D 592 39.05 -79.97 29.28
CA PRO D 592 39.86 -80.55 30.35
C PRO D 592 39.05 -81.30 31.38
N LEU D 593 37.77 -80.97 31.56
CA LEU D 593 36.93 -81.74 32.47
C LEU D 593 36.66 -83.13 31.94
N ALA D 594 36.48 -83.29 30.63
CA ALA D 594 36.39 -84.63 30.05
C ALA D 594 37.73 -85.34 30.10
N ALA D 595 38.83 -84.61 29.91
CA ALA D 595 40.15 -85.21 30.10
C ALA D 595 40.35 -85.73 31.51
N LEU D 596 39.83 -85.04 32.53
CA LEU D 596 39.87 -85.49 33.91
C LEU D 596 38.93 -86.66 34.16
N GLY D 597 37.72 -86.60 33.62
CA GLY D 597 36.81 -87.73 33.74
C GLY D 597 37.37 -89.00 33.16
N THR D 598 38.12 -88.89 32.05
CA THR D 598 38.81 -90.07 31.53
C THR D 598 39.85 -90.58 32.53
N PHE D 599 40.54 -89.66 33.21
CA PHE D 599 41.54 -90.07 34.20
C PHE D 599 40.90 -90.82 35.35
N VAL D 600 39.77 -90.33 35.87
CA VAL D 600 39.14 -90.99 37.02
C VAL D 600 38.41 -92.26 36.60
N GLN D 601 37.90 -92.32 35.38
CA GLN D 601 37.22 -93.53 34.93
C GLN D 601 38.20 -94.63 34.52
N ARG D 602 39.50 -94.40 34.68
CA ARG D 602 40.51 -95.43 34.47
C ARG D 602 41.14 -95.90 35.78
N ARG D 603 40.52 -95.58 36.92
CA ARG D 603 41.04 -95.95 38.23
C ARG D 603 40.07 -96.76 39.06
N LEU D 604 38.76 -96.47 38.95
CA LEU D 604 37.72 -97.20 39.68
C LEU D 604 37.97 -97.23 41.19
N SER E 28 59.03 51.69 -14.15
CA SER E 28 57.73 51.77 -14.79
C SER E 28 57.32 50.39 -15.28
N THR E 29 58.04 49.36 -14.84
CA THR E 29 57.87 48.04 -15.42
C THR E 29 56.48 47.46 -15.23
N ILE E 30 56.14 47.06 -14.01
CA ILE E 30 54.80 46.55 -13.77
C ILE E 30 54.23 47.15 -12.49
N GLU E 31 55.12 47.54 -11.59
CA GLU E 31 54.68 47.85 -10.23
C GLU E 31 54.14 49.26 -10.14
N GLU E 32 54.81 50.21 -10.79
CA GLU E 32 54.38 51.60 -10.75
C GLU E 32 53.02 51.78 -11.38
N GLN E 33 52.75 51.12 -12.50
CA GLN E 33 51.42 51.17 -13.08
C GLN E 33 50.38 50.61 -12.13
N ALA E 34 50.71 49.51 -11.47
CA ALA E 34 49.78 48.93 -10.49
C ALA E 34 49.50 49.93 -9.38
N LYS E 35 50.55 50.59 -8.88
CA LYS E 35 50.37 51.54 -7.79
C LYS E 35 49.47 52.69 -8.21
N THR E 36 49.71 53.24 -9.40
CA THR E 36 48.87 54.35 -9.84
C THR E 36 47.42 53.90 -10.02
N PHE E 37 47.24 52.70 -10.57
CA PHE E 37 45.88 52.18 -10.72
C PHE E 37 45.21 52.05 -9.36
N LEU E 38 45.96 51.60 -8.37
CA LEU E 38 45.40 51.44 -7.04
C LEU E 38 45.04 52.79 -6.44
N ASP E 39 45.82 53.81 -6.73
CA ASP E 39 45.47 55.15 -6.25
C ASP E 39 44.17 55.62 -6.86
N LYS E 40 44.01 55.47 -8.16
CA LYS E 40 42.75 55.84 -8.78
C LYS E 40 41.59 55.07 -8.15
N PHE E 41 41.78 53.78 -7.93
CA PHE E 41 40.70 52.99 -7.36
C PHE E 41 40.37 53.46 -5.95
N ASN E 42 41.40 53.70 -5.14
CA ASN E 42 41.16 54.14 -3.78
C ASN E 42 40.40 55.44 -3.74
N HIS E 43 40.64 56.33 -4.69
CA HIS E 43 39.94 57.60 -4.66
C HIS E 43 38.56 57.54 -5.29
N GLU E 44 38.28 56.53 -6.09
CA GLU E 44 36.93 56.41 -6.65
C GLU E 44 36.00 55.62 -5.74
N ALA E 45 36.42 54.41 -5.39
CA ALA E 45 35.55 53.54 -4.60
C ALA E 45 35.23 54.15 -3.25
N GLU E 46 36.13 54.97 -2.71
CA GLU E 46 35.88 55.57 -1.41
C GLU E 46 34.63 56.44 -1.45
N ASP E 47 34.39 57.11 -2.58
CA ASP E 47 33.21 57.96 -2.70
C ASP E 47 31.99 57.14 -3.06
N LEU E 48 32.13 56.22 -4.02
CA LEU E 48 30.97 55.42 -4.40
C LEU E 48 30.42 54.64 -3.22
N PHE E 49 31.31 54.08 -2.40
CA PHE E 49 30.90 53.32 -1.24
C PHE E 49 30.17 54.22 -0.25
N TYR E 50 30.68 55.43 -0.05
CA TYR E 50 30.01 56.36 0.85
C TYR E 50 28.57 56.57 0.41
N GLN E 51 28.38 56.84 -0.87
CA GLN E 51 27.02 57.10 -1.34
C GLN E 51 26.13 55.89 -1.13
N SER E 52 26.63 54.71 -1.50
CA SER E 52 25.83 53.50 -1.31
C SER E 52 25.43 53.31 0.14
N SER E 53 26.40 53.41 1.05
CA SER E 53 26.12 53.14 2.45
C SER E 53 25.21 54.20 3.04
N LEU E 54 25.36 55.45 2.60
CA LEU E 54 24.48 56.50 3.12
C LEU E 54 23.04 56.24 2.71
N ALA E 55 22.83 55.86 1.45
CA ALA E 55 21.50 55.49 1.03
C ALA E 55 20.96 54.34 1.85
N SER E 56 21.77 53.31 2.08
CA SER E 56 21.30 52.17 2.84
C SER E 56 20.95 52.55 4.27
N TRP E 57 21.74 53.43 4.89
CA TRP E 57 21.44 53.87 6.24
C TRP E 57 20.13 54.62 6.28
N ASN E 58 19.95 55.56 5.35
CA ASN E 58 18.71 56.33 5.34
C ASN E 58 17.51 55.43 5.15
N TYR E 59 17.65 54.39 4.34
CA TYR E 59 16.53 53.45 4.22
C TYR E 59 16.30 52.70 5.52
N ASN E 60 17.37 52.22 6.15
CA ASN E 60 17.21 51.41 7.35
C ASN E 60 16.58 52.20 8.48
N THR E 61 16.88 53.49 8.57
CA THR E 61 16.41 54.28 9.69
C THR E 61 15.07 54.95 9.43
N ASN E 62 14.59 54.99 8.19
CA ASN E 62 13.34 55.65 7.87
C ASN E 62 12.72 54.93 6.66
N ILE E 63 11.89 53.93 6.95
CA ILE E 63 11.41 53.03 5.90
C ILE E 63 10.32 53.73 5.11
N THR E 64 10.62 54.09 3.87
CA THR E 64 9.61 54.57 2.93
C THR E 64 9.74 53.78 1.63
N GLU E 65 9.06 54.23 0.58
CA GLU E 65 9.18 53.52 -0.69
C GLU E 65 10.33 54.06 -1.53
N GLU E 66 10.33 55.36 -1.81
CA GLU E 66 11.39 55.93 -2.63
C GLU E 66 12.77 55.68 -2.03
N ASN E 67 12.84 55.54 -0.70
CA ASN E 67 14.11 55.20 -0.08
C ASN E 67 14.65 53.89 -0.64
N VAL E 68 13.78 52.89 -0.83
CA VAL E 68 14.21 51.64 -1.41
C VAL E 68 14.75 51.85 -2.81
N GLN E 69 14.15 52.75 -3.58
CA GLN E 69 14.62 53.01 -4.92
C GLN E 69 16.01 53.63 -4.91
N ASN E 70 16.20 54.65 -4.08
CA ASN E 70 17.53 55.26 -3.98
C ASN E 70 18.56 54.26 -3.51
N MET E 71 18.18 53.39 -2.57
CA MET E 71 19.08 52.38 -2.07
C MET E 71 19.51 51.43 -3.18
N ASN E 72 18.54 50.93 -3.96
CA ASN E 72 18.89 50.02 -5.05
C ASN E 72 19.71 50.71 -6.13
N ASN E 73 19.44 51.99 -6.38
CA ASN E 73 20.23 52.72 -7.35
C ASN E 73 21.69 52.83 -6.91
N ALA E 74 21.90 53.28 -5.68
CA ALA E 74 23.28 53.35 -5.18
C ALA E 74 23.93 51.97 -5.15
N GLY E 75 23.15 50.94 -4.81
CA GLY E 75 23.69 49.60 -4.73
C GLY E 75 24.21 49.09 -6.05
N ASP E 76 23.37 49.10 -7.08
CA ASP E 76 23.85 48.61 -8.37
C ASP E 76 24.91 49.54 -8.95
N LYS E 77 24.82 50.83 -8.65
CA LYS E 77 25.88 51.74 -9.05
C LYS E 77 27.22 51.27 -8.51
N TRP E 78 27.27 50.92 -7.24
CA TRP E 78 28.53 50.47 -6.65
C TRP E 78 28.94 49.12 -7.19
N SER E 79 27.98 48.21 -7.35
CA SER E 79 28.31 46.85 -7.76
C SER E 79 28.87 46.82 -9.17
N ALA E 80 28.28 47.58 -10.09
CA ALA E 80 28.78 47.59 -11.45
C ALA E 80 30.18 48.17 -11.51
N PHE E 81 30.43 49.24 -10.74
CA PHE E 81 31.77 49.80 -10.68
C PHE E 81 32.77 48.77 -10.19
N LEU E 82 32.42 48.05 -9.15
CA LEU E 82 33.33 47.03 -8.64
C LEU E 82 33.60 45.96 -9.70
N LYS E 83 32.57 45.53 -10.41
CA LYS E 83 32.78 44.48 -11.41
C LYS E 83 33.67 44.97 -12.54
N GLU E 84 33.44 46.17 -13.04
CA GLU E 84 34.24 46.66 -14.15
C GLU E 84 35.67 46.90 -13.71
N GLN E 85 35.87 47.39 -12.48
CA GLN E 85 37.23 47.53 -11.98
C GLN E 85 37.91 46.17 -11.87
N SER E 86 37.17 45.16 -11.45
CA SER E 86 37.72 43.81 -11.42
C SER E 86 38.23 43.41 -12.79
N THR E 87 37.36 43.48 -13.79
CA THR E 87 37.77 43.09 -15.14
C THR E 87 38.96 43.91 -15.60
N LEU E 88 39.02 45.17 -15.21
CA LEU E 88 40.13 46.02 -15.64
C LEU E 88 41.42 45.66 -14.94
N ALA E 89 41.36 45.12 -13.73
CA ALA E 89 42.58 44.86 -12.97
C ALA E 89 43.20 43.51 -13.27
N GLN E 90 42.56 42.69 -14.10
CA GLN E 90 43.12 41.39 -14.40
C GLN E 90 44.18 41.47 -15.48
N MET E 91 45.14 42.38 -15.32
CA MET E 91 46.25 42.48 -16.26
C MET E 91 47.59 42.66 -15.58
N TYR E 92 47.65 43.05 -14.32
CA TYR E 92 48.91 43.11 -13.62
C TYR E 92 49.19 41.75 -13.03
N PRO E 93 50.14 41.00 -13.57
CA PRO E 93 50.37 39.64 -13.09
C PRO E 93 50.86 39.67 -11.65
N LEU E 94 50.28 38.80 -10.84
CA LEU E 94 50.58 38.78 -9.42
C LEU E 94 52.01 38.33 -9.13
N GLN E 95 52.67 37.65 -10.06
CA GLN E 95 53.97 37.09 -9.79
C GLN E 95 55.08 38.11 -9.84
N GLU E 96 54.84 39.26 -10.45
CA GLU E 96 55.87 40.27 -10.64
C GLU E 96 55.84 41.35 -9.57
N ILE E 97 54.80 41.38 -8.74
CA ILE E 97 54.75 42.38 -7.69
C ILE E 97 55.60 41.93 -6.51
N GLN E 98 56.25 42.88 -5.86
CA GLN E 98 57.14 42.59 -4.74
C GLN E 98 56.65 43.15 -3.42
N ASN E 99 56.03 44.33 -3.43
CA ASN E 99 55.50 44.88 -2.20
C ASN E 99 54.34 44.02 -1.71
N LEU E 100 54.31 43.77 -0.40
CA LEU E 100 53.24 42.93 0.13
C LEU E 100 51.91 43.65 0.15
N THR E 101 51.93 44.96 0.42
CA THR E 101 50.67 45.70 0.53
C THR E 101 49.93 45.71 -0.80
N VAL E 102 50.60 46.16 -1.86
CA VAL E 102 49.93 46.24 -3.15
C VAL E 102 49.58 44.85 -3.66
N LYS E 103 50.40 43.86 -3.33
CA LYS E 103 50.05 42.49 -3.70
C LYS E 103 48.76 42.05 -3.02
N LEU E 104 48.62 42.36 -1.74
CA LEU E 104 47.39 42.04 -1.03
C LEU E 104 46.18 42.71 -1.66
N GLN E 105 46.31 44.01 -1.94
CA GLN E 105 45.19 44.72 -2.54
C GLN E 105 44.81 44.13 -3.88
N LEU E 106 45.80 43.91 -4.75
CA LEU E 106 45.52 43.41 -6.08
C LEU E 106 44.93 42.01 -6.01
N GLN E 107 45.37 41.21 -5.05
CA GLN E 107 44.81 39.87 -4.94
C GLN E 107 43.37 39.92 -4.46
N ALA E 108 43.06 40.83 -3.54
CA ALA E 108 41.69 40.98 -3.11
C ALA E 108 40.81 41.46 -4.26
N LEU E 109 41.37 42.25 -5.16
CA LEU E 109 40.60 42.84 -6.25
C LEU E 109 40.47 41.93 -7.46
N GLN E 110 41.44 41.05 -7.68
CA GLN E 110 41.49 40.28 -8.92
C GLN E 110 40.53 39.12 -8.94
N GLN E 111 40.06 38.66 -7.79
CA GLN E 111 39.35 37.39 -7.73
C GLN E 111 38.09 37.45 -8.59
N ASN E 112 37.94 36.44 -9.46
CA ASN E 112 36.77 36.37 -10.31
C ASN E 112 35.50 36.20 -9.50
N GLY E 113 35.57 35.39 -8.44
CA GLY E 113 34.37 35.07 -7.69
C GLY E 113 33.43 34.29 -8.58
N SER E 114 32.17 34.68 -8.58
CA SER E 114 31.22 34.13 -9.53
C SER E 114 31.46 34.79 -10.88
N SER E 115 30.51 34.65 -11.79
CA SER E 115 30.58 35.16 -13.16
C SER E 115 31.61 34.41 -13.99
N VAL E 116 32.37 33.50 -13.39
CA VAL E 116 33.20 32.59 -14.19
C VAL E 116 32.38 31.48 -14.80
N LEU E 117 31.10 31.38 -14.46
CA LEU E 117 30.21 30.39 -15.03
C LEU E 117 29.60 30.90 -16.32
N SER E 118 28.88 30.02 -17.00
CA SER E 118 28.05 30.42 -18.13
C SER E 118 26.87 31.24 -17.66
N GLU E 119 26.18 31.86 -18.60
CA GLU E 119 25.02 32.66 -18.24
C GLU E 119 23.81 31.82 -17.85
N ASP E 120 23.54 30.76 -18.61
CA ASP E 120 22.55 29.79 -18.16
C ASP E 120 22.85 29.36 -16.74
N LYS E 121 24.09 28.95 -16.49
CA LYS E 121 24.44 28.39 -15.19
C LYS E 121 24.33 29.45 -14.10
N SER E 122 24.82 30.66 -14.37
CA SER E 122 24.75 31.69 -13.34
C SER E 122 23.32 32.07 -13.01
N LYS E 123 22.45 32.19 -14.00
CA LYS E 123 21.06 32.47 -13.70
C LYS E 123 20.43 31.32 -12.93
N ARG E 124 20.74 30.09 -13.31
CA ARG E 124 20.21 28.94 -12.60
C ARG E 124 20.64 28.97 -11.14
N LEU E 125 21.85 29.41 -10.87
CA LEU E 125 22.34 29.46 -9.50
C LEU E 125 21.63 30.56 -8.72
N ASN E 126 21.57 31.75 -9.28
CA ASN E 126 20.90 32.84 -8.59
C ASN E 126 19.43 32.57 -8.39
N THR E 127 18.83 31.68 -9.16
CA THR E 127 17.45 31.34 -8.91
C THR E 127 17.29 30.43 -7.70
N ILE E 128 18.09 29.38 -7.60
CA ILE E 128 17.94 28.48 -6.47
C ILE E 128 18.36 29.13 -5.17
N LEU E 129 19.29 30.08 -5.20
CA LEU E 129 19.59 30.77 -3.95
C LEU E 129 18.37 31.49 -3.41
N ASN E 130 17.68 32.26 -4.25
CA ASN E 130 16.49 32.96 -3.80
C ASN E 130 15.38 32.00 -3.44
N THR E 131 15.25 30.90 -4.17
CA THR E 131 14.21 29.95 -3.83
C THR E 131 14.42 29.39 -2.45
N MET E 132 15.65 28.99 -2.13
CA MET E 132 15.93 28.44 -0.81
C MET E 132 15.69 29.48 0.27
N SER E 133 16.19 30.69 0.06
CA SER E 133 15.98 31.72 1.07
C SER E 133 14.51 32.00 1.31
N THR E 134 13.70 32.08 0.26
CA THR E 134 12.28 32.33 0.42
C THR E 134 11.55 31.18 1.10
N ILE E 135 11.87 29.94 0.73
CA ILE E 135 11.26 28.80 1.40
C ILE E 135 11.52 28.87 2.88
N TYR E 136 12.76 29.17 3.25
CA TYR E 136 13.06 29.24 4.67
C TYR E 136 12.32 30.39 5.33
N SER E 137 12.20 31.52 4.65
CA SER E 137 11.63 32.69 5.30
C SER E 137 10.12 32.63 5.45
N THR E 138 9.43 31.96 4.53
CA THR E 138 7.96 32.00 4.56
C THR E 138 7.34 30.62 4.67
N GLY E 139 8.09 29.62 5.11
CA GLY E 139 7.50 28.32 5.30
C GLY E 139 6.57 28.30 6.49
N LYS E 140 5.53 27.49 6.40
CA LYS E 140 4.52 27.43 7.44
C LYS E 140 4.16 25.99 7.74
N VAL E 141 3.95 25.67 9.00
CA VAL E 141 3.41 24.39 9.41
C VAL E 141 2.16 24.66 10.24
N CYS E 142 1.24 23.70 10.24
CA CYS E 142 0.04 23.88 11.03
C CYS E 142 -0.49 22.57 11.60
N ASN E 143 -1.21 22.74 12.69
CA ASN E 143 -1.74 21.76 13.61
C ASN E 143 -2.35 20.59 12.87
N PRO E 144 -2.31 19.39 13.44
CA PRO E 144 -2.92 18.24 12.78
C PRO E 144 -4.42 18.17 12.97
N ASP E 145 -4.98 18.99 13.85
CA ASP E 145 -6.39 18.92 14.19
C ASP E 145 -7.19 20.15 13.74
N ASN E 146 -6.56 21.30 13.59
CA ASN E 146 -7.23 22.52 13.16
C ASN E 146 -6.41 23.15 12.05
N PRO E 147 -6.47 22.57 10.87
CA PRO E 147 -5.53 22.95 9.81
C PRO E 147 -5.62 24.38 9.33
N GLN E 148 -6.46 25.19 9.97
CA GLN E 148 -6.50 26.61 9.66
C GLN E 148 -5.72 27.44 10.67
N GLU E 149 -4.61 26.92 11.17
CA GLU E 149 -3.85 27.56 12.25
C GLU E 149 -2.36 27.50 11.95
N CYS E 150 -1.97 27.89 10.74
CA CYS E 150 -0.60 27.66 10.31
C CYS E 150 0.35 28.67 10.95
N LEU E 151 1.46 28.18 11.49
CA LEU E 151 2.47 28.95 12.17
C LEU E 151 3.69 29.16 11.28
N LEU E 152 4.33 30.30 11.43
CA LEU E 152 5.62 30.52 10.80
C LEU E 152 6.72 30.12 11.75
N LEU E 153 7.95 30.11 11.26
CA LEU E 153 9.05 29.76 12.15
C LEU E 153 9.33 30.89 13.12
N GLU E 154 9.49 32.09 12.61
CA GLU E 154 10.06 33.12 13.45
C GLU E 154 9.12 33.52 14.58
N PRO E 155 8.00 34.16 14.33
CA PRO E 155 7.16 34.45 15.50
C PRO E 155 6.17 33.33 15.78
N GLY E 156 6.64 32.28 16.43
CA GLY E 156 5.68 31.27 16.85
C GLY E 156 6.12 29.83 16.88
N LEU E 157 7.10 29.44 16.08
CA LEU E 157 7.61 28.09 16.25
C LEU E 157 8.79 28.06 17.21
N ASN E 158 9.78 28.91 16.98
CA ASN E 158 10.88 28.96 17.93
C ASN E 158 10.50 29.70 19.19
N GLU E 159 9.23 29.98 19.38
CA GLU E 159 8.70 30.32 20.68
C GLU E 159 8.14 29.12 21.41
N ILE E 160 7.43 28.24 20.69
CA ILE E 160 7.06 26.96 21.25
C ILE E 160 8.30 26.22 21.72
N MET E 161 9.31 26.16 20.85
CA MET E 161 10.50 25.39 21.19
C MET E 161 11.27 26.00 22.34
N ALA E 162 11.12 27.30 22.58
CA ALA E 162 11.89 27.97 23.60
C ALA E 162 11.20 28.05 24.94
N ASN E 163 9.87 28.02 24.97
CA ASN E 163 9.15 28.18 26.23
C ASN E 163 8.50 26.92 26.75
N SER E 164 8.05 26.02 25.88
CA SER E 164 7.19 24.94 26.32
C SER E 164 7.95 23.91 27.13
N LEU E 165 7.17 23.05 27.80
CA LEU E 165 7.70 21.92 28.54
C LEU E 165 6.91 20.66 28.27
N ASP E 166 6.03 20.66 27.28
CA ASP E 166 5.24 19.51 26.93
C ASP E 166 6.00 18.67 25.92
N TYR E 167 6.41 17.48 26.32
CA TYR E 167 7.18 16.62 25.42
C TYR E 167 6.50 16.49 24.07
N ASN E 168 5.19 16.25 24.06
CA ASN E 168 4.50 16.02 22.80
C ASN E 168 4.45 17.27 21.95
N GLU E 169 4.31 18.44 22.56
CA GLU E 169 4.23 19.66 21.75
C GLU E 169 5.57 19.98 21.10
N ARG E 170 6.65 19.89 21.88
CA ARG E 170 7.97 20.07 21.31
C ARG E 170 8.22 19.07 20.21
N LEU E 171 7.85 17.81 20.42
CA LEU E 171 8.09 16.83 19.39
C LEU E 171 7.32 17.14 18.12
N TRP E 172 6.06 17.53 18.26
CA TRP E 172 5.30 17.89 17.06
C TRP E 172 5.99 19.02 16.31
N ALA E 173 6.43 20.05 17.02
CA ALA E 173 7.04 21.18 16.33
C ALA E 173 8.33 20.77 15.63
N TRP E 174 9.22 20.10 16.37
CA TRP E 174 10.51 19.70 15.81
C TRP E 174 10.33 18.82 14.60
N GLU E 175 9.37 17.91 14.64
CA GLU E 175 9.22 16.99 13.53
C GLU E 175 8.57 17.65 12.34
N SER E 176 7.52 18.43 12.56
CA SER E 176 6.83 19.05 11.44
C SER E 176 7.67 20.08 10.73
N TRP E 177 8.49 20.85 11.44
CA TRP E 177 9.33 21.82 10.73
C TRP E 177 10.25 21.13 9.75
N ARG E 178 10.78 19.97 10.10
CA ARG E 178 11.69 19.29 9.20
C ARG E 178 10.96 18.50 8.14
N SER E 179 9.78 18.00 8.45
CA SER E 179 9.04 17.20 7.50
C SER E 179 8.27 18.01 6.50
N GLU E 180 8.05 19.29 6.75
CA GLU E 180 7.29 20.09 5.82
C GLU E 180 8.10 21.14 5.11
N VAL E 181 9.24 21.55 5.65
CA VAL E 181 10.10 22.51 5.00
C VAL E 181 11.42 21.89 4.59
N GLY E 182 12.00 21.05 5.44
CA GLY E 182 13.23 20.37 5.07
C GLY E 182 13.08 19.54 3.81
N LYS E 183 11.88 19.01 3.57
CA LYS E 183 11.69 18.17 2.40
C LYS E 183 11.59 18.96 1.11
N GLN E 184 11.45 20.28 1.18
CA GLN E 184 11.47 21.06 -0.03
C GLN E 184 12.86 21.53 -0.41
N LEU E 185 13.76 21.59 0.55
CA LEU E 185 15.11 22.08 0.30
C LEU E 185 16.05 21.01 -0.22
N ARG E 186 15.67 19.74 -0.15
CA ARG E 186 16.61 18.70 -0.55
C ARG E 186 16.90 18.74 -2.04
N PRO E 187 15.90 18.70 -2.93
CA PRO E 187 16.23 18.75 -4.36
C PRO E 187 16.86 20.05 -4.79
N LEU E 188 16.76 21.11 -3.99
CA LEU E 188 17.46 22.34 -4.30
C LEU E 188 18.88 22.33 -3.79
N TYR E 189 19.13 21.74 -2.63
CA TYR E 189 20.48 21.68 -2.13
C TYR E 189 21.34 20.75 -2.96
N GLU E 190 20.77 19.63 -3.40
CA GLU E 190 21.53 18.73 -4.24
C GLU E 190 21.99 19.40 -5.52
N GLU E 191 21.20 20.34 -6.04
CA GLU E 191 21.56 21.05 -7.25
C GLU E 191 22.45 22.25 -6.97
N TYR E 192 22.37 22.82 -5.78
CA TYR E 192 23.23 23.93 -5.42
C TYR E 192 24.66 23.48 -5.18
N VAL E 193 24.84 22.29 -4.61
CA VAL E 193 26.18 21.78 -4.37
C VAL E 193 26.97 21.71 -5.67
N VAL E 194 26.35 21.21 -6.73
CA VAL E 194 27.06 21.00 -7.99
C VAL E 194 27.52 22.33 -8.58
N LEU E 195 26.61 23.28 -8.69
CA LEU E 195 26.97 24.58 -9.25
C LEU E 195 28.06 25.24 -8.43
N LYS E 196 27.95 25.19 -7.11
CA LYS E 196 29.00 25.83 -6.32
C LYS E 196 30.33 25.15 -6.52
N ASN E 197 30.34 23.83 -6.64
CA ASN E 197 31.60 23.13 -6.85
C ASN E 197 32.21 23.51 -8.18
N GLU E 198 31.39 23.65 -9.22
CA GLU E 198 31.93 24.07 -10.51
C GLU E 198 32.50 25.47 -10.43
N MET E 199 31.77 26.39 -9.82
CA MET E 199 32.27 27.75 -9.68
C MET E 199 33.57 27.80 -8.90
N ALA E 200 33.73 26.92 -7.92
CA ALA E 200 34.96 26.92 -7.16
C ALA E 200 36.10 26.26 -7.89
N ARG E 201 35.83 25.24 -8.70
CA ARG E 201 36.89 24.59 -9.43
C ARG E 201 37.39 25.45 -10.58
N ALA E 202 36.52 26.28 -11.14
CA ALA E 202 36.98 27.15 -12.21
C ALA E 202 37.97 28.19 -11.73
N ASN E 203 38.13 28.37 -10.42
CA ASN E 203 39.11 29.31 -9.88
C ASN E 203 40.28 28.60 -9.22
N HIS E 204 40.51 27.34 -9.55
CA HIS E 204 41.62 26.57 -8.99
C HIS E 204 41.52 26.48 -7.47
N TYR E 205 40.48 25.78 -7.02
CA TYR E 205 40.26 25.58 -5.60
C TYR E 205 39.90 24.16 -5.20
N GLU E 206 39.55 23.30 -6.14
CA GLU E 206 39.26 21.88 -5.93
C GLU E 206 37.92 21.58 -5.28
N ASP E 207 37.26 22.57 -4.71
CA ASP E 207 35.92 22.40 -4.15
C ASP E 207 35.50 23.73 -3.55
N TYR E 208 34.26 23.79 -3.07
CA TYR E 208 33.82 24.99 -2.40
C TYR E 208 34.43 25.11 -1.02
N GLY E 209 34.51 24.01 -0.29
CA GLY E 209 35.04 24.07 1.06
C GLY E 209 36.42 24.70 1.11
N ASP E 210 37.25 24.41 0.12
CA ASP E 210 38.54 25.07 0.06
C ASP E 210 38.38 26.55 -0.24
N TYR E 211 37.42 26.92 -1.06
CA TYR E 211 37.17 28.33 -1.30
C TYR E 211 36.81 29.04 -0.02
N TRP E 212 36.09 28.37 0.88
CA TRP E 212 35.71 29.00 2.13
C TRP E 212 36.89 29.10 3.09
N ARG E 213 37.62 28.00 3.24
CA ARG E 213 38.81 28.04 4.09
C ARG E 213 39.85 29.00 3.56
N GLY E 214 39.73 29.44 2.31
CA GLY E 214 40.71 30.35 1.77
C GLY E 214 40.77 31.71 2.41
N ASP E 215 40.08 31.90 3.52
CA ASP E 215 40.13 33.18 4.22
C ASP E 215 41.23 33.22 5.27
N TYR E 216 41.65 32.07 5.79
CA TYR E 216 42.71 32.03 6.76
C TYR E 216 44.08 31.84 6.14
N GLU E 217 44.14 31.69 4.83
CA GLU E 217 45.39 31.39 4.16
C GLU E 217 46.33 32.58 4.18
N VAL E 218 47.60 32.31 4.44
CA VAL E 218 48.66 33.32 4.40
C VAL E 218 49.81 32.73 3.60
N ASN E 219 50.37 33.54 2.69
CA ASN E 219 51.41 33.05 1.80
C ASN E 219 52.58 34.02 1.77
N GLY E 220 53.78 33.49 2.01
CA GLY E 220 55.00 34.22 1.74
C GLY E 220 55.34 35.32 2.72
N VAL E 221 55.54 34.96 3.99
CA VAL E 221 55.99 35.93 4.97
C VAL E 221 57.16 35.32 5.73
N ASP E 222 57.40 34.03 5.51
CA ASP E 222 58.55 33.31 6.06
C ASP E 222 58.55 33.34 7.59
N GLY E 223 57.56 32.65 8.14
CA GLY E 223 57.48 32.51 9.57
C GLY E 223 56.07 32.61 10.07
N TYR E 224 55.17 33.06 9.20
CA TYR E 224 53.76 33.19 9.54
C TYR E 224 52.86 32.56 8.49
N ASP E 225 53.37 31.60 7.73
CA ASP E 225 52.55 31.00 6.70
C ASP E 225 51.42 30.19 7.31
N TYR E 226 50.45 29.85 6.47
CA TYR E 226 49.30 29.09 6.91
C TYR E 226 48.65 28.50 5.66
N SER E 227 48.65 27.18 5.56
CA SER E 227 48.02 26.55 4.42
C SER E 227 46.51 26.49 4.63
N ARG E 228 45.78 26.27 3.54
CA ARG E 228 44.34 26.12 3.68
C ARG E 228 43.96 24.77 4.25
N GLY E 229 44.82 23.78 4.10
CA GLY E 229 44.54 22.50 4.70
C GLY E 229 44.94 22.38 6.14
N GLN E 230 45.78 23.30 6.62
CA GLN E 230 46.20 23.25 8.01
C GLN E 230 45.08 23.63 8.95
N LEU E 231 44.11 24.40 8.46
CA LEU E 231 43.01 24.82 9.31
C LEU E 231 42.23 23.62 9.82
N ILE E 232 42.08 22.59 8.99
CA ILE E 232 41.35 21.41 9.44
C ILE E 232 42.05 20.75 10.60
N GLU E 233 43.38 20.62 10.53
CA GLU E 233 44.10 20.01 11.62
C GLU E 233 44.04 20.88 12.87
N ASP E 234 44.15 22.19 12.71
CA ASP E 234 44.04 23.05 13.88
C ASP E 234 42.69 22.90 14.56
N VAL E 235 41.62 22.86 13.78
CA VAL E 235 40.30 22.73 14.37
C VAL E 235 40.16 21.38 15.06
N GLU E 236 40.56 20.30 14.39
CA GLU E 236 40.41 18.98 14.99
C GLU E 236 41.29 18.80 16.22
N HIS E 237 42.40 19.52 16.32
CA HIS E 237 43.25 19.37 17.49
C HIS E 237 42.75 20.24 18.64
N THR E 238 42.25 21.43 18.35
CA THR E 238 41.71 22.24 19.44
C THR E 238 40.43 21.63 19.98
N PHE E 239 39.69 20.90 19.16
CA PHE E 239 38.48 20.28 19.69
C PHE E 239 38.79 19.08 20.57
N GLU E 240 39.99 18.53 20.48
CA GLU E 240 40.28 17.33 21.25
C GLU E 240 40.47 17.60 22.72
N GLU E 241 40.65 18.85 23.11
CA GLU E 241 40.84 19.20 24.51
C GLU E 241 39.58 19.73 25.16
N ILE E 242 38.50 19.90 24.41
CA ILE E 242 37.27 20.39 24.99
C ILE E 242 36.37 19.24 25.42
N LYS E 243 36.44 18.12 24.74
CA LYS E 243 35.61 16.97 25.11
C LYS E 243 35.66 16.61 26.59
N PRO E 244 36.79 16.68 27.28
CA PRO E 244 36.75 16.43 28.73
C PRO E 244 35.82 17.33 29.49
N LEU E 245 35.60 18.56 29.05
CA LEU E 245 34.68 19.45 29.75
C LEU E 245 33.27 19.35 29.20
N TYR E 246 33.13 19.22 27.89
CA TYR E 246 31.81 19.07 27.31
C TYR E 246 31.14 17.81 27.82
N GLU E 247 31.90 16.76 28.08
CA GLU E 247 31.30 15.53 28.57
C GLU E 247 30.71 15.72 29.95
N HIS E 248 31.43 16.40 30.83
CA HIS E 248 30.88 16.64 32.16
C HIS E 248 29.68 17.55 32.11
N LEU E 249 29.72 18.58 31.28
CA LEU E 249 28.56 19.46 31.16
C LEU E 249 27.36 18.70 30.62
N HIS E 250 27.59 17.87 29.62
CA HIS E 250 26.51 17.07 29.05
C HIS E 250 25.94 16.11 30.07
N ALA E 251 26.78 15.47 30.88
CA ALA E 251 26.28 14.57 31.90
C ALA E 251 25.46 15.30 32.94
N TYR E 252 25.93 16.46 33.40
CA TYR E 252 25.16 17.21 34.37
C TYR E 252 23.81 17.61 33.81
N VAL E 253 23.77 18.11 32.59
CA VAL E 253 22.50 18.51 32.01
C VAL E 253 21.57 17.31 31.85
N ARG E 254 22.11 16.18 31.40
CA ARG E 254 21.27 15.00 31.25
C ARG E 254 20.70 14.56 32.58
N ALA E 255 21.48 14.61 33.64
CA ALA E 255 20.95 14.25 34.95
C ALA E 255 19.91 15.24 35.42
N LYS E 256 20.05 16.51 35.08
CA LYS E 256 19.04 17.49 35.47
C LYS E 256 17.79 17.44 34.61
N LEU E 257 17.84 16.79 33.45
CA LEU E 257 16.65 16.67 32.64
C LEU E 257 15.82 15.46 33.01
N MET E 258 16.42 14.46 33.64
CA MET E 258 15.60 13.32 34.03
C MET E 258 14.66 13.64 35.13
N ASN E 259 14.52 14.89 35.55
CA ASN E 259 13.47 15.28 36.48
C ASN E 259 12.42 16.16 35.85
N ALA E 260 12.65 16.69 34.67
CA ALA E 260 11.62 17.45 33.99
C ALA E 260 10.91 16.63 32.93
N TYR E 261 11.54 15.58 32.43
CA TYR E 261 10.92 14.67 31.48
C TYR E 261 11.23 13.24 31.89
N PRO E 262 10.70 12.79 33.01
CA PRO E 262 11.01 11.43 33.46
C PRO E 262 10.47 10.42 32.47
N SER E 263 11.12 9.26 32.43
CA SER E 263 10.80 8.12 31.58
C SER E 263 11.16 8.33 30.12
N TYR E 264 11.66 9.50 29.74
CA TYR E 264 12.03 9.75 28.36
C TYR E 264 13.53 9.81 28.15
N ILE E 265 14.32 10.01 29.20
CA ILE E 265 15.75 10.17 29.07
C ILE E 265 16.43 8.93 29.63
N SER E 266 17.33 8.35 28.86
CA SER E 266 18.03 7.24 29.49
C SER E 266 19.25 7.74 30.22
N PRO E 267 19.55 7.20 31.40
CA PRO E 267 20.66 7.72 32.20
C PRO E 267 22.03 7.38 31.66
N ILE E 268 22.13 6.69 30.52
CA ILE E 268 23.42 6.41 29.89
C ILE E 268 23.44 6.74 28.42
N GLY E 269 22.29 7.08 27.83
CA GLY E 269 22.21 7.37 26.41
C GLY E 269 22.45 8.82 26.10
N CYS E 270 22.13 9.19 24.87
CA CYS E 270 22.29 10.56 24.42
C CYS E 270 21.10 11.39 24.91
N LEU E 271 20.98 12.60 24.40
CA LEU E 271 19.83 13.43 24.70
C LEU E 271 18.91 13.50 23.50
N PRO E 272 17.60 13.46 23.66
CA PRO E 272 16.73 13.59 22.50
C PRO E 272 16.82 14.98 21.93
N ALA E 273 16.82 15.08 20.61
CA ALA E 273 17.22 16.33 19.97
C ALA E 273 16.19 17.43 20.14
N HIS E 274 14.97 17.12 20.55
CA HIS E 274 13.94 18.15 20.60
C HIS E 274 13.82 18.78 21.97
N LEU E 275 14.65 18.39 22.93
CA LEU E 275 14.53 18.90 24.28
C LEU E 275 15.61 19.90 24.63
N LEU E 276 16.29 20.46 23.64
CA LEU E 276 17.51 21.20 23.90
C LEU E 276 17.34 22.70 23.97
N GLY E 277 16.15 23.22 23.71
CA GLY E 277 15.99 24.64 23.94
C GLY E 277 15.62 25.44 22.72
N ASP E 278 16.07 25.03 21.55
CA ASP E 278 15.64 25.69 20.33
C ASP E 278 15.57 24.66 19.22
N MET E 279 15.15 25.11 18.04
CA MET E 279 14.78 24.17 16.99
C MET E 279 15.93 23.31 16.53
N TRP E 280 17.17 23.74 16.73
CA TRP E 280 18.30 22.97 16.24
C TRP E 280 19.24 22.49 17.32
N GLY E 281 19.33 23.18 18.44
CA GLY E 281 20.32 22.86 19.43
C GLY E 281 21.58 23.66 19.33
N ARG E 282 21.53 24.83 18.69
CA ARG E 282 22.74 25.61 18.52
C ARG E 282 23.16 26.24 19.83
N PHE E 283 22.21 26.62 20.66
CA PHE E 283 22.49 27.18 21.98
C PHE E 283 21.68 26.43 23.01
N TRP E 284 22.31 26.12 24.13
CA TRP E 284 21.60 25.50 25.22
C TRP E 284 21.09 26.51 26.23
N THR E 285 21.11 27.79 25.90
CA THR E 285 20.90 28.79 26.93
C THR E 285 19.48 28.82 27.46
N ASN E 286 18.58 28.01 26.92
CA ASN E 286 17.22 27.98 27.45
C ASN E 286 17.03 26.89 28.47
N LEU E 287 17.94 25.94 28.57
CA LEU E 287 17.90 24.98 29.65
C LEU E 287 18.36 25.57 30.96
N TYR E 288 18.56 26.88 31.04
CA TYR E 288 19.05 27.45 32.28
C TYR E 288 18.01 27.36 33.36
N SER E 289 16.77 27.67 33.03
CA SER E 289 15.71 27.62 34.03
C SER E 289 15.61 26.25 34.67
N LEU E 290 15.81 25.19 33.89
CA LEU E 290 15.69 23.86 34.45
C LEU E 290 16.91 23.42 35.21
N THR E 291 18.08 24.00 34.94
CA THR E 291 19.32 23.46 35.46
C THR E 291 20.11 24.49 36.27
N VAL E 292 19.45 25.46 36.85
CA VAL E 292 20.19 26.45 37.64
C VAL E 292 20.72 25.77 38.90
N PRO E 293 22.00 25.93 39.22
CA PRO E 293 22.56 25.18 40.35
C PRO E 293 21.97 25.55 41.68
N PHE E 294 21.95 26.83 42.03
CA PHE E 294 21.41 27.30 43.29
C PHE E 294 20.29 28.29 42.97
N GLY E 295 19.08 27.75 42.77
CA GLY E 295 17.99 28.57 42.29
C GLY E 295 17.59 29.71 43.21
N GLN E 296 17.94 29.63 44.49
CA GLN E 296 17.49 30.62 45.46
C GLN E 296 18.45 31.80 45.59
N LYS E 297 19.42 31.93 44.69
CA LYS E 297 20.38 33.02 44.71
C LYS E 297 20.23 33.80 43.41
N PRO E 298 19.46 34.87 43.40
CA PRO E 298 19.26 35.63 42.14
C PRO E 298 20.54 36.31 41.71
N ASN E 299 20.93 36.05 40.46
CA ASN E 299 22.16 36.59 39.94
C ASN E 299 22.04 38.10 39.76
N ILE E 300 23.18 38.73 39.42
CA ILE E 300 23.25 40.18 39.39
C ILE E 300 22.33 40.72 38.31
N ASP E 301 21.57 41.75 38.68
CA ASP E 301 20.78 42.51 37.72
C ASP E 301 20.59 43.91 38.27
N VAL E 302 20.74 44.89 37.40
CA VAL E 302 20.63 46.29 37.79
C VAL E 302 19.55 47.01 36.98
N THR E 303 18.63 46.26 36.38
CA THR E 303 17.56 46.89 35.60
C THR E 303 16.77 47.88 36.46
N ASP E 304 16.55 47.53 37.73
CA ASP E 304 15.81 48.42 38.61
C ASP E 304 16.59 49.67 38.92
N ALA E 305 17.84 49.51 39.38
CA ALA E 305 18.62 50.65 39.85
C ALA E 305 18.92 51.64 38.74
N MET E 306 18.70 51.26 37.48
CA MET E 306 18.94 52.19 36.39
C MET E 306 17.76 53.13 36.21
N VAL E 307 16.54 52.58 36.17
CA VAL E 307 15.36 53.45 36.10
C VAL E 307 15.18 54.19 37.40
N ASP E 308 15.69 53.64 38.50
CA ASP E 308 15.56 54.31 39.78
C ASP E 308 16.45 55.54 39.85
N GLN E 309 17.66 55.46 39.34
CA GLN E 309 18.52 56.62 39.24
C GLN E 309 18.25 57.45 37.99
N ALA E 310 17.16 57.16 37.28
CA ALA E 310 16.73 57.94 36.13
C ALA E 310 17.80 58.00 35.06
N TRP E 311 18.10 56.83 34.49
CA TRP E 311 19.07 56.73 33.41
C TRP E 311 18.36 56.73 32.06
N ASP E 312 19.08 57.22 31.05
CA ASP E 312 18.56 57.32 29.69
C ASP E 312 19.63 56.81 28.72
N ALA E 313 19.25 56.76 27.45
CA ALA E 313 20.19 56.32 26.43
C ALA E 313 21.47 57.13 26.48
N GLN E 314 21.35 58.44 26.61
CA GLN E 314 22.53 59.28 26.64
C GLN E 314 23.45 58.92 27.79
N ARG E 315 22.88 58.64 28.97
CA ARG E 315 23.72 58.23 30.09
C ARG E 315 24.42 56.93 29.80
N ILE E 316 23.71 55.97 29.22
CA ILE E 316 24.30 54.67 28.89
C ILE E 316 25.51 54.87 28.00
N PHE E 317 25.33 55.58 26.89
CA PHE E 317 26.42 55.70 25.96
C PHE E 317 27.54 56.59 26.48
N LYS E 318 27.23 57.56 27.32
CA LYS E 318 28.30 58.32 27.95
C LYS E 318 29.13 57.42 28.86
N GLU E 319 28.48 56.51 29.58
CA GLU E 319 29.24 55.60 30.42
C GLU E 319 30.08 54.65 29.59
N ALA E 320 29.55 54.18 28.47
CA ALA E 320 30.35 53.33 27.59
C ALA E 320 31.58 54.06 27.10
N GLU E 321 31.39 55.28 26.59
CA GLU E 321 32.53 56.04 26.11
C GLU E 321 33.52 56.31 27.23
N LYS E 322 33.03 56.53 28.45
CA LYS E 322 33.96 56.73 29.55
C LYS E 322 34.78 55.48 29.82
N PHE E 323 34.14 54.32 29.85
CA PHE E 323 34.89 53.09 30.05
C PHE E 323 35.94 52.90 28.97
N PHE E 324 35.62 53.30 27.74
CA PHE E 324 36.57 53.08 26.66
C PHE E 324 37.74 54.05 26.75
N VAL E 325 37.47 55.31 27.07
CA VAL E 325 38.57 56.25 27.17
C VAL E 325 39.42 55.97 28.41
N SER E 326 38.83 55.26 29.36
CA SER E 326 39.55 54.90 30.59
C SER E 326 40.79 54.05 30.32
N VAL E 327 40.76 53.20 29.29
CA VAL E 327 41.91 52.36 28.97
C VAL E 327 42.89 53.02 28.03
N GLY E 328 42.52 54.12 27.38
CA GLY E 328 43.46 54.83 26.54
C GLY E 328 43.03 54.98 25.10
N LEU E 329 41.81 54.62 24.79
CA LEU E 329 41.33 54.77 23.43
C LEU E 329 40.66 56.13 23.26
N PRO E 330 40.60 56.64 22.03
CA PRO E 330 40.12 58.01 21.84
C PRO E 330 38.65 58.18 22.18
N ASN E 331 38.22 59.44 22.15
CA ASN E 331 36.83 59.80 22.38
C ASN E 331 35.98 59.38 21.18
N MET E 332 34.71 59.72 21.25
CA MET E 332 33.86 59.61 20.07
C MET E 332 34.03 60.86 19.21
N THR E 333 33.79 60.70 17.91
CA THR E 333 34.17 61.73 16.95
C THR E 333 33.30 62.97 17.02
N GLN E 334 32.30 63.02 17.88
CA GLN E 334 31.48 64.20 18.13
C GLN E 334 30.54 64.49 16.97
N GLY E 335 30.74 63.80 15.84
CA GLY E 335 29.72 63.79 14.83
C GLY E 335 28.88 62.57 15.13
N PHE E 336 29.46 61.68 15.93
CA PHE E 336 28.79 60.48 16.34
C PHE E 336 27.57 60.78 17.20
N TRP E 337 27.61 61.89 17.95
CA TRP E 337 26.52 62.20 18.85
C TRP E 337 25.33 62.77 18.11
N GLU E 338 25.54 63.41 16.97
CA GLU E 338 24.47 64.07 16.25
C GLU E 338 23.76 63.12 15.28
N ASN E 339 24.51 62.36 14.50
CA ASN E 339 23.91 61.55 13.46
C ASN E 339 23.35 60.24 13.99
N SER E 340 23.90 59.74 15.10
CA SER E 340 23.46 58.46 15.66
C SER E 340 21.99 58.41 16.07
N MET E 341 21.34 57.27 15.80
CA MET E 341 19.95 57.08 16.15
C MET E 341 19.92 56.22 17.40
N LEU E 342 20.05 56.86 18.56
CA LEU E 342 20.17 56.11 19.81
C LEU E 342 18.81 55.64 20.33
N THR E 343 17.78 56.46 20.22
CA THR E 343 16.46 56.13 20.75
C THR E 343 15.50 55.88 19.61
N ASP E 344 14.48 55.08 19.89
CA ASP E 344 13.52 54.71 18.85
C ASP E 344 12.68 55.92 18.45
N PRO E 345 12.63 56.27 17.17
CA PRO E 345 11.75 57.36 16.74
C PRO E 345 10.29 56.97 16.92
N GLY E 346 9.53 57.86 17.56
CA GLY E 346 8.22 57.49 18.06
C GLY E 346 7.10 57.30 17.06
N ASN E 347 6.63 58.38 16.44
CA ASN E 347 5.29 58.37 15.85
C ASN E 347 5.12 57.37 14.71
N VAL E 348 5.66 57.69 13.53
CA VAL E 348 5.78 56.75 12.43
C VAL E 348 7.10 57.01 11.75
N GLN E 349 8.13 56.26 12.11
CA GLN E 349 9.42 56.34 11.47
C GLN E 349 10.00 54.94 11.36
N LYS E 350 9.18 54.01 10.88
CA LYS E 350 9.47 52.58 10.89
C LYS E 350 10.92 52.32 10.56
N ALA E 351 11.61 51.66 11.49
CA ALA E 351 13.05 51.47 11.41
C ALA E 351 13.36 50.05 11.80
N VAL E 352 14.43 49.50 11.25
CA VAL E 352 14.80 48.13 11.58
C VAL E 352 15.57 48.13 12.89
N CYS E 353 14.88 47.84 14.01
CA CYS E 353 15.57 47.74 15.29
C CYS E 353 16.34 46.45 15.35
N HIS E 354 17.62 46.55 15.02
CA HIS E 354 18.64 45.53 15.22
C HIS E 354 19.94 46.27 15.42
N PRO E 355 20.51 46.26 16.62
CA PRO E 355 21.63 47.15 16.93
C PRO E 355 22.84 46.84 16.06
N THR E 356 23.28 47.84 15.29
CA THR E 356 24.48 47.71 14.48
C THR E 356 25.31 48.99 14.55
N ALA E 357 26.55 48.87 14.10
CA ALA E 357 27.44 50.01 13.97
C ALA E 357 27.78 50.23 12.50
N TRP E 358 27.75 51.48 12.08
CA TRP E 358 27.91 51.84 10.68
C TRP E 358 29.20 52.61 10.49
N ASP E 359 29.91 52.26 9.43
CA ASP E 359 31.21 52.83 9.09
C ASP E 359 31.18 53.35 7.67
N LEU E 360 30.20 54.21 7.38
CA LEU E 360 30.06 54.82 6.07
C LEU E 360 31.40 55.22 5.48
N GLY E 361 32.25 55.84 6.27
CA GLY E 361 33.59 56.18 5.82
C GLY E 361 33.84 57.67 5.90
N LYS E 362 35.04 58.04 5.47
CA LYS E 362 35.48 59.43 5.44
C LYS E 362 35.40 60.11 6.78
N GLY E 363 35.30 59.35 7.88
CA GLY E 363 35.20 59.92 9.19
C GLY E 363 33.80 60.01 9.75
N ASP E 364 32.89 59.15 9.30
CA ASP E 364 31.50 59.19 9.73
C ASP E 364 31.11 57.82 10.26
N PHE E 365 31.12 57.67 11.57
CA PHE E 365 30.71 56.44 12.23
C PHE E 365 29.42 56.69 12.99
N ARG E 366 28.48 55.75 12.90
CA ARG E 366 27.20 55.93 13.54
C ARG E 366 26.76 54.63 14.19
N ILE E 367 25.71 54.72 15.00
CA ILE E 367 25.14 53.58 15.67
C ILE E 367 23.65 53.58 15.44
N LEU E 368 23.10 52.41 15.15
CA LEU E 368 21.65 52.27 14.96
C LEU E 368 21.16 51.21 15.92
N MET E 369 20.47 51.65 16.98
CA MET E 369 19.87 50.71 17.91
C MET E 369 18.71 51.38 18.63
N CYS E 370 17.72 50.57 18.97
CA CYS E 370 16.53 51.06 19.66
C CYS E 370 16.68 50.71 21.13
N THR E 371 17.41 51.56 21.85
CA THR E 371 17.74 51.28 23.24
C THR E 371 16.51 51.34 24.13
N LYS E 372 16.61 50.60 25.24
CA LYS E 372 15.65 50.66 26.33
C LYS E 372 16.45 50.50 27.61
N VAL E 373 16.12 51.27 28.64
CA VAL E 373 16.90 51.16 29.87
C VAL E 373 16.72 49.77 30.44
N THR E 374 17.78 48.98 30.41
CA THR E 374 17.79 47.59 30.83
C THR E 374 19.23 47.25 31.19
N MET E 375 19.48 45.99 31.55
CA MET E 375 20.85 45.56 31.67
C MET E 375 21.41 45.05 30.36
N ASP E 376 20.58 44.40 29.55
CA ASP E 376 21.04 43.87 28.27
C ASP E 376 21.54 44.99 27.37
N ASP E 377 20.74 46.04 27.22
CA ASP E 377 21.19 47.16 26.41
C ASP E 377 22.44 47.81 26.97
N PHE E 378 22.64 47.75 28.27
CA PHE E 378 23.88 48.27 28.83
C PHE E 378 25.09 47.49 28.35
N LEU E 379 24.91 46.24 27.95
CA LEU E 379 26.03 45.47 27.42
C LEU E 379 26.10 45.57 25.90
N THR E 380 24.96 45.63 25.25
CA THR E 380 24.96 45.81 23.81
C THR E 380 25.57 47.14 23.43
N ALA E 381 25.43 48.15 24.28
CA ALA E 381 26.11 49.41 24.03
C ALA E 381 27.60 49.22 23.98
N HIS E 382 28.15 48.44 24.91
CA HIS E 382 29.58 48.21 24.91
C HIS E 382 30.01 47.38 23.71
N HIS E 383 29.21 46.40 23.32
CA HIS E 383 29.52 45.64 22.11
C HIS E 383 29.64 46.57 20.90
N GLU E 384 28.62 47.38 20.67
CA GLU E 384 28.62 48.24 19.50
C GLU E 384 29.77 49.25 19.55
N MET E 385 29.98 49.86 20.71
CA MET E 385 31.08 50.80 20.77
C MET E 385 32.43 50.12 20.61
N GLY E 386 32.53 48.84 20.94
CA GLY E 386 33.76 48.12 20.62
C GLY E 386 33.96 48.00 19.13
N HIS E 387 32.90 47.64 18.41
CA HIS E 387 33.00 47.63 16.95
C HIS E 387 33.49 48.99 16.44
N ILE E 388 32.88 50.06 16.93
CA ILE E 388 33.21 51.38 16.43
C ILE E 388 34.66 51.73 16.73
N GLN E 389 35.11 51.44 17.95
CA GLN E 389 36.50 51.70 18.28
C GLN E 389 37.45 50.88 17.44
N TYR E 390 37.03 49.71 16.98
CA TYR E 390 37.85 48.97 16.02
C TYR E 390 37.91 49.72 14.70
N ASP E 391 36.76 50.20 14.23
CA ASP E 391 36.73 50.86 12.92
C ASP E 391 37.49 52.18 12.95
N MET E 392 37.44 52.90 14.06
CA MET E 392 38.17 54.15 14.14
C MET E 392 39.67 53.95 14.14
N ALA E 393 40.15 52.73 14.30
CA ALA E 393 41.58 52.51 14.40
C ALA E 393 42.22 52.39 13.02
N TYR E 394 41.74 51.46 12.20
CA TYR E 394 42.35 51.24 10.90
C TYR E 394 41.83 52.17 9.83
N ALA E 395 41.23 53.29 10.22
CA ALA E 395 40.68 54.18 9.21
C ALA E 395 41.74 54.87 8.37
N ALA E 396 43.02 54.69 8.70
CA ALA E 396 44.09 55.27 7.91
C ALA E 396 44.68 54.30 6.91
N GLN E 397 43.98 53.24 6.59
CA GLN E 397 44.48 52.23 5.68
C GLN E 397 43.87 52.40 4.30
N PRO E 398 44.47 51.81 3.27
CA PRO E 398 43.84 51.81 1.95
C PRO E 398 42.46 51.17 2.02
N PHE E 399 41.58 51.61 1.13
CA PHE E 399 40.17 51.23 1.23
C PHE E 399 40.00 49.72 1.25
N LEU E 400 40.82 49.00 0.50
CA LEU E 400 40.63 47.56 0.44
C LEU E 400 41.18 46.84 1.65
N LEU E 401 41.88 47.53 2.53
CA LEU E 401 42.46 46.93 3.72
C LEU E 401 41.80 47.48 4.99
N ARG E 402 40.50 47.67 4.95
CA ARG E 402 39.74 48.11 6.10
C ARG E 402 38.81 46.98 6.49
N ASN E 403 39.29 46.12 7.38
CA ASN E 403 38.55 44.97 7.88
C ASN E 403 39.39 44.32 8.95
N GLY E 404 38.77 43.46 9.73
CA GLY E 404 39.52 42.69 10.70
C GLY E 404 40.54 41.79 10.03
N ALA E 405 41.53 41.36 10.82
CA ALA E 405 42.59 40.55 10.25
C ALA E 405 42.05 39.31 9.56
N ASN E 406 40.96 38.74 10.08
CA ASN E 406 40.20 37.75 9.34
C ASN E 406 38.75 37.87 9.76
N GLU E 407 37.94 36.89 9.41
CA GLU E 407 36.52 37.01 9.67
C GLU E 407 36.17 36.86 11.13
N GLY E 408 37.09 36.42 11.97
CA GLY E 408 36.73 36.18 13.35
C GLY E 408 37.17 37.26 14.31
N PHE E 409 37.99 38.20 13.87
CA PHE E 409 38.55 39.15 14.82
C PHE E 409 37.53 40.18 15.27
N HIS E 410 36.62 40.57 14.38
CA HIS E 410 35.78 41.72 14.67
C HIS E 410 34.87 41.45 15.84
N GLU E 411 34.12 40.35 15.79
CA GLU E 411 33.22 40.06 16.89
C GLU E 411 33.96 39.65 18.14
N ALA E 412 35.17 39.12 18.04
CA ALA E 412 35.94 38.83 19.24
C ALA E 412 36.32 40.10 19.97
N VAL E 413 36.86 41.07 19.25
CA VAL E 413 37.19 42.35 19.87
C VAL E 413 35.94 42.99 20.43
N GLY E 414 34.82 42.89 19.72
CA GLY E 414 33.60 43.43 20.26
C GLY E 414 33.14 42.72 21.51
N GLU E 415 33.41 41.43 21.61
CA GLU E 415 32.85 40.63 22.69
C GLU E 415 33.62 40.81 23.98
N ILE E 416 34.95 40.96 23.91
CA ILE E 416 35.68 41.06 25.16
C ILE E 416 35.27 42.31 25.95
N MET E 417 34.79 43.35 25.27
CA MET E 417 34.38 44.54 25.98
C MET E 417 33.16 44.27 26.85
N SER E 418 32.12 43.68 26.26
CA SER E 418 30.95 43.34 27.07
C SER E 418 31.29 42.27 28.09
N LEU E 419 32.28 41.44 27.80
CA LEU E 419 32.71 40.45 28.80
C LEU E 419 33.25 41.15 30.04
N SER E 420 34.08 42.16 29.84
CA SER E 420 34.66 42.83 31.00
C SER E 420 33.72 43.83 31.65
N ALA E 421 32.76 44.37 30.92
CA ALA E 421 31.90 45.40 31.47
C ALA E 421 30.66 44.84 32.16
N ALA E 422 30.65 43.57 32.51
CA ALA E 422 29.55 42.97 33.26
C ALA E 422 29.98 42.46 34.61
N THR E 423 31.20 42.65 34.99
CA THR E 423 31.65 42.17 36.28
C THR E 423 31.13 43.07 37.39
N PRO E 424 30.79 42.50 38.55
CA PRO E 424 30.37 43.35 39.67
C PRO E 424 31.42 44.36 40.06
N LYS E 425 32.70 44.00 39.94
CA LYS E 425 33.75 44.95 40.27
C LYS E 425 33.65 46.22 39.44
N HIS E 426 33.10 46.11 38.24
CA HIS E 426 32.92 47.29 37.40
C HIS E 426 31.61 47.99 37.70
N LEU E 427 30.55 47.22 37.95
CA LEU E 427 29.24 47.81 38.19
C LEU E 427 29.23 48.62 39.47
N LYS E 428 29.75 48.06 40.56
CA LYS E 428 29.79 48.83 41.79
C LYS E 428 30.69 50.04 41.67
N SER E 429 31.67 50.01 40.76
CA SER E 429 32.47 51.20 40.54
C SER E 429 31.67 52.25 39.78
N ILE E 430 30.82 51.83 38.86
CA ILE E 430 29.92 52.78 38.20
C ILE E 430 28.97 53.40 39.23
N GLY E 431 28.36 52.56 40.06
CA GLY E 431 27.43 53.06 41.05
C GLY E 431 26.11 52.30 41.03
N LEU E 432 25.95 51.39 40.07
CA LEU E 432 24.70 50.66 39.96
C LEU E 432 24.55 49.58 41.01
N LEU E 433 25.50 49.43 41.93
CA LEU E 433 25.41 48.43 42.98
C LEU E 433 25.58 49.08 44.34
N SER E 434 25.17 48.35 45.36
CA SER E 434 25.47 48.78 46.73
C SER E 434 26.98 48.85 46.91
N PRO E 435 27.48 49.82 47.66
CA PRO E 435 28.94 49.99 47.77
C PRO E 435 29.64 48.80 48.39
N ASP E 436 28.92 47.96 49.14
CA ASP E 436 29.53 46.76 49.69
C ASP E 436 29.26 45.54 48.81
N PHE E 437 27.98 45.17 48.69
CA PHE E 437 27.54 44.01 47.91
C PHE E 437 28.47 42.82 48.02
N GLN E 438 28.56 42.23 49.21
CA GLN E 438 29.40 41.04 49.37
C GLN E 438 28.94 39.93 48.44
N GLU E 439 29.85 39.45 47.61
CA GLU E 439 29.57 38.36 46.69
C GLU E 439 29.87 37.03 47.37
N ASP E 440 29.36 35.96 46.77
CA ASP E 440 29.50 34.63 47.32
C ASP E 440 29.87 33.65 46.22
N ASN E 441 30.48 32.54 46.61
CA ASN E 441 30.88 31.56 45.63
C ASN E 441 29.71 30.76 45.08
N GLU E 442 28.48 31.16 45.36
CA GLU E 442 27.34 30.52 44.74
C GLU E 442 26.86 31.29 43.52
N THR E 443 26.82 32.61 43.60
CA THR E 443 26.57 33.40 42.41
C THR E 443 27.66 33.20 41.37
N GLU E 444 28.89 32.94 41.79
CA GLU E 444 29.94 32.62 40.84
C GLU E 444 29.56 31.44 39.96
N ILE E 445 29.09 30.35 40.59
CA ILE E 445 28.71 29.19 39.81
C ILE E 445 27.46 29.47 39.00
N ASN E 446 26.51 30.17 39.59
CA ASN E 446 25.30 30.53 38.85
C ASN E 446 25.63 31.33 37.61
N PHE E 447 26.73 32.08 37.63
CA PHE E 447 27.10 32.87 36.47
C PHE E 447 27.89 32.04 35.48
N LEU E 448 28.87 31.29 35.97
CA LEU E 448 29.70 30.50 35.06
C LEU E 448 28.88 29.48 34.31
N LEU E 449 27.86 28.91 34.95
CA LEU E 449 27.07 27.92 34.24
C LEU E 449 26.25 28.57 33.15
N LYS E 450 25.59 29.68 33.44
CA LYS E 450 24.86 30.41 32.41
C LYS E 450 25.77 30.78 31.26
N GLN E 451 27.04 31.04 31.55
CA GLN E 451 27.96 31.30 30.46
C GLN E 451 28.25 30.04 29.66
N ALA E 452 28.48 28.92 30.34
CA ALA E 452 28.90 27.70 29.66
C ALA E 452 27.81 27.13 28.79
N LEU E 453 26.54 27.40 29.10
CA LEU E 453 25.48 26.90 28.24
C LEU E 453 25.46 27.60 26.89
N THR E 454 26.01 28.80 26.81
CA THR E 454 26.08 29.51 25.54
C THR E 454 27.41 29.28 24.85
N ILE E 455 28.52 29.42 25.56
CA ILE E 455 29.83 29.30 24.96
C ILE E 455 30.12 27.86 24.61
N VAL E 456 30.18 26.99 25.60
CA VAL E 456 30.64 25.64 25.35
C VAL E 456 29.59 24.82 24.64
N GLY E 457 28.32 24.94 25.03
CA GLY E 457 27.29 24.14 24.41
C GLY E 457 27.20 24.28 22.91
N THR E 458 27.78 25.34 22.34
CA THR E 458 27.72 25.58 20.92
C THR E 458 28.98 25.17 20.18
N LEU E 459 30.01 24.74 20.86
CA LEU E 459 31.22 24.42 20.13
C LEU E 459 31.11 23.07 19.44
N PRO E 460 30.61 22.02 20.09
CA PRO E 460 30.46 20.76 19.37
C PRO E 460 29.48 20.84 18.22
N PHE E 461 28.45 21.66 18.33
CA PHE E 461 27.52 21.79 17.22
C PHE E 461 28.23 22.41 16.02
N THR E 462 28.81 23.60 16.22
CA THR E 462 29.51 24.27 15.13
C THR E 462 30.50 23.34 14.46
N TYR E 463 31.49 22.87 15.21
CA TYR E 463 32.50 22.00 14.65
C TYR E 463 31.89 20.81 13.94
N MET E 464 30.75 20.33 14.39
CA MET E 464 30.15 19.22 13.70
C MET E 464 29.57 19.65 12.37
N LEU E 465 28.75 20.70 12.37
CA LEU E 465 28.10 21.11 11.14
C LEU E 465 29.11 21.42 10.06
N GLU E 466 30.09 22.27 10.37
CA GLU E 466 31.07 22.61 9.36
C GLU E 466 31.90 21.42 8.94
N LYS E 467 31.99 20.39 9.76
CA LYS E 467 32.69 19.19 9.31
C LYS E 467 31.86 18.42 8.30
N TRP E 468 30.55 18.48 8.43
CA TRP E 468 29.69 17.82 7.46
C TRP E 468 29.80 18.49 6.11
N ARG E 469 29.61 19.80 6.06
CA ARG E 469 29.66 20.50 4.79
C ARG E 469 30.99 20.31 4.10
N TRP E 470 32.09 20.43 4.83
CA TRP E 470 33.40 20.22 4.21
C TRP E 470 33.48 18.85 3.57
N MET E 471 32.83 17.86 4.15
CA MET E 471 32.88 16.53 3.58
C MET E 471 31.88 16.36 2.46
N VAL E 472 30.84 17.17 2.42
CA VAL E 472 29.85 17.04 1.36
C VAL E 472 30.36 17.69 0.08
N PHE E 473 30.93 18.88 0.20
CA PHE E 473 31.49 19.53 -0.98
C PHE E 473 32.63 18.72 -1.56
N LYS E 474 33.46 18.15 -0.68
CA LYS E 474 34.63 17.41 -1.14
C LYS E 474 34.23 16.19 -1.95
N GLY E 475 33.14 15.53 -1.59
CA GLY E 475 32.71 14.33 -2.25
C GLY E 475 32.86 13.07 -1.44
N GLU E 476 33.32 13.18 -0.19
CA GLU E 476 33.49 11.99 0.64
C GLU E 476 32.17 11.40 1.09
N ILE E 477 31.05 12.05 0.82
CA ILE E 477 29.75 11.50 1.17
C ILE E 477 28.90 11.44 -0.09
N PRO E 478 28.63 10.26 -0.63
CA PRO E 478 27.76 10.18 -1.80
C PRO E 478 26.35 10.60 -1.43
N LYS E 479 25.67 11.21 -2.37
CA LYS E 479 24.43 11.88 -1.99
C LYS E 479 23.35 10.95 -1.60
N ASP E 480 23.56 9.64 -1.49
CA ASP E 480 22.56 8.77 -0.91
C ASP E 480 22.85 8.48 0.55
N GLN E 481 23.79 9.18 1.14
CA GLN E 481 24.16 8.93 2.53
C GLN E 481 24.35 10.23 3.28
N TRP E 482 23.65 11.28 2.90
CA TRP E 482 23.78 12.55 3.61
C TRP E 482 23.17 12.47 4.99
N MET E 483 21.93 12.01 5.10
CA MET E 483 21.30 11.93 6.40
C MET E 483 21.94 10.88 7.27
N LYS E 484 22.40 9.78 6.70
CA LYS E 484 23.05 8.76 7.50
C LYS E 484 24.29 9.32 8.18
N LYS E 485 25.14 10.00 7.43
CA LYS E 485 26.32 10.60 8.02
C LYS E 485 25.95 11.71 8.99
N TRP E 486 24.93 12.49 8.67
CA TRP E 486 24.53 13.55 9.58
C TRP E 486 24.16 13.00 10.94
N TRP E 487 23.31 11.99 10.99
CA TRP E 487 22.88 11.48 12.27
C TRP E 487 23.87 10.51 12.89
N GLU E 488 24.91 10.10 12.16
CA GLU E 488 26.00 9.42 12.85
C GLU E 488 26.90 10.42 13.55
N MET E 489 27.26 11.48 12.86
CA MET E 489 28.11 12.48 13.48
C MET E 489 27.41 13.17 14.64
N LYS E 490 26.09 13.33 14.57
CA LYS E 490 25.41 13.92 15.71
C LYS E 490 25.54 13.06 16.94
N ARG E 491 25.34 11.76 16.81
CA ARG E 491 25.44 10.88 17.96
C ARG E 491 26.86 10.77 18.47
N GLU E 492 27.83 10.81 17.57
CA GLU E 492 29.20 10.61 18.00
C GLU E 492 29.82 11.87 18.59
N ILE E 493 29.73 13.00 17.89
CA ILE E 493 30.39 14.21 18.35
C ILE E 493 29.52 14.96 19.35
N VAL E 494 28.34 15.40 18.92
CA VAL E 494 27.54 16.28 19.75
C VAL E 494 26.91 15.51 20.90
N GLY E 495 26.47 14.29 20.64
CA GLY E 495 25.88 13.49 21.70
C GLY E 495 24.39 13.59 21.83
N VAL E 496 23.67 13.91 20.75
CA VAL E 496 22.23 13.95 20.77
C VAL E 496 21.72 12.99 19.71
N VAL E 497 20.48 12.54 19.90
CA VAL E 497 19.90 11.49 19.08
C VAL E 497 18.56 11.98 18.53
N GLU E 498 18.20 11.49 17.43
CA GLU E 498 16.96 12.01 16.91
C GLU E 498 15.79 11.20 17.43
N PRO E 499 14.62 11.82 17.59
CA PRO E 499 13.47 11.08 18.13
C PRO E 499 12.67 10.31 17.11
N VAL E 500 12.93 10.46 15.82
CA VAL E 500 12.17 9.80 14.77
C VAL E 500 13.10 9.56 13.60
N PRO E 501 13.11 8.39 12.99
CA PRO E 501 14.06 8.11 11.90
C PRO E 501 13.87 9.06 10.73
N HIS E 502 14.93 9.25 9.97
CA HIS E 502 14.92 10.17 8.83
C HIS E 502 15.62 9.51 7.66
N ASP E 503 14.88 9.20 6.61
CA ASP E 503 15.44 8.58 5.43
C ASP E 503 16.12 9.63 4.56
N GLU E 504 16.41 9.28 3.32
CA GLU E 504 17.12 10.17 2.42
C GLU E 504 16.21 11.09 1.63
N THR E 505 14.98 11.28 2.07
CA THR E 505 14.13 12.29 1.48
C THR E 505 14.14 13.60 2.26
N TYR E 506 14.69 13.60 3.46
CA TYR E 506 14.75 14.78 4.29
C TYR E 506 16.03 15.54 4.01
N CYS E 507 16.14 16.73 4.59
CA CYS E 507 17.41 17.45 4.62
C CYS E 507 17.39 18.31 5.88
N ASP E 508 17.94 17.78 6.95
CA ASP E 508 17.89 18.48 8.22
C ASP E 508 18.88 19.63 8.31
N PRO E 509 20.08 19.54 7.75
CA PRO E 509 20.97 20.70 7.81
C PRO E 509 20.45 21.88 7.03
N ALA E 510 19.77 21.66 5.92
CA ALA E 510 19.27 22.77 5.13
C ALA E 510 18.20 23.57 5.85
N SER E 511 17.67 23.08 6.96
CA SER E 511 16.65 23.79 7.71
C SER E 511 17.25 24.72 8.74
N LEU E 512 18.46 25.20 8.49
CA LEU E 512 19.14 26.14 9.36
C LEU E 512 19.49 27.36 8.55
N PHE E 513 19.50 28.52 9.20
CA PHE E 513 19.60 29.77 8.46
C PHE E 513 20.87 29.82 7.63
N HIS E 514 22.01 29.51 8.25
CA HIS E 514 23.28 29.68 7.56
C HIS E 514 23.46 28.67 6.44
N VAL E 515 22.90 27.48 6.59
CA VAL E 515 23.11 26.47 5.57
C VAL E 515 22.34 26.83 4.31
N SER E 516 21.07 27.19 4.46
CA SER E 516 20.23 27.47 3.31
C SER E 516 20.52 28.81 2.67
N ASN E 517 21.16 29.73 3.38
CA ASN E 517 21.47 31.04 2.83
C ASN E 517 22.93 31.21 2.51
N ASP E 518 23.71 30.13 2.55
CA ASP E 518 25.08 30.13 2.05
C ASP E 518 25.96 31.11 2.81
N TYR E 519 26.15 30.83 4.10
CA TYR E 519 27.07 31.59 4.92
C TYR E 519 28.11 30.65 5.51
N SER E 520 29.36 31.11 5.57
CA SER E 520 30.38 30.34 6.23
C SER E 520 30.07 30.23 7.71
N PHE E 521 30.29 29.06 8.28
CA PHE E 521 29.93 28.82 9.65
C PHE E 521 31.12 28.64 10.58
N ILE E 522 32.33 28.59 10.06
CA ILE E 522 33.48 28.38 10.93
C ILE E 522 33.88 29.64 11.67
N ARG E 523 33.45 30.81 11.20
CA ARG E 523 33.80 32.03 11.90
C ARG E 523 33.23 32.07 13.31
N TYR E 524 32.31 31.18 13.64
CA TYR E 524 31.78 31.12 14.99
C TYR E 524 32.59 30.22 15.89
N TYR E 525 33.37 29.32 15.31
CA TYR E 525 34.26 28.51 16.14
C TYR E 525 35.46 29.32 16.57
N THR E 526 36.25 29.78 15.60
CA THR E 526 37.47 30.50 15.92
C THR E 526 37.19 31.74 16.75
N ARG E 527 36.10 32.43 16.47
CA ARG E 527 35.79 33.62 17.26
C ARG E 527 35.67 33.30 18.73
N THR E 528 35.14 32.12 19.06
CA THR E 528 35.04 31.76 20.46
C THR E 528 36.39 31.56 21.09
N LEU E 529 37.37 31.10 20.32
CA LEU E 529 38.69 30.88 20.89
C LEU E 529 39.41 32.20 21.12
N TYR E 530 39.62 32.97 20.05
CA TYR E 530 40.31 34.24 20.20
C TYR E 530 39.74 35.06 21.34
N GLN E 531 38.41 35.10 21.45
CA GLN E 531 37.77 35.95 22.43
C GLN E 531 38.33 35.76 23.82
N PHE E 532 38.84 34.56 24.11
CA PHE E 532 39.43 34.34 25.42
C PHE E 532 40.93 34.53 25.45
N GLN E 533 41.63 34.14 24.38
CA GLN E 533 43.06 34.42 24.33
C GLN E 533 43.33 35.88 24.61
N PHE E 534 42.73 36.78 23.83
CA PHE E 534 42.80 38.19 24.14
C PHE E 534 42.53 38.44 25.60
N GLN E 535 41.38 37.99 26.08
CA GLN E 535 40.97 38.30 27.44
C GLN E 535 42.01 37.86 28.44
N GLU E 536 42.75 36.79 28.13
CA GLU E 536 43.81 36.37 29.03
C GLU E 536 44.99 37.32 28.96
N ALA E 537 45.48 37.59 27.75
CA ALA E 537 46.68 38.40 27.61
C ALA E 537 46.49 39.78 28.23
N LEU E 538 45.43 40.48 27.85
CA LEU E 538 45.15 41.76 28.48
C LEU E 538 45.06 41.64 29.98
N CYS E 539 44.47 40.55 30.47
CA CYS E 539 44.34 40.37 31.91
C CYS E 539 45.70 40.41 32.59
N GLN E 540 46.73 39.92 31.91
CA GLN E 540 48.06 39.98 32.51
C GLN E 540 48.60 41.40 32.52
N ALA E 541 48.36 42.15 31.44
CA ALA E 541 48.87 43.51 31.38
C ALA E 541 48.25 44.39 32.44
N ALA E 542 47.06 44.05 32.92
CA ALA E 542 46.42 44.79 33.99
C ALA E 542 46.81 44.26 35.36
N LYS E 543 47.64 43.23 35.42
CA LYS E 543 48.11 42.65 36.68
C LYS E 543 46.93 42.21 37.55
N HIS E 544 46.20 41.24 37.02
CA HIS E 544 45.07 40.65 37.73
C HIS E 544 45.52 39.39 38.44
N GLU E 545 44.84 39.11 39.56
CA GLU E 545 45.29 38.09 40.50
C GLU E 545 44.35 36.90 40.61
N GLY E 546 43.08 37.14 40.93
CA GLY E 546 42.15 36.08 41.21
C GLY E 546 41.76 35.30 39.98
N PRO E 547 40.56 34.72 40.01
CA PRO E 547 40.10 33.93 38.86
C PRO E 547 40.02 34.79 37.63
N LEU E 548 40.02 34.13 36.47
CA LEU E 548 39.97 34.88 35.23
C LEU E 548 38.62 35.53 35.05
N HIS E 549 37.56 34.88 35.45
CA HIS E 549 36.24 35.43 35.18
C HIS E 549 35.92 36.61 35.99
N LYS E 550 36.85 37.17 36.76
CA LYS E 550 36.64 38.43 37.44
C LYS E 550 37.57 39.52 36.92
N CYS E 551 38.24 39.26 35.81
CA CYS E 551 39.17 40.24 35.26
C CYS E 551 38.42 41.50 34.86
N ASP E 552 39.15 42.61 34.86
CA ASP E 552 38.58 43.90 34.49
C ASP E 552 39.72 44.77 34.00
N ILE E 553 39.66 45.20 32.74
CA ILE E 553 40.78 45.89 32.14
C ILE E 553 40.70 47.40 32.30
N SER E 554 39.64 47.91 32.91
CA SER E 554 39.47 49.35 33.08
C SER E 554 40.58 50.01 33.91
N ASN E 555 40.91 51.25 33.57
CA ASN E 555 41.93 52.01 34.29
C ASN E 555 43.33 51.48 34.04
N SER E 556 43.50 50.62 33.05
CA SER E 556 44.80 50.04 32.74
C SER E 556 45.21 50.47 31.34
N THR E 557 46.22 51.31 31.25
CA THR E 557 46.61 51.86 29.96
C THR E 557 47.47 50.90 29.15
N GLU E 558 48.25 50.04 29.80
CA GLU E 558 49.06 49.09 29.06
C GLU E 558 48.18 48.12 28.28
N ALA E 559 47.04 47.74 28.86
CA ALA E 559 46.09 46.93 28.12
C ALA E 559 45.62 47.66 26.88
N GLY E 560 45.25 48.93 27.01
CA GLY E 560 44.87 49.71 25.86
C GLY E 560 45.94 49.77 24.80
N GLN E 561 47.21 49.89 25.20
CA GLN E 561 48.28 49.93 24.22
C GLN E 561 48.46 48.60 23.51
N LYS E 562 48.47 47.49 24.26
CA LYS E 562 48.59 46.18 23.64
C LYS E 562 47.45 45.95 22.67
N LEU E 563 46.26 46.44 23.00
CA LEU E 563 45.13 46.23 22.12
C LEU E 563 45.24 47.09 20.88
N PHE E 564 45.61 48.36 21.05
CA PHE E 564 45.70 49.28 19.94
C PHE E 564 46.74 48.83 18.92
N ASN E 565 47.87 48.32 19.40
CA ASN E 565 48.91 47.90 18.47
C ASN E 565 48.47 46.77 17.56
N MET E 566 47.35 46.12 17.83
CA MET E 566 46.76 45.16 16.92
C MET E 566 45.57 45.72 16.18
N LEU E 567 44.78 46.55 16.85
CA LEU E 567 43.62 47.15 16.21
C LEU E 567 44.02 47.94 14.98
N ARG E 568 45.07 48.73 15.10
CA ARG E 568 45.39 49.70 14.06
C ARG E 568 46.03 49.08 12.84
N LEU E 569 45.95 47.78 12.66
CA LEU E 569 46.58 47.14 11.50
C LEU E 569 45.63 46.89 10.35
N GLY E 570 44.41 46.43 10.64
CA GLY E 570 43.56 46.02 9.54
C GLY E 570 44.10 44.75 8.93
N LYS E 571 43.86 44.56 7.64
CA LYS E 571 44.35 43.41 6.93
C LYS E 571 45.76 43.61 6.38
N SER E 572 46.46 44.65 6.84
CA SER E 572 47.79 44.91 6.32
C SER E 572 48.71 43.73 6.53
N GLU E 573 48.71 43.17 7.72
CA GLU E 573 49.58 42.06 8.08
C GLU E 573 48.80 40.76 8.05
N PRO E 574 49.49 39.63 7.88
CA PRO E 574 48.82 38.34 8.04
C PRO E 574 48.27 38.21 9.45
N TRP E 575 47.12 37.55 9.56
CA TRP E 575 46.46 37.51 10.86
C TRP E 575 47.31 36.80 11.90
N THR E 576 48.21 35.91 11.48
CA THR E 576 49.08 35.25 12.43
C THR E 576 50.08 36.21 13.04
N LEU E 577 50.33 37.35 12.41
CA LEU E 577 51.20 38.34 13.03
C LEU E 577 50.43 39.23 13.98
N ALA E 578 49.24 39.67 13.59
CA ALA E 578 48.43 40.48 14.47
C ALA E 578 48.08 39.71 15.73
N LEU E 579 47.77 38.43 15.58
CA LEU E 579 47.48 37.61 16.75
C LEU E 579 48.69 37.49 17.65
N GLU E 580 49.88 37.41 17.08
CA GLU E 580 51.09 37.34 17.88
C GLU E 580 51.37 38.64 18.59
N ASN E 581 51.00 39.77 17.99
CA ASN E 581 51.26 41.07 18.60
C ASN E 581 50.63 41.20 19.96
N VAL E 582 49.63 40.38 20.29
CA VAL E 582 48.91 40.48 21.54
C VAL E 582 49.17 39.27 22.42
N VAL E 583 48.83 38.08 21.94
CA VAL E 583 48.93 36.88 22.76
C VAL E 583 50.39 36.53 23.02
N GLY E 584 51.15 36.35 21.95
CA GLY E 584 52.51 35.84 22.04
C GLY E 584 52.72 34.56 21.28
N ALA E 585 51.67 33.95 20.77
CA ALA E 585 51.77 32.76 19.94
C ALA E 585 51.28 33.08 18.54
N LYS E 586 51.27 32.07 17.68
CA LYS E 586 50.83 32.24 16.31
C LYS E 586 49.67 31.34 15.94
N ASN E 587 49.08 30.64 16.89
CA ASN E 587 47.99 29.73 16.60
C ASN E 587 46.90 29.92 17.64
N MET E 588 45.69 29.50 17.29
CA MET E 588 44.59 29.61 18.22
C MET E 588 44.70 28.50 19.25
N ASN E 589 44.84 28.89 20.51
CA ASN E 589 45.06 27.96 21.59
C ASN E 589 43.79 27.82 22.42
N VAL E 590 43.55 26.62 22.93
CA VAL E 590 42.35 26.37 23.72
C VAL E 590 42.60 26.44 25.21
N ARG E 591 43.84 26.56 25.64
CA ARG E 591 44.12 26.57 27.07
C ARG E 591 43.47 27.73 27.81
N PRO E 592 43.46 28.95 27.30
CA PRO E 592 42.80 30.03 28.06
C PRO E 592 41.32 29.80 28.28
N LEU E 593 40.62 29.24 27.30
CA LEU E 593 39.20 28.97 27.50
C LEU E 593 38.99 27.99 28.64
N LEU E 594 39.80 26.93 28.70
CA LEU E 594 39.70 26.01 29.81
C LEU E 594 40.10 26.65 31.13
N ASN E 595 41.01 27.61 31.09
CA ASN E 595 41.34 28.32 32.32
C ASN E 595 40.18 29.17 32.79
N TYR E 596 39.38 29.67 31.86
CA TYR E 596 38.24 30.49 32.26
C TYR E 596 37.24 29.70 33.05
N PHE E 597 36.98 28.46 32.64
CA PHE E 597 35.97 27.63 33.28
C PHE E 597 36.56 26.69 34.32
N GLU E 598 37.60 27.10 35.03
CA GLU E 598 38.19 26.21 36.01
C GLU E 598 37.29 25.96 37.20
N PRO E 599 36.73 26.96 37.88
CA PRO E 599 35.87 26.65 39.03
C PRO E 599 34.68 25.82 38.65
N LEU E 600 34.06 26.10 37.52
CA LEU E 600 32.94 25.30 37.09
C LEU E 600 33.37 23.88 36.79
N PHE E 601 34.54 23.70 36.19
CA PHE E 601 34.99 22.33 35.92
C PHE E 601 35.18 21.57 37.21
N THR E 602 35.78 22.20 38.21
CA THR E 602 35.95 21.54 39.49
C THR E 602 34.62 21.14 40.10
N TRP E 603 33.70 22.10 40.19
CA TRP E 603 32.39 21.83 40.78
C TRP E 603 31.63 20.76 40.01
N LEU E 604 31.78 20.70 38.69
CA LEU E 604 31.10 19.68 37.93
C LEU E 604 31.71 18.31 38.17
N LYS E 605 33.04 18.23 38.12
CA LYS E 605 33.68 16.95 38.40
C LYS E 605 33.32 16.45 39.78
N ASP E 606 33.05 17.34 40.71
CA ASP E 606 32.56 16.91 42.02
C ASP E 606 31.10 16.49 41.99
N GLN E 607 30.25 17.18 41.24
CA GLN E 607 28.83 16.88 41.24
C GLN E 607 28.45 15.65 40.43
N ASN E 608 29.41 14.96 39.82
CA ASN E 608 29.14 13.79 39.00
C ASN E 608 29.87 12.56 39.50
N LYS E 609 29.91 12.37 40.81
CA LYS E 609 30.51 11.16 41.34
C LYS E 609 29.65 9.94 41.06
N ASN E 610 28.33 10.12 40.99
CA ASN E 610 27.40 9.02 40.83
C ASN E 610 26.78 8.93 39.45
N SER E 611 26.96 9.93 38.60
CA SER E 611 26.46 9.84 37.24
C SER E 611 27.43 9.04 36.39
N PHE E 612 27.11 8.90 35.11
CA PHE E 612 27.96 8.19 34.17
C PHE E 612 28.40 9.21 33.12
N VAL E 613 29.61 9.74 33.28
CA VAL E 613 30.12 10.73 32.35
C VAL E 613 30.40 10.05 31.01
N GLY E 614 29.64 10.42 30.00
CA GLY E 614 29.74 9.85 28.68
C GLY E 614 28.39 9.41 28.16
N TRP E 615 28.41 8.77 27.01
CA TRP E 615 27.17 8.31 26.40
C TRP E 615 27.49 7.17 25.45
N SER E 616 26.47 6.37 25.17
CA SER E 616 26.57 5.27 24.24
C SER E 616 25.67 5.54 23.06
N THR E 617 26.18 5.28 21.86
CA THR E 617 25.51 5.69 20.64
C THR E 617 24.60 4.62 20.07
N ASP E 618 24.01 3.78 20.90
CA ASP E 618 23.07 2.77 20.44
C ASP E 618 21.65 3.00 20.91
N TRP E 619 21.47 3.39 22.17
CA TRP E 619 20.14 3.66 22.68
C TRP E 619 19.47 4.76 21.87
N SER E 620 18.19 4.56 21.56
CA SER E 620 17.41 5.54 20.83
C SER E 620 16.01 5.57 21.39
N PRO E 621 15.35 6.73 21.38
CA PRO E 621 14.08 6.87 22.09
C PRO E 621 12.94 6.09 21.48
N TYR E 622 13.19 5.31 20.43
CA TYR E 622 12.15 4.49 19.84
C TYR E 622 12.57 3.05 19.68
N ALA E 623 13.67 2.64 20.27
CA ALA E 623 14.17 1.28 20.10
C ALA E 623 13.54 0.31 21.07
N ASP E 624 12.52 0.72 21.82
CA ASP E 624 11.83 -0.19 22.71
C ASP E 624 10.54 -0.73 22.12
N GLN E 625 9.89 0.02 21.24
CA GLN E 625 8.71 -0.47 20.53
C GLN E 625 9.03 -0.92 19.13
N SER E 626 10.31 -1.02 18.78
CA SER E 626 10.65 -1.44 17.44
C SER E 626 10.43 -2.94 17.29
N ILE E 627 10.29 -3.37 16.05
CA ILE E 627 10.23 -4.78 15.73
C ILE E 627 11.25 -5.03 14.64
N LYS E 628 12.06 -6.07 14.83
CA LYS E 628 13.10 -6.40 13.89
C LYS E 628 12.60 -7.38 12.84
N VAL E 629 13.13 -7.28 11.64
CA VAL E 629 12.67 -8.08 10.51
C VAL E 629 13.89 -8.54 9.73
N ARG E 630 13.93 -9.83 9.41
CA ARG E 630 14.96 -10.41 8.57
C ARG E 630 14.32 -11.11 7.38
N ILE E 631 14.95 -10.98 6.21
CA ILE E 631 14.40 -11.51 4.97
C ILE E 631 15.52 -12.18 4.21
N SER E 632 15.23 -13.36 3.63
CA SER E 632 16.23 -14.15 2.92
C SER E 632 15.64 -14.57 1.58
N LEU E 633 15.95 -13.81 0.53
CA LEU E 633 15.37 -14.09 -0.77
C LEU E 633 16.04 -15.27 -1.44
N LYS E 634 17.38 -15.34 -1.36
CA LYS E 634 18.10 -16.39 -2.05
C LYS E 634 17.70 -17.76 -1.53
N SER E 635 17.50 -17.88 -0.22
CA SER E 635 17.06 -19.15 0.35
C SER E 635 15.73 -19.58 -0.24
N ALA E 636 14.73 -18.71 -0.21
CA ALA E 636 13.39 -19.11 -0.60
C ALA E 636 13.27 -19.27 -2.10
N LEU E 637 13.52 -18.22 -2.85
CA LEU E 637 13.20 -18.26 -4.27
C LEU E 637 14.29 -18.90 -5.12
N GLY E 638 15.41 -19.30 -4.52
CA GLY E 638 16.44 -19.95 -5.31
C GLY E 638 16.94 -19.05 -6.42
N ASP E 639 17.10 -19.62 -7.60
CA ASP E 639 17.57 -18.86 -8.76
C ASP E 639 16.41 -18.24 -9.51
N LYS E 640 15.53 -17.62 -8.76
CA LYS E 640 14.39 -16.93 -9.34
C LYS E 640 14.07 -15.63 -8.63
N ALA E 641 14.87 -15.24 -7.65
CA ALA E 641 14.47 -14.18 -6.74
C ALA E 641 14.46 -12.84 -7.44
N TYR E 642 13.56 -11.98 -7.01
CA TYR E 642 13.58 -10.60 -7.43
C TYR E 642 14.59 -9.83 -6.59
N GLU E 643 15.05 -8.72 -7.12
CA GLU E 643 15.93 -7.84 -6.37
C GLU E 643 15.10 -6.95 -5.47
N TRP E 644 15.69 -6.49 -4.40
CA TRP E 644 14.97 -5.74 -3.38
C TRP E 644 15.37 -4.28 -3.46
N ASN E 645 14.64 -3.53 -4.27
CA ASN E 645 14.77 -2.09 -4.30
C ASN E 645 13.77 -1.47 -3.34
N ASP E 646 13.55 -0.17 -3.46
CA ASP E 646 12.70 0.55 -2.52
C ASP E 646 11.22 0.38 -2.79
N ASN E 647 10.83 0.00 -3.99
CA ASN E 647 9.43 -0.35 -4.20
C ASN E 647 9.01 -1.54 -3.38
N GLU E 648 9.91 -2.47 -3.12
CA GLU E 648 9.59 -3.56 -2.21
C GLU E 648 9.38 -3.04 -0.80
N MET E 649 10.15 -2.04 -0.38
CA MET E 649 9.88 -1.44 0.91
C MET E 649 8.54 -0.73 0.94
N TYR E 650 8.16 -0.09 -0.16
CA TYR E 650 6.85 0.51 -0.22
C TYR E 650 5.77 -0.54 -0.04
N LEU E 651 5.87 -1.63 -0.77
CA LEU E 651 4.88 -2.68 -0.65
C LEU E 651 4.86 -3.29 0.74
N PHE E 652 6.02 -3.38 1.39
CA PHE E 652 6.03 -3.92 2.74
C PHE E 652 5.34 -2.99 3.71
N ARG E 653 5.59 -1.70 3.62
CA ARG E 653 4.91 -0.77 4.49
C ARG E 653 3.41 -0.79 4.25
N SER E 654 3.00 -0.92 2.99
CA SER E 654 1.57 -1.03 2.73
C SER E 654 0.96 -2.28 3.33
N SER E 655 1.65 -3.41 3.22
CA SER E 655 1.14 -4.64 3.82
C SER E 655 0.98 -4.49 5.32
N VAL E 656 1.97 -3.90 5.98
CA VAL E 656 1.85 -3.77 7.43
C VAL E 656 0.72 -2.81 7.80
N ALA E 657 0.54 -1.74 7.03
CA ALA E 657 -0.58 -0.86 7.32
C ALA E 657 -1.90 -1.58 7.18
N TYR E 658 -2.05 -2.40 6.15
CA TYR E 658 -3.26 -3.19 6.00
C TYR E 658 -3.46 -4.13 7.18
N ALA E 659 -2.38 -4.78 7.63
CA ALA E 659 -2.49 -5.68 8.75
C ALA E 659 -2.92 -4.96 10.01
N MET E 660 -2.49 -3.72 10.19
CA MET E 660 -2.94 -2.97 11.36
C MET E 660 -4.39 -2.55 11.24
N ARG E 661 -4.81 -2.10 10.06
CA ARG E 661 -6.20 -1.76 9.84
C ARG E 661 -7.11 -2.91 10.21
N GLN E 662 -6.80 -4.10 9.70
CA GLN E 662 -7.67 -5.25 9.95
C GLN E 662 -7.80 -5.53 11.43
N TYR E 663 -6.68 -5.51 12.15
CA TYR E 663 -6.73 -5.81 13.57
C TYR E 663 -7.56 -4.79 14.32
N PHE E 664 -7.37 -3.51 14.03
CA PHE E 664 -8.16 -2.54 14.76
C PHE E 664 -9.62 -2.56 14.36
N LEU E 665 -9.95 -3.13 13.22
CA LEU E 665 -11.37 -3.24 12.88
C LEU E 665 -12.03 -4.45 13.50
N LYS E 666 -11.35 -5.59 13.51
CA LYS E 666 -11.98 -6.83 13.94
C LYS E 666 -11.86 -7.10 15.42
N VAL E 667 -11.08 -6.31 16.16
CA VAL E 667 -10.93 -6.58 17.58
C VAL E 667 -11.32 -5.34 18.39
N LYS E 668 -10.60 -4.25 18.21
CA LYS E 668 -10.93 -3.03 18.92
C LYS E 668 -12.23 -2.40 18.46
N ASN E 669 -12.81 -2.91 17.38
CA ASN E 669 -14.06 -2.41 16.81
C ASN E 669 -14.00 -0.95 16.40
N GLN E 670 -12.83 -0.33 16.46
CA GLN E 670 -12.67 1.02 15.95
C GLN E 670 -12.47 0.97 14.44
N MET E 671 -12.05 2.08 13.87
CA MET E 671 -11.74 2.16 12.45
C MET E 671 -10.74 3.29 12.25
N ILE E 672 -9.47 2.93 12.13
CA ILE E 672 -8.38 3.90 12.05
C ILE E 672 -7.71 3.76 10.70
N LEU E 673 -7.37 4.89 10.09
CA LEU E 673 -6.88 4.91 8.73
C LEU E 673 -5.36 5.00 8.73
N PHE E 674 -4.72 3.89 9.04
CA PHE E 674 -3.28 3.82 8.90
C PHE E 674 -2.89 3.93 7.44
N GLY E 675 -1.72 4.53 7.20
CA GLY E 675 -1.19 4.67 5.87
C GLY E 675 0.22 4.10 5.78
N GLU E 676 0.76 4.13 4.57
CA GLU E 676 2.11 3.63 4.41
C GLU E 676 3.15 4.58 4.97
N GLU E 677 2.76 5.75 5.44
CA GLU E 677 3.70 6.70 6.03
C GLU E 677 3.56 6.77 7.53
N ASP E 678 2.85 5.83 8.14
CA ASP E 678 2.83 5.67 9.57
C ASP E 678 3.65 4.48 10.01
N VAL E 679 4.33 3.83 9.09
CA VAL E 679 5.24 2.74 9.37
C VAL E 679 6.64 3.28 9.18
N ARG E 680 7.33 3.54 10.28
CA ARG E 680 8.67 4.11 10.24
C ARG E 680 9.68 2.97 10.22
N VAL E 681 10.63 3.07 9.31
CA VAL E 681 11.63 2.03 9.06
C VAL E 681 13.00 2.59 9.40
N ALA E 682 13.87 1.76 9.99
CA ALA E 682 15.18 2.20 10.40
C ALA E 682 16.20 1.09 10.21
N ASN E 683 17.45 1.49 10.03
CA ASN E 683 18.60 0.57 10.00
C ASN E 683 18.53 -0.40 8.83
N LEU E 684 18.23 0.09 7.64
CA LEU E 684 18.17 -0.80 6.50
C LEU E 684 19.55 -1.34 6.18
N LYS E 685 19.66 -2.65 6.06
CA LYS E 685 20.90 -3.37 5.79
C LYS E 685 20.80 -4.13 4.48
N PRO E 686 21.92 -4.62 3.96
CA PRO E 686 21.90 -5.46 2.76
C PRO E 686 21.54 -6.92 2.99
N ARG E 687 21.82 -7.45 4.17
CA ARG E 687 21.46 -8.82 4.48
C ARG E 687 19.94 -8.86 4.68
N ILE E 688 19.27 -7.81 4.21
CA ILE E 688 17.81 -7.69 4.34
C ILE E 688 17.48 -7.73 5.82
N SER E 689 17.21 -6.57 6.42
CA SER E 689 16.93 -6.59 7.84
C SER E 689 16.76 -5.17 8.29
N PHE E 690 15.74 -4.92 9.09
CA PHE E 690 15.51 -3.56 9.54
C PHE E 690 14.56 -3.57 10.72
N ASN E 691 14.45 -2.43 11.37
CA ASN E 691 13.47 -2.26 12.42
C ASN E 691 12.33 -1.41 11.89
N PHE E 692 11.16 -1.60 12.46
CA PHE E 692 10.07 -0.70 12.12
C PHE E 692 9.19 -0.51 13.34
N PHE E 693 8.40 0.55 13.29
CA PHE E 693 7.39 0.75 14.31
C PHE E 693 6.27 1.60 13.73
N VAL E 694 5.09 1.50 14.32
CA VAL E 694 3.89 2.10 13.77
C VAL E 694 3.40 3.18 14.71
N THR E 695 3.04 4.33 14.15
CA THR E 695 2.47 5.41 14.92
C THR E 695 1.02 5.62 14.54
N ALA E 696 0.31 6.41 15.35
CA ALA E 696 -1.03 6.79 15.02
C ALA E 696 -1.04 7.58 13.71
N PRO E 697 -2.21 7.73 13.09
CA PRO E 697 -2.23 8.31 11.74
C PRO E 697 -1.57 9.67 11.60
N LYS E 698 -1.92 10.65 12.43
CA LYS E 698 -1.32 11.96 12.30
C LYS E 698 -0.67 12.46 13.57
N ASN E 699 -0.89 11.82 14.70
CA ASN E 699 -0.28 12.21 15.96
C ASN E 699 1.06 11.51 16.05
N VAL E 700 2.10 12.18 15.56
CA VAL E 700 3.42 11.58 15.45
C VAL E 700 3.99 11.17 16.79
N SER E 701 3.57 11.80 17.88
CA SER E 701 4.10 11.43 19.17
C SER E 701 3.43 10.20 19.76
N ASP E 702 2.49 9.59 19.03
CA ASP E 702 1.70 8.47 19.53
C ASP E 702 2.16 7.19 18.85
N ILE E 703 2.61 6.23 19.65
CA ILE E 703 3.21 5.01 19.14
C ILE E 703 2.40 3.82 19.61
N ILE E 704 1.95 3.00 18.67
CA ILE E 704 1.22 1.79 19.03
C ILE E 704 2.15 0.85 19.78
N PRO E 705 1.75 0.33 20.93
CA PRO E 705 2.67 -0.51 21.71
C PRO E 705 3.11 -1.73 20.94
N ARG E 706 4.25 -2.29 21.35
CA ARG E 706 4.83 -3.41 20.64
C ARG E 706 3.91 -4.62 20.67
N THR E 707 3.27 -4.86 21.81
CA THR E 707 2.44 -6.05 21.96
C THR E 707 1.30 -6.06 20.95
N GLU E 708 0.62 -4.94 20.77
CA GLU E 708 -0.47 -4.90 19.83
C GLU E 708 -0.02 -5.06 18.40
N VAL E 709 1.16 -4.58 18.05
CA VAL E 709 1.65 -4.83 16.70
C VAL E 709 1.95 -6.30 16.51
N GLU E 710 2.51 -6.96 17.54
CA GLU E 710 2.72 -8.39 17.42
C GLU E 710 1.41 -9.13 17.24
N LYS E 711 0.39 -8.75 18.01
CA LYS E 711 -0.91 -9.37 17.86
C LYS E 711 -1.44 -9.19 16.44
N ALA E 712 -1.40 -7.96 15.94
CA ALA E 712 -1.90 -7.67 14.61
C ALA E 712 -1.14 -8.39 13.52
N ILE E 713 0.13 -8.73 13.75
CA ILE E 713 0.91 -9.43 12.76
C ILE E 713 0.66 -10.94 12.80
N ARG E 714 0.48 -11.51 13.99
CA ARG E 714 0.08 -12.90 14.06
C ARG E 714 -1.18 -13.15 13.23
N MET E 715 -2.09 -12.17 13.23
CA MET E 715 -3.39 -12.38 12.61
C MET E 715 -3.32 -12.44 11.10
N SER E 716 -2.41 -11.68 10.49
CA SER E 716 -2.37 -11.60 9.03
C SER E 716 -1.03 -12.02 8.46
N ARG E 717 -0.25 -12.79 9.21
CA ARG E 717 1.07 -13.17 8.72
C ARG E 717 0.99 -13.97 7.45
N SER E 718 0.01 -14.87 7.35
CA SER E 718 -0.10 -15.73 6.19
C SER E 718 -0.40 -14.95 4.93
N ARG E 719 -0.81 -13.69 5.06
CA ARG E 719 -1.07 -12.85 3.90
C ARG E 719 0.16 -12.06 3.49
N ILE E 720 0.87 -11.50 4.46
CA ILE E 720 2.12 -10.81 4.16
C ILE E 720 3.11 -11.76 3.54
N ASN E 721 3.15 -13.01 4.01
CA ASN E 721 4.00 -13.99 3.35
C ASN E 721 3.65 -14.11 1.88
N ASP E 722 2.37 -14.30 1.59
CA ASP E 722 1.96 -14.54 0.22
C ASP E 722 2.23 -13.35 -0.67
N ALA E 723 2.21 -12.14 -0.10
CA ALA E 723 2.45 -10.97 -0.94
C ALA E 723 3.85 -10.97 -1.53
N PHE E 724 4.81 -11.61 -0.86
CA PHE E 724 6.19 -11.63 -1.31
C PHE E 724 6.67 -12.99 -1.72
N ARG E 725 5.84 -14.03 -1.63
CA ARG E 725 6.22 -15.39 -1.97
C ARG E 725 7.25 -15.96 -1.00
N LEU E 726 7.11 -15.64 0.28
CA LEU E 726 7.98 -16.16 1.30
C LEU E 726 7.21 -17.12 2.19
N ASN E 727 7.94 -17.94 2.93
CA ASN E 727 7.32 -19.07 3.60
C ASN E 727 7.73 -19.14 5.06
N ASP E 728 7.65 -18.01 5.75
CA ASP E 728 7.65 -18.04 7.21
C ASP E 728 8.99 -18.50 7.79
N ASN E 729 9.91 -18.91 6.92
CA ASN E 729 11.28 -19.14 7.33
C ASN E 729 12.24 -18.20 6.63
N SER E 730 11.81 -17.61 5.53
CA SER E 730 12.57 -16.56 4.87
C SER E 730 12.06 -15.18 5.23
N LEU E 731 11.11 -15.09 6.16
CA LEU E 731 10.59 -13.80 6.60
C LEU E 731 10.36 -13.92 8.11
N GLU E 732 11.35 -13.50 8.87
CA GLU E 732 11.32 -13.64 10.31
C GLU E 732 11.03 -12.29 10.95
N PHE E 733 9.97 -12.24 11.74
CA PHE E 733 9.71 -11.13 12.65
C PHE E 733 10.29 -11.55 13.98
N LEU E 734 11.50 -11.12 14.28
CA LEU E 734 12.19 -11.56 15.48
C LEU E 734 11.37 -11.23 16.71
N GLY E 735 11.05 -12.25 17.49
CA GLY E 735 10.19 -12.11 18.65
C GLY E 735 8.80 -12.67 18.45
N ILE E 736 8.48 -13.12 17.25
CA ILE E 736 7.18 -13.71 16.94
C ILE E 736 7.44 -15.07 16.33
N GLN E 737 6.89 -16.11 16.94
CA GLN E 737 7.13 -17.44 16.42
C GLN E 737 5.82 -18.13 16.09
N PRO E 738 5.78 -18.86 14.98
CA PRO E 738 4.57 -19.62 14.63
C PRO E 738 4.53 -20.97 15.33
N THR E 739 3.36 -21.31 15.87
CA THR E 739 3.24 -22.50 16.70
C THR E 739 1.94 -23.25 16.43
N LEU E 740 1.51 -23.30 15.17
CA LEU E 740 0.32 -24.08 14.81
C LEU E 740 0.75 -25.14 13.81
N GLY E 741 1.27 -26.26 14.32
CA GLY E 741 1.66 -27.37 13.49
C GLY E 741 1.41 -28.77 14.05
N PRO E 742 0.35 -28.98 14.83
CA PRO E 742 0.25 -30.21 15.62
C PRO E 742 -0.31 -31.36 14.80
N PRO E 743 0.51 -32.39 14.53
CA PRO E 743 -0.02 -33.60 13.87
C PRO E 743 -0.41 -34.67 14.87
N ASN E 744 -1.60 -35.26 14.72
CA ASN E 744 -1.97 -36.38 15.58
C ASN E 744 -3.17 -37.10 14.96
N GLN E 745 -2.95 -38.33 14.49
CA GLN E 745 -4.10 -39.19 14.18
C GLN E 745 -3.83 -40.68 14.38
N PRO E 746 -3.32 -41.14 15.52
CA PRO E 746 -3.37 -42.57 15.80
C PRO E 746 -4.67 -42.93 16.52
N PRO E 747 -5.53 -43.74 15.90
CA PRO E 747 -6.77 -44.10 16.58
C PRO E 747 -6.57 -45.12 17.70
N VAL E 748 -5.81 -46.18 17.41
CA VAL E 748 -5.59 -47.27 18.36
C VAL E 748 -4.13 -47.69 18.47
N SER E 749 -3.20 -46.97 17.84
CA SER E 749 -1.83 -47.44 17.65
C SER E 749 -1.84 -48.76 16.86
N ILE E 750 -2.25 -48.62 15.60
CA ILE E 750 -2.71 -49.73 14.79
C ILE E 750 -1.69 -50.85 14.60
N TRP E 751 -0.43 -50.62 14.98
CA TRP E 751 0.54 -51.72 14.96
C TRP E 751 0.09 -52.85 15.86
N LEU E 752 -0.55 -52.51 16.98
CA LEU E 752 -0.91 -53.51 17.97
C LEU E 752 -1.96 -54.49 17.44
N ILE E 753 -2.89 -54.01 16.62
CA ILE E 753 -3.92 -54.90 16.12
C ILE E 753 -3.34 -55.88 15.10
N VAL E 754 -2.36 -55.44 14.31
CA VAL E 754 -1.70 -56.35 13.38
C VAL E 754 -0.90 -57.39 14.15
N PHE E 755 -0.17 -56.96 15.17
CA PHE E 755 0.51 -57.92 16.03
C PHE E 755 -0.47 -58.92 16.62
N GLY E 756 -1.65 -58.45 17.05
CA GLY E 756 -2.61 -59.34 17.67
C GLY E 756 -3.17 -60.37 16.72
N VAL E 757 -3.51 -59.96 15.49
CA VAL E 757 -4.03 -60.91 14.52
C VAL E 757 -2.96 -61.92 14.12
N VAL E 758 -1.70 -61.48 14.04
CA VAL E 758 -0.64 -62.42 13.72
C VAL E 758 -0.43 -63.42 14.87
N MET E 759 -0.47 -62.93 16.12
CA MET E 759 -0.35 -63.84 17.25
C MET E 759 -1.52 -64.82 17.29
N GLY E 760 -2.71 -64.36 16.89
CA GLY E 760 -3.85 -65.24 16.86
C GLY E 760 -3.71 -66.36 15.85
N VAL E 761 -3.31 -66.02 14.61
CA VAL E 761 -3.11 -67.08 13.64
C VAL E 761 -1.98 -68.00 14.09
N ILE E 762 -0.98 -67.45 14.79
CA ILE E 762 0.10 -68.28 15.30
C ILE E 762 -0.44 -69.32 16.28
N VAL E 763 -1.23 -68.88 17.26
CA VAL E 763 -1.69 -69.83 18.27
C VAL E 763 -2.68 -70.82 17.67
N VAL E 764 -3.46 -70.42 16.67
CA VAL E 764 -4.41 -71.36 16.10
C VAL E 764 -3.68 -72.42 15.28
N GLY E 765 -2.62 -72.03 14.56
CA GLY E 765 -1.79 -73.02 13.90
C GLY E 765 -1.12 -73.95 14.89
N ILE E 766 -0.64 -73.40 16.02
CA ILE E 766 0.03 -74.23 17.02
C ILE E 766 -0.94 -75.27 17.59
N VAL E 767 -2.17 -74.84 17.91
CA VAL E 767 -3.11 -75.79 18.51
C VAL E 767 -3.54 -76.84 17.49
N ILE E 768 -3.75 -76.43 16.24
CA ILE E 768 -4.11 -77.42 15.22
C ILE E 768 -2.97 -78.43 15.05
N LEU E 769 -1.73 -77.98 15.15
CA LEU E 769 -0.61 -78.89 14.92
C LEU E 769 -0.40 -79.84 16.09
N ILE E 770 -0.52 -79.35 17.33
CA ILE E 770 -0.40 -80.27 18.46
C ILE E 770 -1.57 -81.24 18.48
N PHE E 771 -2.76 -80.78 18.07
CA PHE E 771 -3.89 -81.67 17.86
C PHE E 771 -3.51 -82.82 16.94
N THR E 772 -3.12 -82.49 15.70
CA THR E 772 -2.80 -83.52 14.71
C THR E 772 -1.64 -84.39 15.16
N GLY E 773 -0.71 -83.85 15.95
CA GLY E 773 0.43 -84.64 16.37
C GLY E 773 0.08 -85.64 17.46
N ILE E 774 -0.50 -85.16 18.56
CA ILE E 774 -0.80 -86.06 19.66
C ILE E 774 -1.87 -87.07 19.26
N ARG E 775 -2.81 -86.68 18.39
CA ARG E 775 -3.85 -87.61 17.97
C ARG E 775 -3.27 -88.79 17.22
N ASP E 776 -2.48 -88.53 16.17
CA ASP E 776 -1.98 -89.57 15.28
C ASP E 776 -0.82 -90.37 15.87
N ARG E 777 -0.56 -90.24 17.16
CA ARG E 777 0.49 -91.05 17.79
C ARG E 777 -0.05 -92.42 18.18
N THR F 34 44.67 106.56 6.35
CA THR F 34 45.69 105.78 5.67
C THR F 34 45.04 104.71 4.79
N ASN F 35 45.82 104.17 3.85
CA ASN F 35 45.36 103.10 2.98
C ASN F 35 45.74 101.76 3.62
N LEU F 36 44.73 100.96 3.95
CA LEU F 36 44.97 99.68 4.62
C LEU F 36 45.05 98.55 3.59
N CYS F 37 45.79 97.52 3.96
CA CYS F 37 45.81 96.28 3.18
C CYS F 37 44.37 95.81 2.96
N PRO F 38 44.05 95.30 1.78
CA PRO F 38 42.72 94.74 1.52
C PRO F 38 42.54 93.36 2.13
N PHE F 39 42.86 93.25 3.43
CA PHE F 39 42.80 91.97 4.12
C PHE F 39 41.41 91.37 4.06
N ASP F 40 40.40 92.14 4.45
CA ASP F 40 39.03 91.63 4.48
C ASP F 40 38.53 91.28 3.08
N GLU F 41 39.15 91.81 2.04
CA GLU F 41 38.76 91.46 0.68
C GLU F 41 39.40 90.17 0.21
N VAL F 42 40.50 89.75 0.83
CA VAL F 42 41.16 88.48 0.54
C VAL F 42 40.89 87.44 1.61
N PHE F 43 40.57 87.86 2.83
CA PHE F 43 40.25 86.95 3.92
C PHE F 43 38.77 86.65 4.02
N ASN F 44 37.95 87.21 3.14
CA ASN F 44 36.51 86.99 3.20
C ASN F 44 35.90 86.80 1.82
N ALA F 45 36.70 86.47 0.80
CA ALA F 45 36.16 86.18 -0.51
C ALA F 45 35.10 85.09 -0.43
N THR F 46 33.93 85.36 -1.02
CA THR F 46 32.83 84.42 -0.90
C THR F 46 33.15 83.08 -1.54
N ARG F 47 33.90 83.07 -2.63
CA ARG F 47 34.27 81.84 -3.33
C ARG F 47 35.78 81.79 -3.46
N PHE F 48 36.39 80.75 -2.89
CA PHE F 48 37.83 80.59 -2.96
C PHE F 48 38.23 79.76 -4.17
N ALA F 49 39.52 79.72 -4.43
CA ALA F 49 40.06 78.98 -5.56
C ALA F 49 40.38 77.56 -5.15
N SER F 50 40.35 76.66 -6.12
CA SER F 50 40.83 75.31 -5.87
C SER F 50 42.34 75.32 -5.70
N VAL F 51 42.88 74.21 -5.22
CA VAL F 51 44.26 74.22 -4.74
C VAL F 51 45.24 74.21 -5.90
N TYR F 52 44.97 73.43 -6.95
CA TYR F 52 45.93 73.34 -8.04
C TYR F 52 46.03 74.64 -8.81
N ALA F 53 44.90 75.29 -9.05
CA ALA F 53 44.87 76.64 -9.60
C ALA F 53 44.56 77.57 -8.43
N TRP F 54 45.59 77.91 -7.68
CA TRP F 54 45.42 78.68 -6.45
C TRP F 54 45.43 80.16 -6.75
N ASN F 55 44.78 80.93 -5.88
CA ASN F 55 44.76 82.37 -6.10
C ASN F 55 45.97 83.03 -5.45
N ARG F 56 46.53 84.01 -6.15
CA ARG F 56 47.65 84.79 -5.62
C ARG F 56 47.32 86.26 -5.81
N LYS F 57 47.28 87.01 -4.71
CA LYS F 57 47.03 88.45 -4.73
C LYS F 57 48.18 89.15 -4.03
N ARG F 58 48.82 90.09 -4.73
CA ARG F 58 49.93 90.83 -4.18
C ARG F 58 49.45 92.13 -3.56
N ILE F 59 49.95 92.43 -2.36
CA ILE F 59 49.62 93.66 -1.66
C ILE F 59 50.77 94.63 -1.79
N SER F 60 50.46 95.86 -2.22
CA SER F 60 51.47 96.87 -2.51
C SER F 60 51.72 97.74 -1.28
N ASN F 61 52.43 98.85 -1.49
CA ASN F 61 52.81 99.74 -0.41
C ASN F 61 51.58 100.36 0.25
N CYS F 62 51.39 100.07 1.53
CA CYS F 62 50.34 100.66 2.35
C CYS F 62 50.69 100.38 3.81
N VAL F 63 49.74 100.61 4.70
CA VAL F 63 49.95 100.28 6.11
C VAL F 63 49.56 98.82 6.33
N ALA F 64 50.32 98.13 7.16
CA ALA F 64 50.11 96.71 7.41
C ALA F 64 49.62 96.54 8.85
N ASP F 65 48.29 96.55 9.02
CA ASP F 65 47.68 96.28 10.31
C ASP F 65 47.51 94.77 10.49
N TYR F 66 48.43 94.19 11.26
CA TYR F 66 48.41 92.75 11.48
C TYR F 66 47.35 92.36 12.50
N SER F 67 47.38 92.97 13.69
CA SER F 67 46.50 92.53 14.77
C SER F 67 45.09 93.05 14.58
N VAL F 68 44.50 92.80 13.41
CA VAL F 68 43.10 93.12 13.16
C VAL F 68 42.46 91.90 12.53
N LEU F 69 43.30 90.98 12.04
CA LEU F 69 42.81 89.73 11.45
C LEU F 69 42.14 88.82 12.47
N TYR F 70 42.21 89.17 13.75
CA TYR F 70 41.62 88.35 14.80
C TYR F 70 40.14 88.67 14.97
N ASN F 71 39.53 89.29 13.95
CA ASN F 71 38.13 89.67 14.01
C ASN F 71 37.23 88.46 14.22
N PHE F 72 37.21 87.56 13.25
CA PHE F 72 36.40 86.35 13.35
C PHE F 72 36.89 85.56 14.56
N ALA F 73 38.20 85.64 14.79
CA ALA F 73 38.84 84.97 15.91
C ALA F 73 38.71 83.45 15.90
N PRO F 74 38.57 82.86 14.71
CA PRO F 74 38.45 81.40 14.66
C PRO F 74 39.80 80.71 14.43
N PHE F 75 40.13 80.49 13.16
CA PHE F 75 41.38 79.84 12.77
C PHE F 75 41.57 78.40 13.23
N PHE F 76 42.61 77.76 12.68
CA PHE F 76 42.95 76.38 12.99
C PHE F 76 44.44 76.28 13.30
N ALA F 77 45.26 77.02 12.56
CA ALA F 77 46.69 77.01 12.78
C ALA F 77 47.34 78.35 12.43
N PHE F 78 47.73 79.13 13.44
CA PHE F 78 48.51 80.33 13.22
C PHE F 78 49.97 80.07 13.56
N LYS F 79 50.64 79.33 12.69
CA LYS F 79 52.06 79.12 12.87
C LYS F 79 52.83 79.97 11.88
N CYS F 80 54.01 80.41 12.28
CA CYS F 80 54.83 81.25 11.42
C CYS F 80 56.29 80.84 11.51
N TYR F 81 56.92 80.74 10.34
CA TYR F 81 58.27 80.22 10.20
C TYR F 81 59.31 81.33 10.14
N GLY F 82 59.17 82.24 9.18
CA GLY F 82 60.16 83.28 9.00
C GLY F 82 60.18 84.26 10.15
N VAL F 83 59.09 85.00 10.32
CA VAL F 83 58.95 85.98 11.40
C VAL F 83 58.18 85.30 12.53
N SER F 84 58.80 85.25 13.71
CA SER F 84 58.11 84.69 14.86
C SER F 84 57.12 85.72 15.41
N PRO F 85 56.13 85.28 16.19
CA PRO F 85 55.13 86.23 16.69
C PRO F 85 55.68 87.22 17.71
N THR F 86 56.70 87.96 17.31
CA THR F 86 57.20 89.09 18.08
C THR F 86 57.50 90.32 17.23
N LYS F 87 57.49 90.19 15.90
CA LYS F 87 57.75 91.31 15.01
C LYS F 87 56.54 91.54 14.12
N LEU F 88 55.35 91.55 14.74
CA LEU F 88 54.11 91.57 13.97
C LEU F 88 54.00 92.80 13.07
N ASN F 89 54.42 93.96 13.55
CA ASN F 89 54.24 95.19 12.78
C ASN F 89 55.48 96.06 12.65
N ASP F 90 56.49 95.89 13.51
CA ASP F 90 57.66 96.77 13.46
C ASP F 90 58.53 96.51 12.24
N LEU F 91 58.51 95.30 11.70
CA LEU F 91 59.33 94.96 10.55
C LEU F 91 58.58 95.18 9.25
N CYS F 92 59.33 95.42 8.18
CA CYS F 92 58.76 95.78 6.90
C CYS F 92 59.29 94.86 5.80
N PHE F 93 58.53 94.76 4.72
CA PHE F 93 58.89 93.96 3.56
C PHE F 93 58.46 94.69 2.30
N THR F 94 59.24 94.50 1.23
CA THR F 94 58.98 95.20 -0.02
C THR F 94 57.56 94.93 -0.51
N ASN F 95 57.14 93.68 -0.49
CA ASN F 95 55.80 93.32 -0.93
C ASN F 95 55.44 91.97 -0.32
N VAL F 96 54.14 91.72 -0.22
CA VAL F 96 53.64 90.48 0.35
C VAL F 96 52.66 89.85 -0.62
N TYR F 97 52.66 88.51 -0.65
CA TYR F 97 51.75 87.74 -1.48
C TYR F 97 50.80 86.96 -0.60
N ALA F 98 49.51 87.06 -0.89
CA ALA F 98 48.47 86.30 -0.21
C ALA F 98 47.98 85.23 -1.16
N ASP F 99 48.27 83.98 -0.84
CA ASP F 99 47.81 82.84 -1.63
C ASP F 99 46.61 82.21 -0.93
N SER F 100 45.53 82.01 -1.68
CA SER F 100 44.28 81.53 -1.13
C SER F 100 43.83 80.30 -1.87
N PHE F 101 43.38 79.30 -1.12
CA PHE F 101 42.75 78.12 -1.72
C PHE F 101 42.00 77.37 -0.63
N VAL F 102 41.49 76.20 -1.00
CA VAL F 102 40.66 75.38 -0.14
C VAL F 102 41.10 73.93 -0.28
N ILE F 103 41.36 73.27 0.84
CA ILE F 103 41.82 71.89 0.84
C ILE F 103 40.96 71.08 1.81
N ARG F 104 41.34 69.82 1.98
CA ARG F 104 40.75 68.98 3.00
C ARG F 104 41.46 69.20 4.33
N GLY F 105 40.89 68.66 5.40
CA GLY F 105 41.43 68.92 6.72
C GLY F 105 42.83 68.40 6.96
N ASN F 106 42.97 67.09 7.03
CA ASN F 106 44.20 66.47 7.52
C ASN F 106 45.37 66.66 6.58
N GLU F 107 45.23 67.52 5.57
CA GLU F 107 46.32 67.86 4.68
C GLU F 107 46.97 69.18 5.02
N VAL F 108 46.42 69.93 5.97
CA VAL F 108 47.03 71.20 6.36
C VAL F 108 48.46 70.98 6.83
N SER F 109 48.74 69.82 7.42
CA SER F 109 50.10 69.52 7.86
C SER F 109 51.08 69.52 6.69
N GLN F 110 50.63 69.13 5.51
CA GLN F 110 51.50 69.12 4.34
C GLN F 110 51.95 70.51 3.93
N ILE F 111 51.29 71.56 4.40
CA ILE F 111 51.63 72.93 3.99
C ILE F 111 52.77 73.37 4.89
N ALA F 112 53.97 72.99 4.50
CA ALA F 112 55.17 73.32 5.27
C ALA F 112 56.40 73.02 4.44
N PRO F 113 57.45 73.83 4.55
CA PRO F 113 58.67 73.57 3.78
C PRO F 113 59.32 72.27 4.22
N GLY F 114 59.44 71.34 3.26
CA GLY F 114 60.00 70.05 3.55
C GLY F 114 58.98 68.96 3.83
N GLN F 115 57.79 69.07 3.28
CA GLN F 115 56.75 68.07 3.43
C GLN F 115 56.62 67.26 2.15
N THR F 116 56.09 66.05 2.29
CA THR F 116 55.83 65.18 1.16
C THR F 116 54.36 64.80 1.14
N GLY F 117 53.85 64.54 -0.05
CA GLY F 117 52.45 64.21 -0.21
C GLY F 117 51.90 64.83 -1.48
N ASN F 118 50.68 64.41 -1.81
CA ASN F 118 50.06 64.88 -3.05
C ASN F 118 49.99 66.40 -3.09
N ILE F 119 49.51 67.02 -2.03
CA ILE F 119 49.40 68.47 -2.01
C ILE F 119 50.78 69.13 -2.02
N ALA F 120 51.76 68.48 -1.40
CA ALA F 120 53.10 69.05 -1.32
C ALA F 120 53.91 68.82 -2.58
N ASP F 121 53.38 68.14 -3.57
CA ASP F 121 54.15 67.88 -4.78
C ASP F 121 53.43 68.29 -6.05
N TYR F 122 52.12 68.12 -6.11
CA TYR F 122 51.39 68.35 -7.34
C TYR F 122 50.40 69.51 -7.24
N ASN F 123 50.28 70.14 -6.10
CA ASN F 123 49.33 71.23 -5.97
C ASN F 123 49.93 72.48 -5.38
N TYR F 124 50.92 72.36 -4.49
CA TYR F 124 51.58 73.52 -3.93
C TYR F 124 52.89 73.07 -3.31
N LYS F 125 53.92 73.89 -3.48
CA LYS F 125 55.23 73.63 -2.90
C LYS F 125 55.69 74.87 -2.14
N LEU F 126 56.34 74.65 -1.00
CA LEU F 126 56.82 75.73 -0.18
C LEU F 126 58.35 75.67 -0.09
N PRO F 127 59.04 76.79 -0.29
CA PRO F 127 60.51 76.76 -0.22
C PRO F 127 60.99 76.64 1.21
N ASP F 128 62.13 75.97 1.36
CA ASP F 128 62.71 75.76 2.69
C ASP F 128 63.08 77.06 3.38
N ASP F 129 63.26 78.14 2.62
CA ASP F 129 63.60 79.45 3.17
C ASP F 129 62.37 80.32 3.35
N PHE F 130 61.23 79.73 3.66
CA PHE F 130 59.99 80.47 3.73
C PHE F 130 60.05 81.51 4.85
N THR F 131 59.67 82.74 4.51
CA THR F 131 59.71 83.86 5.44
C THR F 131 58.34 84.35 5.87
N GLY F 132 57.29 84.10 5.09
CA GLY F 132 55.93 84.40 5.52
C GLY F 132 55.41 83.32 6.43
N CYS F 133 54.10 83.14 6.44
CA CYS F 133 53.51 82.04 7.18
C CYS F 133 52.08 81.78 6.77
N VAL F 134 51.56 80.62 7.20
CA VAL F 134 50.31 80.07 6.70
C VAL F 134 49.24 80.18 7.78
N ILE F 135 47.99 80.25 7.33
CA ILE F 135 46.84 80.41 8.21
C ILE F 135 45.72 79.57 7.64
N ALA F 136 44.95 78.91 8.50
CA ALA F 136 43.88 78.05 8.02
C ALA F 136 42.70 78.15 8.94
N TRP F 137 41.52 77.83 8.40
CA TRP F 137 40.35 77.73 9.26
C TRP F 137 39.30 76.86 8.59
N ASN F 138 38.52 76.18 9.44
CA ASN F 138 37.41 75.37 8.97
C ASN F 138 36.36 76.26 8.33
N SER F 139 35.74 75.73 7.27
CA SER F 139 34.66 76.42 6.57
C SER F 139 33.58 75.44 6.18
N ASN F 140 33.26 74.51 7.07
CA ASN F 140 32.33 73.43 6.70
C ASN F 140 30.98 73.98 6.31
N LYS F 141 30.47 74.95 7.07
CA LYS F 141 29.11 75.44 6.87
C LYS F 141 28.91 76.13 5.52
N LEU F 142 29.99 76.53 4.85
CA LEU F 142 29.88 77.28 3.61
C LEU F 142 30.15 76.40 2.39
N ASP F 143 31.30 75.75 2.34
CA ASP F 143 31.77 75.07 1.14
C ASP F 143 31.34 73.62 1.07
N SER F 144 30.44 73.18 1.94
CA SER F 144 29.94 71.82 1.93
C SER F 144 28.44 71.85 1.69
N LYS F 145 27.98 71.09 0.70
CA LYS F 145 26.58 71.08 0.33
C LYS F 145 26.08 69.65 0.30
N VAL F 146 24.89 69.44 0.88
CA VAL F 146 24.29 68.11 0.87
C VAL F 146 24.11 67.67 -0.58
N GLY F 147 24.78 66.58 -0.94
CA GLY F 147 24.77 66.10 -2.30
C GLY F 147 26.11 66.21 -3.00
N GLY F 148 27.08 66.86 -2.38
CA GLY F 148 28.40 66.92 -2.96
C GLY F 148 28.67 68.27 -3.60
N ASN F 149 29.88 68.79 -3.36
CA ASN F 149 30.32 70.07 -3.91
C ASN F 149 31.55 69.81 -4.75
N TYR F 150 31.35 69.43 -6.01
CA TYR F 150 32.42 68.96 -6.87
C TYR F 150 33.17 70.08 -7.56
N ASN F 151 32.98 71.32 -7.13
CA ASN F 151 33.63 72.43 -7.79
C ASN F 151 35.12 72.51 -7.47
N TYR F 152 35.55 71.96 -6.34
CA TYR F 152 36.95 71.99 -5.95
C TYR F 152 37.62 70.72 -6.44
N ARG F 153 38.78 70.87 -7.05
CA ARG F 153 39.53 69.73 -7.55
C ARG F 153 40.98 69.85 -7.13
N TYR F 154 41.76 68.82 -7.45
CA TYR F 154 43.17 68.78 -7.11
C TYR F 154 43.85 67.74 -7.99
N ARG F 155 45.14 67.93 -8.21
CA ARG F 155 45.89 67.05 -9.09
C ARG F 155 46.55 65.95 -8.28
N LEU F 156 46.36 64.71 -8.71
CA LEU F 156 46.99 63.58 -8.07
C LEU F 156 47.94 62.82 -8.98
N PHE F 157 48.17 63.29 -10.19
CA PHE F 157 49.06 62.64 -11.13
C PHE F 157 49.92 63.68 -11.82
N ARG F 158 51.22 63.41 -11.90
CA ARG F 158 52.14 64.32 -12.57
C ARG F 158 53.43 63.58 -12.83
N LYS F 159 54.17 64.05 -13.83
CA LYS F 159 55.42 63.39 -14.19
C LYS F 159 56.54 63.68 -13.21
N SER F 160 56.48 64.80 -12.50
CA SER F 160 57.51 65.15 -11.54
C SER F 160 56.97 66.21 -10.60
N ASN F 161 57.72 66.42 -9.52
CA ASN F 161 57.26 67.31 -8.46
C ASN F 161 57.31 68.76 -8.90
N LEU F 162 56.39 69.56 -8.36
CA LEU F 162 56.37 70.98 -8.65
C LEU F 162 57.59 71.67 -8.07
N LYS F 163 57.75 72.91 -8.46
CA LYS F 163 58.78 73.78 -7.91
C LYS F 163 58.14 74.81 -6.99
N PRO F 164 58.92 75.36 -6.05
CA PRO F 164 58.33 76.31 -5.10
C PRO F 164 57.65 77.47 -5.81
N PHE F 165 56.39 77.71 -5.41
CA PHE F 165 55.57 78.79 -5.95
C PHE F 165 55.30 78.61 -7.44
N GLU F 166 55.35 77.37 -7.92
CA GLU F 166 54.99 77.07 -9.29
C GLU F 166 53.48 76.81 -9.37
N ARG F 167 52.94 76.94 -10.57
CA ARG F 167 51.51 76.78 -10.80
C ARG F 167 51.30 76.08 -12.13
N ASP F 168 50.49 75.03 -12.13
CA ASP F 168 50.20 74.25 -13.32
C ASP F 168 48.71 74.07 -13.47
N ILE F 169 48.20 74.27 -14.69
CA ILE F 169 46.78 74.21 -14.97
C ILE F 169 46.45 73.28 -16.12
N SER F 170 47.46 72.72 -16.80
CA SER F 170 47.20 71.86 -17.94
C SER F 170 46.39 70.64 -17.53
N THR F 171 45.60 70.14 -18.47
CA THR F 171 44.75 68.99 -18.23
C THR F 171 45.06 67.86 -19.21
N GLU F 172 46.32 67.74 -19.60
CA GLU F 172 46.72 66.67 -20.50
C GLU F 172 46.51 65.32 -19.84
N ILE F 173 46.05 64.34 -20.62
CA ILE F 173 45.80 63.01 -20.10
C ILE F 173 47.10 62.37 -19.62
N TYR F 174 47.22 62.16 -18.32
CA TYR F 174 48.42 61.55 -17.78
C TYR F 174 48.61 60.15 -18.34
N GLN F 175 49.82 59.87 -18.80
CA GLN F 175 50.16 58.57 -19.36
C GLN F 175 50.86 57.76 -18.29
N ALA F 176 50.35 56.55 -18.02
CA ALA F 176 50.98 55.67 -17.05
C ALA F 176 51.81 54.59 -17.74
N GLY F 177 51.23 53.89 -18.71
CA GLY F 177 51.91 52.83 -19.40
C GLY F 177 52.84 53.34 -20.48
N ASN F 178 53.38 52.40 -21.24
CA ASN F 178 54.29 52.73 -22.32
C ASN F 178 53.59 52.95 -23.65
N LYS F 179 52.30 52.64 -23.73
CA LYS F 179 51.55 52.86 -24.97
C LYS F 179 50.95 54.25 -24.94
N PRO F 180 51.29 55.12 -25.89
CA PRO F 180 50.65 56.43 -25.95
C PRO F 180 49.16 56.26 -26.20
N CYS F 181 48.38 57.11 -25.53
CA CYS F 181 46.93 57.05 -25.58
C CYS F 181 46.32 58.12 -26.47
N ASN F 182 47.14 58.90 -27.18
CA ASN F 182 46.69 60.01 -28.01
C ASN F 182 45.50 60.76 -27.42
N GLY F 183 45.55 61.11 -26.14
CA GLY F 183 44.52 61.92 -25.53
C GLY F 183 43.14 61.30 -25.44
N VAL F 184 43.02 60.14 -24.81
CA VAL F 184 41.71 59.56 -24.50
C VAL F 184 41.84 58.69 -23.25
N ALA F 185 40.92 58.87 -22.32
CA ALA F 185 40.99 58.12 -21.07
C ALA F 185 40.85 56.63 -21.33
N GLY F 186 41.56 55.84 -20.54
CA GLY F 186 41.51 54.40 -20.69
C GLY F 186 42.67 53.74 -19.98
N VAL F 187 43.08 52.59 -20.52
CA VAL F 187 44.09 51.78 -19.87
C VAL F 187 45.38 52.55 -19.74
N ASN F 188 45.99 52.48 -18.56
CA ASN F 188 47.29 53.06 -18.29
C ASN F 188 47.37 54.53 -18.66
N CYS F 189 46.25 55.23 -18.66
CA CYS F 189 46.27 56.67 -18.90
C CYS F 189 44.99 57.26 -18.34
N TYR F 190 45.11 58.16 -17.36
CA TYR F 190 43.98 58.71 -16.64
C TYR F 190 43.97 60.23 -16.72
N PHE F 191 42.79 60.79 -16.47
CA PHE F 191 42.59 62.22 -16.33
C PHE F 191 43.18 62.67 -15.01
N PRO F 192 44.27 63.41 -15.03
CA PRO F 192 44.98 63.72 -13.78
C PRO F 192 44.29 64.75 -12.91
N LEU F 193 43.02 64.57 -12.61
CA LEU F 193 42.31 65.47 -11.71
C LEU F 193 41.21 64.71 -10.99
N GLN F 194 40.94 65.10 -9.76
CA GLN F 194 39.81 64.56 -9.02
C GLN F 194 39.32 65.63 -8.06
N SER F 195 38.14 65.39 -7.50
CA SER F 195 37.41 66.42 -6.78
C SER F 195 37.00 65.94 -5.40
N TYR F 196 37.03 66.85 -4.43
CA TYR F 196 36.50 66.54 -3.11
C TYR F 196 34.99 66.55 -3.14
N GLY F 197 34.37 65.50 -2.61
CA GLY F 197 32.93 65.48 -2.51
C GLY F 197 32.44 66.02 -1.19
N PHE F 198 32.81 67.26 -0.87
CA PHE F 198 32.54 67.83 0.44
C PHE F 198 31.06 67.72 0.79
N ARG F 199 30.78 67.31 2.02
CA ARG F 199 29.44 67.16 2.54
C ARG F 199 29.46 67.57 4.00
N PRO F 200 28.31 67.91 4.59
CA PRO F 200 28.32 68.29 5.99
C PRO F 200 28.56 67.13 6.93
N THR F 201 28.19 65.92 6.52
CA THR F 201 28.28 64.74 7.39
C THR F 201 29.63 64.05 7.26
N TYR F 202 30.71 64.83 7.39
CA TYR F 202 32.06 64.30 7.31
C TYR F 202 32.78 64.60 8.61
N GLY F 203 33.72 63.74 8.95
CA GLY F 203 34.54 63.99 10.11
C GLY F 203 35.61 65.02 9.81
N VAL F 204 36.14 65.62 10.89
CA VAL F 204 37.25 66.53 10.73
C VAL F 204 38.40 65.79 10.06
N GLY F 205 39.17 66.51 9.26
CA GLY F 205 40.14 65.90 8.39
C GLY F 205 39.57 65.48 7.05
N HIS F 206 38.25 65.46 6.92
CA HIS F 206 37.59 65.28 5.64
C HIS F 206 36.64 66.42 5.35
N GLN F 207 36.85 67.57 5.96
CA GLN F 207 36.00 68.74 5.77
C GLN F 207 36.78 69.84 5.09
N PRO F 208 36.09 70.74 4.39
CA PRO F 208 36.80 71.82 3.70
C PRO F 208 37.49 72.74 4.68
N TYR F 209 38.63 73.28 4.25
CA TYR F 209 39.46 74.16 5.09
C TYR F 209 40.05 75.23 4.18
N ARG F 210 39.78 76.49 4.52
CA ARG F 210 40.31 77.60 3.74
C ARG F 210 41.70 77.97 4.25
N VAL F 211 42.64 78.12 3.31
CA VAL F 211 44.05 78.32 3.63
C VAL F 211 44.55 79.56 2.91
N VAL F 212 45.36 80.34 3.64
CA VAL F 212 45.95 81.58 3.15
C VAL F 212 47.42 81.60 3.55
N VAL F 213 48.29 81.86 2.59
CA VAL F 213 49.73 81.89 2.81
C VAL F 213 50.18 83.33 2.58
N LEU F 214 50.80 83.92 3.58
CA LEU F 214 51.33 85.28 3.48
C LEU F 214 52.84 85.21 3.34
N SER F 215 53.33 85.30 2.12
CA SER F 215 54.76 85.24 1.86
C SER F 215 55.32 86.65 1.75
N PHE F 216 56.37 86.92 2.52
CA PHE F 216 57.02 88.21 2.57
C PHE F 216 58.15 88.28 1.57
N GLU F 217 58.68 89.49 1.38
CA GLU F 217 59.68 89.72 0.35
C GLU F 217 60.44 90.99 0.68
N LEU F 218 61.77 90.88 0.81
CA LEU F 218 62.65 92.02 1.04
C LEU F 218 63.81 91.94 0.04
N LEU F 219 63.60 92.46 -1.17
CA LEU F 219 64.68 92.45 -2.15
C LEU F 219 65.63 93.62 -1.98
N HIS F 220 65.16 94.84 -2.27
CA HIS F 220 66.00 96.02 -2.14
C HIS F 220 65.26 97.28 -1.72
N ALA F 221 63.96 97.24 -1.47
CA ALA F 221 63.19 98.48 -1.33
C ALA F 221 63.55 99.20 -0.03
N PRO F 222 63.86 100.49 -0.08
CA PRO F 222 64.11 101.22 1.18
C PRO F 222 62.83 101.50 1.95
N ALA F 223 61.77 101.92 1.27
CA ALA F 223 60.49 102.20 1.90
C ALA F 223 59.42 101.32 1.26
N THR F 224 58.59 100.71 2.09
CA THR F 224 57.58 99.78 1.60
C THR F 224 56.48 99.64 2.64
N VAL F 225 55.64 98.61 2.45
CA VAL F 225 54.46 98.40 3.27
C VAL F 225 54.87 97.71 4.58
N CYS F 226 54.48 98.30 5.71
CA CYS F 226 54.55 97.65 7.01
C CYS F 226 53.66 98.37 8.00
N GLY F 227 53.81 97.96 9.27
CA GLY F 227 52.88 98.31 10.31
C GLY F 227 52.84 99.78 10.67
N PRO F 228 51.75 100.21 11.29
CA PRO F 228 51.65 101.60 11.74
C PRO F 228 52.34 101.80 13.08
N LYS F 229 52.73 103.03 13.33
CA LYS F 229 53.37 103.41 14.57
C LYS F 229 52.38 104.16 15.46
N LYS F 230 52.58 104.03 16.77
CA LYS F 230 51.61 104.49 17.75
C LYS F 230 51.83 105.97 18.02
N SER F 231 50.81 106.79 17.74
CA SER F 231 50.91 108.24 17.94
C SER F 231 49.88 108.71 18.98
#